data_5TSU
#
_entry.id   5TSU
#
_cell.length_a   111.889
_cell.length_b   163.683
_cell.length_c   181.099
_cell.angle_alpha   90.00
_cell.angle_beta   90.00
_cell.angle_gamma   90.00
#
_symmetry.space_group_name_H-M   'P 2 21 21'
#
loop_
_entity.id
_entity.type
_entity.pdbx_description
1 polymer 'Cystathionine gamma-lyase'
2 polymer 'Cystathionine gamma-lyase'
3 non-polymer METHIONINE
4 non-polymer 'SULFATE ION'
5 non-polymer N-({3-hydroxy-2-methyl-5-[(phosphonooxy)methyl]pyridin-4-yl}methyl)-L-methionine
6 non-polymer CYSTEINE
7 water water
#
loop_
_entity_poly.entity_id
_entity_poly.type
_entity_poly.pdbx_seq_one_letter_code
_entity_poly.pdbx_strand_id
1 'polypeptide(L)'
;MGGHHHHHHGLEVLFQGPQEKDASSQGFLPHFQHFATQAIHVGQDPEQWTSRAVVPPISLSTTFKQGAPGQHSGFNYSRS
GNPTRNCLEKAVAALDGAKYCLAFASGLAATVTITHLLKAGDQIICMDDVYGGTNLYFRQVASEFGLKISFVDCSKIKLL
EAAITPETKLVWIETPTNPTQKVIDIEGCAHIVHKHGDIILVVDNTFMSPYFQRPLALGADISMYSAT(LLP)YMNGHSD
VVMGLVSVNCESLHNRLRFLQNSLGAVPSPIDCYLCNRGLKTLHVRMEKHFKNGMAVAQFLESNPWVEKVIYPGLPSHPQ
HELVKRQCTGCTGMVTFYIKGTLQHAEIFLKNLKLFTLAVSLGGFESLAELPAIMTHASVLKNDRDVLGISDTLIRLSVG
LEDEEDLLEDLDQALKAAHPPSGSHS
;
A,B,D,F,G,H
2 'polypeptide(L)'
;MGGHHHHHHGLEVLFQGPQEKDASSQGFLPHFQHFATQAIHVGQDPEQWTSRAVVPPISLSTTFKQGAPGQHSGFNYSRS
GNPTRNCLEKAVAALDGAKYCLAFASGLAATVTITHLLKAGDQIICMDDVYGGTNLYFRQVASEFGLKISFVDCSKIKLL
EAAITPETKLVWIETPTNPTQKVIDIEGCAHIVHKHGDIILVVDNTFMSPYFQRPLALGADISMYSATKYMNGHSDVVMG
LVSVNCESLHNRLRFLQNSLGAVPSPIDCYLCNRGLKTLHVRMEKHFKNGMAVAQFLESNPWVEKVIYPGLPSHPQHELV
KRQCTGCTGMVTFYIKGTLQHAEIFLKNLKLFTLAVSLGGFESLAELPAIMTHASVLKNDRDVLGISDTLIRLSVGLEDE
EDLLEDLDQALKAAHPPSGSHS
;
C,E
#
# COMPACT_ATOMS: atom_id res chain seq x y z
N GLY A 27 34.48 -39.76 -2.38
CA GLY A 27 35.93 -39.68 -2.46
C GLY A 27 36.47 -38.27 -2.26
N PHE A 28 35.75 -37.45 -1.50
CA PHE A 28 36.25 -36.14 -1.19
C PHE A 28 37.34 -36.22 -0.12
N LEU A 29 38.06 -35.13 0.04
CA LEU A 29 39.00 -35.02 1.14
C LEU A 29 38.23 -35.19 2.45
N PRO A 30 38.79 -35.92 3.44
CA PRO A 30 38.08 -36.09 4.71
C PRO A 30 37.74 -34.78 5.38
N HIS A 31 36.58 -34.75 6.04
CA HIS A 31 36.14 -33.53 6.72
C HIS A 31 37.14 -33.09 7.78
N PHE A 32 37.31 -31.77 7.89
CA PHE A 32 38.25 -31.21 8.84
C PHE A 32 37.81 -31.50 10.26
N GLN A 33 38.73 -32.09 11.04
CA GLN A 33 38.45 -32.47 12.41
C GLN A 33 38.24 -31.25 13.30
N HIS A 34 37.36 -31.41 14.28
CA HIS A 34 37.04 -30.44 15.32
C HIS A 34 36.43 -29.16 14.77
N PHE A 35 35.97 -29.15 13.51
CA PHE A 35 35.47 -27.92 12.91
C PHE A 35 34.27 -27.38 13.68
N ALA A 36 33.26 -28.22 13.92
CA ALA A 36 32.07 -27.76 14.62
C ALA A 36 32.38 -27.35 16.05
N THR A 37 33.21 -28.13 16.74
CA THR A 37 33.60 -27.79 18.09
C THR A 37 34.28 -26.42 18.15
N GLN A 38 35.19 -26.16 17.22
CA GLN A 38 35.93 -24.91 17.25
C GLN A 38 35.06 -23.73 16.83
N ALA A 39 34.16 -23.95 15.87
CA ALA A 39 33.24 -22.88 15.46
C ALA A 39 32.39 -22.40 16.63
N ILE A 40 32.10 -23.29 17.58
CA ILE A 40 31.25 -22.93 18.70
C ILE A 40 32.03 -22.40 19.90
N HIS A 41 33.31 -22.80 20.05
CA HIS A 41 34.04 -22.51 21.28
C HIS A 41 35.22 -21.57 21.12
N VAL A 42 35.89 -21.56 19.96
CA VAL A 42 37.09 -20.73 19.83
C VAL A 42 36.71 -19.26 19.89
N GLY A 43 37.40 -18.50 20.75
CA GLY A 43 37.09 -17.10 20.98
C GLY A 43 35.95 -16.84 21.94
N GLN A 44 35.20 -17.86 22.34
CA GLN A 44 33.98 -17.70 23.12
C GLN A 44 34.16 -18.05 24.59
N ASP A 45 35.40 -18.13 25.06
CA ASP A 45 35.70 -18.51 26.44
C ASP A 45 34.98 -17.60 27.43
N PRO A 46 34.09 -18.13 28.27
CA PRO A 46 33.38 -17.27 29.24
C PRO A 46 34.30 -16.56 30.23
N GLU A 47 35.47 -17.13 30.53
CA GLU A 47 36.40 -16.49 31.46
C GLU A 47 36.95 -15.17 30.96
N GLN A 48 36.72 -14.83 29.69
CA GLN A 48 37.12 -13.51 29.18
C GLN A 48 36.33 -12.39 29.82
N TRP A 49 35.14 -12.67 30.34
CA TRP A 49 34.21 -11.63 30.81
C TRP A 49 33.98 -11.77 32.30
N THR A 50 33.86 -10.62 32.96
CA THR A 50 33.58 -10.61 34.40
C THR A 50 32.30 -11.36 34.71
N SER A 51 31.32 -11.33 33.81
CA SER A 51 30.06 -12.04 34.00
C SER A 51 30.17 -13.54 33.75
N ARG A 52 31.24 -14.00 33.09
CA ARG A 52 31.36 -15.39 32.65
C ARG A 52 30.23 -15.79 31.72
N ALA A 53 29.78 -14.84 30.90
CA ALA A 53 28.73 -15.12 29.91
C ALA A 53 29.21 -16.16 28.91
N VAL A 54 28.32 -17.09 28.57
CA VAL A 54 28.68 -18.13 27.61
C VAL A 54 28.74 -17.59 26.19
N VAL A 55 28.06 -16.48 25.92
CA VAL A 55 28.12 -15.79 24.63
C VAL A 55 28.82 -14.45 24.84
N PRO A 56 29.84 -14.13 24.04
CA PRO A 56 30.55 -12.85 24.21
C PRO A 56 29.63 -11.66 24.02
N PRO A 57 29.70 -10.68 24.92
CA PRO A 57 28.88 -9.47 24.77
C PRO A 57 29.26 -8.68 23.53
N ILE A 58 28.35 -7.82 23.12
CA ILE A 58 28.60 -6.89 22.01
C ILE A 58 29.17 -5.61 22.61
N SER A 59 30.45 -5.35 22.36
CA SER A 59 31.13 -4.17 22.91
C SER A 59 31.17 -3.09 21.84
N LEU A 60 30.28 -2.11 21.95
CA LEU A 60 30.23 -0.99 21.01
C LEU A 60 31.24 0.10 21.33
N SER A 61 31.74 0.15 22.56
CA SER A 61 32.54 1.27 23.04
C SER A 61 33.66 1.61 22.07
N THR A 62 33.76 2.89 21.70
CA THR A 62 34.81 3.32 20.79
C THR A 62 36.17 3.40 21.49
N THR A 63 36.18 3.65 22.79
CA THR A 63 37.42 3.89 23.51
C THR A 63 37.39 3.16 24.84
N PHE A 64 38.55 3.11 25.48
CA PHE A 64 38.76 2.27 26.66
C PHE A 64 39.62 3.02 27.65
N LYS A 65 39.27 2.90 28.93
CA LYS A 65 40.05 3.54 29.98
C LYS A 65 41.46 2.95 29.99
N GLN A 66 42.45 3.82 30.16
CA GLN A 66 43.84 3.39 30.14
C GLN A 66 44.31 3.00 31.53
N GLY A 67 44.26 3.93 32.48
CA GLY A 67 44.60 3.63 33.86
C GLY A 67 46.01 3.08 34.06
N GLY A 74 45.68 -3.75 27.22
CA GLY A 74 44.51 -4.26 26.52
C GLY A 74 44.14 -3.44 25.31
N PHE A 75 42.87 -3.04 25.23
CA PHE A 75 42.36 -2.29 24.11
C PHE A 75 42.57 -0.79 24.33
N ASN A 76 42.72 -0.06 23.24
CA ASN A 76 42.80 1.38 23.37
C ASN A 76 41.79 2.12 22.49
N TYR A 77 41.51 1.59 21.30
CA TYR A 77 40.58 2.23 20.37
C TYR A 77 39.92 1.17 19.50
N SER A 78 38.60 1.31 19.31
CA SER A 78 37.80 0.26 18.70
C SER A 78 38.33 -0.13 17.32
N ARG A 79 38.71 0.87 16.52
CA ARG A 79 39.20 0.59 15.17
C ARG A 79 40.45 -0.30 15.20
N SER A 80 41.31 -0.09 16.20
CA SER A 80 42.54 -0.88 16.29
C SER A 80 42.26 -2.30 16.78
N GLY A 81 41.18 -2.48 17.55
CA GLY A 81 40.86 -3.77 18.12
C GLY A 81 39.80 -3.62 19.19
N ASN A 82 38.87 -4.57 19.27
CA ASN A 82 37.81 -4.53 20.25
C ASN A 82 37.41 -5.97 20.56
N PRO A 83 36.81 -6.22 21.73
CA PRO A 83 36.60 -7.61 22.15
C PRO A 83 35.78 -8.45 21.18
N THR A 84 34.67 -7.92 20.67
CA THR A 84 33.78 -8.73 19.84
C THR A 84 34.43 -9.09 18.50
N ARG A 85 35.15 -8.15 17.89
CA ARG A 85 35.85 -8.45 16.65
C ARG A 85 37.00 -9.43 16.90
N ASN A 86 37.73 -9.27 17.99
CA ASN A 86 38.83 -10.18 18.30
C ASN A 86 38.33 -11.61 18.50
N CYS A 87 37.19 -11.77 19.17
CA CYS A 87 36.60 -13.09 19.34
C CYS A 87 36.24 -13.72 18.00
N LEU A 88 35.62 -12.94 17.11
CA LEU A 88 35.29 -13.43 15.78
C LEU A 88 36.55 -13.82 15.01
N GLU A 89 37.55 -12.94 15.00
CA GLU A 89 38.77 -13.20 14.25
C GLU A 89 39.44 -14.48 14.75
N LYS A 90 39.45 -14.69 16.06
CA LYS A 90 40.05 -15.91 16.60
C LYS A 90 39.29 -17.16 16.14
N ALA A 91 37.95 -17.08 16.13
CA ALA A 91 37.14 -18.20 15.68
C ALA A 91 37.39 -18.52 14.21
N VAL A 92 37.37 -17.50 13.36
CA VAL A 92 37.54 -17.72 11.92
C VAL A 92 38.92 -18.32 11.63
N ALA A 93 39.95 -17.82 12.32
CA ALA A 93 41.29 -18.34 12.14
C ALA A 93 41.35 -19.85 12.36
N ALA A 94 40.72 -20.32 13.44
CA ALA A 94 40.69 -21.76 13.69
C ALA A 94 39.99 -22.51 12.58
N LEU A 95 38.86 -21.97 12.08
CA LEU A 95 38.12 -22.65 11.03
C LEU A 95 38.91 -22.71 9.72
N ASP A 96 39.77 -21.72 9.47
CA ASP A 96 40.65 -21.72 8.31
C ASP A 96 41.92 -22.52 8.53
N GLY A 97 42.13 -23.08 9.72
CA GLY A 97 43.42 -23.67 10.03
C GLY A 97 44.54 -22.66 10.09
N ALA A 98 44.23 -21.41 10.43
CA ALA A 98 45.17 -20.31 10.40
C ALA A 98 45.60 -19.92 11.81
N LYS A 99 46.73 -19.23 11.88
CA LYS A 99 47.14 -18.59 13.12
C LYS A 99 46.39 -17.28 13.37
N TYR A 100 46.03 -16.57 12.31
CA TYR A 100 45.49 -15.23 12.44
C TYR A 100 44.36 -15.00 11.45
N CYS A 101 43.48 -14.07 11.80
CA CYS A 101 42.42 -13.63 10.91
C CYS A 101 42.18 -12.15 11.15
N LEU A 102 41.79 -11.45 10.09
CA LEU A 102 41.45 -10.05 10.17
C LEU A 102 40.08 -9.85 9.52
N ALA A 103 39.19 -9.15 10.22
CA ALA A 103 37.85 -8.87 9.72
C ALA A 103 37.79 -7.48 9.13
N PHE A 104 36.96 -7.33 8.09
CA PHE A 104 36.86 -6.06 7.37
C PHE A 104 35.40 -5.74 7.10
N ALA A 105 35.17 -4.49 6.68
CA ALA A 105 33.80 -3.99 6.48
C ALA A 105 33.09 -4.69 5.33
N SER A 106 33.83 -5.34 4.43
CA SER A 106 33.23 -6.04 3.30
C SER A 106 34.30 -6.92 2.67
N GLY A 107 33.85 -7.82 1.79
CA GLY A 107 34.80 -8.59 1.01
C GLY A 107 35.67 -7.72 0.13
N LEU A 108 35.08 -6.72 -0.51
CA LEU A 108 35.86 -5.79 -1.32
C LEU A 108 36.85 -5.02 -0.47
N ALA A 109 36.44 -4.59 0.73
CA ALA A 109 37.36 -3.89 1.62
C ALA A 109 38.54 -4.77 2.01
N ALA A 110 38.27 -6.07 2.22
CA ALA A 110 39.36 -7.02 2.46
C ALA A 110 40.28 -7.09 1.24
N THR A 111 39.70 -7.10 0.04
CA THR A 111 40.50 -7.13 -1.18
C THR A 111 41.36 -5.87 -1.29
N VAL A 112 40.76 -4.70 -1.03
CA VAL A 112 41.49 -3.44 -1.12
C VAL A 112 42.62 -3.38 -0.10
N THR A 113 42.36 -3.87 1.12
CA THR A 113 43.39 -3.82 2.16
C THR A 113 44.56 -4.74 1.81
N ILE A 114 44.27 -5.93 1.28
CA ILE A 114 45.33 -6.83 0.84
C ILE A 114 46.18 -6.18 -0.24
N THR A 115 45.55 -5.47 -1.18
CA THR A 115 46.29 -4.86 -2.27
C THR A 115 47.19 -3.73 -1.78
N HIS A 116 46.83 -3.09 -0.65
CA HIS A 116 47.68 -2.06 -0.07
C HIS A 116 48.97 -2.62 0.51
N LEU A 117 49.14 -3.95 0.54
CA LEU A 117 50.44 -4.51 0.92
C LEU A 117 51.54 -4.16 -0.07
N LEU A 118 51.18 -3.80 -1.29
CA LEU A 118 52.15 -3.65 -2.37
C LEU A 118 52.64 -2.21 -2.44
N LYS A 119 53.21 -1.83 -3.57
CA LYS A 119 53.72 -0.49 -3.81
C LYS A 119 53.72 -0.24 -5.32
N ALA A 120 53.87 1.03 -5.69
CA ALA A 120 53.92 1.37 -7.10
C ALA A 120 55.10 0.67 -7.77
N GLY A 121 54.85 0.11 -8.95
CA GLY A 121 55.83 -0.69 -9.65
C GLY A 121 55.66 -2.19 -9.51
N ASP A 122 54.86 -2.63 -8.54
CA ASP A 122 54.56 -4.04 -8.38
C ASP A 122 53.55 -4.49 -9.44
N GLN A 123 53.53 -5.80 -9.69
CA GLN A 123 52.61 -6.41 -10.63
C GLN A 123 51.65 -7.34 -9.89
N ILE A 124 50.40 -7.35 -10.32
CA ILE A 124 49.40 -8.27 -9.82
C ILE A 124 48.97 -9.16 -10.97
N ILE A 125 48.93 -10.47 -10.72
CA ILE A 125 48.33 -11.42 -11.64
C ILE A 125 46.99 -11.81 -11.07
N CYS A 126 45.93 -11.61 -11.84
CA CYS A 126 44.57 -11.90 -11.41
C CYS A 126 43.92 -12.88 -12.38
N MET A 127 43.11 -13.79 -11.84
CA MET A 127 42.37 -14.72 -12.67
C MET A 127 41.42 -13.98 -13.61
N ASP A 128 41.29 -14.49 -14.84
CA ASP A 128 40.47 -13.80 -15.82
C ASP A 128 38.98 -13.90 -15.50
N ASP A 129 38.52 -14.97 -14.86
CA ASP A 129 37.15 -15.01 -14.37
C ASP A 129 37.08 -14.80 -12.86
N VAL A 130 37.51 -13.66 -12.36
CA VAL A 130 37.29 -13.39 -10.95
C VAL A 130 35.92 -12.76 -10.78
N TYR A 131 35.47 -12.68 -9.54
CA TYR A 131 34.27 -11.94 -9.19
C TYR A 131 34.30 -10.55 -9.82
N GLY A 132 33.15 -10.10 -10.33
CA GLY A 132 33.11 -8.84 -11.06
C GLY A 132 33.68 -7.66 -10.28
N GLY A 133 33.38 -7.60 -8.98
CA GLY A 133 33.90 -6.50 -8.17
C GLY A 133 35.41 -6.54 -8.03
N THR A 134 35.98 -7.74 -7.91
CA THR A 134 37.43 -7.87 -7.88
C THR A 134 38.05 -7.39 -9.18
N ASN A 135 37.48 -7.83 -10.31
CA ASN A 135 37.96 -7.40 -11.61
C ASN A 135 37.88 -5.87 -11.75
N LEU A 136 36.74 -5.29 -11.35
CA LEU A 136 36.55 -3.86 -11.50
C LEU A 136 37.55 -3.08 -10.65
N TYR A 137 37.78 -3.51 -9.41
CA TYR A 137 38.71 -2.80 -8.54
C TYR A 137 40.13 -2.81 -9.10
N PHE A 138 40.61 -3.98 -9.51
CA PHE A 138 41.95 -4.06 -10.08
C PHE A 138 42.06 -3.24 -11.36
N ARG A 139 41.06 -3.33 -12.23
CA ARG A 139 41.18 -2.72 -13.56
C ARG A 139 41.05 -1.21 -13.50
N GLN A 140 40.06 -0.70 -12.77
CA GLN A 140 39.74 0.71 -12.85
C GLN A 140 40.28 1.53 -11.68
N VAL A 141 40.62 0.91 -10.57
CA VAL A 141 41.08 1.62 -9.38
C VAL A 141 42.55 1.34 -9.08
N ALA A 142 42.90 0.08 -8.80
CA ALA A 142 44.27 -0.26 -8.42
C ALA A 142 45.26 0.10 -9.52
N SER A 143 44.87 -0.04 -10.79
CA SER A 143 45.77 0.28 -11.89
C SER A 143 46.09 1.78 -11.95
N GLU A 144 45.34 2.61 -11.25
CA GLU A 144 45.56 4.05 -11.23
C GLU A 144 46.74 4.46 -10.34
N PHE A 145 47.28 3.55 -9.55
CA PHE A 145 48.27 3.89 -8.54
C PHE A 145 49.57 3.12 -8.72
N GLY A 146 50.05 3.04 -9.95
CA GLY A 146 51.35 2.44 -10.24
C GLY A 146 51.40 0.92 -10.15
N LEU A 147 50.25 0.26 -10.07
CA LEU A 147 50.19 -1.19 -10.02
C LEU A 147 49.82 -1.72 -11.40
N LYS A 148 50.60 -2.69 -11.88
CA LYS A 148 50.32 -3.32 -13.17
C LYS A 148 49.46 -4.56 -12.94
N ILE A 149 48.35 -4.64 -13.66
CA ILE A 149 47.39 -5.73 -13.50
C ILE A 149 47.43 -6.57 -14.76
N SER A 150 47.61 -7.88 -14.60
CA SER A 150 47.60 -8.82 -15.71
C SER A 150 46.56 -9.89 -15.42
N PHE A 151 45.65 -10.08 -16.37
CA PHE A 151 44.61 -11.09 -16.25
C PHE A 151 45.03 -12.33 -17.01
N VAL A 152 45.13 -13.44 -16.30
CA VAL A 152 45.68 -14.68 -16.83
C VAL A 152 44.70 -15.82 -16.53
N ASP A 153 44.58 -16.74 -17.49
CA ASP A 153 43.88 -17.99 -17.26
C ASP A 153 44.77 -18.84 -16.37
N CYS A 154 44.60 -18.75 -15.06
CA CYS A 154 45.48 -19.47 -14.14
C CYS A 154 45.21 -20.96 -14.11
N SER A 155 44.30 -21.47 -14.94
CA SER A 155 44.13 -22.92 -15.09
C SER A 155 45.22 -23.55 -15.94
N LYS A 156 46.06 -22.75 -16.60
CA LYS A 156 47.08 -23.26 -17.51
C LYS A 156 48.46 -22.87 -17.00
N ILE A 157 49.32 -23.86 -16.80
CA ILE A 157 50.64 -23.61 -16.21
C ILE A 157 51.49 -22.76 -17.15
N LYS A 158 51.39 -23.00 -18.46
CA LYS A 158 52.20 -22.24 -19.41
C LYS A 158 51.89 -20.75 -19.31
N LEU A 159 50.61 -20.40 -19.13
CA LEU A 159 50.23 -18.99 -19.10
C LEU A 159 50.56 -18.32 -17.77
N LEU A 160 50.50 -19.06 -16.67
CA LEU A 160 50.80 -18.47 -15.37
C LEU A 160 52.30 -18.21 -15.23
N GLU A 161 53.13 -19.17 -15.63
CA GLU A 161 54.57 -18.97 -15.51
C GLU A 161 55.08 -17.93 -16.49
N ALA A 162 54.42 -17.80 -17.65
CA ALA A 162 54.80 -16.77 -18.60
C ALA A 162 54.46 -15.38 -18.11
N ALA A 163 53.43 -15.27 -17.26
CA ALA A 163 53.02 -13.97 -16.74
C ALA A 163 53.84 -13.51 -15.55
N ILE A 164 54.46 -14.44 -14.82
CA ILE A 164 55.24 -14.08 -13.64
C ILE A 164 56.50 -13.33 -14.06
N THR A 165 56.70 -12.16 -13.49
CA THR A 165 57.89 -11.34 -13.75
C THR A 165 58.58 -11.06 -12.42
N PRO A 166 59.80 -10.52 -12.41
CA PRO A 166 60.39 -10.10 -11.12
C PRO A 166 59.54 -9.11 -10.35
N GLU A 167 58.68 -8.35 -11.03
CA GLU A 167 57.80 -7.39 -10.37
C GLU A 167 56.56 -8.02 -9.77
N THR A 168 56.26 -9.29 -10.09
CA THR A 168 55.06 -9.93 -9.58
C THR A 168 55.13 -10.08 -8.06
N LYS A 169 54.16 -9.50 -7.37
CA LYS A 169 54.09 -9.60 -5.91
C LYS A 169 52.84 -10.28 -5.41
N LEU A 170 51.78 -10.35 -6.23
CA LEU A 170 50.49 -10.85 -5.78
C LEU A 170 49.85 -11.65 -6.90
N VAL A 171 49.34 -12.83 -6.55
CA VAL A 171 48.54 -13.63 -7.46
C VAL A 171 47.18 -13.84 -6.81
N TRP A 172 46.13 -13.39 -7.46
CA TRP A 172 44.78 -13.44 -6.91
C TRP A 172 43.98 -14.50 -7.66
N ILE A 173 43.59 -15.55 -6.96
CA ILE A 173 42.76 -16.58 -7.58
C ILE A 173 41.51 -16.77 -6.75
N GLU A 174 40.49 -17.25 -7.42
CA GLU A 174 39.19 -17.56 -6.86
C GLU A 174 38.80 -18.95 -7.35
N THR A 175 38.31 -19.79 -6.45
CA THR A 175 37.90 -21.13 -6.87
C THR A 175 36.88 -21.81 -5.95
N PRO A 176 35.73 -22.23 -6.51
CA PRO A 176 35.33 -21.98 -7.90
C PRO A 176 34.91 -20.53 -8.16
N THR A 177 35.02 -20.09 -9.41
CA THR A 177 34.82 -18.69 -9.74
C THR A 177 33.34 -18.30 -9.74
N ASN A 178 33.11 -17.00 -9.56
CA ASN A 178 31.78 -16.41 -9.56
C ASN A 178 31.58 -15.65 -10.87
N PRO A 179 30.63 -16.08 -11.72
CA PRO A 179 29.62 -17.11 -11.49
C PRO A 179 29.76 -18.42 -12.27
N THR A 180 30.76 -18.57 -13.15
CA THR A 180 30.86 -19.75 -14.00
C THR A 180 31.52 -20.95 -13.32
N GLN A 181 32.09 -20.76 -12.13
CA GLN A 181 32.62 -21.87 -11.32
C GLN A 181 33.72 -22.66 -12.03
N LYS A 182 34.66 -21.93 -12.63
CA LYS A 182 35.91 -22.56 -13.01
C LYS A 182 36.72 -22.89 -11.75
N VAL A 183 37.38 -24.04 -11.76
CA VAL A 183 38.09 -24.55 -10.59
C VAL A 183 39.58 -24.55 -10.85
N ILE A 184 40.35 -24.08 -9.87
CA ILE A 184 41.80 -23.92 -9.97
C ILE A 184 42.46 -24.86 -8.98
N ASP A 185 43.49 -25.58 -9.42
CA ASP A 185 44.34 -26.40 -8.56
C ASP A 185 45.16 -25.48 -7.66
N ILE A 186 44.72 -25.34 -6.41
CA ILE A 186 45.35 -24.38 -5.50
C ILE A 186 46.78 -24.78 -5.19
N GLU A 187 47.00 -26.04 -4.81
CA GLU A 187 48.34 -26.48 -4.47
C GLU A 187 49.29 -26.40 -5.67
N GLY A 188 48.79 -26.75 -6.86
CA GLY A 188 49.60 -26.56 -8.06
C GLY A 188 49.94 -25.11 -8.31
N CYS A 189 48.96 -24.22 -8.09
CA CYS A 189 49.22 -22.79 -8.23
C CYS A 189 50.27 -22.31 -7.23
N ALA A 190 50.14 -22.74 -5.97
CA ALA A 190 51.09 -22.33 -4.94
C ALA A 190 52.50 -22.79 -5.27
N HIS A 191 52.64 -24.03 -5.77
CA HIS A 191 53.95 -24.52 -6.15
C HIS A 191 54.59 -23.66 -7.23
N ILE A 192 53.80 -23.27 -8.23
CA ILE A 192 54.33 -22.44 -9.30
C ILE A 192 54.67 -21.04 -8.80
N VAL A 193 53.77 -20.46 -8.00
CA VAL A 193 53.96 -19.09 -7.54
C VAL A 193 55.12 -18.99 -6.56
N HIS A 194 55.27 -19.99 -5.68
CA HIS A 194 56.24 -19.89 -4.59
C HIS A 194 57.66 -20.29 -4.97
N LYS A 195 57.89 -20.83 -6.16
CA LYS A 195 59.28 -21.00 -6.57
C LYS A 195 59.85 -19.73 -7.19
N HIS A 196 59.00 -18.74 -7.48
CA HIS A 196 59.45 -17.48 -8.07
C HIS A 196 59.79 -16.42 -7.03
N GLY A 197 59.83 -16.76 -5.75
CA GLY A 197 60.31 -15.83 -4.75
C GLY A 197 59.23 -15.18 -3.90
N ASP A 198 59.22 -13.85 -3.89
CA ASP A 198 58.41 -13.04 -2.98
C ASP A 198 57.06 -12.70 -3.61
N ILE A 199 56.21 -13.73 -3.69
CA ILE A 199 54.89 -13.58 -4.27
C ILE A 199 53.85 -14.12 -3.30
N ILE A 200 52.79 -13.35 -3.10
CA ILE A 200 51.68 -13.70 -2.22
C ILE A 200 50.60 -14.36 -3.06
N LEU A 201 50.11 -15.50 -2.62
CA LEU A 201 49.00 -16.19 -3.28
C LEU A 201 47.75 -16.03 -2.42
N VAL A 202 46.74 -15.36 -2.96
CA VAL A 202 45.45 -15.19 -2.31
C VAL A 202 44.44 -16.10 -2.99
N VAL A 203 43.66 -16.83 -2.19
CA VAL A 203 42.53 -17.58 -2.68
C VAL A 203 41.26 -16.98 -2.08
N ASP A 204 40.39 -16.46 -2.94
CA ASP A 204 39.05 -16.05 -2.55
C ASP A 204 38.21 -17.31 -2.36
N ASN A 205 37.97 -17.68 -1.10
CA ASN A 205 37.29 -18.91 -0.75
C ASN A 205 35.80 -18.70 -0.47
N THR A 206 35.21 -17.65 -1.03
CA THR A 206 33.83 -17.28 -0.70
C THR A 206 32.84 -18.40 -1.06
N PHE A 207 32.99 -19.01 -2.23
CA PHE A 207 31.99 -19.97 -2.71
C PHE A 207 31.98 -21.24 -1.89
N MET A 208 33.12 -21.66 -1.35
CA MET A 208 33.23 -22.95 -0.66
C MET A 208 33.05 -22.87 0.85
N SER A 209 33.53 -21.78 1.47
CA SER A 209 33.65 -21.61 2.93
C SER A 209 34.74 -22.54 3.46
N PRO A 210 35.30 -22.25 4.65
CA PRO A 210 36.37 -23.12 5.17
C PRO A 210 35.89 -24.50 5.58
N TYR A 211 34.58 -24.73 5.63
CA TYR A 211 34.09 -26.06 5.93
C TYR A 211 34.40 -27.04 4.80
N PHE A 212 34.46 -26.56 3.55
CA PHE A 212 34.67 -27.41 2.40
C PHE A 212 36.03 -27.24 1.74
N GLN A 213 36.74 -26.14 2.02
CA GLN A 213 38.03 -25.90 1.37
C GLN A 213 38.90 -25.04 2.27
N ARG A 214 40.15 -25.47 2.46
CA ARG A 214 41.13 -24.76 3.29
C ARG A 214 42.32 -24.35 2.42
N PRO A 215 42.28 -23.19 1.79
CA PRO A 215 43.39 -22.79 0.90
C PRO A 215 44.74 -22.74 1.61
N LEU A 216 44.77 -22.36 2.89
CA LEU A 216 46.04 -22.29 3.59
C LEU A 216 46.65 -23.67 3.79
N ALA A 217 45.83 -24.70 3.95
CA ALA A 217 46.35 -26.06 4.00
C ALA A 217 46.83 -26.52 2.63
N LEU A 218 46.43 -25.82 1.57
CA LEU A 218 46.79 -26.19 0.21
C LEU A 218 47.94 -25.37 -0.35
N GLY A 219 48.55 -24.50 0.45
CA GLY A 219 49.70 -23.73 0.03
C GLY A 219 49.43 -22.25 -0.19
N ALA A 220 48.19 -21.80 -0.10
CA ALA A 220 47.92 -20.38 -0.22
C ALA A 220 48.53 -19.61 0.94
N ASP A 221 48.87 -18.34 0.67
CA ASP A 221 49.36 -17.46 1.72
C ASP A 221 48.23 -16.75 2.44
N ILE A 222 47.12 -16.49 1.75
CA ILE A 222 45.98 -15.78 2.30
C ILE A 222 44.72 -16.51 1.88
N SER A 223 43.84 -16.78 2.84
CA SER A 223 42.48 -17.24 2.58
C SER A 223 41.52 -16.09 2.86
N MET A 224 40.85 -15.62 1.82
CA MET A 224 40.00 -14.45 1.89
C MET A 224 38.55 -14.85 1.62
N TYR A 225 37.62 -14.16 2.29
CA TYR A 225 36.20 -14.43 2.12
C TYR A 225 35.42 -13.13 2.04
N SER A 226 34.36 -13.17 1.27
CA SER A 226 33.22 -12.29 1.54
C SER A 226 32.37 -13.00 2.58
N ALA A 227 32.52 -12.60 3.85
CA ALA A 227 31.67 -13.17 4.88
C ALA A 227 30.20 -12.81 4.66
N THR A 228 29.94 -11.84 3.79
CA THR A 228 28.59 -11.47 3.39
C THR A 228 27.79 -12.67 2.89
N TYR A 230 28.41 -17.08 2.67
CA TYR A 230 28.19 -18.26 3.51
C TYR A 230 28.63 -18.14 4.97
N MET A 231 29.75 -17.46 5.20
CA MET A 231 30.32 -17.39 6.55
C MET A 231 29.28 -16.91 7.55
N ASN A 232 28.71 -15.73 7.31
CA ASN A 232 27.59 -15.28 8.13
C ASN A 232 26.35 -16.09 7.79
N GLY A 233 26.06 -16.26 6.51
CA GLY A 233 25.03 -17.17 6.06
C GLY A 233 23.59 -16.72 6.30
N HIS A 234 23.36 -15.51 6.82
CA HIS A 234 22.01 -15.08 7.16
C HIS A 234 21.60 -13.80 6.45
N SER A 235 22.32 -13.43 5.39
CA SER A 235 21.88 -12.36 4.49
C SER A 235 21.62 -11.05 5.23
N ASP A 236 22.38 -10.78 6.28
CA ASP A 236 22.14 -9.57 7.06
C ASP A 236 23.43 -8.93 7.57
N VAL A 237 24.58 -9.30 6.99
CA VAL A 237 25.87 -8.74 7.38
C VAL A 237 26.73 -8.61 6.13
N VAL A 238 27.28 -7.44 5.90
CA VAL A 238 28.31 -7.23 4.90
C VAL A 238 29.65 -7.21 5.62
N MET A 239 30.56 -8.11 5.22
CA MET A 239 31.81 -8.29 5.95
C MET A 239 32.81 -9.03 5.08
N GLY A 240 34.09 -8.75 5.30
CA GLY A 240 35.17 -9.51 4.69
C GLY A 240 36.04 -10.14 5.75
N LEU A 241 36.68 -11.25 5.41
CA LEU A 241 37.56 -11.97 6.31
C LEU A 241 38.84 -12.37 5.59
N VAL A 242 39.96 -12.29 6.30
CA VAL A 242 41.28 -12.55 5.74
C VAL A 242 42.08 -13.36 6.76
N SER A 243 42.40 -14.60 6.42
CA SER A 243 43.15 -15.49 7.30
C SER A 243 44.56 -15.73 6.73
N VAL A 244 45.55 -15.78 7.63
CA VAL A 244 46.96 -15.89 7.25
C VAL A 244 47.72 -16.65 8.33
N ASN A 245 48.84 -17.25 7.93
CA ASN A 245 49.77 -17.90 8.82
C ASN A 245 51.08 -17.15 8.99
N CYS A 246 51.59 -16.53 7.92
CA CYS A 246 52.89 -15.86 7.94
C CYS A 246 52.89 -14.70 8.93
N GLU A 247 53.94 -14.63 9.75
CA GLU A 247 53.99 -13.62 10.82
C GLU A 247 54.12 -12.22 10.25
N SER A 248 55.11 -12.00 9.37
CA SER A 248 55.30 -10.68 8.81
C SER A 248 54.11 -10.27 7.95
N LEU A 249 53.53 -11.22 7.22
CA LEU A 249 52.34 -10.92 6.43
C LEU A 249 51.17 -10.54 7.32
N HIS A 250 51.06 -11.17 8.49
CA HIS A 250 50.01 -10.80 9.42
C HIS A 250 50.22 -9.39 9.98
N ASN A 251 51.46 -9.05 10.34
CA ASN A 251 51.74 -7.73 10.90
C ASN A 251 51.47 -6.64 9.86
N ARG A 252 51.84 -6.89 8.61
CA ARG A 252 51.58 -5.93 7.54
C ARG A 252 50.09 -5.73 7.33
N LEU A 253 49.30 -6.81 7.41
CA LEU A 253 47.86 -6.70 7.26
C LEU A 253 47.22 -6.02 8.47
N ARG A 254 47.69 -6.35 9.67
CA ARG A 254 47.14 -5.73 10.88
C ARG A 254 47.38 -4.23 10.87
N PHE A 255 48.55 -3.80 10.38
CA PHE A 255 48.83 -2.37 10.25
C PHE A 255 47.82 -1.70 9.33
N LEU A 256 47.51 -2.33 8.20
CA LEU A 256 46.59 -1.73 7.23
C LEU A 256 45.14 -1.81 7.68
N GLN A 257 44.78 -2.82 8.48
CA GLN A 257 43.43 -2.86 9.05
C GLN A 257 43.17 -1.61 9.90
N ASN A 258 44.14 -1.23 10.72
CA ASN A 258 43.97 -0.05 11.58
C ASN A 258 44.21 1.24 10.79
N SER A 259 45.20 1.25 9.89
CA SER A 259 45.60 2.50 9.25
C SER A 259 44.66 2.92 8.14
N LEU A 260 44.03 1.95 7.46
CA LEU A 260 43.01 2.26 6.46
C LEU A 260 41.61 2.28 7.06
N GLY A 261 41.39 1.58 8.18
CA GLY A 261 40.16 1.72 8.92
C GLY A 261 38.92 1.17 8.28
N ALA A 262 39.05 0.22 7.34
CA ALA A 262 37.90 -0.44 6.73
C ALA A 262 37.42 -1.59 7.63
N VAL A 263 37.02 -1.21 8.84
CA VAL A 263 36.76 -2.18 9.91
C VAL A 263 35.27 -2.48 10.01
N PRO A 264 34.90 -3.66 10.50
CA PRO A 264 33.48 -3.99 10.65
C PRO A 264 32.93 -3.51 11.99
N SER A 265 31.62 -3.30 12.00
CA SER A 265 30.95 -2.96 13.25
C SER A 265 31.09 -4.11 14.24
N PRO A 266 31.29 -3.82 15.52
CA PRO A 266 31.26 -4.89 16.53
C PRO A 266 29.94 -5.64 16.55
N ILE A 267 28.83 -4.99 16.19
CA ILE A 267 27.55 -5.70 16.11
C ILE A 267 27.55 -6.69 14.96
N ASP A 268 28.05 -6.27 13.79
CA ASP A 268 28.18 -7.20 12.67
C ASP A 268 29.09 -8.36 13.03
N CYS A 269 30.17 -8.08 13.76
CA CYS A 269 31.05 -9.14 14.21
C CYS A 269 30.30 -10.16 15.05
N TYR A 270 29.47 -9.66 15.98
CA TYR A 270 28.67 -10.57 16.80
C TYR A 270 27.73 -11.40 15.93
N LEU A 271 27.02 -10.75 15.00
CA LEU A 271 26.08 -11.47 14.14
C LEU A 271 26.80 -12.50 13.28
N CYS A 272 27.96 -12.14 12.75
CA CYS A 272 28.72 -13.10 11.93
C CYS A 272 29.23 -14.26 12.79
N ASN A 273 29.73 -13.96 13.99
CA ASN A 273 30.17 -15.04 14.88
C ASN A 273 28.99 -15.95 15.24
N ARG A 274 27.81 -15.35 15.43
CA ARG A 274 26.61 -16.14 15.67
C ARG A 274 26.30 -17.04 14.48
N GLY A 275 26.38 -16.48 13.27
CA GLY A 275 26.16 -17.29 12.07
C GLY A 275 27.16 -18.41 11.93
N LEU A 276 28.41 -18.19 12.36
CA LEU A 276 29.43 -19.24 12.27
C LEU A 276 29.05 -20.48 13.05
N LYS A 277 28.28 -20.32 14.13
CA LYS A 277 27.98 -21.45 15.00
C LYS A 277 27.16 -22.52 14.29
N THR A 278 26.50 -22.19 13.19
CA THR A 278 25.75 -23.17 12.40
C THR A 278 26.37 -23.43 11.04
N LEU A 279 27.59 -22.93 10.79
CA LEU A 279 28.19 -23.07 9.46
C LEU A 279 28.25 -24.52 9.02
N HIS A 280 28.59 -25.43 9.94
CA HIS A 280 28.74 -26.84 9.57
C HIS A 280 27.39 -27.44 9.17
N VAL A 281 26.34 -27.21 9.97
CA VAL A 281 25.05 -27.81 9.63
C VAL A 281 24.40 -27.08 8.46
N ARG A 282 24.72 -25.80 8.27
CA ARG A 282 24.22 -25.10 7.09
C ARG A 282 24.88 -25.63 5.83
N MET A 283 26.21 -25.69 5.81
CA MET A 283 26.93 -26.09 4.60
C MET A 283 26.58 -27.51 4.19
N GLU A 284 26.41 -28.43 5.15
CA GLU A 284 26.02 -29.79 4.80
C GLU A 284 24.67 -29.80 4.09
N LYS A 285 23.74 -28.95 4.52
CA LYS A 285 22.44 -28.89 3.87
C LYS A 285 22.54 -28.21 2.50
N HIS A 286 23.39 -27.18 2.39
CA HIS A 286 23.67 -26.58 1.08
C HIS A 286 24.22 -27.62 0.11
N PHE A 287 25.09 -28.51 0.62
CA PHE A 287 25.65 -29.58 -0.21
C PHE A 287 24.56 -30.53 -0.67
N LYS A 288 23.72 -30.99 0.26
CA LYS A 288 22.65 -31.92 -0.08
C LYS A 288 21.65 -31.30 -1.05
N ASN A 289 21.19 -30.09 -0.74
CA ASN A 289 20.23 -29.42 -1.63
C ASN A 289 20.88 -29.04 -2.94
N GLY A 290 22.11 -28.53 -2.90
CA GLY A 290 22.79 -28.15 -4.13
C GLY A 290 23.02 -29.32 -5.07
N MET A 291 23.44 -30.45 -4.53
CA MET A 291 23.62 -31.64 -5.35
C MET A 291 22.31 -32.09 -5.99
N ALA A 292 21.23 -32.12 -5.19
CA ALA A 292 19.93 -32.53 -5.72
C ALA A 292 19.43 -31.57 -6.79
N VAL A 293 19.60 -30.26 -6.56
CA VAL A 293 19.20 -29.29 -7.58
C VAL A 293 20.03 -29.48 -8.85
N ALA A 294 21.34 -29.67 -8.70
CA ALA A 294 22.20 -29.85 -9.86
C ALA A 294 21.84 -31.10 -10.65
N GLN A 295 21.57 -32.22 -9.96
CA GLN A 295 21.21 -33.44 -10.67
C GLN A 295 19.85 -33.30 -11.34
N PHE A 296 18.89 -32.65 -10.67
CA PHE A 296 17.59 -32.44 -11.28
C PHE A 296 17.71 -31.59 -12.55
N LEU A 297 18.47 -30.50 -12.49
CA LEU A 297 18.62 -29.63 -13.64
C LEU A 297 19.31 -30.34 -14.79
N GLU A 298 20.33 -31.16 -14.50
CA GLU A 298 21.10 -31.76 -15.59
C GLU A 298 20.26 -32.77 -16.36
N SER A 299 19.31 -33.43 -15.73
CA SER A 299 18.43 -34.35 -16.42
C SER A 299 17.16 -33.68 -16.93
N ASN A 300 17.02 -32.37 -16.77
CA ASN A 300 15.80 -31.68 -17.21
C ASN A 300 15.90 -31.37 -18.70
N PRO A 301 14.85 -31.65 -19.48
CA PRO A 301 14.95 -31.47 -20.94
C PRO A 301 15.07 -30.03 -21.38
N TRP A 302 14.78 -29.06 -20.52
CA TRP A 302 14.86 -27.65 -20.90
C TRP A 302 16.13 -26.99 -20.40
N VAL A 303 17.12 -27.79 -19.98
CA VAL A 303 18.39 -27.30 -19.49
C VAL A 303 19.47 -27.72 -20.47
N GLU A 304 20.31 -26.77 -20.88
CA GLU A 304 21.33 -27.04 -21.88
C GLU A 304 22.60 -27.59 -21.24
N LYS A 305 22.97 -27.10 -20.07
CA LYS A 305 24.23 -27.45 -19.45
C LYS A 305 24.20 -27.04 -17.99
N VAL A 306 24.81 -27.85 -17.12
CA VAL A 306 24.89 -27.57 -15.70
C VAL A 306 26.36 -27.52 -15.28
N ILE A 307 26.69 -26.53 -14.45
CA ILE A 307 28.03 -26.39 -13.87
C ILE A 307 27.88 -26.49 -12.36
N TYR A 308 28.24 -27.63 -11.79
CA TYR A 308 28.27 -27.81 -10.35
C TYR A 308 29.46 -28.67 -9.97
N PRO A 309 30.36 -28.16 -9.12
CA PRO A 309 31.58 -28.92 -8.78
C PRO A 309 31.30 -30.32 -8.26
N GLY A 310 30.16 -30.54 -7.62
CA GLY A 310 29.80 -31.87 -7.13
C GLY A 310 29.35 -32.83 -8.22
N LEU A 311 29.07 -32.33 -9.42
CA LEU A 311 28.65 -33.27 -10.47
C LEU A 311 29.87 -33.84 -11.19
N PRO A 312 29.85 -35.13 -11.54
CA PRO A 312 30.92 -35.68 -12.39
C PRO A 312 31.08 -34.95 -13.71
N SER A 313 30.03 -34.27 -14.18
CA SER A 313 30.09 -33.53 -15.43
C SER A 313 30.96 -32.28 -15.33
N HIS A 314 31.26 -31.82 -14.12
CA HIS A 314 32.11 -30.64 -13.99
C HIS A 314 33.51 -30.96 -14.47
N PRO A 315 34.10 -30.14 -15.34
CA PRO A 315 35.40 -30.49 -15.93
C PRO A 315 36.51 -30.68 -14.92
N GLN A 316 36.41 -30.06 -13.74
CA GLN A 316 37.42 -30.22 -12.69
C GLN A 316 36.90 -31.01 -11.50
N HIS A 317 35.93 -31.90 -11.74
CA HIS A 317 35.29 -32.62 -10.64
C HIS A 317 36.28 -33.45 -9.82
N GLU A 318 37.23 -34.10 -10.48
CA GLU A 318 38.21 -34.90 -9.76
C GLU A 318 39.13 -34.02 -8.92
N LEU A 319 39.53 -32.87 -9.48
CA LEU A 319 40.31 -31.91 -8.70
C LEU A 319 39.51 -31.37 -7.52
N VAL A 320 38.21 -31.18 -7.70
CA VAL A 320 37.36 -30.73 -6.59
C VAL A 320 37.44 -31.73 -5.44
N LYS A 321 37.34 -33.02 -5.75
CA LYS A 321 37.40 -34.03 -4.70
C LYS A 321 38.78 -34.10 -4.06
N ARG A 322 39.83 -33.77 -4.81
CA ARG A 322 41.18 -33.84 -4.26
C ARG A 322 41.47 -32.73 -3.26
N GLN A 323 40.84 -31.56 -3.43
CA GLN A 323 41.19 -30.39 -2.62
C GLN A 323 40.02 -29.84 -1.82
N CYS A 324 38.87 -30.53 -1.82
CA CYS A 324 37.70 -30.07 -1.08
C CYS A 324 37.11 -31.25 -0.30
N THR A 325 36.39 -30.94 0.77
CA THR A 325 35.70 -31.96 1.55
C THR A 325 34.24 -32.11 1.14
N GLY A 326 33.77 -31.29 0.21
CA GLY A 326 32.39 -31.29 -0.19
C GLY A 326 32.13 -30.11 -1.08
N CYS A 327 30.86 -29.83 -1.33
CA CYS A 327 30.50 -28.75 -2.23
C CYS A 327 29.36 -27.94 -1.64
N THR A 328 29.23 -26.73 -2.17
CA THR A 328 28.37 -25.68 -1.67
C THR A 328 27.00 -25.72 -2.37
N GLY A 329 26.18 -24.71 -2.10
CA GLY A 329 24.88 -24.58 -2.73
C GLY A 329 24.84 -23.80 -4.02
N MET A 330 25.97 -23.29 -4.50
CA MET A 330 26.00 -22.53 -5.75
C MET A 330 25.91 -23.46 -6.95
N VAL A 331 24.84 -23.34 -7.73
CA VAL A 331 24.61 -24.15 -8.92
C VAL A 331 24.44 -23.21 -10.10
N THR A 332 25.27 -23.39 -11.12
CA THR A 332 25.21 -22.59 -12.34
C THR A 332 24.72 -23.44 -13.49
N PHE A 333 23.83 -22.89 -14.32
CA PHE A 333 23.34 -23.65 -15.47
C PHE A 333 22.94 -22.73 -16.59
N TYR A 334 22.86 -23.29 -17.80
CA TYR A 334 22.36 -22.61 -18.98
C TYR A 334 21.01 -23.20 -19.34
N ILE A 335 20.02 -22.35 -19.51
CA ILE A 335 18.72 -22.81 -19.98
C ILE A 335 18.75 -22.89 -21.50
N LYS A 336 17.97 -23.83 -22.04
CA LYS A 336 17.82 -23.90 -23.49
C LYS A 336 17.03 -22.69 -23.99
N GLY A 337 17.24 -22.38 -25.27
CA GLY A 337 16.51 -21.28 -25.88
C GLY A 337 17.25 -19.95 -25.87
N THR A 338 16.53 -18.88 -25.56
CA THR A 338 17.08 -17.54 -25.65
C THR A 338 16.89 -16.76 -24.35
N LEU A 339 17.20 -15.47 -24.41
CA LEU A 339 16.99 -14.60 -23.25
C LEU A 339 15.54 -14.63 -22.80
N GLN A 340 14.61 -14.68 -23.75
CA GLN A 340 13.19 -14.72 -23.43
C GLN A 340 12.84 -15.90 -22.54
N HIS A 341 13.48 -17.06 -22.79
CA HIS A 341 13.18 -18.24 -22.00
C HIS A 341 13.79 -18.13 -20.61
N ALA A 342 14.99 -17.55 -20.50
CA ALA A 342 15.58 -17.30 -19.19
C ALA A 342 14.70 -16.36 -18.38
N GLU A 343 14.12 -15.35 -19.03
CA GLU A 343 13.26 -14.39 -18.33
C GLU A 343 11.97 -15.04 -17.86
N ILE A 344 11.31 -15.82 -18.72
CA ILE A 344 10.07 -16.48 -18.30
C ILE A 344 10.35 -17.44 -17.15
N PHE A 345 11.44 -18.20 -17.23
CA PHE A 345 11.82 -19.09 -16.12
C PHE A 345 12.01 -18.30 -14.84
N LEU A 346 12.81 -17.24 -14.89
CA LEU A 346 13.12 -16.49 -13.68
C LEU A 346 11.88 -15.83 -13.08
N LYS A 347 10.97 -15.36 -13.92
CA LYS A 347 9.79 -14.67 -13.42
C LYS A 347 8.72 -15.63 -12.91
N ASN A 348 8.84 -16.92 -13.20
CA ASN A 348 7.89 -17.90 -12.69
C ASN A 348 8.37 -18.60 -11.42
N LEU A 349 9.60 -18.37 -11.00
CA LEU A 349 10.07 -18.94 -9.75
C LEU A 349 9.29 -18.34 -8.58
N LYS A 350 8.86 -19.20 -7.67
CA LYS A 350 8.08 -18.77 -6.51
C LYS A 350 8.81 -18.96 -5.19
N LEU A 351 9.82 -19.84 -5.14
CA LEU A 351 10.60 -20.08 -3.94
C LEU A 351 12.00 -19.48 -4.04
N PHE A 352 12.74 -19.81 -5.10
CA PHE A 352 13.93 -19.03 -5.43
C PHE A 352 13.51 -17.57 -5.63
N THR A 353 14.26 -16.66 -5.01
CA THR A 353 13.98 -15.25 -5.11
C THR A 353 14.94 -14.61 -6.10
N LEU A 354 14.40 -13.81 -7.02
CA LEU A 354 15.23 -13.11 -8.00
C LEU A 354 15.95 -11.97 -7.27
N ALA A 355 17.24 -12.16 -7.01
CA ALA A 355 18.03 -11.19 -6.27
C ALA A 355 19.50 -11.54 -6.44
N VAL A 356 20.35 -10.54 -6.22
CA VAL A 356 21.79 -10.78 -6.26
C VAL A 356 22.26 -11.27 -4.89
N SER A 357 23.56 -11.49 -4.75
CA SER A 357 24.20 -12.05 -3.56
C SER A 357 23.90 -13.55 -3.45
N LEU A 358 24.47 -14.20 -2.44
CA LEU A 358 24.40 -15.65 -2.34
C LEU A 358 24.83 -16.08 -0.94
N GLY A 359 24.73 -17.39 -0.69
CA GLY A 359 25.26 -17.98 0.52
C GLY A 359 24.36 -17.91 1.73
N GLY A 360 23.14 -17.40 1.59
CA GLY A 360 22.22 -17.33 2.70
C GLY A 360 21.34 -18.55 2.84
N PHE A 361 20.54 -18.56 3.91
CA PHE A 361 19.62 -19.66 4.16
C PHE A 361 18.52 -19.74 3.11
N GLU A 362 18.25 -18.66 2.39
CA GLU A 362 17.16 -18.61 1.42
C GLU A 362 17.71 -18.80 0.01
N SER A 363 16.94 -19.47 -0.83
CA SER A 363 17.35 -19.73 -2.19
C SER A 363 17.19 -18.49 -3.05
N LEU A 364 18.22 -18.20 -3.85
CA LEU A 364 18.24 -17.05 -4.73
C LEU A 364 18.54 -17.50 -6.16
N ALA A 365 18.05 -16.72 -7.11
CA ALA A 365 18.31 -16.95 -8.53
C ALA A 365 18.67 -15.63 -9.16
N GLU A 366 19.50 -15.69 -10.20
CA GLU A 366 20.04 -14.46 -10.76
C GLU A 366 20.49 -14.73 -12.18
N LEU A 367 20.32 -13.73 -13.05
CA LEU A 367 20.81 -13.78 -14.43
C LEU A 367 22.00 -12.83 -14.54
N PRO A 368 23.23 -13.35 -14.53
CA PRO A 368 24.40 -12.46 -14.45
C PRO A 368 24.49 -11.43 -15.56
N ALA A 369 23.96 -11.73 -16.75
CA ALA A 369 24.13 -10.80 -17.87
C ALA A 369 23.40 -9.47 -17.62
N ILE A 370 22.21 -9.52 -17.01
CA ILE A 370 21.44 -8.32 -16.73
C ILE A 370 21.55 -7.81 -15.30
N MET A 371 21.97 -8.65 -14.34
CA MET A 371 21.87 -8.29 -12.94
C MET A 371 23.22 -7.91 -12.33
N THR A 372 24.30 -8.63 -12.63
CA THR A 372 25.63 -8.25 -12.16
C THR A 372 26.45 -7.61 -13.27
N HIS A 373 26.85 -8.40 -14.28
CA HIS A 373 27.69 -7.96 -15.40
C HIS A 373 26.95 -7.15 -16.48
N ALA A 374 26.04 -6.24 -16.10
CA ALA A 374 25.29 -5.51 -17.11
C ALA A 374 26.15 -4.49 -17.86
N SER A 375 27.25 -4.04 -17.26
CA SER A 375 28.14 -3.11 -17.96
C SER A 375 29.15 -3.84 -18.85
N VAL A 376 29.57 -4.99 -18.38
CA VAL A 376 30.39 -5.80 -19.18
C VAL A 376 29.25 -6.35 -20.00
N LYS A 378 30.97 -6.06 -22.74
CA LYS A 378 30.21 -7.22 -23.11
C LYS A 378 31.13 -8.19 -23.67
N ASN A 379 32.21 -7.65 -24.14
CA ASN A 379 33.12 -8.56 -24.84
C ASN A 379 33.81 -9.50 -23.88
N ASP A 380 34.10 -9.04 -22.67
CA ASP A 380 34.65 -9.93 -21.65
C ASP A 380 33.64 -10.98 -21.22
N ARG A 381 32.33 -10.63 -21.24
CA ARG A 381 31.29 -11.63 -21.02
C ARG A 381 31.48 -12.82 -21.94
N ASP A 382 31.77 -12.55 -23.21
CA ASP A 382 31.65 -13.59 -24.23
C ASP A 382 32.75 -14.63 -24.08
N VAL A 383 33.96 -14.20 -23.74
CA VAL A 383 35.06 -15.12 -23.49
C VAL A 383 34.78 -15.92 -22.23
N LEU A 384 34.10 -15.32 -21.25
CA LEU A 384 33.82 -15.97 -19.98
C LEU A 384 32.51 -16.74 -19.93
N GLY A 385 31.69 -16.70 -20.98
CA GLY A 385 30.49 -17.50 -21.01
C GLY A 385 29.30 -16.92 -20.28
N ILE A 386 29.27 -15.62 -20.01
CA ILE A 386 28.12 -14.99 -19.35
C ILE A 386 27.16 -14.59 -20.48
N SER A 387 26.37 -15.55 -20.92
CA SER A 387 25.48 -15.39 -22.07
C SER A 387 24.05 -15.08 -21.60
N ASP A 388 23.15 -14.90 -22.58
CA ASP A 388 21.76 -14.59 -22.28
C ASP A 388 21.04 -15.73 -21.56
N THR A 389 21.56 -16.95 -21.65
CA THR A 389 20.92 -18.10 -21.02
C THR A 389 21.60 -18.54 -19.74
N LEU A 390 22.64 -17.84 -19.31
CA LEU A 390 23.34 -18.19 -18.07
C LEU A 390 22.51 -17.80 -16.86
N ILE A 391 22.31 -18.75 -15.96
CA ILE A 391 21.58 -18.54 -14.72
C ILE A 391 22.40 -19.10 -13.57
N ARG A 392 22.49 -18.33 -12.48
CA ARG A 392 23.20 -18.76 -11.28
C ARG A 392 22.20 -18.92 -10.14
N LEU A 393 22.21 -20.08 -9.51
CA LEU A 393 21.35 -20.34 -8.36
C LEU A 393 22.19 -20.41 -7.10
N SER A 394 21.68 -19.81 -6.03
CA SER A 394 22.20 -20.01 -4.69
C SER A 394 21.18 -20.86 -3.97
N VAL A 395 21.43 -22.15 -3.90
CA VAL A 395 20.47 -23.09 -3.33
C VAL A 395 20.54 -22.98 -1.82
N GLY A 396 19.40 -22.67 -1.20
CA GLY A 396 19.30 -22.46 0.23
C GLY A 396 18.98 -23.70 1.02
N LEU A 397 18.36 -23.49 2.18
CA LEU A 397 18.13 -24.54 3.15
C LEU A 397 16.68 -25.01 3.21
N GLU A 398 15.86 -24.62 2.24
CA GLU A 398 14.47 -25.03 2.23
C GLU A 398 14.37 -26.53 2.00
N ASP A 399 13.14 -27.05 2.09
CA ASP A 399 12.95 -28.47 1.84
C ASP A 399 13.31 -28.78 0.38
N GLU A 400 14.13 -29.82 0.20
CA GLU A 400 14.63 -30.17 -1.13
C GLU A 400 13.51 -30.33 -2.14
N GLU A 401 12.45 -31.04 -1.75
CA GLU A 401 11.35 -31.32 -2.67
C GLU A 401 10.66 -30.04 -3.12
N ASP A 402 10.60 -29.03 -2.26
CA ASP A 402 9.96 -27.76 -2.64
C ASP A 402 10.83 -26.99 -3.62
N LEU A 403 12.15 -27.04 -3.44
CA LEU A 403 13.06 -26.36 -4.36
C LEU A 403 13.02 -27.00 -5.74
N LEU A 404 13.05 -28.33 -5.80
CA LEU A 404 12.98 -29.02 -7.09
C LEU A 404 11.65 -28.74 -7.78
N GLU A 405 10.55 -28.75 -7.03
CA GLU A 405 9.24 -28.52 -7.61
C GLU A 405 9.13 -27.11 -8.17
N ASP A 406 9.68 -26.12 -7.45
CA ASP A 406 9.69 -24.75 -7.94
C ASP A 406 10.44 -24.62 -9.26
N LEU A 407 11.62 -25.25 -9.35
CA LEU A 407 12.37 -25.25 -10.60
C LEU A 407 11.62 -25.97 -11.70
N ASP A 408 10.95 -27.08 -11.36
CA ASP A 408 10.22 -27.87 -12.34
C ASP A 408 9.13 -27.04 -13.01
N GLN A 409 8.27 -26.41 -12.21
CA GLN A 409 7.15 -25.66 -12.78
C GLN A 409 7.61 -24.42 -13.52
N ALA A 410 8.69 -23.78 -13.05
CA ALA A 410 9.19 -22.59 -13.72
C ALA A 410 9.81 -22.95 -15.06
N LEU A 411 10.49 -24.10 -15.14
CA LEU A 411 11.04 -24.56 -16.40
C LEU A 411 9.94 -24.97 -17.37
N LYS A 412 8.85 -25.56 -16.85
CA LYS A 412 7.73 -25.87 -17.74
C LYS A 412 7.06 -24.60 -18.25
N ALA A 413 7.06 -23.53 -17.46
CA ALA A 413 6.50 -22.28 -17.94
C ALA A 413 7.31 -21.74 -19.12
N ALA A 414 8.63 -21.86 -19.06
CA ALA A 414 9.47 -21.40 -20.16
C ALA A 414 9.40 -22.38 -21.34
N HIS A 415 9.43 -23.69 -21.06
CA HIS A 415 9.53 -24.82 -21.98
C HIS A 415 10.23 -24.47 -23.30
N PRO A 416 11.51 -24.09 -23.27
CA PRO A 416 12.20 -23.71 -24.51
C PRO A 416 12.44 -24.91 -25.40
N PRO A 417 12.67 -24.68 -26.71
CA PRO A 417 12.96 -25.78 -27.65
C PRO A 417 14.39 -26.30 -27.54
N GLY B 27 29.61 37.51 19.05
CA GLY B 27 29.80 37.93 17.68
C GLY B 27 30.07 36.78 16.72
N PHE B 28 29.56 35.60 17.04
CA PHE B 28 29.70 34.47 16.15
C PHE B 28 28.74 34.59 14.98
N LEU B 29 28.96 33.77 13.96
CA LEU B 29 27.97 33.66 12.89
C LEU B 29 26.63 33.25 13.48
N PRO B 30 25.52 33.82 13.00
CA PRO B 30 24.21 33.36 13.48
C PRO B 30 24.05 31.87 13.23
N HIS B 31 23.36 31.22 14.15
CA HIS B 31 23.15 29.78 14.07
C HIS B 31 22.45 29.42 12.77
N PHE B 32 22.81 28.26 12.22
CA PHE B 32 22.25 27.81 10.96
C PHE B 32 20.77 27.54 11.11
N GLN B 33 19.97 28.15 10.24
CA GLN B 33 18.52 28.04 10.34
C GLN B 33 18.07 26.61 10.08
N HIS B 34 17.04 26.19 10.82
CA HIS B 34 16.36 24.91 10.69
C HIS B 34 17.23 23.70 11.00
N PHE B 35 18.38 23.88 11.64
CA PHE B 35 19.29 22.76 11.87
C PHE B 35 18.62 21.65 12.67
N ALA B 36 18.02 22.00 13.81
CA ALA B 36 17.39 21.00 14.66
C ALA B 36 16.22 20.33 13.95
N THR B 37 15.40 21.11 13.26
CA THR B 37 14.29 20.53 12.50
C THR B 37 14.81 19.53 11.47
N GLN B 38 15.88 19.88 10.76
CA GLN B 38 16.38 18.99 9.71
C GLN B 38 17.07 17.78 10.30
N ALA B 39 17.81 17.96 11.41
CA ALA B 39 18.47 16.83 12.05
C ALA B 39 17.47 15.78 12.50
N ILE B 40 16.25 16.19 12.83
CA ILE B 40 15.25 15.26 13.34
C ILE B 40 14.38 14.67 12.22
N HIS B 41 14.23 15.38 11.10
CA HIS B 41 13.25 14.99 10.10
C HIS B 41 13.84 14.60 8.74
N VAL B 42 14.99 15.16 8.34
CA VAL B 42 15.49 14.86 6.99
C VAL B 42 15.91 13.40 6.93
N GLY B 43 15.45 12.71 5.88
CA GLY B 43 15.68 11.29 5.73
C GLY B 43 14.74 10.41 6.54
N GLN B 44 13.95 10.99 7.44
CA GLN B 44 13.14 10.22 8.38
C GLN B 44 11.65 10.21 8.03
N ASP B 45 11.28 10.62 6.82
CA ASP B 45 9.87 10.73 6.42
C ASP B 45 9.15 9.40 6.58
N PRO B 46 8.09 9.33 7.41
CA PRO B 46 7.38 8.06 7.60
C PRO B 46 6.80 7.47 6.34
N GLU B 47 6.52 8.31 5.32
CA GLU B 47 5.93 7.81 4.08
C GLU B 47 6.86 6.86 3.32
N GLN B 48 8.15 6.80 3.68
CA GLN B 48 9.08 5.87 3.04
C GLN B 48 8.73 4.41 3.32
N TRP B 49 8.04 4.13 4.42
CA TRP B 49 7.85 2.76 4.89
C TRP B 49 6.37 2.40 4.84
N THR B 50 6.09 1.15 4.46
CA THR B 50 4.70 0.69 4.40
C THR B 50 4.03 0.83 5.77
N SER B 51 4.78 0.66 6.85
CA SER B 51 4.25 0.80 8.21
C SER B 51 4.05 2.24 8.63
N ARG B 52 4.63 3.21 7.92
CA ARG B 52 4.63 4.61 8.32
C ARG B 52 5.28 4.81 9.69
N ALA B 53 6.31 4.01 9.98
CA ALA B 53 7.06 4.15 11.22
C ALA B 53 7.66 5.54 11.33
N VAL B 54 7.58 6.12 12.53
CA VAL B 54 8.09 7.48 12.74
C VAL B 54 9.62 7.50 12.77
N VAL B 55 10.24 6.39 13.15
CA VAL B 55 11.69 6.23 13.12
C VAL B 55 12.03 5.20 12.04
N PRO B 56 12.96 5.48 11.14
CA PRO B 56 13.28 4.53 10.06
C PRO B 56 13.73 3.19 10.61
N PRO B 57 13.19 2.08 10.08
CA PRO B 57 13.64 0.76 10.51
C PRO B 57 15.09 0.51 10.16
N ILE B 58 15.69 -0.45 10.87
CA ILE B 58 17.05 -0.90 10.61
C ILE B 58 16.98 -2.06 9.63
N SER B 59 17.41 -1.83 8.39
CA SER B 59 17.37 -2.84 7.35
C SER B 59 18.76 -3.49 7.23
N LEU B 60 18.89 -4.71 7.77
CA LEU B 60 20.14 -5.45 7.68
C LEU B 60 20.31 -6.19 6.36
N SER B 61 19.22 -6.40 5.62
CA SER B 61 19.22 -7.26 4.45
C SER B 61 20.35 -6.89 3.48
N THR B 62 21.14 -7.89 3.10
CA THR B 62 22.21 -7.67 2.13
C THR B 62 21.70 -7.52 0.71
N THR B 63 20.54 -8.08 0.41
CA THR B 63 20.03 -8.07 -0.96
C THR B 63 18.54 -7.81 -0.96
N PHE B 64 18.01 -7.56 -2.15
CA PHE B 64 16.65 -7.07 -2.33
C PHE B 64 16.04 -7.76 -3.54
N LYS B 65 14.76 -8.13 -3.41
CA LYS B 65 14.06 -8.77 -4.50
C LYS B 65 13.91 -7.83 -5.69
N GLN B 66 14.21 -8.33 -6.88
CA GLN B 66 14.06 -7.57 -8.12
C GLN B 66 12.85 -8.07 -8.90
N GLY B 67 12.34 -7.21 -9.77
CA GLY B 67 11.23 -7.56 -10.65
C GLY B 67 9.96 -6.79 -10.40
N SER B 73 14.68 -0.40 -10.30
CA SER B 73 13.86 0.06 -9.18
C SER B 73 14.56 -0.18 -7.84
N GLY B 74 14.85 0.93 -7.17
CA GLY B 74 15.32 0.93 -5.79
C GLY B 74 16.66 0.24 -5.57
N PHE B 75 16.72 -0.56 -4.51
CA PHE B 75 17.95 -1.17 -4.03
C PHE B 75 18.23 -2.52 -4.69
N ASN B 76 19.52 -2.86 -4.80
CA ASN B 76 19.89 -4.18 -5.27
C ASN B 76 20.86 -4.90 -4.35
N TYR B 77 21.80 -4.17 -3.72
CA TYR B 77 22.79 -4.81 -2.86
C TYR B 77 23.23 -3.83 -1.79
N SER B 78 23.34 -4.32 -0.56
CA SER B 78 23.51 -3.45 0.61
C SER B 78 24.75 -2.57 0.50
N ARG B 79 25.86 -3.12 0.02
CA ARG B 79 27.09 -2.32 -0.07
C ARG B 79 26.90 -1.11 -0.98
N SER B 80 26.12 -1.29 -2.05
CA SER B 80 25.89 -0.20 -3.00
C SER B 80 24.94 0.84 -2.44
N GLY B 81 24.07 0.44 -1.51
CA GLY B 81 23.08 1.35 -0.95
C GLY B 81 22.03 0.54 -0.19
N ASN B 82 21.55 1.08 0.92
CA ASN B 82 20.55 0.40 1.72
C ASN B 82 19.73 1.46 2.45
N PRO B 83 18.49 1.14 2.84
CA PRO B 83 17.59 2.20 3.36
C PRO B 83 18.14 2.97 4.55
N THR B 84 18.68 2.26 5.55
CA THR B 84 19.11 2.94 6.77
C THR B 84 20.31 3.85 6.50
N ARG B 85 21.25 3.40 5.66
CA ARG B 85 22.39 4.24 5.33
C ARG B 85 21.96 5.45 4.51
N ASN B 86 21.08 5.24 3.52
CA ASN B 86 20.64 6.35 2.69
C ASN B 86 19.93 7.42 3.51
N CYS B 87 19.14 7.01 4.50
CA CYS B 87 18.48 7.96 5.39
C CYS B 87 19.50 8.78 6.16
N LEU B 88 20.53 8.12 6.71
CA LEU B 88 21.58 8.83 7.42
C LEU B 88 22.29 9.83 6.50
N GLU B 89 22.67 9.38 5.31
CA GLU B 89 23.41 10.24 4.39
C GLU B 89 22.58 11.47 4.02
N LYS B 90 21.27 11.30 3.81
CA LYS B 90 20.42 12.44 3.49
C LYS B 90 20.36 13.43 4.65
N ALA B 91 20.29 12.92 5.88
CA ALA B 91 20.27 13.80 7.06
C ALA B 91 21.57 14.58 7.18
N VAL B 92 22.71 13.90 7.08
CA VAL B 92 24.01 14.55 7.23
C VAL B 92 24.23 15.60 6.15
N ALA B 93 23.83 15.29 4.91
CA ALA B 93 23.97 16.25 3.83
C ALA B 93 23.23 17.55 4.16
N ALA B 94 22.00 17.44 4.66
CA ALA B 94 21.24 18.62 5.01
C ALA B 94 21.93 19.42 6.11
N LEU B 95 22.50 18.73 7.10
CA LEU B 95 23.16 19.42 8.20
C LEU B 95 24.41 20.15 7.74
N ASP B 96 25.08 19.64 6.70
CA ASP B 96 26.25 20.28 6.12
C ASP B 96 25.90 21.35 5.09
N GLY B 97 24.63 21.56 4.78
CA GLY B 97 24.27 22.39 3.65
C GLY B 97 24.68 21.78 2.32
N ALA B 98 24.74 20.44 2.25
CA ALA B 98 25.25 19.73 1.10
C ALA B 98 24.12 19.09 0.31
N LYS B 99 24.37 18.89 -0.98
CA LYS B 99 23.44 18.12 -1.81
C LYS B 99 23.58 16.62 -1.58
N TYR B 100 24.77 16.16 -1.17
CA TYR B 100 25.05 14.73 -1.07
C TYR B 100 25.94 14.43 0.12
N CYS B 101 25.83 13.21 0.63
CA CYS B 101 26.71 12.71 1.68
C CYS B 101 26.93 11.22 1.49
N LEU B 102 28.13 10.76 1.86
CA LEU B 102 28.50 9.35 1.79
C LEU B 102 29.02 8.91 3.14
N ALA B 103 28.51 7.77 3.64
CA ALA B 103 28.93 7.22 4.92
C ALA B 103 29.96 6.11 4.71
N PHE B 104 30.90 6.02 5.65
CA PHE B 104 32.01 5.07 5.55
C PHE B 104 32.23 4.39 6.90
N ALA B 105 33.03 3.32 6.87
CA ALA B 105 33.25 2.48 8.03
C ALA B 105 34.03 3.18 9.14
N SER B 106 34.73 4.26 8.84
CA SER B 106 35.50 5.00 9.83
C SER B 106 35.90 6.33 9.20
N GLY B 107 36.39 7.24 10.04
CA GLY B 107 36.96 8.47 9.52
C GLY B 107 38.14 8.21 8.61
N LEU B 108 39.02 7.29 9.02
CA LEU B 108 40.18 6.96 8.19
C LEU B 108 39.73 6.35 6.87
N ALA B 109 38.72 5.49 6.90
CA ALA B 109 38.19 4.90 5.67
C ALA B 109 37.64 5.98 4.73
N ALA B 110 37.00 7.00 5.29
CA ALA B 110 36.59 8.13 4.49
C ALA B 110 37.80 8.83 3.86
N THR B 111 38.87 8.98 4.64
CA THR B 111 40.09 9.61 4.13
C THR B 111 40.70 8.78 3.00
N VAL B 112 40.79 7.47 3.20
CA VAL B 112 41.39 6.60 2.19
C VAL B 112 40.54 6.61 0.92
N THR B 113 39.22 6.62 1.07
CA THR B 113 38.34 6.65 -0.10
C THR B 113 38.51 7.95 -0.88
N ILE B 114 38.60 9.08 -0.17
CA ILE B 114 38.81 10.35 -0.85
C ILE B 114 40.13 10.35 -1.62
N THR B 115 41.17 9.77 -1.00
CA THR B 115 42.49 9.78 -1.66
C THR B 115 42.48 8.91 -2.91
N HIS B 116 41.60 7.90 -2.98
CA HIS B 116 41.48 7.09 -4.19
C HIS B 116 40.88 7.86 -5.37
N LEU B 117 40.43 9.10 -5.17
CA LEU B 117 40.02 9.93 -6.29
C LEU B 117 41.18 10.28 -7.20
N LEU B 118 42.41 10.19 -6.70
CA LEU B 118 43.56 10.70 -7.41
C LEU B 118 44.18 9.59 -8.25
N LYS B 119 45.44 9.78 -8.67
CA LYS B 119 46.14 8.80 -9.49
C LYS B 119 47.63 8.98 -9.26
N ALA B 120 48.41 8.00 -9.70
CA ALA B 120 49.86 8.09 -9.56
C ALA B 120 50.39 9.32 -10.27
N GLY B 121 51.29 10.03 -9.59
CA GLY B 121 51.84 11.28 -10.07
C GLY B 121 51.21 12.53 -9.49
N ASP B 122 50.05 12.39 -8.85
CA ASP B 122 49.41 13.53 -8.21
C ASP B 122 50.13 13.91 -6.91
N GLN B 123 49.93 15.15 -6.49
CA GLN B 123 50.47 15.65 -5.24
C GLN B 123 49.32 15.93 -4.28
N ILE B 124 49.54 15.61 -3.01
CA ILE B 124 48.62 15.93 -1.93
C ILE B 124 49.32 16.92 -1.02
N ILE B 125 48.62 17.99 -0.67
CA ILE B 125 49.07 18.91 0.36
C ILE B 125 48.24 18.65 1.61
N CYS B 126 48.90 18.38 2.72
CA CYS B 126 48.23 18.10 3.97
C CYS B 126 48.65 19.12 5.03
N MET B 127 47.70 19.51 5.88
CA MET B 127 48.01 20.41 6.97
C MET B 127 49.06 19.77 7.87
N ASP B 128 49.99 20.57 8.37
CA ASP B 128 51.10 20.01 9.13
C ASP B 128 50.63 19.46 10.47
N ASP B 129 49.71 20.15 11.13
CA ASP B 129 49.09 19.65 12.35
C ASP B 129 47.77 19.00 11.95
N VAL B 130 47.78 17.67 11.86
CA VAL B 130 46.60 16.91 11.49
C VAL B 130 46.50 15.74 12.46
N TYR B 131 45.34 15.09 12.47
CA TYR B 131 45.17 13.86 13.24
C TYR B 131 46.27 12.87 12.90
N GLY B 132 46.81 12.21 13.92
CA GLY B 132 47.93 11.30 13.73
C GLY B 132 47.68 10.24 12.67
N GLY B 133 46.48 9.66 12.67
CA GLY B 133 46.17 8.63 11.69
C GLY B 133 46.16 9.17 10.27
N THR B 134 45.67 10.40 10.09
CA THR B 134 45.73 11.04 8.77
C THR B 134 47.17 11.24 8.32
N ASN B 135 48.00 11.80 9.22
CA ASN B 135 49.42 11.97 8.92
C ASN B 135 50.07 10.64 8.57
N LEU B 136 49.79 9.61 9.39
CA LEU B 136 50.42 8.31 9.17
C LEU B 136 50.00 7.71 7.82
N TYR B 137 48.71 7.83 7.47
CA TYR B 137 48.24 7.24 6.22
C TYR B 137 48.92 7.89 5.01
N PHE B 138 48.94 9.23 4.97
CA PHE B 138 49.58 9.93 3.86
C PHE B 138 51.08 9.64 3.80
N ARG B 139 51.75 9.65 4.95
CA ARG B 139 53.20 9.58 4.96
C ARG B 139 53.70 8.16 4.65
N GLN B 140 53.07 7.14 5.24
CA GLN B 140 53.60 5.78 5.15
C GLN B 140 52.88 4.89 4.15
N VAL B 141 51.65 5.21 3.74
CA VAL B 141 50.87 4.36 2.84
C VAL B 141 50.67 5.02 1.48
N ALA B 142 50.01 6.18 1.45
CA ALA B 142 49.69 6.81 0.17
C ALA B 142 50.95 7.13 -0.62
N SER B 143 52.03 7.50 0.07
CA SER B 143 53.28 7.83 -0.59
C SER B 143 53.91 6.63 -1.29
N GLU B 144 53.51 5.41 -0.92
CA GLU B 144 54.03 4.21 -1.56
C GLU B 144 53.40 3.92 -2.92
N PHE B 145 52.35 4.65 -3.30
CA PHE B 145 51.61 4.34 -4.51
C PHE B 145 51.62 5.49 -5.50
N GLY B 146 52.80 6.09 -5.73
CA GLY B 146 52.94 7.12 -6.73
C GLY B 146 52.36 8.47 -6.38
N LEU B 147 52.00 8.68 -5.11
CA LEU B 147 51.48 9.96 -4.66
C LEU B 147 52.58 10.72 -3.91
N LYS B 148 52.67 12.01 -4.19
CA LYS B 148 53.64 12.88 -3.52
C LYS B 148 52.93 13.68 -2.43
N ILE B 149 53.54 13.73 -1.24
CA ILE B 149 52.92 14.29 -0.05
C ILE B 149 53.76 15.46 0.44
N SER B 150 53.12 16.60 0.67
CA SER B 150 53.77 17.78 1.23
C SER B 150 52.98 18.25 2.45
N PHE B 151 53.66 18.36 3.59
CA PHE B 151 53.05 18.87 4.81
C PHE B 151 53.44 20.34 5.00
N VAL B 152 52.45 21.23 4.98
CA VAL B 152 52.70 22.67 5.08
C VAL B 152 51.73 23.28 6.10
N ASP B 153 52.21 24.32 6.79
CA ASP B 153 51.35 25.12 7.67
C ASP B 153 50.41 25.98 6.84
N CYS B 154 49.20 25.47 6.59
CA CYS B 154 48.23 26.15 5.73
C CYS B 154 47.58 27.36 6.39
N SER B 155 47.97 27.74 7.59
CA SER B 155 47.49 29.00 8.17
C SER B 155 48.19 30.22 7.55
N LYS B 156 49.22 30.00 6.74
CA LYS B 156 50.01 31.07 6.15
C LYS B 156 50.09 30.86 4.64
N ILE B 157 50.05 31.96 3.90
CA ILE B 157 49.85 31.87 2.46
C ILE B 157 51.16 31.66 1.73
N LYS B 158 52.26 32.22 2.24
CA LYS B 158 53.56 32.06 1.60
C LYS B 158 53.96 30.59 1.49
N LEU B 159 53.73 29.82 2.56
CA LEU B 159 54.16 28.43 2.58
C LEU B 159 53.20 27.56 1.77
N LEU B 160 51.92 27.92 1.73
CA LEU B 160 50.92 27.12 1.02
C LEU B 160 51.08 27.26 -0.49
N GLU B 161 51.25 28.49 -0.98
CA GLU B 161 51.38 28.69 -2.42
C GLU B 161 52.74 28.19 -2.91
N ALA B 162 53.75 28.18 -2.03
CA ALA B 162 55.03 27.61 -2.41
C ALA B 162 54.94 26.09 -2.58
N ALA B 163 53.99 25.46 -1.88
CA ALA B 163 53.82 24.02 -1.99
C ALA B 163 52.95 23.62 -3.17
N ILE B 164 52.06 24.50 -3.63
CA ILE B 164 51.18 24.15 -4.73
C ILE B 164 51.98 24.03 -6.02
N THR B 165 51.84 22.87 -6.68
CA THR B 165 52.51 22.57 -7.94
C THR B 165 51.43 22.24 -8.96
N PRO B 166 51.75 22.17 -10.26
CA PRO B 166 50.75 21.72 -11.24
C PRO B 166 50.19 20.33 -10.95
N GLU B 167 50.92 19.48 -10.23
CA GLU B 167 50.46 18.15 -9.87
C GLU B 167 49.51 18.12 -8.68
N THR B 168 49.38 19.24 -7.95
CA THR B 168 48.54 19.25 -6.76
C THR B 168 47.09 19.01 -7.13
N LYS B 169 46.49 17.99 -6.53
CA LYS B 169 45.09 17.66 -6.78
C LYS B 169 44.25 17.59 -5.51
N LEU B 170 44.87 17.62 -4.33
CA LEU B 170 44.12 17.50 -3.09
C LEU B 170 44.80 18.32 -2.01
N VAL B 171 44.02 19.12 -1.29
CA VAL B 171 44.48 19.86 -0.13
C VAL B 171 43.62 19.43 1.05
N TRP B 172 44.25 18.83 2.05
CA TRP B 172 43.58 18.26 3.21
C TRP B 172 43.89 19.12 4.43
N ILE B 173 42.86 19.74 5.00
CA ILE B 173 43.04 20.56 6.19
C ILE B 173 42.05 20.15 7.28
N GLU B 174 42.42 20.50 8.51
CA GLU B 174 41.59 20.33 9.69
C GLU B 174 41.52 21.68 10.38
N THR B 175 40.35 22.05 10.86
CA THR B 175 40.22 23.29 11.62
C THR B 175 39.04 23.25 12.58
N PRO B 176 39.33 23.40 13.89
CA PRO B 176 40.68 23.54 14.44
C PRO B 176 41.44 22.22 14.37
N THR B 177 42.77 22.29 14.36
CA THR B 177 43.57 21.10 14.14
C THR B 177 43.61 20.23 15.39
N ASN B 178 43.88 18.94 15.18
CA ASN B 178 43.98 17.97 16.25
C ASN B 178 45.47 17.67 16.44
N PRO B 179 46.05 18.01 17.61
CA PRO B 179 45.41 18.52 18.83
C PRO B 179 45.69 19.97 19.23
N THR B 180 46.54 20.70 18.49
CA THR B 180 46.91 22.04 18.93
C THR B 180 45.87 23.09 18.54
N GLN B 181 44.86 22.70 17.76
CA GLN B 181 43.71 23.57 17.44
C GLN B 181 44.15 24.87 16.77
N LYS B 182 45.10 24.78 15.84
CA LYS B 182 45.31 25.88 14.92
C LYS B 182 44.07 26.04 14.06
N VAL B 183 43.72 27.28 13.74
CA VAL B 183 42.52 27.58 12.96
C VAL B 183 42.94 28.10 11.60
N ILE B 184 42.30 27.60 10.55
CA ILE B 184 42.62 27.95 9.18
C ILE B 184 41.42 28.70 8.60
N ASP B 185 41.71 29.83 7.94
CA ASP B 185 40.71 30.57 7.19
C ASP B 185 40.24 29.71 6.03
N ILE B 186 39.08 29.06 6.20
CA ILE B 186 38.61 28.11 5.20
C ILE B 186 38.32 28.82 3.87
N GLU B 187 37.60 29.94 3.94
CA GLU B 187 37.25 30.66 2.72
C GLU B 187 38.49 31.23 2.05
N GLY B 188 39.43 31.78 2.83
CA GLY B 188 40.68 32.24 2.25
C GLY B 188 41.48 31.09 1.64
N CYS B 189 41.55 29.97 2.35
CA CYS B 189 42.23 28.78 1.80
C CYS B 189 41.57 28.32 0.52
N ALA B 190 40.24 28.28 0.50
CA ALA B 190 39.52 27.81 -0.68
C ALA B 190 39.78 28.70 -1.88
N HIS B 191 39.77 30.02 -1.66
CA HIS B 191 39.99 30.96 -2.77
C HIS B 191 41.36 30.74 -3.40
N ILE B 192 42.39 30.53 -2.58
CA ILE B 192 43.72 30.29 -3.10
C ILE B 192 43.80 28.94 -3.81
N VAL B 193 43.18 27.91 -3.23
CA VAL B 193 43.25 26.58 -3.80
C VAL B 193 42.49 26.53 -5.13
N HIS B 194 41.37 27.24 -5.21
CA HIS B 194 40.51 27.16 -6.39
C HIS B 194 40.95 28.07 -7.53
N LYS B 195 42.05 28.80 -7.38
CA LYS B 195 42.56 29.59 -8.49
C LYS B 195 43.34 28.73 -9.48
N HIS B 196 43.97 27.65 -8.99
CA HIS B 196 44.93 26.87 -9.77
C HIS B 196 44.27 25.75 -10.57
N GLY B 197 42.96 25.79 -10.77
CA GLY B 197 42.31 24.78 -11.58
C GLY B 197 41.60 23.68 -10.81
N ASP B 198 41.91 22.43 -11.12
CA ASP B 198 41.12 21.30 -10.63
C ASP B 198 41.77 20.70 -9.38
N ILE B 199 41.55 21.36 -8.24
CA ILE B 199 42.11 20.92 -6.96
C ILE B 199 40.98 20.76 -5.95
N ILE B 200 41.02 19.65 -5.20
CA ILE B 200 40.00 19.32 -4.20
C ILE B 200 40.45 19.84 -2.84
N LEU B 201 39.58 20.60 -2.18
CA LEU B 201 39.82 21.07 -0.82
C LEU B 201 38.91 20.30 0.14
N VAL B 202 39.52 19.52 1.02
CA VAL B 202 38.79 18.79 2.05
C VAL B 202 39.01 19.51 3.38
N VAL B 203 37.94 19.73 4.13
CA VAL B 203 38.04 20.21 5.49
C VAL B 203 37.52 19.10 6.39
N ASP B 204 38.41 18.57 7.22
CA ASP B 204 38.02 17.63 8.26
C ASP B 204 37.38 18.45 9.38
N ASN B 205 36.04 18.38 9.46
CA ASN B 205 35.25 19.20 10.36
C ASN B 205 34.89 18.45 11.64
N THR B 206 35.70 17.46 12.01
CA THR B 206 35.38 16.59 13.13
C THR B 206 35.26 17.37 14.43
N PHE B 207 36.17 18.31 14.67
CA PHE B 207 36.21 19.00 15.96
C PHE B 207 35.02 19.92 16.16
N MET B 208 34.47 20.49 15.08
CA MET B 208 33.42 21.48 15.21
C MET B 208 32.01 20.93 15.05
N SER B 209 31.82 19.93 14.17
CA SER B 209 30.53 19.41 13.72
C SER B 209 29.82 20.42 12.84
N PRO B 210 28.86 20.01 12.00
CA PRO B 210 28.18 20.98 11.14
C PRO B 210 27.29 21.95 11.90
N TYR B 211 27.04 21.72 13.19
CA TYR B 211 26.27 22.68 13.97
C TYR B 211 27.03 23.98 14.17
N PHE B 212 28.36 23.92 14.22
CA PHE B 212 29.18 25.10 14.49
C PHE B 212 29.98 25.59 13.30
N GLN B 213 30.18 24.76 12.27
CA GLN B 213 31.00 25.15 11.14
C GLN B 213 30.54 24.38 9.90
N ARG B 214 30.33 25.10 8.80
CA ARG B 214 29.88 24.50 7.54
C ARG B 214 30.94 24.76 6.47
N PRO B 215 31.94 23.89 6.35
CA PRO B 215 33.01 24.15 5.37
C PRO B 215 32.53 24.33 3.95
N LEU B 216 31.45 23.65 3.55
CA LEU B 216 30.94 23.81 2.19
C LEU B 216 30.39 25.21 1.95
N ALA B 217 29.79 25.83 2.98
CA ALA B 217 29.34 27.20 2.83
C ALA B 217 30.49 28.18 2.72
N LEU B 218 31.70 27.77 3.10
CA LEU B 218 32.88 28.63 3.08
C LEU B 218 33.78 28.37 1.87
N GLY B 219 33.36 27.52 0.94
CA GLY B 219 34.12 27.30 -0.28
C GLY B 219 34.82 25.97 -0.38
N ALA B 220 34.78 25.14 0.66
CA ALA B 220 35.38 23.82 0.58
C ALA B 220 34.62 22.94 -0.40
N ASP B 221 35.33 21.97 -0.98
CA ASP B 221 34.70 21.00 -1.86
C ASP B 221 34.13 19.82 -1.09
N ILE B 222 34.74 19.45 0.03
CA ILE B 222 34.33 18.30 0.82
C ILE B 222 34.34 18.70 2.29
N SER B 223 33.24 18.40 2.98
CA SER B 223 33.19 18.45 4.44
C SER B 223 33.20 17.02 4.94
N MET B 224 34.26 16.65 5.65
CA MET B 224 34.50 15.28 6.08
C MET B 224 34.48 15.21 7.60
N TYR B 225 34.02 14.07 8.13
CA TYR B 225 33.97 13.88 9.57
C TYR B 225 34.44 12.48 9.93
N SER B 226 35.09 12.40 11.09
CA SER B 226 35.05 11.17 11.87
C SER B 226 33.75 11.24 12.66
N ALA B 227 32.72 10.57 12.16
CA ALA B 227 31.45 10.51 12.86
C ALA B 227 31.56 9.81 14.20
N THR B 228 32.66 9.11 14.42
CA THR B 228 32.99 8.48 15.69
C THR B 228 32.95 9.48 16.84
N TYR B 230 31.84 13.70 17.51
CA TYR B 230 30.63 14.44 17.86
C TYR B 230 29.37 14.01 17.11
N MET B 231 29.52 13.67 15.82
CA MET B 231 28.36 13.38 14.98
C MET B 231 27.47 12.32 15.62
N ASN B 232 28.03 11.15 15.90
CA ASN B 232 27.30 10.15 16.68
C ASN B 232 27.19 10.58 18.13
N GLY B 233 28.30 11.02 18.72
CA GLY B 233 28.32 11.62 20.03
C GLY B 233 28.13 10.68 21.20
N HIS B 234 28.05 9.37 20.98
CA HIS B 234 27.76 8.44 22.07
C HIS B 234 28.82 7.36 22.22
N SER B 235 30.01 7.57 21.62
CA SER B 235 31.18 6.72 21.89
C SER B 235 30.89 5.25 21.65
N ASP B 236 30.04 4.95 20.67
CA ASP B 236 29.65 3.57 20.44
C ASP B 236 29.50 3.25 18.94
N VAL B 237 30.04 4.11 18.07
CA VAL B 237 29.98 3.93 16.63
C VAL B 237 31.29 4.43 16.04
N VAL B 238 31.95 3.61 15.23
CA VAL B 238 33.08 4.04 14.42
C VAL B 238 32.55 4.29 13.01
N MET B 239 32.74 5.50 12.50
CA MET B 239 32.12 5.84 11.23
C MET B 239 32.75 7.10 10.66
N GLY B 240 32.77 7.19 9.33
CA GLY B 240 33.18 8.40 8.65
C GLY B 240 32.05 8.94 7.78
N LEU B 241 32.06 10.25 7.56
CA LEU B 241 31.04 10.91 6.76
C LEU B 241 31.72 11.88 5.81
N VAL B 242 31.19 11.98 4.58
CA VAL B 242 31.77 12.83 3.54
C VAL B 242 30.63 13.55 2.83
N SER B 243 30.56 14.86 2.97
CA SER B 243 29.53 15.67 2.33
C SER B 243 30.14 16.51 1.22
N VAL B 244 29.41 16.64 0.12
CA VAL B 244 29.92 17.26 -1.11
C VAL B 244 28.75 17.87 -1.88
N ASN B 245 29.04 18.88 -2.69
CA ASN B 245 28.07 19.51 -3.59
C ASN B 245 28.30 19.19 -5.06
N CYS B 246 29.56 19.17 -5.50
CA CYS B 246 29.86 19.01 -6.91
C CYS B 246 29.36 17.66 -7.43
N GLU B 247 28.72 17.70 -8.60
CA GLU B 247 28.10 16.49 -9.15
C GLU B 247 29.14 15.44 -9.53
N SER B 248 30.14 15.85 -10.30
CA SER B 248 31.16 14.89 -10.72
C SER B 248 31.95 14.36 -9.53
N LEU B 249 32.22 15.22 -8.55
CA LEU B 249 32.92 14.78 -7.35
C LEU B 249 32.08 13.77 -6.58
N HIS B 250 30.76 13.97 -6.55
CA HIS B 250 29.89 13.02 -5.88
C HIS B 250 29.87 11.68 -6.63
N ASN B 251 29.80 11.72 -7.96
CA ASN B 251 29.74 10.47 -8.72
C ASN B 251 31.00 9.65 -8.54
N ARG B 252 32.17 10.30 -8.54
CA ARG B 252 33.41 9.56 -8.32
C ARG B 252 33.48 9.00 -6.91
N LEU B 253 33.02 9.75 -5.91
CA LEU B 253 33.04 9.25 -4.54
C LEU B 253 32.05 8.11 -4.37
N ARG B 254 30.86 8.24 -4.96
CA ARG B 254 29.87 7.17 -4.88
C ARG B 254 30.38 5.90 -5.54
N PHE B 255 31.08 6.04 -6.67
CA PHE B 255 31.71 4.89 -7.30
C PHE B 255 32.70 4.21 -6.36
N LEU B 256 33.50 5.00 -5.65
CA LEU B 256 34.52 4.45 -4.78
C LEU B 256 33.94 3.89 -3.48
N GLN B 257 32.82 4.44 -3.02
CA GLN B 257 32.14 3.86 -1.86
C GLN B 257 31.73 2.42 -2.13
N ASN B 258 31.18 2.15 -3.32
CA ASN B 258 30.75 0.80 -3.68
C ASN B 258 31.93 -0.07 -4.08
N SER B 259 32.90 0.49 -4.82
CA SER B 259 33.96 -0.33 -5.41
C SER B 259 35.06 -0.68 -4.40
N LEU B 260 35.32 0.19 -3.43
CA LEU B 260 36.26 -0.12 -2.36
C LEU B 260 35.59 -0.77 -1.17
N GLY B 261 34.29 -0.56 -0.99
CA GLY B 261 33.54 -1.31 0.00
C GLY B 261 33.83 -1.01 1.46
N ALA B 262 34.39 0.16 1.77
CA ALA B 262 34.61 0.55 3.16
C ALA B 262 33.33 1.17 3.74
N VAL B 263 32.28 0.35 3.79
CA VAL B 263 30.93 0.81 4.08
C VAL B 263 30.58 0.55 5.54
N PRO B 264 29.67 1.34 6.13
CA PRO B 264 29.27 1.14 7.51
C PRO B 264 28.13 0.12 7.64
N SER B 265 28.06 -0.48 8.82
CA SER B 265 26.94 -1.34 9.14
C SER B 265 25.64 -0.54 9.15
N PRO B 266 24.54 -1.11 8.64
CA PRO B 266 23.25 -0.43 8.77
C PRO B 266 22.86 -0.16 10.21
N ILE B 267 23.28 -1.01 11.15
CA ILE B 267 22.99 -0.75 12.57
C ILE B 267 23.75 0.47 13.05
N ASP B 268 25.03 0.58 12.70
CA ASP B 268 25.81 1.76 13.04
C ASP B 268 25.21 3.01 12.41
N CYS B 269 24.69 2.89 11.18
CA CYS B 269 24.00 4.01 10.56
C CYS B 269 22.80 4.45 11.39
N TYR B 270 22.02 3.48 11.87
CA TYR B 270 20.89 3.81 12.72
C TYR B 270 21.34 4.52 13.99
N LEU B 271 22.37 3.98 14.64
CA LEU B 271 22.87 4.57 15.89
C LEU B 271 23.40 5.97 15.66
N CYS B 272 24.14 6.18 14.57
CA CYS B 272 24.64 7.53 14.28
C CYS B 272 23.49 8.49 13.98
N ASN B 273 22.51 8.05 13.19
CA ASN B 273 21.36 8.89 12.91
C ASN B 273 20.59 9.21 14.19
N ARG B 274 20.52 8.24 15.11
CA ARG B 274 19.90 8.47 16.41
C ARG B 274 20.67 9.54 17.18
N GLY B 275 22.00 9.43 17.19
CA GLY B 275 22.81 10.46 17.85
C GLY B 275 22.64 11.83 17.25
N LEU B 276 22.43 11.90 15.93
CA LEU B 276 22.25 13.19 15.27
C LEU B 276 21.03 13.94 15.81
N LYS B 277 20.02 13.22 16.30
CA LYS B 277 18.79 13.86 16.75
C LYS B 277 19.00 14.76 17.97
N THR B 278 20.09 14.58 18.70
CA THR B 278 20.43 15.44 19.85
C THR B 278 21.69 16.27 19.61
N LEU B 279 22.20 16.30 18.37
CA LEU B 279 23.45 17.00 18.10
C LEU B 279 23.38 18.46 18.53
N HIS B 280 22.26 19.14 18.26
CA HIS B 280 22.17 20.55 18.59
C HIS B 280 22.23 20.78 20.10
N VAL B 281 21.47 20.01 20.88
CA VAL B 281 21.47 20.24 22.33
C VAL B 281 22.75 19.72 22.95
N ARG B 282 23.39 18.71 22.36
CA ARG B 282 24.68 18.25 22.85
C ARG B 282 25.76 19.29 22.60
N MET B 283 25.87 19.77 21.36
CA MET B 283 26.93 20.72 21.03
C MET B 283 26.80 22.01 21.84
N GLU B 284 25.56 22.47 22.08
CA GLU B 284 25.38 23.65 22.91
C GLU B 284 25.90 23.44 24.33
N LYS B 285 25.69 22.23 24.87
CA LYS B 285 26.21 21.94 26.20
C LYS B 285 27.73 21.77 26.18
N HIS B 286 28.26 21.15 25.13
CA HIS B 286 29.71 21.11 24.96
C HIS B 286 30.30 22.51 24.91
N PHE B 287 29.61 23.43 24.23
CA PHE B 287 30.09 24.81 24.15
C PHE B 287 30.11 25.45 25.53
N LYS B 288 29.00 25.32 26.27
CA LYS B 288 28.92 25.95 27.58
C LYS B 288 29.91 25.33 28.55
N ASN B 289 29.99 23.98 28.59
CA ASN B 289 30.96 23.33 29.45
C ASN B 289 32.38 23.59 28.98
N GLY B 290 32.61 23.53 27.66
CA GLY B 290 33.94 23.77 27.15
C GLY B 290 34.46 25.16 27.45
N MET B 291 33.60 26.17 27.30
CA MET B 291 33.97 27.54 27.63
C MET B 291 34.33 27.67 29.10
N ALA B 292 33.50 27.08 29.97
CA ALA B 292 33.75 27.18 31.41
C ALA B 292 35.06 26.51 31.79
N VAL B 293 35.35 25.35 31.20
CA VAL B 293 36.62 24.67 31.47
C VAL B 293 37.78 25.53 31.00
N ALA B 294 37.67 26.08 29.79
CA ALA B 294 38.76 26.88 29.23
C ALA B 294 39.05 28.11 30.09
N GLN B 295 37.99 28.79 30.56
CA GLN B 295 38.21 29.96 31.41
C GLN B 295 38.83 29.57 32.75
N PHE B 296 38.37 28.45 33.34
CA PHE B 296 38.95 27.99 34.60
C PHE B 296 40.43 27.67 34.42
N LEU B 297 40.78 26.95 33.35
CA LEU B 297 42.16 26.58 33.13
C LEU B 297 43.03 27.81 32.90
N GLU B 298 42.51 28.80 32.17
CA GLU B 298 43.33 29.96 31.83
C GLU B 298 43.66 30.81 33.06
N SER B 299 42.77 30.86 34.05
CA SER B 299 43.04 31.59 35.28
C SER B 299 43.67 30.73 36.37
N ASN B 300 43.97 29.47 36.08
CA ASN B 300 44.53 28.57 37.08
C ASN B 300 46.04 28.78 37.18
N PRO B 301 46.59 28.91 38.40
CA PRO B 301 48.03 29.21 38.53
C PRO B 301 48.94 28.06 38.11
N TRP B 302 48.40 26.89 37.80
CA TRP B 302 49.21 25.74 37.43
C TRP B 302 49.09 25.39 35.96
N VAL B 303 48.54 26.30 35.14
CA VAL B 303 48.33 26.07 33.72
C VAL B 303 49.19 27.06 32.94
N GLU B 304 50.01 26.54 32.03
CA GLU B 304 50.93 27.40 31.29
C GLU B 304 50.20 28.23 30.24
N LYS B 305 49.28 27.61 29.51
CA LYS B 305 48.67 28.21 28.33
C LYS B 305 47.44 27.38 27.98
N VAL B 306 46.41 28.06 27.50
CA VAL B 306 45.18 27.39 27.07
C VAL B 306 44.93 27.72 25.61
N ILE B 307 44.55 26.71 24.84
CA ILE B 307 44.17 26.88 23.45
C ILE B 307 42.72 26.46 23.33
N TYR B 308 41.82 27.44 23.25
CA TYR B 308 40.41 27.17 23.03
C TYR B 308 39.85 28.23 22.09
N PRO B 309 39.28 27.81 20.95
CA PRO B 309 38.79 28.80 19.97
C PRO B 309 37.80 29.79 20.55
N GLY B 310 37.05 29.41 21.59
CA GLY B 310 36.11 30.33 22.20
C GLY B 310 36.72 31.41 23.07
N LEU B 311 38.04 31.27 23.46
CA LEU B 311 38.66 32.30 24.29
C LEU B 311 39.24 33.41 23.43
N PRO B 312 39.12 34.67 23.86
CA PRO B 312 39.79 35.77 23.13
C PRO B 312 41.29 35.58 23.03
N SER B 313 41.91 34.79 23.91
CA SER B 313 43.34 34.56 23.86
C SER B 313 43.77 33.67 22.69
N HIS B 314 42.82 33.00 22.04
CA HIS B 314 43.17 32.16 20.90
C HIS B 314 43.65 33.03 19.76
N PRO B 315 44.78 32.71 19.13
CA PRO B 315 45.35 33.62 18.11
C PRO B 315 44.41 33.87 16.93
N GLN B 316 43.51 32.94 16.62
CA GLN B 316 42.55 33.11 15.52
C GLN B 316 41.12 33.27 16.03
N HIS B 317 40.94 33.80 17.25
CA HIS B 317 39.60 33.89 17.83
C HIS B 317 38.67 34.71 16.94
N GLU B 318 39.16 35.84 16.42
CA GLU B 318 38.34 36.67 15.54
C GLU B 318 37.98 35.90 14.26
N LEU B 319 38.93 35.16 13.70
CA LEU B 319 38.62 34.31 12.55
C LEU B 319 37.60 33.24 12.92
N VAL B 320 37.70 32.69 14.13
CA VAL B 320 36.72 31.70 14.59
C VAL B 320 35.31 32.30 14.56
N LYS B 321 35.16 33.54 15.06
CA LYS B 321 33.83 34.13 15.10
C LYS B 321 33.30 34.44 13.72
N ARG B 322 34.18 34.64 12.73
CA ARG B 322 33.71 34.96 11.39
C ARG B 322 33.28 33.73 10.61
N GLN B 323 33.83 32.55 10.90
CA GLN B 323 33.52 31.35 10.15
C GLN B 323 32.82 30.27 10.96
N CYS B 324 32.49 30.54 12.23
CA CYS B 324 31.81 29.56 13.08
C CYS B 324 30.64 30.21 13.82
N THR B 325 29.66 29.39 14.20
CA THR B 325 28.53 29.84 15.00
C THR B 325 28.73 29.60 16.50
N GLY B 326 29.83 28.96 16.88
CA GLY B 326 30.08 28.62 18.26
C GLY B 326 31.28 27.70 18.33
N CYS B 327 31.49 27.11 19.50
CA CYS B 327 32.65 26.24 19.64
C CYS B 327 32.29 24.99 20.42
N THR B 328 33.17 24.01 20.32
CA THR B 328 32.94 22.68 20.83
C THR B 328 33.52 22.50 22.24
N GLY B 329 33.55 21.25 22.73
CA GLY B 329 34.10 20.90 24.01
C GLY B 329 35.57 20.53 24.03
N MET B 330 36.25 20.59 22.89
CA MET B 330 37.66 20.26 22.82
C MET B 330 38.48 21.42 23.41
N VAL B 331 39.16 21.16 24.51
CA VAL B 331 39.99 22.15 25.18
C VAL B 331 41.42 21.61 25.25
N THR B 332 42.36 22.36 24.69
CA THR B 332 43.77 22.02 24.71
C THR B 332 44.51 23.00 25.60
N PHE B 333 45.42 22.49 26.43
CA PHE B 333 46.19 23.37 27.30
C PHE B 333 47.53 22.72 27.61
N TYR B 334 48.47 23.58 28.03
CA TYR B 334 49.77 23.15 28.49
C TYR B 334 49.82 23.32 30.00
N ILE B 335 50.17 22.25 30.69
CA ILE B 335 50.34 22.31 32.14
C ILE B 335 51.74 22.86 32.47
N LYS B 336 51.83 23.57 33.59
CA LYS B 336 53.13 24.03 34.06
C LYS B 336 53.96 22.86 34.56
N GLY B 337 55.27 23.05 34.55
CA GLY B 337 56.15 21.99 34.98
C GLY B 337 56.72 21.13 33.85
N THR B 338 56.73 19.81 34.05
CA THR B 338 57.38 18.90 33.12
C THR B 338 56.45 17.80 32.62
N LEU B 339 57.00 16.82 31.90
CA LEU B 339 56.20 15.69 31.42
C LEU B 339 55.49 14.98 32.56
N GLN B 340 56.16 14.86 33.71
CA GLN B 340 55.62 14.06 34.81
C GLN B 340 54.52 14.78 35.56
N HIS B 341 54.56 16.12 35.61
CA HIS B 341 53.44 16.86 36.16
C HIS B 341 52.17 16.64 35.33
N ALA B 342 52.32 16.59 34.00
CA ALA B 342 51.18 16.30 33.14
C ALA B 342 50.62 14.91 33.43
N GLU B 343 51.50 13.93 33.65
CA GLU B 343 51.06 12.57 33.96
C GLU B 343 50.39 12.50 35.32
N ILE B 344 50.95 13.16 36.33
CA ILE B 344 50.33 13.15 37.66
C ILE B 344 48.93 13.75 37.59
N PHE B 345 48.77 14.85 36.87
CA PHE B 345 47.45 15.45 36.67
C PHE B 345 46.48 14.45 36.05
N LEU B 346 46.91 13.80 34.97
CA LEU B 346 46.02 12.89 34.23
C LEU B 346 45.58 11.72 35.10
N LYS B 347 46.49 11.17 35.91
CA LYS B 347 46.18 10.01 36.72
C LYS B 347 45.46 10.37 38.02
N ASN B 348 45.31 11.65 38.32
CA ASN B 348 44.59 12.08 39.52
C ASN B 348 43.14 12.45 39.22
N LEU B 349 42.75 12.48 37.95
CA LEU B 349 41.38 12.75 37.57
C LEU B 349 40.46 11.64 38.05
N LYS B 350 39.28 12.02 38.53
CA LYS B 350 38.28 11.08 39.01
C LYS B 350 36.96 11.15 38.24
N LEU B 351 36.77 12.17 37.41
CA LEU B 351 35.59 12.30 36.55
C LEU B 351 35.96 12.26 35.07
N PHE B 352 36.90 13.09 34.65
CA PHE B 352 37.52 12.90 33.34
C PHE B 352 38.15 11.52 33.28
N THR B 353 37.92 10.82 32.17
CA THR B 353 38.48 9.49 31.97
C THR B 353 39.67 9.58 31.02
N LEU B 354 40.78 8.96 31.42
CA LEU B 354 41.99 8.89 30.60
C LEU B 354 41.77 7.92 29.46
N ALA B 355 41.56 8.45 28.26
CA ALA B 355 41.27 7.62 27.10
C ALA B 355 41.40 8.47 25.84
N VAL B 356 41.58 7.80 24.70
CA VAL B 356 41.64 8.48 23.42
C VAL B 356 40.21 8.69 22.92
N SER B 357 40.07 9.25 21.71
CA SER B 357 38.80 9.63 21.10
C SER B 357 38.23 10.85 21.80
N LEU B 358 37.11 11.37 21.30
CA LEU B 358 36.53 12.61 21.79
C LEU B 358 35.11 12.70 21.26
N GLY B 359 34.41 13.76 21.66
CA GLY B 359 33.10 14.06 21.11
C GLY B 359 31.94 13.32 21.72
N GLY B 360 32.17 12.51 22.76
CA GLY B 360 31.11 11.78 23.41
C GLY B 360 30.50 12.56 24.56
N PHE B 361 29.44 11.98 25.14
CA PHE B 361 28.78 12.61 26.28
C PHE B 361 29.67 12.65 27.52
N GLU B 362 30.68 11.80 27.59
CA GLU B 362 31.54 11.69 28.76
C GLU B 362 32.83 12.48 28.56
N SER B 363 33.33 13.07 29.64
CA SER B 363 34.55 13.86 29.57
C SER B 363 35.78 12.97 29.51
N LEU B 364 36.70 13.28 28.62
CA LEU B 364 37.93 12.51 28.43
C LEU B 364 39.14 13.42 28.53
N ALA B 365 40.27 12.83 28.93
CA ALA B 365 41.56 13.52 28.97
C ALA B 365 42.62 12.63 28.37
N GLU B 366 43.64 13.25 27.76
CA GLU B 366 44.61 12.51 26.97
C GLU B 366 45.87 13.35 26.80
N LEU B 367 47.02 12.66 26.69
CA LEU B 367 48.30 13.31 26.40
C LEU B 367 48.70 12.98 24.96
N PRO B 368 48.51 13.89 24.01
CA PRO B 368 48.69 13.55 22.58
C PRO B 368 50.08 13.05 22.20
N ALA B 369 51.13 13.47 22.89
CA ALA B 369 52.48 13.10 22.47
C ALA B 369 52.69 11.58 22.56
N ILE B 370 52.15 10.95 23.60
CA ILE B 370 52.31 9.52 23.80
C ILE B 370 51.10 8.67 23.37
N MET B 371 49.91 9.27 23.24
CA MET B 371 48.71 8.46 23.06
C MET B 371 48.12 8.53 21.65
N THR B 372 47.81 9.71 21.13
CA THR B 372 47.22 9.77 19.79
C THR B 372 48.26 10.13 18.73
N HIS B 373 48.76 11.36 18.76
CA HIS B 373 49.79 11.75 17.80
C HIS B 373 51.17 11.19 18.14
N ALA B 374 51.21 9.97 18.66
CA ALA B 374 52.46 9.25 18.80
C ALA B 374 52.95 8.68 17.47
N SER B 375 52.10 8.68 16.44
CA SER B 375 52.47 8.19 15.12
C SER B 375 53.10 9.26 14.24
N VAL B 376 52.96 10.54 14.60
CA VAL B 376 53.70 11.61 13.94
C VAL B 376 55.13 11.59 14.48
N LEU B 377 56.10 11.70 13.58
CA LEU B 377 57.50 11.67 13.98
C LEU B 377 57.79 12.75 15.02
N LYS B 378 58.79 12.48 15.87
CA LYS B 378 59.04 13.37 17.00
C LYS B 378 59.45 14.77 16.54
N ASN B 379 60.28 14.85 15.50
CA ASN B 379 60.74 16.15 15.03
C ASN B 379 59.58 17.03 14.59
N ASP B 380 58.56 16.42 13.95
CA ASP B 380 57.41 17.19 13.50
C ASP B 380 56.52 17.60 14.67
N ARG B 381 56.44 16.78 15.71
CA ARG B 381 55.58 17.12 16.85
C ARG B 381 56.19 18.25 17.68
N ASP B 382 57.52 18.36 17.70
CA ASP B 382 58.15 19.46 18.43
C ASP B 382 58.00 20.78 17.69
N VAL B 383 58.06 20.73 16.35
CA VAL B 383 57.85 21.93 15.53
C VAL B 383 56.43 22.43 15.67
N LEU B 384 55.48 21.53 15.87
CA LEU B 384 54.06 21.87 15.96
C LEU B 384 53.61 22.18 17.38
N GLY B 385 54.48 22.04 18.37
CA GLY B 385 54.11 22.35 19.74
C GLY B 385 53.42 21.22 20.47
N ILE B 386 53.50 19.99 19.97
CA ILE B 386 52.92 18.83 20.68
C ILE B 386 54.01 18.36 21.63
N SER B 387 54.09 19.03 22.78
CA SER B 387 55.17 18.85 23.73
C SER B 387 54.78 17.88 24.85
N ASP B 388 55.71 17.67 25.78
CA ASP B 388 55.51 16.76 26.89
C ASP B 388 54.42 17.24 27.85
N THR B 389 54.10 18.54 27.85
CA THR B 389 53.11 19.08 28.76
C THR B 389 51.77 19.40 28.10
N LEU B 390 51.61 19.13 26.80
CA LEU B 390 50.34 19.42 26.14
C LEU B 390 49.32 18.35 26.51
N ILE B 391 48.15 18.80 26.94
CA ILE B 391 47.06 17.92 27.33
C ILE B 391 45.80 18.35 26.56
N ARG B 392 45.07 17.36 26.04
CA ARG B 392 43.86 17.59 25.29
C ARG B 392 42.66 17.06 26.07
N LEU B 393 41.66 17.92 26.27
CA LEU B 393 40.44 17.55 26.96
C LEU B 393 39.28 17.48 25.99
N SER B 394 38.47 16.45 26.12
CA SER B 394 37.17 16.37 25.46
C SER B 394 36.14 16.58 26.56
N VAL B 395 35.65 17.81 26.68
CA VAL B 395 34.73 18.17 27.75
C VAL B 395 33.35 17.63 27.39
N GLY B 396 32.77 16.82 28.27
CA GLY B 396 31.49 16.19 28.04
C GLY B 396 30.32 16.98 28.56
N LEU B 397 29.23 16.26 28.84
CA LEU B 397 27.94 16.86 29.17
C LEU B 397 27.62 16.77 30.66
N GLU B 398 28.60 16.44 31.51
CA GLU B 398 28.35 16.37 32.94
C GLU B 398 28.08 17.76 33.50
N ASP B 399 27.68 17.80 34.77
CA ASP B 399 27.44 19.08 35.44
C ASP B 399 28.71 19.89 35.49
N GLU B 400 28.61 21.17 35.12
CA GLU B 400 29.79 22.04 35.04
C GLU B 400 30.59 22.03 36.33
N GLU B 401 29.92 22.16 37.48
CA GLU B 401 30.62 22.24 38.76
C GLU B 401 31.46 20.99 39.01
N ASP B 402 30.96 19.82 38.61
CA ASP B 402 31.69 18.58 38.85
C ASP B 402 32.94 18.51 37.99
N LEU B 403 32.86 18.99 36.74
CA LEU B 403 34.02 18.98 35.86
C LEU B 403 35.10 19.92 36.37
N LEU B 404 34.72 21.13 36.80
CA LEU B 404 35.70 22.08 37.30
C LEU B 404 36.39 21.55 38.55
N GLU B 405 35.63 20.92 39.45
CA GLU B 405 36.21 20.40 40.68
C GLU B 405 37.19 19.26 40.40
N ASP B 406 36.89 18.42 39.43
CA ASP B 406 37.82 17.35 39.07
C ASP B 406 39.13 17.94 38.55
N LEU B 407 39.05 18.92 37.67
CA LEU B 407 40.25 19.59 37.17
C LEU B 407 40.98 20.30 38.30
N ASP B 408 40.23 20.91 39.23
CA ASP B 408 40.84 21.64 40.33
C ASP B 408 41.70 20.73 41.20
N GLN B 409 41.11 19.61 41.65
CA GLN B 409 41.83 18.72 42.56
C GLN B 409 42.99 18.02 41.85
N ALA B 410 42.83 17.73 40.55
CA ALA B 410 43.90 17.04 39.83
C ALA B 410 45.10 17.96 39.60
N LEU B 411 44.85 19.24 39.34
CA LEU B 411 45.96 20.18 39.18
C LEU B 411 46.69 20.43 40.51
N LYS B 412 45.95 20.47 41.62
CA LYS B 412 46.62 20.65 42.90
C LYS B 412 47.45 19.45 43.29
N ALA B 413 47.02 18.25 42.89
CA ALA B 413 47.80 17.04 43.13
C ALA B 413 49.12 17.07 42.36
N ALA B 414 49.11 17.60 41.13
CA ALA B 414 50.33 17.67 40.33
C ALA B 414 51.30 18.70 40.88
N HIS B 415 50.82 19.73 41.56
CA HIS B 415 51.67 20.74 42.18
C HIS B 415 51.19 20.96 43.62
N PRO B 416 51.71 20.17 44.57
CA PRO B 416 51.35 20.32 45.98
C PRO B 416 51.99 21.55 46.62
N GLY C 27 10.97 30.39 39.62
CA GLY C 27 10.77 30.06 41.02
C GLY C 27 10.48 28.58 41.24
N PHE C 28 11.01 27.74 40.36
CA PHE C 28 10.89 26.30 40.50
C PHE C 28 11.87 25.80 41.56
N LEU C 29 11.71 24.54 41.97
CA LEU C 29 12.71 23.91 42.82
C LEU C 29 14.07 23.95 42.12
N PRO C 30 15.16 24.15 42.86
CA PRO C 30 16.48 24.10 42.23
C PRO C 30 16.70 22.76 41.55
N HIS C 31 17.41 22.80 40.43
CA HIS C 31 17.70 21.57 39.69
C HIS C 31 18.48 20.62 40.58
N PHE C 32 18.18 19.33 40.44
CA PHE C 32 18.81 18.31 41.28
C PHE C 32 20.31 18.24 41.01
N GLN C 33 21.10 18.33 42.07
CA GLN C 33 22.56 18.36 41.92
C GLN C 33 23.09 17.04 41.36
N HIS C 34 24.12 17.15 40.53
CA HIS C 34 24.86 16.03 39.96
C HIS C 34 24.03 15.17 39.03
N PHE C 35 22.86 15.64 38.59
CA PHE C 35 21.98 14.81 37.77
C PHE C 35 22.67 14.38 36.48
N ALA C 36 23.22 15.35 35.73
CA ALA C 36 23.86 15.03 34.46
C ALA C 36 25.08 14.15 34.67
N THR C 37 25.89 14.48 35.68
CA THR C 37 27.06 13.67 35.98
C THR C 37 26.67 12.22 36.26
N GLN C 38 25.62 12.01 37.05
CA GLN C 38 25.21 10.65 37.41
C GLN C 38 24.56 9.92 36.25
N ALA C 39 23.77 10.64 35.43
CA ALA C 39 23.17 10.00 34.26
C ALA C 39 24.23 9.47 33.32
N ILE C 40 25.40 10.09 33.32
CA ILE C 40 26.46 9.69 32.40
C ILE C 40 27.38 8.63 33.01
N HIS C 41 27.50 8.58 34.34
CA HIS C 41 28.53 7.75 34.96
C HIS C 41 28.01 6.62 35.84
N VAL C 42 26.82 6.75 36.45
CA VAL C 42 26.36 5.71 37.36
C VAL C 42 26.04 4.45 36.57
N GLY C 43 26.59 3.31 37.02
CA GLY C 43 26.47 2.05 36.33
C GLY C 43 27.43 1.87 35.17
N GLN C 44 28.16 2.91 34.78
CA GLN C 44 29.00 2.89 33.58
C GLN C 44 30.48 2.78 33.90
N ASP C 45 30.83 2.40 35.13
CA ASP C 45 32.23 2.32 35.56
C ASP C 45 33.01 1.40 34.64
N PRO C 46 34.04 1.88 33.94
CA PRO C 46 34.81 1.00 33.05
C PRO C 46 35.46 -0.16 33.76
N GLU C 47 35.74 -0.02 35.06
CA GLU C 47 36.39 -1.08 35.82
C GLU C 47 35.52 -2.33 35.94
N GLN C 48 34.24 -2.26 35.59
CA GLN C 48 33.37 -3.43 35.60
C GLN C 48 33.78 -4.47 34.55
N TRP C 49 34.47 -4.06 33.50
CA TRP C 49 34.75 -4.91 32.35
C TRP C 49 36.23 -5.14 32.21
N THR C 50 36.61 -6.37 31.84
CA THR C 50 38.02 -6.68 31.62
C THR C 50 38.64 -5.77 30.57
N SER C 51 37.86 -5.33 29.58
CA SER C 51 38.35 -4.43 28.55
C SER C 51 38.46 -2.98 29.03
N ARG C 52 37.80 -2.63 30.14
CA ARG C 52 37.74 -1.25 30.63
C ARG C 52 37.04 -0.33 29.63
N ALA C 53 36.06 -0.87 28.92
CA ALA C 53 35.29 -0.07 27.98
C ALA C 53 34.58 1.07 28.70
N VAL C 54 34.59 2.27 28.09
CA VAL C 54 33.95 3.43 28.69
C VAL C 54 32.43 3.33 28.58
N VAL C 55 31.92 2.58 27.61
CA VAL C 55 30.50 2.32 27.45
C VAL C 55 30.26 0.85 27.75
N PRO C 56 29.29 0.51 28.62
CA PRO C 56 29.04 -0.89 28.97
C PRO C 56 28.68 -1.71 27.75
N PRO C 57 29.28 -2.90 27.60
CA PRO C 57 28.90 -3.77 26.49
C PRO C 57 27.46 -4.25 26.63
N ILE C 58 26.90 -4.68 25.49
CA ILE C 58 25.57 -5.29 25.45
C ILE C 58 25.73 -6.79 25.61
N SER C 59 25.30 -7.32 26.76
CA SER C 59 25.43 -8.75 27.04
C SER C 59 24.09 -9.42 26.74
N LEU C 60 24.02 -10.12 25.60
CA LEU C 60 22.81 -10.84 25.22
C LEU C 60 22.72 -12.20 25.88
N SER C 61 23.84 -12.73 26.37
CA SER C 61 23.92 -14.12 26.83
C SER C 61 22.80 -14.44 27.80
N THR C 62 22.08 -15.54 27.53
CA THR C 62 21.01 -15.96 28.41
C THR C 62 21.52 -16.61 29.68
N THR C 63 22.70 -17.22 29.64
CA THR C 63 23.21 -17.97 30.78
C THR C 63 24.69 -17.71 30.95
N PHE C 64 25.21 -18.14 32.09
CA PHE C 64 26.54 -17.76 32.54
C PHE C 64 27.21 -18.97 33.15
N LYS C 65 28.51 -19.12 32.87
CA LYS C 65 29.26 -20.25 33.39
C LYS C 65 29.32 -20.18 34.91
N GLN C 66 29.13 -21.33 35.55
CA GLN C 66 29.10 -21.43 37.00
C GLN C 66 30.46 -21.87 37.52
N GLY C 67 30.76 -21.43 38.74
CA GLY C 67 32.03 -21.76 39.38
C GLY C 67 32.29 -23.23 39.53
N SER C 73 31.04 -14.73 40.13
CA SER C 73 30.21 -15.01 41.30
C SER C 73 28.90 -14.23 41.24
N GLY C 74 28.49 -13.85 40.03
CA GLY C 74 27.39 -12.92 39.89
C GLY C 74 26.13 -13.45 39.24
N PHE C 75 26.09 -13.43 37.92
CA PHE C 75 24.89 -13.74 37.16
C PHE C 75 24.75 -15.24 36.92
N ASN C 76 23.50 -15.70 36.83
CA ASN C 76 23.23 -17.08 36.48
C ASN C 76 22.26 -17.23 35.32
N TYR C 77 21.27 -16.35 35.20
CA TYR C 77 20.28 -16.45 34.13
C TYR C 77 19.77 -15.05 33.79
N SER C 78 19.68 -14.78 32.48
CA SER C 78 19.43 -13.41 32.01
C SER C 78 18.15 -12.81 32.58
N ARG C 79 17.07 -13.60 32.65
CA ARG C 79 15.81 -13.08 33.16
C ARG C 79 15.94 -12.60 34.60
N SER C 80 16.75 -13.31 35.41
CA SER C 80 16.94 -12.96 36.81
C SER C 80 17.84 -11.75 36.98
N GLY C 81 18.71 -11.49 36.02
CA GLY C 81 19.64 -10.39 36.09
C GLY C 81 20.72 -10.54 35.04
N ASN C 82 21.15 -9.44 34.45
CA ASN C 82 22.19 -9.46 33.43
C ASN C 82 22.90 -8.12 33.47
N PRO C 83 24.16 -8.08 33.03
CA PRO C 83 24.97 -6.86 33.24
C PRO C 83 24.36 -5.60 32.67
N THR C 84 23.87 -5.64 31.42
CA THR C 84 23.39 -4.43 30.79
C THR C 84 22.14 -3.89 31.47
N ARG C 85 21.23 -4.77 31.87
CA ARG C 85 20.04 -4.32 32.61
C ARG C 85 20.43 -3.77 33.98
N ASN C 86 21.32 -4.45 34.68
CA ASN C 86 21.73 -4.01 36.00
C ASN C 86 22.38 -2.62 35.94
N CYS C 87 23.17 -2.37 34.90
CA CYS C 87 23.77 -1.05 34.73
C CYS C 87 22.69 0.01 34.56
N LEU C 88 21.69 -0.26 33.73
CA LEU C 88 20.60 0.69 33.54
C LEU C 88 19.87 0.94 34.86
N GLU C 89 19.52 -0.15 35.57
CA GLU C 89 18.78 -0.02 36.81
C GLU C 89 19.52 0.83 37.83
N LYS C 90 20.84 0.66 37.93
CA LYS C 90 21.60 1.49 38.84
C LYS C 90 21.54 2.96 38.42
N ALA C 91 21.64 3.22 37.11
CA ALA C 91 21.60 4.59 36.62
C ALA C 91 20.26 5.25 36.94
N VAL C 92 19.16 4.57 36.62
CA VAL C 92 17.84 5.14 36.84
C VAL C 92 17.60 5.37 38.32
N ALA C 93 18.03 4.42 39.17
CA ALA C 93 17.87 4.58 40.61
C ALA C 93 18.51 5.87 41.09
N ALA C 94 19.74 6.13 40.65
CA ALA C 94 20.41 7.36 41.04
C ALA C 94 19.66 8.59 40.54
N LEU C 95 19.13 8.53 39.31
CA LEU C 95 18.39 9.67 38.77
C LEU C 95 17.09 9.92 39.53
N ASP C 96 16.48 8.87 40.08
CA ASP C 96 15.29 9.03 40.92
C ASP C 96 15.65 9.37 42.36
N GLY C 97 16.93 9.41 42.71
CA GLY C 97 17.30 9.53 44.11
C GLY C 97 16.93 8.31 44.92
N ALA C 98 16.87 7.15 44.29
CA ALA C 98 16.41 5.91 44.90
C ALA C 98 17.57 4.99 45.20
N LYS C 99 17.30 4.02 46.09
CA LYS C 99 18.28 2.96 46.33
C LYS C 99 18.23 1.87 45.25
N TYR C 100 17.05 1.59 44.70
CA TYR C 100 16.88 0.47 43.78
C TYR C 100 16.00 0.87 42.60
N CYS C 101 16.19 0.16 41.49
CA CYS C 101 15.32 0.31 40.33
C CYS C 101 15.19 -1.04 39.64
N LEU C 102 14.01 -1.28 39.07
CA LEU C 102 13.72 -2.49 38.33
C LEU C 102 13.19 -2.11 36.95
N ALA C 103 13.75 -2.72 35.90
CA ALA C 103 13.34 -2.47 34.53
C ALA C 103 12.39 -3.55 34.04
N PHE C 104 11.45 -3.16 33.19
CA PHE C 104 10.41 -4.06 32.71
C PHE C 104 10.20 -3.88 31.21
N ALA C 105 9.47 -4.83 30.62
CA ALA C 105 9.28 -4.87 29.18
C ALA C 105 8.45 -3.71 28.65
N SER C 106 7.68 -3.04 29.50
CA SER C 106 6.86 -1.91 29.09
C SER C 106 6.39 -1.19 30.35
N GLY C 107 5.84 0.01 30.16
CA GLY C 107 5.21 0.70 31.27
C GLY C 107 4.04 -0.09 31.83
N LEU C 108 3.21 -0.67 30.95
CA LEU C 108 2.10 -1.49 31.42
C LEU C 108 2.60 -2.71 32.18
N ALA C 109 3.68 -3.35 31.70
CA ALA C 109 4.23 -4.49 32.42
C ALA C 109 4.70 -4.10 33.81
N ALA C 110 5.28 -2.91 33.94
CA ALA C 110 5.64 -2.41 35.26
C ALA C 110 4.40 -2.23 36.14
N THR C 111 3.33 -1.70 35.55
CA THR C 111 2.08 -1.53 36.30
C THR C 111 1.52 -2.88 36.73
N VAL C 112 1.51 -3.86 35.82
CA VAL C 112 0.97 -5.18 36.15
C VAL C 112 1.82 -5.85 37.22
N THR C 113 3.15 -5.70 37.13
CA THR C 113 4.02 -6.33 38.12
C THR C 113 3.81 -5.72 39.50
N ILE C 114 3.67 -4.39 39.58
CA ILE C 114 3.39 -3.73 40.84
C ILE C 114 2.08 -4.25 41.45
N THR C 115 1.07 -4.44 40.60
CA THR C 115 -0.22 -4.88 41.12
C THR C 115 -0.16 -6.31 41.66
N HIS C 116 0.76 -7.13 41.13
CA HIS C 116 0.92 -8.47 41.67
C HIS C 116 1.49 -8.49 43.08
N LEU C 117 1.88 -7.34 43.63
CA LEU C 117 2.25 -7.25 45.04
C LEU C 117 1.07 -7.54 45.96
N LEU C 118 -0.15 -7.42 45.45
CA LEU C 118 -1.34 -7.45 46.27
C LEU C 118 -1.89 -8.88 46.36
N LYS C 119 -3.15 -9.02 46.73
CA LYS C 119 -3.81 -10.31 46.85
C LYS C 119 -5.30 -10.08 46.69
N ALA C 120 -6.04 -11.17 46.48
CA ALA C 120 -7.48 -11.07 46.38
C ALA C 120 -8.05 -10.50 47.66
N GLY C 121 -8.98 -9.55 47.52
CA GLY C 121 -9.56 -8.84 48.64
C GLY C 121 -8.98 -7.46 48.86
N ASP C 122 -7.83 -7.16 48.25
CA ASP C 122 -7.24 -5.83 48.36
C ASP C 122 -8.01 -4.83 47.50
N GLN C 123 -7.88 -3.56 47.87
CA GLN C 123 -8.48 -2.47 47.12
C GLN C 123 -7.39 -1.60 46.54
N ILE C 124 -7.62 -1.14 45.31
CA ILE C 124 -6.72 -0.22 44.64
C ILE C 124 -7.48 1.09 44.42
N ILE C 125 -6.82 2.19 44.77
CA ILE C 125 -7.31 3.53 44.44
C ILE C 125 -6.47 4.04 43.29
N CYS C 126 -7.12 4.42 42.19
CA CYS C 126 -6.42 4.93 41.02
C CYS C 126 -6.91 6.34 40.71
N MET C 127 -5.99 7.18 40.25
CA MET C 127 -6.36 8.53 39.83
C MET C 127 -7.40 8.45 38.72
N ASP C 128 -8.36 9.37 38.74
CA ASP C 128 -9.48 9.28 37.81
C ASP C 128 -9.06 9.52 36.37
N ASP C 129 -8.06 10.36 36.15
CA ASP C 129 -7.53 10.63 34.82
C ASP C 129 -6.14 9.99 34.76
N VAL C 130 -6.04 8.85 34.08
CA VAL C 130 -4.78 8.17 33.86
C VAL C 130 -4.69 7.75 32.41
N TYR C 131 -3.50 7.30 32.01
CA TYR C 131 -3.33 6.72 30.70
C TYR C 131 -4.39 5.65 30.46
N GLY C 132 -4.95 5.65 29.24
CA GLY C 132 -6.05 4.75 28.94
C GLY C 132 -5.74 3.31 29.27
N GLY C 133 -4.51 2.87 28.98
CA GLY C 133 -4.14 1.49 29.26
C GLY C 133 -4.11 1.17 30.75
N THR C 134 -3.68 2.14 31.58
CA THR C 134 -3.74 1.96 33.02
C THR C 134 -5.18 1.80 33.48
N ASN C 135 -6.06 2.69 33.00
CA ASN C 135 -7.48 2.60 33.31
C ASN C 135 -8.04 1.25 32.87
N LEU C 136 -7.73 0.82 31.65
CA LEU C 136 -8.28 -0.42 31.13
C LEU C 136 -7.79 -1.63 31.93
N TYR C 137 -6.50 -1.65 32.29
CA TYR C 137 -5.96 -2.80 33.01
C TYR C 137 -6.65 -2.99 34.35
N PHE C 138 -6.72 -1.91 35.14
CA PHE C 138 -7.38 -2.01 36.45
C PHE C 138 -8.84 -2.36 36.29
N ARG C 139 -9.54 -1.68 35.37
CA ARG C 139 -10.99 -1.80 35.25
C ARG C 139 -11.40 -3.20 34.77
N GLN C 140 -10.74 -3.71 33.73
CA GLN C 140 -11.24 -4.89 33.05
C GLN C 140 -10.46 -6.16 33.37
N VAL C 141 -9.23 -6.08 33.87
CA VAL C 141 -8.38 -7.24 34.12
C VAL C 141 -8.16 -7.46 35.60
N ALA C 142 -7.57 -6.48 36.29
CA ALA C 142 -7.27 -6.65 37.71
C ALA C 142 -8.54 -6.92 38.51
N SER C 143 -9.65 -6.30 38.10
CA SER C 143 -10.92 -6.47 38.80
C SER C 143 -11.45 -7.90 38.71
N GLU C 144 -10.96 -8.69 37.76
CA GLU C 144 -11.41 -10.07 37.61
C GLU C 144 -10.76 -11.02 38.61
N PHE C 145 -9.77 -10.57 39.38
CA PHE C 145 -9.02 -11.45 40.26
C PHE C 145 -9.14 -11.01 41.72
N GLY C 146 -10.36 -10.69 42.15
CA GLY C 146 -10.60 -10.37 43.54
C GLY C 146 -10.09 -9.02 43.99
N LEU C 147 -9.69 -8.15 43.06
CA LEU C 147 -9.22 -6.82 43.40
C LEU C 147 -10.32 -5.81 43.14
N LYS C 148 -10.52 -4.89 44.08
CA LYS C 148 -11.55 -3.87 43.98
C LYS C 148 -10.89 -2.57 43.55
N ILE C 149 -11.43 -1.95 42.50
CA ILE C 149 -10.83 -0.77 41.88
C ILE C 149 -11.74 0.41 42.12
N SER C 150 -11.17 1.50 42.63
CA SER C 150 -11.88 2.74 42.84
C SER C 150 -11.15 3.87 42.12
N PHE C 151 -11.87 4.59 41.27
CA PHE C 151 -11.32 5.74 40.57
C PHE C 151 -11.73 7.01 41.33
N VAL C 152 -10.74 7.75 41.82
CA VAL C 152 -10.96 8.93 42.64
C VAL C 152 -10.15 10.09 42.09
N ASP C 153 -10.73 11.29 42.15
CA ASP C 153 -10.04 12.54 41.83
C ASP C 153 -9.12 12.88 43.00
N CYS C 154 -7.89 12.39 42.93
CA CYS C 154 -6.92 12.64 43.99
C CYS C 154 -6.33 14.05 43.95
N SER C 155 -6.78 14.90 43.02
CA SER C 155 -6.33 16.28 43.01
C SER C 155 -6.94 17.09 44.13
N LYS C 156 -8.09 16.64 44.65
CA LYS C 156 -8.67 17.16 45.88
C LYS C 156 -8.49 16.05 46.90
N ILE C 157 -7.42 16.14 47.70
CA ILE C 157 -7.03 15.03 48.56
C ILE C 157 -8.05 14.80 49.67
N LYS C 158 -9.12 15.61 49.70
CA LYS C 158 -10.25 15.30 50.56
C LYS C 158 -11.02 14.07 50.06
N LEU C 159 -11.24 13.97 48.74
CA LEU C 159 -11.87 12.79 48.17
C LEU C 159 -11.02 11.55 48.33
N LEU C 160 -9.69 11.69 48.38
CA LEU C 160 -8.84 10.52 48.55
C LEU C 160 -9.01 9.92 49.94
N GLU C 161 -9.08 10.77 50.96
CA GLU C 161 -9.17 10.29 52.34
C GLU C 161 -10.52 9.62 52.59
N ALA C 162 -11.57 10.05 51.90
CA ALA C 162 -12.87 9.39 52.03
C ALA C 162 -12.88 8.02 51.37
N ALA C 163 -12.04 7.81 50.35
CA ALA C 163 -12.01 6.56 49.61
C ALA C 163 -11.18 5.47 50.28
N ILE C 164 -10.25 5.85 51.16
CA ILE C 164 -9.38 4.87 51.82
C ILE C 164 -10.19 4.02 52.77
N THR C 165 -10.05 2.69 52.64
CA THR C 165 -10.70 1.73 53.52
C THR C 165 -9.61 0.88 54.17
N PRO C 166 -9.92 0.07 55.18
CA PRO C 166 -8.90 -0.84 55.71
C PRO C 166 -8.34 -1.79 54.65
N GLU C 167 -9.07 -2.06 53.57
CA GLU C 167 -8.61 -2.94 52.51
C GLU C 167 -7.68 -2.24 51.51
N THR C 168 -7.55 -0.93 51.58
CA THR C 168 -6.72 -0.21 50.61
C THR C 168 -5.26 -0.61 50.77
N LYS C 169 -4.66 -1.08 49.69
CA LYS C 169 -3.25 -1.45 49.68
C LYS C 169 -2.42 -0.70 48.65
N LEU C 170 -3.05 -0.11 47.64
CA LEU C 170 -2.32 0.55 46.56
C LEU C 170 -3.08 1.81 46.15
N VAL C 171 -2.33 2.91 46.02
CA VAL C 171 -2.86 4.16 45.49
C VAL C 171 -1.99 4.52 44.28
N TRP C 172 -2.61 4.58 43.10
CA TRP C 172 -1.91 4.82 41.85
C TRP C 172 -2.26 6.20 41.33
N ILE C 173 -1.27 7.09 41.23
CA ILE C 173 -1.50 8.42 40.70
C ILE C 173 -0.51 8.70 39.58
N GLU C 174 -0.91 9.66 38.73
CA GLU C 174 -0.10 10.22 37.68
C GLU C 174 -0.14 11.72 37.90
N THR C 175 1.00 12.38 37.77
CA THR C 175 0.97 13.83 37.83
C THR C 175 2.16 14.40 37.07
N PRO C 176 1.86 15.23 36.05
CA PRO C 176 0.50 15.56 35.59
C PRO C 176 -0.19 14.39 34.89
N THR C 177 -1.52 14.39 34.86
CA THR C 177 -2.27 13.26 34.34
C THR C 177 -2.24 13.24 32.81
N ASN C 178 -2.43 12.05 32.26
CA ASN C 178 -2.50 11.86 30.82
C ASN C 178 -3.96 11.63 30.45
N PRO C 179 -4.58 12.56 29.69
CA PRO C 179 -4.00 13.71 28.99
C PRO C 179 -4.37 15.10 29.50
N THR C 180 -5.24 15.22 30.51
CA THR C 180 -5.69 16.54 30.93
C THR C 180 -4.71 17.26 31.85
N GLN C 181 -3.66 16.57 32.30
CA GLN C 181 -2.56 17.18 33.06
C GLN C 181 -3.06 17.85 34.34
N LYS C 182 -3.98 17.19 35.03
CA LYS C 182 -4.24 17.56 36.42
C LYS C 182 -3.03 17.22 37.27
N VAL C 183 -2.73 18.09 38.23
CA VAL C 183 -1.53 17.97 39.05
C VAL C 183 -1.92 17.64 40.48
N ILE C 184 -1.21 16.69 41.07
CA ILE C 184 -1.48 16.21 42.42
C ILE C 184 -0.31 16.59 43.32
N ASP C 185 -0.63 17.12 44.50
CA ASP C 185 0.32 17.37 45.58
C ASP C 185 0.83 16.01 46.07
N ILE C 186 2.01 15.62 45.61
CA ILE C 186 2.54 14.30 45.95
C ILE C 186 2.79 14.20 47.44
N GLU C 187 3.45 15.20 48.01
CA GLU C 187 3.76 15.18 49.43
C GLU C 187 2.49 15.19 50.29
N GLY C 188 1.50 16.02 49.91
CA GLY C 188 0.22 15.99 50.61
C GLY C 188 -0.49 14.65 50.45
N CYS C 189 -0.46 14.10 49.23
CA CYS C 189 -1.04 12.79 48.98
C CYS C 189 -0.34 11.71 49.80
N ALA C 190 0.99 11.75 49.86
CA ALA C 190 1.74 10.75 50.62
C ALA C 190 1.42 10.83 52.10
N HIS C 191 1.31 12.04 52.64
CA HIS C 191 1.00 12.21 54.07
C HIS C 191 -0.34 11.57 54.42
N ILE C 192 -1.35 11.78 53.57
CA ILE C 192 -2.67 11.21 53.82
C ILE C 192 -2.65 9.70 53.66
N VAL C 193 -1.98 9.20 52.62
CA VAL C 193 -1.97 7.77 52.35
C VAL C 193 -1.23 7.01 53.44
N HIS C 194 -0.12 7.56 53.94
CA HIS C 194 0.75 6.83 54.85
C HIS C 194 0.31 6.84 56.30
N LYS C 195 -0.64 7.69 56.69
CA LYS C 195 -1.13 7.59 58.06
C LYS C 195 -2.12 6.45 58.24
N HIS C 196 -2.66 5.92 57.15
CA HIS C 196 -3.59 4.79 57.19
C HIS C 196 -2.87 3.44 57.21
N GLY C 197 -1.58 3.42 57.46
CA GLY C 197 -0.86 2.18 57.69
C GLY C 197 -0.12 1.70 56.44
N ASP C 198 -0.37 0.44 56.07
CA ASP C 198 0.45 -0.25 55.07
C ASP C 198 -0.16 -0.09 53.69
N ILE C 199 0.02 1.10 53.12
CA ILE C 199 -0.49 1.41 51.79
C ILE C 199 0.67 1.91 50.95
N ILE C 200 0.74 1.42 49.71
CA ILE C 200 1.78 1.80 48.77
C ILE C 200 1.28 2.93 47.90
N LEU C 201 2.06 4.00 47.80
CA LEU C 201 1.77 5.11 46.90
C LEU C 201 2.72 5.07 45.73
N VAL C 202 2.17 4.87 44.53
CA VAL C 202 2.93 4.89 43.29
C VAL C 202 2.65 6.20 42.58
N VAL C 203 3.70 6.85 42.10
CA VAL C 203 3.57 8.01 41.23
C VAL C 203 4.11 7.61 39.86
N ASP C 204 3.23 7.59 38.86
CA ASP C 204 3.64 7.42 37.47
C ASP C 204 4.23 8.76 37.01
N ASN C 205 5.56 8.80 36.91
CA ASN C 205 6.29 10.03 36.63
C ASN C 205 6.66 10.15 35.16
N THR C 206 5.88 9.51 34.29
CA THR C 206 6.22 9.46 32.87
C THR C 206 6.27 10.85 32.25
N PHE C 207 5.30 11.71 32.59
CA PHE C 207 5.19 12.99 31.91
C PHE C 207 6.32 13.94 32.28
N MET C 208 6.86 13.83 33.49
CA MET C 208 7.84 14.81 33.95
C MET C 208 9.29 14.36 33.79
N SER C 209 9.58 13.06 33.96
CA SER C 209 10.92 12.48 34.06
C SER C 209 11.55 12.87 35.39
N PRO C 210 12.55 12.12 35.88
CA PRO C 210 13.18 12.48 37.16
C PRO C 210 14.01 13.75 37.09
N TYR C 211 14.29 14.29 35.90
CA TYR C 211 14.99 15.56 35.82
C TYR C 211 14.14 16.70 36.38
N PHE C 212 12.82 16.59 36.27
CA PHE C 212 11.92 17.66 36.69
C PHE C 212 11.13 17.33 37.94
N GLN C 213 11.03 16.07 38.32
CA GLN C 213 10.22 15.69 39.47
C GLN C 213 10.75 14.39 40.07
N ARG C 214 10.92 14.37 41.40
CA ARG C 214 11.40 13.22 42.13
C ARG C 214 10.34 12.78 43.12
N PRO C 215 9.40 11.92 42.70
CA PRO C 215 8.32 11.50 43.62
C PRO C 215 8.81 10.86 44.91
N LEU C 216 9.92 10.12 44.88
CA LEU C 216 10.41 9.49 46.10
C LEU C 216 10.88 10.52 47.12
N ALA C 217 11.45 11.63 46.66
CA ALA C 217 11.83 12.70 47.58
C ALA C 217 10.61 13.41 48.16
N LEU C 218 9.43 13.24 47.54
CA LEU C 218 8.21 13.88 47.97
C LEU C 218 7.32 12.96 48.79
N GLY C 219 7.79 11.76 49.12
CA GLY C 219 7.05 10.85 49.98
C GLY C 219 6.45 9.65 49.27
N ALA C 220 6.54 9.56 47.95
CA ALA C 220 6.04 8.39 47.26
C ALA C 220 6.87 7.17 47.63
N ASP C 221 6.23 6.00 47.58
CA ASP C 221 6.94 4.74 47.80
C ASP C 221 7.56 4.20 46.52
N ILE C 222 6.95 4.49 45.37
CA ILE C 222 7.42 4.01 44.08
C ILE C 222 7.38 5.16 43.09
N SER C 223 8.47 5.35 42.37
CA SER C 223 8.51 6.24 41.20
C SER C 223 8.55 5.34 39.96
N MET C 224 7.50 5.42 39.15
CA MET C 224 7.33 4.53 38.02
C MET C 224 7.34 5.31 36.71
N TYR C 225 7.86 4.69 35.66
CA TYR C 225 7.89 5.32 34.35
C TYR C 225 7.48 4.35 33.27
N SER C 226 6.84 4.90 32.25
CA SER C 226 6.94 4.33 30.90
C SER C 226 8.22 4.92 30.33
N ALA C 227 9.31 4.15 30.38
CA ALA C 227 10.56 4.60 29.79
C ALA C 227 10.46 4.76 28.28
N THR C 228 9.41 4.22 27.68
CA THR C 228 9.08 4.38 26.27
C THR C 228 9.01 5.84 25.86
N LYS C 229 8.72 6.71 26.83
CA LYS C 229 8.51 8.13 26.52
C LYS C 229 9.79 8.92 26.74
N TYR C 230 9.86 9.77 27.76
CA TYR C 230 11.02 10.66 27.93
C TYR C 230 12.34 9.97 28.31
N MET C 231 12.25 8.96 29.18
CA MET C 231 13.46 8.32 29.72
C MET C 231 14.38 7.85 28.59
N ASN C 232 13.87 7.00 27.71
CA ASN C 232 14.64 6.66 26.52
C ASN C 232 14.70 7.83 25.56
N GLY C 233 13.56 8.46 25.30
CA GLY C 233 13.51 9.70 24.56
C GLY C 233 13.74 9.63 23.07
N HIS C 234 13.90 8.43 22.50
CA HIS C 234 14.21 8.33 21.08
C HIS C 234 13.21 7.47 20.31
N SER C 235 12.04 7.22 20.89
CA SER C 235 10.91 6.61 20.18
C SER C 235 11.28 5.27 19.55
N ASP C 236 12.17 4.52 20.19
CA ASP C 236 12.62 3.27 19.59
C ASP C 236 12.80 2.17 20.62
N VAL C 237 12.23 2.34 21.81
CA VAL C 237 12.31 1.37 22.89
C VAL C 237 10.98 1.39 23.65
N VAL C 238 10.38 0.22 23.83
CA VAL C 238 9.25 0.05 24.74
C VAL C 238 9.78 -0.54 26.04
N MET C 239 9.55 0.15 27.16
CA MET C 239 10.17 -0.25 28.42
C MET C 239 9.46 0.42 29.60
N GLY C 240 9.47 -0.26 30.74
CA GLY C 240 9.01 0.30 31.99
C GLY C 240 10.13 0.32 33.02
N LEU C 241 10.04 1.27 33.96
CA LEU C 241 11.02 1.42 35.03
C LEU C 241 10.30 1.67 36.35
N VAL C 242 10.83 1.09 37.42
CA VAL C 242 10.22 1.16 38.75
C VAL C 242 11.34 1.41 39.76
N SER C 243 11.33 2.58 40.40
CA SER C 243 12.32 2.94 41.40
C SER C 243 11.68 2.96 42.78
N VAL C 244 12.41 2.47 43.78
CA VAL C 244 11.85 2.29 45.12
C VAL C 244 12.99 2.43 46.13
N ASN C 245 12.65 2.84 47.35
CA ASN C 245 13.59 2.89 48.46
C ASN C 245 13.37 1.79 49.48
N CYS C 246 12.13 1.44 49.78
CA CYS C 246 11.83 0.48 50.84
C CYS C 246 12.46 -0.88 50.55
N GLU C 247 13.13 -1.44 51.57
CA GLU C 247 13.87 -2.68 51.38
C GLU C 247 12.94 -3.85 51.11
N SER C 248 11.93 -4.04 51.95
CA SER C 248 10.99 -5.15 51.75
C SER C 248 10.20 -4.98 50.46
N LEU C 249 9.84 -3.73 50.13
CA LEU C 249 9.13 -3.48 48.87
C LEU C 249 10.01 -3.81 47.68
N HIS C 250 11.31 -3.52 47.76
CA HIS C 250 12.21 -3.88 46.67
C HIS C 250 12.33 -5.39 46.50
N ASN C 251 12.47 -6.12 47.61
CA ASN C 251 12.59 -7.57 47.53
C ASN C 251 11.34 -8.20 46.95
N ARG C 252 10.17 -7.68 47.32
CA ARG C 252 8.92 -8.17 46.76
C ARG C 252 8.84 -7.89 45.26
N LEU C 253 9.31 -6.72 44.84
CA LEU C 253 9.31 -6.38 43.42
C LEU C 253 10.35 -7.20 42.65
N ARG C 254 11.53 -7.38 43.23
CA ARG C 254 12.56 -8.17 42.55
C ARG C 254 12.10 -9.60 42.34
N PHE C 255 11.39 -10.17 43.33
CA PHE C 255 10.84 -11.51 43.17
C PHE C 255 9.88 -11.57 42.00
N LEU C 256 9.01 -10.57 41.85
CA LEU C 256 8.02 -10.58 40.78
C LEU C 256 8.64 -10.26 39.43
N GLN C 257 9.73 -9.49 39.40
CA GLN C 257 10.44 -9.28 38.15
C GLN C 257 10.95 -10.61 37.59
N ASN C 258 11.51 -11.46 38.45
CA ASN C 258 12.03 -12.75 37.99
C ASN C 258 10.92 -13.77 37.80
N SER C 259 9.92 -13.76 38.70
CA SER C 259 8.91 -14.81 38.70
C SER C 259 7.84 -14.62 37.63
N LEU C 260 7.52 -13.37 37.29
CA LEU C 260 6.59 -13.10 36.19
C LEU C 260 7.28 -12.91 34.86
N GLY C 261 8.55 -12.52 34.87
CA GLY C 261 9.36 -12.51 33.66
C GLY C 261 9.04 -11.45 32.63
N ALA C 262 8.41 -10.34 33.03
CA ALA C 262 8.14 -9.25 32.09
C ALA C 262 9.37 -8.34 31.97
N VAL C 263 10.46 -8.94 31.48
CA VAL C 263 11.77 -8.30 31.51
C VAL C 263 12.11 -7.68 30.16
N PRO C 264 12.93 -6.62 30.13
CA PRO C 264 13.32 -6.01 28.86
C PRO C 264 14.54 -6.68 28.24
N SER C 265 14.65 -6.54 26.93
CA SER C 265 15.84 -7.01 26.24
C SER C 265 17.07 -6.27 26.73
N PRO C 266 18.22 -6.94 26.87
CA PRO C 266 19.46 -6.22 27.17
C PRO C 266 19.81 -5.18 26.12
N ILE C 267 19.43 -5.39 24.86
CA ILE C 267 19.66 -4.36 23.84
C ILE C 267 18.81 -3.14 24.11
N ASP C 268 17.53 -3.35 24.43
CA ASP C 268 16.68 -2.23 24.80
C ASP C 268 17.24 -1.51 26.02
N CYS C 269 17.76 -2.25 27.00
CA CYS C 269 18.36 -1.62 28.17
C CYS C 269 19.52 -0.73 27.76
N TYR C 270 20.38 -1.24 26.86
CA TYR C 270 21.49 -0.42 26.37
C TYR C 270 20.99 0.84 25.68
N LEU C 271 19.99 0.69 24.80
CA LEU C 271 19.47 1.85 24.08
C LEU C 271 18.88 2.88 25.04
N CYS C 272 18.12 2.41 26.04
CA CYS C 272 17.54 3.34 27.01
C CYS C 272 18.62 4.01 27.85
N ASN C 273 19.64 3.25 28.27
CA ASN C 273 20.74 3.86 29.02
C ASN C 273 21.48 4.89 28.16
N ARG C 274 21.61 4.61 26.85
CA ARG C 274 22.18 5.59 25.94
C ARG C 274 21.32 6.84 25.88
N GLY C 275 20.00 6.67 25.78
CA GLY C 275 19.10 7.81 25.77
C GLY C 275 19.17 8.63 27.04
N LEU C 276 19.38 7.97 28.19
CA LEU C 276 19.48 8.68 29.46
C LEU C 276 20.63 9.69 29.45
N LYS C 277 21.69 9.41 28.68
CA LYS C 277 22.87 10.27 28.72
C LYS C 277 22.58 11.67 28.23
N THR C 278 21.49 11.87 27.49
CA THR C 278 21.08 13.20 27.04
C THR C 278 19.79 13.67 27.69
N LEU C 279 19.31 12.98 28.71
CA LEU C 279 18.01 13.33 29.30
C LEU C 279 17.97 14.79 29.74
N HIS C 280 19.05 15.27 30.38
CA HIS C 280 19.03 16.64 30.91
C HIS C 280 18.97 17.65 29.78
N VAL C 281 19.78 17.48 28.73
CA VAL C 281 19.76 18.45 27.65
C VAL C 281 18.50 18.31 26.80
N ARG C 282 17.92 17.10 26.74
CA ARG C 282 16.65 16.93 26.05
C ARG C 282 15.52 17.62 26.82
N MET C 283 15.40 17.34 28.11
CA MET C 283 14.29 17.88 28.89
C MET C 283 14.31 19.41 28.93
N GLU C 284 15.50 20.01 29.03
CA GLU C 284 15.58 21.47 29.03
C GLU C 284 15.04 22.04 27.72
N LYS C 285 15.32 21.36 26.59
CA LYS C 285 14.81 21.85 25.31
C LYS C 285 13.32 21.61 25.19
N HIS C 286 12.83 20.48 25.71
CA HIS C 286 11.38 20.25 25.78
C HIS C 286 10.71 21.35 26.59
N PHE C 287 11.34 21.79 27.68
CA PHE C 287 10.78 22.86 28.50
C PHE C 287 10.69 24.16 27.71
N LYS C 288 11.77 24.53 27.03
CA LYS C 288 11.79 25.78 26.30
C LYS C 288 10.82 25.75 25.11
N ASN C 289 10.82 24.66 24.35
CA ASN C 289 9.88 24.53 23.23
C ASN C 289 8.45 24.43 23.74
N GLY C 290 8.22 23.65 24.81
CA GLY C 290 6.87 23.52 25.34
C GLY C 290 6.29 24.84 25.83
N MET C 291 7.09 25.64 26.54
CA MET C 291 6.64 26.95 26.98
C MET C 291 6.27 27.83 25.80
N ALA C 292 7.14 27.88 24.79
CA ALA C 292 6.86 28.71 23.62
C ALA C 292 5.60 28.25 22.90
N VAL C 293 5.43 26.93 22.74
CA VAL C 293 4.22 26.41 22.13
C VAL C 293 3.00 26.74 22.97
N ALA C 294 3.10 26.53 24.28
CA ALA C 294 1.97 26.80 25.17
C ALA C 294 1.57 28.28 25.15
N GLN C 295 2.55 29.17 25.17
CA GLN C 295 2.24 30.60 25.14
C GLN C 295 1.64 31.00 23.80
N PHE C 296 2.16 30.44 22.70
CA PHE C 296 1.59 30.75 21.38
C PHE C 296 0.14 30.29 21.29
N LEU C 297 -0.15 29.08 21.78
CA LEU C 297 -1.52 28.59 21.71
C LEU C 297 -2.46 29.41 22.57
N GLU C 298 -2.01 29.82 23.76
CA GLU C 298 -2.91 30.52 24.68
C GLU C 298 -3.31 31.88 24.16
N SER C 299 -2.43 32.55 23.41
CA SER C 299 -2.77 33.84 22.83
C SER C 299 -3.36 33.71 21.43
N ASN C 300 -3.57 32.49 20.94
CA ASN C 300 -4.10 32.30 19.59
C ASN C 300 -5.62 32.41 19.62
N PRO C 301 -6.22 33.18 18.69
CA PRO C 301 -7.68 33.39 18.75
C PRO C 301 -8.50 32.15 18.45
N TRP C 302 -7.90 31.08 17.95
CA TRP C 302 -8.63 29.88 17.59
C TRP C 302 -8.49 28.77 18.61
N VAL C 303 -7.85 29.05 19.74
CA VAL C 303 -7.63 28.09 20.81
C VAL C 303 -8.50 28.47 21.99
N GLU C 304 -9.33 27.53 22.44
CA GLU C 304 -10.26 27.79 23.53
C GLU C 304 -9.56 27.85 24.89
N LYS C 305 -8.63 26.93 25.12
CA LYS C 305 -8.03 26.76 26.44
C LYS C 305 -6.74 25.96 26.28
N VAL C 306 -5.74 26.31 27.06
CA VAL C 306 -4.46 25.61 27.08
C VAL C 306 -4.19 25.09 28.47
N ILE C 307 -3.71 23.85 28.55
CA ILE C 307 -3.33 23.23 29.82
C ILE C 307 -1.84 22.94 29.71
N TYR C 308 -1.03 23.76 30.37
CA TYR C 308 0.40 23.50 30.44
C TYR C 308 0.92 23.87 31.83
N PRO C 309 1.51 22.91 32.55
CA PRO C 309 1.96 23.20 33.92
C PRO C 309 2.88 24.40 34.05
N GLY C 310 3.64 24.73 33.00
CA GLY C 310 4.50 25.88 33.03
C GLY C 310 3.81 27.22 32.84
N LEU C 311 2.51 27.22 32.41
CA LEU C 311 1.85 28.51 32.26
C LEU C 311 1.22 28.95 33.58
N PRO C 312 1.26 30.24 33.91
CA PRO C 312 0.53 30.71 35.10
C PRO C 312 -0.95 30.39 35.07
N SER C 313 -1.53 30.17 33.88
CA SER C 313 -2.95 29.85 33.79
C SER C 313 -3.27 28.43 34.26
N HIS C 314 -2.28 27.57 34.40
CA HIS C 314 -2.55 26.21 34.86
C HIS C 314 -3.05 26.25 36.29
N PRO C 315 -4.15 25.55 36.61
CA PRO C 315 -4.72 25.67 37.96
C PRO C 315 -3.78 25.26 39.08
N GLN C 316 -2.80 24.39 38.82
CA GLN C 316 -1.83 24.00 39.84
C GLN C 316 -0.42 24.52 39.54
N HIS C 317 -0.33 25.65 38.84
CA HIS C 317 0.98 26.14 38.41
C HIS C 317 1.91 26.40 39.60
N GLU C 318 1.39 27.00 40.68
CA GLU C 318 2.24 27.26 41.83
C GLU C 318 2.66 25.97 42.51
N LEU C 319 1.76 25.00 42.58
CA LEU C 319 2.13 23.68 43.12
C LEU C 319 3.18 23.02 42.25
N VAL C 320 3.09 23.20 40.93
CA VAL C 320 4.11 22.67 40.03
C VAL C 320 5.48 23.26 40.39
N LYS C 321 5.53 24.58 40.64
CA LYS C 321 6.81 25.19 40.96
C LYS C 321 7.36 24.74 42.31
N ARG C 322 6.52 24.21 43.20
CA ARG C 322 6.99 23.80 44.51
C ARG C 322 7.44 22.34 44.57
N GLN C 323 7.00 21.50 43.64
CA GLN C 323 7.39 20.10 43.65
C GLN C 323 8.13 19.68 42.39
N CYS C 324 8.42 20.62 41.49
CA CYS C 324 9.12 20.34 40.24
C CYS C 324 10.21 21.38 40.01
N THR C 325 11.23 20.99 39.26
CA THR C 325 12.33 21.87 38.87
C THR C 325 12.11 22.51 37.50
N GLY C 326 11.03 22.16 36.82
CA GLY C 326 10.77 22.64 35.48
C GLY C 326 9.60 21.87 34.91
N CYS C 327 9.42 22.01 33.60
CA CYS C 327 8.29 21.36 32.94
C CYS C 327 8.72 20.75 31.63
N THR C 328 7.90 19.82 31.16
CA THR C 328 8.17 18.98 30.01
C THR C 328 7.55 19.59 28.75
N GLY C 329 7.59 18.82 27.65
CA GLY C 329 7.04 19.24 26.39
C GLY C 329 5.60 18.87 26.13
N MET C 330 4.91 18.21 27.07
CA MET C 330 3.52 17.83 26.85
C MET C 330 2.63 19.06 27.00
N VAL C 331 1.95 19.44 25.93
CA VAL C 331 1.06 20.58 25.91
C VAL C 331 -0.31 20.10 25.48
N THR C 332 -1.32 20.35 26.31
CA THR C 332 -2.70 19.98 26.05
C THR C 332 -3.52 21.24 25.80
N PHE C 333 -4.41 21.20 24.81
CA PHE C 333 -5.26 22.36 24.56
C PHE C 333 -6.56 21.92 23.92
N TYR C 334 -7.54 22.81 23.99
CA TYR C 334 -8.83 22.66 23.32
C TYR C 334 -8.88 23.64 22.16
N ILE C 335 -9.16 23.13 20.97
CA ILE C 335 -9.37 24.00 19.83
C ILE C 335 -10.80 24.50 19.86
N LYS C 336 -11.00 25.73 19.38
CA LYS C 336 -12.36 26.23 19.27
C LYS C 336 -13.12 25.49 18.18
N GLY C 337 -14.45 25.48 18.31
CA GLY C 337 -15.28 24.83 17.33
C GLY C 337 -15.68 23.42 17.71
N THR C 338 -15.63 22.50 16.73
CA THR C 338 -16.12 21.14 16.93
C THR C 338 -15.09 20.08 16.54
N LEU C 339 -15.54 18.83 16.51
CA LEU C 339 -14.66 17.74 16.08
C LEU C 339 -14.11 17.99 14.68
N GLN C 340 -14.95 18.56 13.80
CA GLN C 340 -14.50 18.90 12.45
C GLN C 340 -13.24 19.76 12.47
N HIS C 341 -13.21 20.77 13.34
CA HIS C 341 -12.04 21.65 13.40
C HIS C 341 -10.83 20.92 13.97
N ALA C 342 -11.05 20.05 14.96
CA ALA C 342 -9.95 19.26 15.50
C ALA C 342 -9.34 18.38 14.41
N GLU C 343 -10.18 17.78 13.56
CA GLU C 343 -9.68 16.94 12.48
C GLU C 343 -8.93 17.75 11.43
N ILE C 344 -9.48 18.89 11.02
CA ILE C 344 -8.80 19.72 10.02
C ILE C 344 -7.44 20.17 10.52
N PHE C 345 -7.37 20.62 11.77
CA PHE C 345 -6.10 21.04 12.35
C PHE C 345 -5.09 19.90 12.33
N LEU C 346 -5.47 18.72 12.82
CA LEU C 346 -4.54 17.60 12.90
C LEU C 346 -4.07 17.13 11.53
N LYS C 347 -4.98 17.09 10.54
CA LYS C 347 -4.61 16.64 9.21
C LYS C 347 -3.76 17.64 8.45
N ASN C 348 -3.68 18.89 8.91
CA ASN C 348 -2.94 19.93 8.21
C ASN C 348 -1.56 20.18 8.79
N LEU C 349 -1.22 19.55 9.91
CA LEU C 349 0.11 19.69 10.48
C LEU C 349 1.16 19.11 9.55
N LYS C 350 2.28 19.81 9.40
CA LYS C 350 3.38 19.42 8.54
C LYS C 350 4.61 18.94 9.28
N LEU C 351 4.86 19.45 10.49
CA LEU C 351 5.99 19.07 11.31
C LEU C 351 5.61 18.16 12.46
N PHE C 352 4.63 18.57 13.27
CA PHE C 352 4.01 17.64 14.20
C PHE C 352 3.47 16.44 13.42
N THR C 353 3.71 15.25 13.94
CA THR C 353 3.24 14.03 13.31
C THR C 353 2.02 13.53 14.07
N LEU C 354 0.95 13.22 13.33
CA LEU C 354 -0.25 12.64 13.92
C LEU C 354 0.05 11.19 14.29
N ALA C 355 0.25 10.94 15.57
CA ALA C 355 0.64 9.63 16.06
C ALA C 355 0.46 9.62 17.57
N VAL C 356 0.34 8.42 18.14
CA VAL C 356 0.28 8.27 19.59
C VAL C 356 1.69 8.23 20.15
N SER C 357 1.80 8.04 21.48
CA SER C 357 3.04 8.02 22.26
C SER C 357 3.59 9.43 22.40
N LEU C 358 4.68 9.59 23.15
CA LEU C 358 5.19 10.92 23.47
C LEU C 358 6.60 10.81 24.02
N GLY C 359 7.22 11.96 24.28
CA GLY C 359 8.50 12.00 24.95
C GLY C 359 9.71 11.82 24.06
N GLY C 360 9.53 11.71 22.75
CA GLY C 360 10.64 11.57 21.83
C GLY C 360 11.16 12.90 21.34
N PHE C 361 12.24 12.84 20.57
CA PHE C 361 12.81 14.05 19.98
C PHE C 361 11.89 14.70 18.96
N GLU C 362 10.95 13.94 18.39
CA GLU C 362 10.08 14.45 17.34
C GLU C 362 8.74 14.90 17.91
N SER C 363 8.19 15.97 17.34
CA SER C 363 6.92 16.50 17.83
C SER C 363 5.76 15.65 17.33
N LEU C 364 4.83 15.34 18.23
CA LEU C 364 3.67 14.51 17.91
C LEU C 364 2.41 15.23 18.32
N ALA C 365 1.31 14.92 17.62
CA ALA C 365 -0.01 15.45 17.94
C ALA C 365 -1.01 14.31 17.88
N GLU C 366 -2.07 14.42 18.68
CA GLU C 366 -2.98 13.29 18.86
C GLU C 366 -4.32 13.80 19.39
N LEU C 367 -5.39 13.09 19.03
CA LEU C 367 -6.73 13.39 19.56
C LEU C 367 -7.12 12.29 20.55
N PRO C 368 -6.98 12.54 21.87
CA PRO C 368 -7.16 11.45 22.85
C PRO C 368 -8.51 10.77 22.82
N ALA C 369 -9.58 11.51 22.50
CA ALA C 369 -10.92 10.92 22.56
C ALA C 369 -11.06 9.78 21.57
N ILE C 370 -10.43 9.91 20.40
CA ILE C 370 -10.51 8.86 19.38
C ILE C 370 -9.27 7.96 19.36
N MET C 371 -8.13 8.39 19.91
CA MET C 371 -6.87 7.65 19.72
C MET C 371 -6.34 6.98 20.97
N THR C 372 -5.88 7.72 22.00
CA THR C 372 -5.25 7.06 23.13
C THR C 372 -6.19 6.81 24.30
N HIS C 373 -7.29 7.54 24.40
CA HIS C 373 -8.25 7.32 25.47
C HIS C 373 -9.61 6.91 24.93
N ALA C 374 -9.64 6.33 23.72
CA ALA C 374 -10.87 5.72 23.22
C ALA C 374 -11.28 4.51 24.04
N SER C 375 -10.36 3.92 24.79
CA SER C 375 -10.69 2.81 25.67
C SER C 375 -11.34 3.26 26.97
N VAL C 376 -11.13 4.52 27.38
CA VAL C 376 -11.88 5.07 28.50
C VAL C 376 -13.33 5.23 28.10
N LEU C 377 -14.25 4.76 28.95
CA LEU C 377 -15.67 4.87 28.68
C LEU C 377 -16.04 6.32 28.35
N LYS C 378 -17.03 6.48 27.47
CA LYS C 378 -17.40 7.82 27.02
C LYS C 378 -17.88 8.67 28.19
N ASN C 379 -18.62 8.08 29.13
CA ASN C 379 -19.14 8.83 30.27
C ASN C 379 -18.00 9.40 31.11
N ASP C 380 -17.02 8.55 31.47
CA ASP C 380 -15.85 9.04 32.19
C ASP C 380 -15.07 10.04 31.34
N ARG C 381 -15.10 9.88 30.02
CA ARG C 381 -14.40 10.80 29.14
C ARG C 381 -14.97 12.22 29.24
N ASP C 382 -16.29 12.35 29.14
CA ASP C 382 -16.90 13.66 29.24
C ASP C 382 -16.74 14.25 30.64
N VAL C 383 -16.81 13.40 31.67
CA VAL C 383 -16.61 13.89 33.04
C VAL C 383 -15.18 14.40 33.23
N LEU C 384 -14.22 13.80 32.54
CA LEU C 384 -12.83 14.21 32.68
C LEU C 384 -12.45 15.32 31.72
N GLY C 385 -13.33 15.71 30.80
CA GLY C 385 -13.01 16.74 29.85
C GLY C 385 -12.26 16.24 28.64
N ILE C 386 -12.27 14.93 28.39
CA ILE C 386 -11.62 14.37 27.20
C ILE C 386 -12.66 14.41 26.11
N SER C 387 -12.81 15.59 25.50
CA SER C 387 -13.87 15.87 24.54
C SER C 387 -13.34 15.77 23.11
N ASP C 388 -14.25 16.01 22.15
CA ASP C 388 -13.91 15.98 20.73
C ASP C 388 -12.96 17.10 20.32
N THR C 389 -12.82 18.16 21.11
CA THR C 389 -11.92 19.25 20.77
C THR C 389 -10.62 19.21 21.54
N LEU C 390 -10.42 18.19 22.39
CA LEU C 390 -9.20 18.05 23.16
C LEU C 390 -8.07 17.53 22.28
N ILE C 391 -6.94 18.23 22.29
CA ILE C 391 -5.78 17.86 21.52
C ILE C 391 -4.57 17.82 22.46
N ARG C 392 -3.77 16.76 22.33
CA ARG C 392 -2.55 16.60 23.12
C ARG C 392 -1.34 16.67 22.21
N LEU C 393 -0.40 17.54 22.55
CA LEU C 393 0.84 17.68 21.81
C LEU C 393 2.00 17.14 22.65
N SER C 394 2.92 16.44 21.99
CA SER C 394 4.22 16.13 22.57
C SER C 394 5.22 16.99 21.81
N VAL C 395 5.59 18.12 22.40
CA VAL C 395 6.47 19.08 21.73
C VAL C 395 7.89 18.54 21.78
N GLY C 396 8.49 18.40 20.60
CA GLY C 396 9.83 17.84 20.48
C GLY C 396 10.92 18.88 20.51
N LEU C 397 12.05 18.53 19.89
CA LEU C 397 13.28 19.30 19.98
C LEU C 397 13.59 20.07 18.71
N GLU C 398 12.64 20.21 17.80
CA GLU C 398 12.87 20.94 16.56
C GLU C 398 13.02 22.44 16.85
N ASP C 399 13.37 23.20 15.82
CA ASP C 399 13.48 24.65 15.98
C ASP C 399 12.14 25.24 16.34
N GLU C 400 12.14 26.09 17.38
CA GLU C 400 10.91 26.67 17.91
C GLU C 400 10.07 27.35 16.83
N GLU C 401 10.70 28.19 16.00
CA GLU C 401 9.94 28.91 14.98
C GLU C 401 9.29 27.97 13.99
N ASP C 402 9.93 26.84 13.66
CA ASP C 402 9.29 25.88 12.76
C ASP C 402 8.08 25.25 13.42
N LEU C 403 8.17 24.96 14.71
CA LEU C 403 7.03 24.38 15.41
C LEU C 403 5.87 25.37 15.49
N LEU C 404 6.15 26.64 15.80
CA LEU C 404 5.11 27.66 15.87
C LEU C 404 4.47 27.89 14.51
N GLU C 405 5.27 27.95 13.45
CA GLU C 405 4.73 28.11 12.11
C GLU C 405 3.75 26.99 11.77
N ASP C 406 4.12 25.75 12.08
CA ASP C 406 3.27 24.61 11.77
C ASP C 406 1.93 24.71 12.50
N LEU C 407 1.97 25.05 13.80
CA LEU C 407 0.74 25.24 14.55
C LEU C 407 -0.07 26.41 14.01
N ASP C 408 0.62 27.48 13.60
CA ASP C 408 -0.08 28.65 13.10
C ASP C 408 -0.88 28.32 11.85
N GLN C 409 -0.23 27.70 10.85
CA GLN C 409 -0.92 27.43 9.59
C GLN C 409 -2.00 26.37 9.75
N ALA C 410 -1.79 25.39 10.63
CA ALA C 410 -2.79 24.34 10.81
C ALA C 410 -4.03 24.86 11.52
N LEU C 411 -3.86 25.77 12.48
CA LEU C 411 -5.01 26.38 13.13
C LEU C 411 -5.77 27.28 12.16
N LYS C 412 -5.04 28.01 11.30
CA LYS C 412 -5.69 28.83 10.29
C LYS C 412 -6.39 27.98 9.24
N ALA C 413 -5.89 26.77 8.97
CA ALA C 413 -6.60 25.89 8.05
C ALA C 413 -7.96 25.51 8.62
N ALA C 414 -8.03 25.26 9.93
CA ALA C 414 -9.31 24.96 10.56
C ALA C 414 -10.19 26.20 10.68
N HIS C 415 -9.56 27.37 10.85
CA HIS C 415 -10.30 28.63 10.99
C HIS C 415 -9.62 29.70 10.16
N PRO C 416 -9.96 29.81 8.87
CA PRO C 416 -9.28 30.76 8.01
C PRO C 416 -9.61 32.19 8.39
N PRO C 417 -8.67 33.13 8.23
CA PRO C 417 -8.93 34.56 8.45
C PRO C 417 -9.80 35.18 7.35
N GLY D 27 10.72 -45.46 13.45
CA GLY D 27 9.27 -45.50 13.54
C GLY D 27 8.66 -44.28 14.19
N PHE D 28 9.33 -43.14 14.08
CA PHE D 28 8.79 -41.89 14.60
C PHE D 28 7.71 -41.37 13.65
N LEU D 29 6.96 -40.39 14.09
CA LEU D 29 6.06 -39.70 13.18
C LEU D 29 6.85 -39.16 11.99
N PRO D 30 6.29 -39.22 10.78
CA PRO D 30 6.97 -38.60 9.64
C PRO D 30 7.22 -37.13 9.92
N HIS D 31 8.35 -36.63 9.40
CA HIS D 31 8.70 -35.23 9.60
C HIS D 31 7.62 -34.32 9.04
N PHE D 32 7.38 -33.21 9.72
CA PHE D 32 6.36 -32.27 9.28
C PHE D 32 6.74 -31.67 7.94
N GLN D 33 5.83 -31.76 6.98
CA GLN D 33 6.10 -31.32 5.62
C GLN D 33 6.26 -29.80 5.55
N HIS D 34 7.15 -29.36 4.66
CA HIS D 34 7.40 -27.95 4.37
C HIS D 34 7.97 -27.19 5.56
N PHE D 35 8.43 -27.88 6.60
CA PHE D 35 8.87 -27.17 7.81
C PHE D 35 10.02 -26.22 7.51
N ALA D 36 11.06 -26.72 6.83
CA ALA D 36 12.22 -25.88 6.53
C ALA D 36 11.85 -24.73 5.59
N THR D 37 11.06 -25.02 4.57
CA THR D 37 10.63 -23.97 3.66
C THR D 37 9.89 -22.87 4.41
N GLN D 38 8.97 -23.26 5.30
CA GLN D 38 8.15 -22.27 5.99
C GLN D 38 8.96 -21.50 7.02
N ALA D 39 9.90 -22.16 7.70
CA ALA D 39 10.75 -21.45 8.66
C ALA D 39 11.53 -20.33 8.00
N ILE D 40 11.84 -20.49 6.71
CA ILE D 40 12.65 -19.50 6.00
C ILE D 40 11.79 -18.44 5.31
N HIS D 41 10.56 -18.77 4.93
CA HIS D 41 9.77 -17.88 4.07
C HIS D 41 8.52 -17.28 4.71
N VAL D 42 7.88 -17.98 5.65
CA VAL D 42 6.62 -17.46 6.19
C VAL D 42 6.89 -16.21 7.01
N GLY D 43 6.13 -15.15 6.72
CA GLY D 43 6.35 -13.86 7.36
C GLY D 43 7.46 -13.03 6.77
N GLN D 44 8.27 -13.58 5.86
CA GLN D 44 9.46 -12.92 5.35
C GLN D 44 9.25 -12.36 3.95
N ASP D 45 7.98 -12.22 3.51
CA ASP D 45 7.64 -11.76 2.17
C ASP D 45 8.30 -10.41 1.87
N PRO D 46 9.19 -10.35 0.87
CA PRO D 46 9.83 -9.05 0.55
C PRO D 46 8.84 -7.98 0.12
N GLU D 47 7.68 -8.34 -0.44
CA GLU D 47 6.70 -7.35 -0.88
C GLU D 47 6.10 -6.55 0.26
N GLN D 48 6.36 -6.95 1.52
CA GLN D 48 5.90 -6.17 2.66
C GLN D 48 6.59 -4.82 2.76
N TRP D 49 7.79 -4.68 2.19
CA TRP D 49 8.63 -3.51 2.40
C TRP D 49 8.83 -2.81 1.08
N THR D 50 8.84 -1.47 1.11
CA THR D 50 9.05 -0.71 -0.11
C THR D 50 10.40 -1.06 -0.75
N SER D 51 11.40 -1.40 0.06
CA SER D 51 12.70 -1.78 -0.47
C SER D 51 12.73 -3.18 -1.06
N ARG D 52 11.72 -4.01 -0.76
CA ARG D 52 11.69 -5.42 -1.14
C ARG D 52 12.90 -6.18 -0.58
N ALA D 53 13.34 -5.81 0.62
CA ALA D 53 14.39 -6.53 1.31
C ALA D 53 14.02 -8.00 1.48
N VAL D 54 15.00 -8.88 1.26
CA VAL D 54 14.72 -10.31 1.42
C VAL D 54 14.65 -10.71 2.89
N VAL D 55 15.28 -9.93 3.77
CA VAL D 55 15.19 -10.14 5.22
C VAL D 55 14.40 -8.98 5.83
N PRO D 56 13.40 -9.24 6.66
CA PRO D 56 12.59 -8.16 7.23
C PRO D 56 13.45 -7.18 8.04
N PRO D 57 13.27 -5.89 7.83
CA PRO D 57 14.01 -4.90 8.63
C PRO D 57 13.61 -4.97 10.10
N ILE D 58 14.48 -4.47 10.96
CA ILE D 58 14.18 -4.36 12.39
C ILE D 58 13.55 -2.99 12.63
N SER D 59 12.26 -2.98 12.93
CA SER D 59 11.52 -1.74 13.15
C SER D 59 11.45 -1.47 14.65
N LEU D 60 12.28 -0.56 15.13
CA LEU D 60 12.29 -0.20 16.55
C LEU D 60 11.21 0.82 16.89
N SER D 61 10.69 1.53 15.90
CA SER D 61 9.80 2.66 16.13
C SER D 61 8.67 2.29 17.08
N THR D 62 8.49 3.11 18.12
CA THR D 62 7.40 2.89 19.05
C THR D 62 6.05 3.31 18.47
N THR D 63 6.04 4.24 17.52
CA THR D 63 4.78 4.78 17.04
C THR D 63 4.85 4.97 15.53
N PHE D 64 3.68 5.24 14.96
CA PHE D 64 3.49 5.22 13.53
C PHE D 64 2.57 6.37 13.12
N LYS D 65 2.90 7.02 12.01
CA LYS D 65 2.06 8.10 11.51
C LYS D 65 0.69 7.56 11.12
N GLN D 66 -0.36 8.22 11.60
CA GLN D 66 -1.73 7.83 11.32
C GLN D 66 -2.41 8.82 10.39
N GLY D 67 -3.49 8.34 9.75
CA GLY D 67 -4.44 9.22 9.12
C GLY D 67 -3.93 10.06 7.97
N ALA D 68 -2.81 9.68 7.37
CA ALA D 68 -2.31 10.40 6.22
C ALA D 68 -3.19 10.12 5.01
N PRO D 69 -3.19 11.01 4.02
CA PRO D 69 -3.99 10.75 2.80
C PRO D 69 -3.57 9.46 2.12
N GLY D 70 -4.57 8.62 1.81
CA GLY D 70 -4.34 7.35 1.16
C GLY D 70 -4.22 6.18 2.12
N SER D 73 -5.96 -0.33 9.79
CA SER D 73 -5.50 0.51 8.68
C SER D 73 -4.00 0.70 8.73
N GLY D 74 -3.35 0.00 9.65
CA GLY D 74 -1.92 0.08 9.85
C GLY D 74 -1.58 -0.02 11.31
N PHE D 75 -0.30 0.15 11.62
CA PHE D 75 0.18 0.03 12.98
C PHE D 75 -0.08 1.32 13.73
N ASN D 76 -0.25 1.21 15.03
CA ASN D 76 -0.42 2.45 15.78
C ASN D 76 0.57 2.58 16.93
N TYR D 77 0.89 1.48 17.61
CA TYR D 77 1.80 1.52 18.75
C TYR D 77 2.52 0.19 18.86
N SER D 78 3.83 0.24 19.12
CA SER D 78 4.67 -0.94 19.04
C SER D 78 4.19 -2.06 19.94
N ARG D 79 3.75 -1.72 21.16
CA ARG D 79 3.30 -2.75 22.09
C ARG D 79 2.12 -3.53 21.54
N SER D 80 1.22 -2.84 20.82
CA SER D 80 0.05 -3.50 20.24
C SER D 80 0.40 -4.32 19.02
N GLY D 81 1.48 -3.98 18.33
CA GLY D 81 1.87 -4.67 17.12
C GLY D 81 2.92 -3.87 16.38
N ASN D 82 3.89 -4.56 15.80
CA ASN D 82 4.96 -3.92 15.05
C ASN D 82 5.45 -4.89 13.99
N PRO D 83 6.03 -4.41 12.90
CA PRO D 83 6.34 -5.32 11.77
C PRO D 83 7.23 -6.49 12.12
N THR D 84 8.31 -6.26 12.86
CA THR D 84 9.27 -7.34 13.12
C THR D 84 8.64 -8.42 13.99
N ARG D 85 7.86 -8.04 15.00
CA ARG D 85 7.19 -9.04 15.82
C ARG D 85 6.11 -9.78 15.04
N ASN D 86 5.33 -9.07 14.23
CA ASN D 86 4.29 -9.73 13.46
C ASN D 86 4.88 -10.76 12.49
N CYS D 87 6.03 -10.44 11.88
CA CYS D 87 6.70 -11.39 11.00
C CYS D 87 7.12 -12.65 11.75
N LEU D 88 7.68 -12.49 12.95
CA LEU D 88 8.07 -13.64 13.77
C LEU D 88 6.87 -14.49 14.11
N GLU D 89 5.79 -13.85 14.58
CA GLU D 89 4.60 -14.59 15.00
C GLU D 89 4.01 -15.40 13.85
N LYS D 90 3.98 -14.83 12.64
CA LYS D 90 3.47 -15.59 11.50
C LYS D 90 4.35 -16.80 11.19
N ALA D 91 5.67 -16.64 11.30
CA ALA D 91 6.57 -17.76 11.06
C ALA D 91 6.36 -18.86 12.09
N VAL D 92 6.32 -18.49 13.38
CA VAL D 92 6.18 -19.49 14.44
C VAL D 92 4.84 -20.22 14.31
N ALA D 93 3.77 -19.49 14.00
CA ALA D 93 2.46 -20.10 13.86
C ALA D 93 2.49 -21.21 12.81
N ALA D 94 3.10 -20.94 11.66
CA ALA D 94 3.19 -21.96 10.62
C ALA D 94 3.99 -23.16 11.12
N LEU D 95 5.08 -22.91 11.84
CA LEU D 95 5.90 -24.01 12.33
C LEU D 95 5.16 -24.85 13.36
N ASP D 96 4.24 -24.24 14.09
CA ASP D 96 3.42 -24.97 15.06
C ASP D 96 2.20 -25.62 14.43
N GLY D 97 1.98 -25.44 13.13
CA GLY D 97 0.73 -25.85 12.52
C GLY D 97 -0.45 -25.04 13.01
N ALA D 98 -0.21 -23.80 13.43
CA ALA D 98 -1.20 -22.95 14.06
C ALA D 98 -1.66 -21.84 13.12
N LYS D 99 -2.86 -21.33 13.40
CA LYS D 99 -3.34 -20.13 12.71
C LYS D 99 -2.72 -18.86 13.29
N TYR D 100 -2.41 -18.84 14.58
CA TYR D 100 -1.99 -17.61 15.24
C TYR D 100 -0.84 -17.91 16.20
N CYS D 101 -0.04 -16.88 16.46
CA CYS D 101 1.01 -16.95 17.47
C CYS D 101 1.19 -15.58 18.10
N LEU D 102 1.54 -15.58 19.40
CA LEU D 102 1.81 -14.35 20.14
C LEU D 102 3.17 -14.48 20.80
N ALA D 103 4.00 -13.47 20.65
CA ALA D 103 5.33 -13.44 21.24
C ALA D 103 5.32 -12.61 22.53
N PHE D 104 6.13 -13.04 23.50
CA PHE D 104 6.19 -12.42 24.81
C PHE D 104 7.64 -12.25 25.24
N ALA D 105 7.82 -11.46 26.31
CA ALA D 105 9.14 -11.08 26.78
C ALA D 105 9.92 -12.26 27.37
N SER D 106 9.23 -13.34 27.74
CA SER D 106 9.88 -14.52 28.29
C SER D 106 8.87 -15.66 28.27
N GLY D 107 9.38 -16.88 28.48
CA GLY D 107 8.49 -18.01 28.64
C GLY D 107 7.57 -17.85 29.84
N LEU D 108 8.10 -17.37 30.97
CA LEU D 108 7.28 -17.13 32.14
C LEU D 108 6.23 -16.05 31.87
N ALA D 109 6.61 -14.98 31.16
CA ALA D 109 5.66 -13.95 30.82
C ALA D 109 4.52 -14.50 29.97
N ALA D 110 4.83 -15.42 29.06
CA ALA D 110 3.78 -16.09 28.30
C ALA D 110 2.87 -16.89 29.23
N THR D 111 3.47 -17.59 30.20
CA THR D 111 2.68 -18.36 31.16
C THR D 111 1.78 -17.45 31.98
N VAL D 112 2.31 -16.33 32.46
CA VAL D 112 1.51 -15.41 33.26
C VAL D 112 0.38 -14.82 32.43
N THR D 113 0.65 -14.51 31.16
CA THR D 113 -0.38 -13.93 30.30
C THR D 113 -1.50 -14.94 30.06
N ILE D 114 -1.14 -16.21 29.83
CA ILE D 114 -2.16 -17.25 29.63
C ILE D 114 -3.04 -17.36 30.86
N THR D 115 -2.44 -17.29 32.05
CA THR D 115 -3.22 -17.45 33.27
C THR D 115 -4.19 -16.28 33.46
N HIS D 116 -3.87 -15.11 32.92
CA HIS D 116 -4.79 -13.97 32.99
C HIS D 116 -6.04 -14.16 32.14
N LEU D 117 -6.12 -15.23 31.36
CA LEU D 117 -7.37 -15.56 30.67
C LEU D 117 -8.49 -15.91 31.64
N LEU D 118 -8.16 -16.24 32.88
CA LEU D 118 -9.12 -16.78 33.83
C LEU D 118 -9.71 -15.66 34.68
N LYS D 119 -10.31 -16.02 35.82
CA LYS D 119 -10.91 -15.07 36.74
C LYS D 119 -10.93 -15.73 38.11
N ALA D 120 -11.22 -14.92 39.14
CA ALA D 120 -11.30 -15.45 40.49
C ALA D 120 -12.38 -16.53 40.57
N GLY D 121 -12.06 -17.64 41.22
CA GLY D 121 -12.94 -18.78 41.29
C GLY D 121 -12.61 -19.90 40.34
N ASP D 122 -11.77 -19.66 39.33
CA ASP D 122 -11.36 -20.71 38.41
C ASP D 122 -10.36 -21.64 39.07
N GLN D 123 -10.26 -22.85 38.50
CA GLN D 123 -9.31 -23.86 38.95
C GLN D 123 -8.30 -24.14 37.84
N ILE D 124 -7.04 -24.30 38.24
CA ILE D 124 -5.97 -24.70 37.34
C ILE D 124 -5.46 -26.06 37.79
N ILE D 125 -5.34 -26.98 36.83
CA ILE D 125 -4.68 -28.26 37.05
C ILE D 125 -3.31 -28.18 36.40
N CYS D 126 -2.26 -28.41 37.20
CA CYS D 126 -0.90 -28.35 36.70
C CYS D 126 -0.20 -29.68 36.99
N MET D 127 0.67 -30.07 36.07
CA MET D 127 1.44 -31.29 36.28
C MET D 127 2.31 -31.18 37.53
N ASP D 128 2.45 -32.31 38.23
CA ASP D 128 3.16 -32.33 39.51
C ASP D 128 4.66 -32.14 39.34
N ASP D 129 5.19 -32.23 38.12
CA ASP D 129 6.62 -32.05 37.88
C ASP D 129 6.84 -31.17 36.64
N VAL D 130 6.30 -29.95 36.68
CA VAL D 130 6.55 -28.96 35.64
C VAL D 130 7.85 -28.23 35.93
N TYR D 131 8.29 -27.43 34.95
CA TYR D 131 9.42 -26.53 35.14
C TYR D 131 9.25 -25.74 36.43
N GLY D 132 10.34 -25.59 37.17
CA GLY D 132 10.28 -24.94 38.48
C GLY D 132 9.62 -23.56 38.44
N GLY D 133 9.92 -22.77 37.41
CA GLY D 133 9.34 -21.45 37.32
C GLY D 133 7.84 -21.48 37.13
N THR D 134 7.34 -22.46 36.38
CA THR D 134 5.90 -22.64 36.26
C THR D 134 5.29 -23.01 37.61
N ASN D 135 5.91 -23.97 38.30
CA ASN D 135 5.44 -24.38 39.62
C ASN D 135 5.42 -23.20 40.58
N LEU D 136 6.51 -22.42 40.61
CA LEU D 136 6.59 -21.32 41.55
C LEU D 136 5.52 -20.26 41.29
N TYR D 137 5.28 -19.93 40.02
CA TYR D 137 4.30 -18.90 39.69
C TYR D 137 2.90 -19.31 40.14
N PHE D 138 2.48 -20.53 39.79
CA PHE D 138 1.15 -21.00 40.17
C PHE D 138 1.01 -21.06 41.69
N ARG D 139 1.99 -21.62 42.37
CA ARG D 139 1.87 -21.90 43.80
C ARG D 139 1.93 -20.62 44.63
N GLN D 140 2.88 -19.74 44.33
CA GLN D 140 3.16 -18.62 45.22
C GLN D 140 2.55 -17.31 44.77
N VAL D 141 2.18 -17.17 43.50
CA VAL D 141 1.63 -15.91 42.98
C VAL D 141 0.19 -16.07 42.55
N ALA D 142 -0.08 -16.95 41.58
CA ALA D 142 -1.43 -17.10 41.05
C ALA D 142 -2.43 -17.49 42.12
N SER D 143 -2.00 -18.31 43.10
CA SER D 143 -2.91 -18.75 44.15
C SER D 143 -3.39 -17.60 45.04
N GLU D 144 -2.69 -16.48 45.05
CA GLU D 144 -3.08 -15.33 45.86
C GLU D 144 -4.22 -14.52 45.25
N PHE D 145 -4.62 -14.82 44.02
CA PHE D 145 -5.61 -13.99 43.34
C PHE D 145 -6.85 -14.80 42.97
N GLY D 146 -7.35 -15.59 43.92
CA GLY D 146 -8.59 -16.32 43.74
C GLY D 146 -8.52 -17.52 42.83
N LEU D 147 -7.33 -17.98 42.47
CA LEU D 147 -7.15 -19.15 41.61
C LEU D 147 -6.77 -20.35 42.46
N LYS D 148 -7.51 -21.44 42.30
CA LYS D 148 -7.21 -22.70 42.98
C LYS D 148 -6.29 -23.54 42.11
N ILE D 149 -5.16 -23.95 42.68
CA ILE D 149 -4.13 -24.70 41.95
C ILE D 149 -4.09 -26.12 42.48
N SER D 150 -4.17 -27.09 41.57
CA SER D 150 -4.07 -28.49 41.91
C SER D 150 -2.95 -29.13 41.09
N PHE D 151 -2.00 -29.77 41.76
CA PHE D 151 -0.91 -30.46 41.11
C PHE D 151 -1.22 -31.96 41.04
N VAL D 152 -1.29 -32.48 39.82
CA VAL D 152 -1.68 -33.87 39.56
C VAL D 152 -0.66 -34.53 38.65
N ASP D 153 -0.42 -35.82 38.89
CA ASP D 153 0.36 -36.62 37.97
C ASP D 153 -0.51 -36.92 36.75
N CYS D 154 -0.40 -36.07 35.72
CA CYS D 154 -1.26 -36.21 34.55
C CYS D 154 -0.88 -37.39 33.66
N SER D 155 0.10 -38.20 34.05
CA SER D 155 0.37 -39.44 33.34
C SER D 155 -0.64 -40.52 33.66
N LYS D 156 -1.55 -40.28 34.61
CA LYS D 156 -2.52 -41.27 35.06
C LYS D 156 -3.92 -40.78 34.71
N ILE D 157 -4.67 -41.61 34.00
CA ILE D 157 -5.95 -41.19 33.42
C ILE D 157 -6.95 -40.85 34.52
N LYS D 158 -7.07 -41.71 35.53
CA LYS D 158 -8.08 -41.48 36.55
C LYS D 158 -7.70 -40.36 37.50
N LEU D 159 -6.39 -40.11 37.69
CA LEU D 159 -6.01 -39.01 38.57
C LEU D 159 -6.30 -37.66 37.93
N LEU D 160 -6.21 -37.57 36.60
CA LEU D 160 -6.48 -36.31 35.92
C LEU D 160 -7.98 -36.00 35.89
N GLU D 161 -8.79 -36.99 35.54
CA GLU D 161 -10.23 -36.75 35.41
C GLU D 161 -10.90 -36.58 36.77
N ALA D 162 -10.35 -37.20 37.82
CA ALA D 162 -10.90 -36.99 39.15
C ALA D 162 -10.64 -35.58 39.66
N ALA D 163 -9.59 -34.93 39.16
CA ALA D 163 -9.26 -33.58 39.58
C ALA D 163 -10.11 -32.53 38.87
N ILE D 164 -10.64 -32.86 37.69
CA ILE D 164 -11.43 -31.91 36.92
C ILE D 164 -12.76 -31.66 37.62
N THR D 165 -13.06 -30.38 37.84
CA THR D 165 -14.31 -29.95 38.45
C THR D 165 -15.01 -28.98 37.51
N PRO D 166 -16.27 -28.63 37.75
CA PRO D 166 -16.90 -27.58 36.91
C PRO D 166 -16.15 -26.27 36.90
N GLU D 167 -15.35 -25.98 37.93
CA GLU D 167 -14.55 -24.75 37.99
C GLU D 167 -13.25 -24.85 37.20
N THR D 168 -12.85 -26.04 36.78
CA THR D 168 -11.58 -26.20 36.08
C THR D 168 -11.62 -25.47 34.74
N LYS D 169 -10.65 -24.57 34.52
CA LYS D 169 -10.58 -23.80 33.28
C LYS D 169 -9.28 -23.97 32.53
N LEU D 170 -8.21 -24.45 33.16
CA LEU D 170 -6.91 -24.56 32.54
C LEU D 170 -6.22 -25.82 33.01
N VAL D 171 -5.65 -26.57 32.06
CA VAL D 171 -4.81 -27.72 32.37
C VAL D 171 -3.46 -27.47 31.71
N TRP D 172 -2.41 -27.42 32.53
CA TRP D 172 -1.06 -27.08 32.07
C TRP D 172 -0.20 -28.34 32.12
N ILE D 173 0.28 -28.79 30.96
CA ILE D 173 1.15 -29.95 30.93
C ILE D 173 2.43 -29.60 30.19
N GLU D 174 3.48 -30.34 30.51
CA GLU D 174 4.79 -30.23 29.89
C GLU D 174 5.26 -31.63 29.52
N THR D 175 5.80 -31.76 28.31
CA THR D 175 6.30 -33.07 27.87
C THR D 175 7.38 -32.98 26.77
N PRO D 176 8.55 -33.58 27.03
CA PRO D 176 8.97 -34.22 28.29
C PRO D 176 9.23 -33.20 29.40
N THR D 177 9.17 -33.62 30.65
CA THR D 177 9.26 -32.69 31.76
C THR D 177 10.70 -32.24 31.99
N ASN D 178 10.84 -31.05 32.56
CA ASN D 178 12.12 -30.45 32.91
C ASN D 178 12.30 -30.57 34.42
N PRO D 179 13.30 -31.35 34.86
CA PRO D 179 14.36 -31.99 34.08
C PRO D 179 14.33 -33.53 33.96
N THR D 180 13.36 -34.21 34.58
CA THR D 180 13.37 -35.66 34.60
C THR D 180 12.80 -36.29 33.32
N GLN D 181 12.22 -35.50 32.42
CA GLN D 181 11.77 -35.96 31.10
C GLN D 181 10.74 -37.09 31.19
N LYS D 182 9.76 -36.92 32.06
CA LYS D 182 8.56 -37.74 31.98
C LYS D 182 7.74 -37.30 30.77
N VAL D 183 7.11 -38.27 30.11
CA VAL D 183 6.41 -38.04 28.84
C VAL D 183 4.92 -38.24 29.04
N ILE D 184 4.13 -37.31 28.51
CA ILE D 184 2.67 -37.30 28.66
C ILE D 184 2.05 -37.52 27.30
N ASP D 185 1.07 -38.41 27.22
CA ASP D 185 0.24 -38.62 26.03
C ASP D 185 -0.59 -37.36 25.79
N ILE D 186 -0.15 -36.51 24.86
CA ILE D 186 -0.83 -35.23 24.64
C ILE D 186 -2.25 -35.46 24.15
N GLU D 187 -2.41 -36.31 23.14
CA GLU D 187 -3.74 -36.55 22.58
C GLU D 187 -4.67 -37.17 23.60
N GLY D 188 -4.16 -38.12 24.40
CA GLY D 188 -4.97 -38.69 25.46
C GLY D 188 -5.38 -37.65 26.49
N CYS D 189 -4.45 -36.78 26.87
CA CYS D 189 -4.76 -35.71 27.82
C CYS D 189 -5.82 -34.77 27.25
N ALA D 190 -5.65 -34.36 25.98
CA ALA D 190 -6.61 -33.46 25.37
C ALA D 190 -7.99 -34.09 25.28
N HIS D 191 -8.05 -35.37 24.91
CA HIS D 191 -9.32 -36.07 24.79
C HIS D 191 -10.05 -36.12 26.13
N ILE D 192 -9.32 -36.39 27.21
CA ILE D 192 -9.92 -36.46 28.54
C ILE D 192 -10.38 -35.08 28.97
N VAL D 193 -9.56 -34.05 28.74
CA VAL D 193 -9.88 -32.71 29.19
C VAL D 193 -11.09 -32.15 28.43
N HIS D 194 -11.18 -32.43 27.13
CA HIS D 194 -12.18 -31.79 26.29
C HIS D 194 -13.55 -32.46 26.35
N LYS D 195 -13.67 -33.60 27.03
CA LYS D 195 -15.00 -34.13 27.31
C LYS D 195 -15.74 -33.29 28.33
N HIS D 196 -15.03 -32.50 29.14
CA HIS D 196 -15.61 -31.75 30.24
C HIS D 196 -15.99 -30.33 29.87
N GLY D 197 -15.89 -29.93 28.60
CA GLY D 197 -16.39 -28.64 28.19
C GLY D 197 -15.34 -27.57 27.97
N ASP D 198 -15.50 -26.44 28.66
CA ASP D 198 -14.73 -25.23 28.38
C ASP D 198 -13.46 -25.21 29.22
N ILE D 199 -12.50 -26.05 28.82
CA ILE D 199 -11.21 -26.16 29.50
C ILE D 199 -10.10 -25.98 28.48
N ILE D 200 -9.08 -25.20 28.84
CA ILE D 200 -7.93 -24.94 27.99
C ILE D 200 -6.81 -25.91 28.37
N LEU D 201 -6.26 -26.60 27.37
CA LEU D 201 -5.11 -27.47 27.57
C LEU D 201 -3.88 -26.80 26.98
N VAL D 202 -2.90 -26.48 27.82
CA VAL D 202 -1.64 -25.91 27.38
C VAL D 202 -0.58 -27.00 27.45
N VAL D 203 0.23 -27.10 26.39
CA VAL D 203 1.40 -27.96 26.36
C VAL D 203 2.63 -27.08 26.23
N ASP D 204 3.49 -27.10 27.26
CA ASP D 204 4.80 -26.45 27.19
C ASP D 204 5.72 -27.33 26.36
N ASN D 205 5.99 -26.90 25.12
CA ASN D 205 6.71 -27.67 24.13
C ASN D 205 8.19 -27.25 24.03
N THR D 206 8.74 -26.70 25.12
CA THR D 206 10.09 -26.14 25.08
C THR D 206 11.14 -27.20 24.75
N PHE D 207 11.04 -28.39 25.36
CA PHE D 207 12.08 -29.39 25.23
C PHE D 207 12.16 -29.99 23.83
N MET D 208 11.04 -30.09 23.12
CA MET D 208 11.01 -30.77 21.84
C MET D 208 11.16 -29.83 20.66
N SER D 209 10.62 -28.60 20.75
CA SER D 209 10.50 -27.64 19.67
C SER D 209 9.45 -28.10 18.68
N PRO D 210 8.87 -27.20 17.87
CA PRO D 210 7.85 -27.63 16.90
C PRO D 210 8.40 -28.49 15.78
N TYR D 211 9.72 -28.59 15.64
CA TYR D 211 10.29 -29.50 14.65
C TYR D 211 10.06 -30.96 15.01
N PHE D 212 10.01 -31.27 16.31
CA PHE D 212 9.88 -32.65 16.74
C PHE D 212 8.52 -32.98 17.35
N GLN D 213 7.72 -31.98 17.75
CA GLN D 213 6.43 -32.24 18.38
C GLN D 213 5.48 -31.08 18.13
N ARG D 214 4.24 -31.39 17.73
CA ARG D 214 3.20 -30.40 17.46
C ARG D 214 2.00 -30.62 18.36
N PRO D 215 1.99 -30.03 19.55
CA PRO D 215 0.86 -30.25 20.47
C PRO D 215 -0.50 -29.87 19.89
N LEU D 216 -0.57 -28.85 19.02
CA LEU D 216 -1.85 -28.46 18.45
C LEU D 216 -2.38 -29.51 17.49
N ALA D 217 -1.50 -30.20 16.76
CA ALA D 217 -1.96 -31.29 15.91
C ALA D 217 -2.42 -32.49 16.73
N LEU D 218 -2.05 -32.54 18.01
CA LEU D 218 -2.40 -33.64 18.89
C LEU D 218 -3.58 -33.33 19.80
N GLY D 219 -4.23 -32.18 19.63
CA GLY D 219 -5.41 -31.85 20.41
C GLY D 219 -5.23 -30.76 21.45
N ALA D 220 -4.02 -30.25 21.65
CA ALA D 220 -3.83 -29.16 22.59
C ALA D 220 -4.50 -27.89 22.07
N ASP D 221 -4.89 -27.03 23.00
CA ASP D 221 -5.44 -25.72 22.65
C ASP D 221 -4.35 -24.68 22.47
N ILE D 222 -3.25 -24.80 23.20
CA ILE D 222 -2.15 -23.85 23.17
C ILE D 222 -0.83 -24.63 23.12
N SER D 223 0.05 -24.26 22.21
CA SER D 223 1.43 -24.71 22.21
C SER D 223 2.31 -23.55 22.67
N MET D 224 2.95 -23.72 23.81
CA MET D 224 3.73 -22.66 24.44
C MET D 224 5.19 -23.03 24.45
N TYR D 225 6.06 -22.03 24.31
CA TYR D 225 7.50 -22.25 24.31
C TYR D 225 8.20 -21.18 25.14
N SER D 226 9.28 -21.59 25.77
CA SER D 226 10.38 -20.68 26.09
C SER D 226 11.26 -20.65 24.85
N ALA D 227 11.10 -19.62 24.02
CA ALA D 227 11.97 -19.45 22.87
C ALA D 227 13.41 -19.19 23.28
N THR D 228 13.63 -18.89 24.55
CA THR D 228 14.96 -18.74 25.12
C THR D 228 15.82 -19.98 24.88
N TYR D 230 15.37 -23.76 22.54
CA TYR D 230 15.63 -24.23 21.17
C TYR D 230 15.18 -23.31 20.05
N MET D 231 14.02 -22.67 20.22
CA MET D 231 13.43 -21.84 19.16
C MET D 231 14.44 -20.83 18.64
N ASN D 232 14.96 -19.98 19.52
CA ASN D 232 16.04 -19.08 19.13
C ASN D 232 17.33 -19.86 18.92
N GLY D 233 17.67 -20.73 19.88
CA GLY D 233 18.77 -21.66 19.74
C GLY D 233 20.15 -21.08 19.82
N HIS D 234 20.30 -19.77 20.10
CA HIS D 234 21.61 -19.15 20.09
C HIS D 234 21.94 -18.46 21.41
N SER D 235 21.20 -18.78 22.48
CA SER D 235 21.55 -18.40 23.85
C SER D 235 21.71 -16.89 24.00
N ASP D 236 20.92 -16.11 23.25
CA ASP D 236 21.09 -14.66 23.30
C ASP D 236 19.77 -13.90 23.22
N VAL D 237 18.64 -14.58 23.44
CA VAL D 237 17.33 -13.96 23.43
C VAL D 237 16.49 -14.65 24.50
N VAL D 238 15.86 -13.86 25.36
CA VAL D 238 14.85 -14.37 26.28
C VAL D 238 13.49 -14.06 25.69
N MET D 239 12.66 -15.08 25.52
CA MET D 239 11.41 -14.88 24.79
C MET D 239 10.44 -16.03 25.06
N GLY D 240 9.14 -15.72 25.02
CA GLY D 240 8.11 -16.73 25.07
C GLY D 240 7.27 -16.68 23.80
N LEU D 241 6.71 -17.83 23.44
CA LEU D 241 5.88 -17.95 22.24
C LEU D 241 4.64 -18.76 22.59
N VAL D 242 3.50 -18.36 22.02
CA VAL D 242 2.21 -18.98 22.31
C VAL D 242 1.47 -19.14 20.99
N SER D 243 1.27 -20.37 20.55
CA SER D 243 0.56 -20.65 19.30
C SER D 243 -0.80 -21.27 19.60
N VAL D 244 -1.80 -20.88 18.82
CA VAL D 244 -3.18 -21.25 19.07
C VAL D 244 -3.93 -21.29 17.74
N ASN D 245 -4.99 -22.09 17.70
CA ASN D 245 -5.90 -22.16 16.56
C ASN D 245 -7.24 -21.52 16.82
N CYS D 246 -7.78 -21.65 18.04
CA CYS D 246 -9.11 -21.17 18.34
C CYS D 246 -9.20 -19.66 18.19
N GLU D 247 -10.25 -19.21 17.52
CA GLU D 247 -10.40 -17.79 17.19
C GLU D 247 -10.64 -16.94 18.44
N SER D 248 -11.62 -17.31 19.27
CA SER D 248 -11.91 -16.53 20.47
C SER D 248 -10.74 -16.56 21.45
N LEU D 249 -10.08 -17.72 21.57
CA LEU D 249 -8.92 -17.83 22.44
C LEU D 249 -7.78 -16.92 21.97
N HIS D 250 -7.62 -16.79 20.64
CA HIS D 250 -6.59 -15.89 20.13
C HIS D 250 -6.92 -14.44 20.44
N ASN D 251 -8.18 -14.04 20.27
CA ASN D 251 -8.58 -12.65 20.54
C ASN D 251 -8.40 -12.30 22.02
N ARG D 252 -8.74 -13.24 22.90
CA ARG D 252 -8.54 -13.02 24.33
C ARG D 252 -7.05 -12.91 24.67
N LEU D 253 -6.22 -13.74 24.03
CA LEU D 253 -4.78 -13.66 24.27
C LEU D 253 -4.18 -12.40 23.66
N ARG D 254 -4.64 -12.01 22.47
CA ARG D 254 -4.13 -10.80 21.84
C ARG D 254 -4.45 -9.57 22.69
N PHE D 255 -5.64 -9.54 23.29
CA PHE D 255 -6.00 -8.44 24.20
C PHE D 255 -5.02 -8.38 25.38
N LEU D 256 -4.67 -9.54 25.94
CA LEU D 256 -3.79 -9.55 27.10
C LEU D 256 -2.33 -9.28 26.72
N GLN D 257 -1.93 -9.62 25.49
CA GLN D 257 -0.60 -9.24 25.03
C GLN D 257 -0.44 -7.72 25.04
N ASN D 258 -1.46 -7.01 24.56
CA ASN D 258 -1.37 -5.55 24.52
C ASN D 258 -1.64 -4.92 25.88
N SER D 259 -2.60 -5.48 26.65
CA SER D 259 -3.05 -4.83 27.88
C SER D 259 -2.11 -5.08 29.05
N LEU D 260 -1.44 -6.23 29.10
CA LEU D 260 -0.45 -6.47 30.13
C LEU D 260 0.95 -6.04 29.71
N GLY D 261 1.22 -5.99 28.40
CA GLY D 261 2.44 -5.41 27.88
C GLY D 261 3.72 -6.16 28.13
N ALA D 262 3.66 -7.47 28.38
CA ALA D 262 4.86 -8.28 28.54
C ALA D 262 5.38 -8.70 27.16
N VAL D 263 5.75 -7.69 26.39
CA VAL D 263 6.05 -7.87 24.96
C VAL D 263 7.56 -7.94 24.74
N PRO D 264 8.00 -8.62 23.69
CA PRO D 264 9.44 -8.70 23.41
C PRO D 264 9.93 -7.50 22.61
N SER D 265 11.23 -7.25 22.73
CA SER D 265 11.86 -6.25 21.90
C SER D 265 11.77 -6.66 20.43
N PRO D 266 11.51 -5.71 19.52
CA PRO D 266 11.58 -6.05 18.09
C PRO D 266 12.95 -6.55 17.65
N ILE D 267 14.04 -6.14 18.31
CA ILE D 267 15.36 -6.66 17.98
C ILE D 267 15.44 -8.13 18.36
N ASP D 268 14.95 -8.47 19.56
CA ASP D 268 14.89 -9.86 19.98
C ASP D 268 14.02 -10.68 19.03
N CYS D 269 12.91 -10.11 18.56
CA CYS D 269 12.08 -10.81 17.58
C CYS D 269 12.89 -11.10 16.33
N TYR D 270 13.67 -10.12 15.87
CA TYR D 270 14.51 -10.34 14.71
C TYR D 270 15.51 -11.46 14.96
N LEU D 271 16.17 -11.43 16.12
CA LEU D 271 17.18 -12.44 16.45
C LEU D 271 16.54 -13.82 16.55
N CYS D 272 15.36 -13.92 17.16
CA CYS D 272 14.69 -15.22 17.25
C CYS D 272 14.25 -15.71 15.87
N ASN D 273 13.70 -14.82 15.04
CA ASN D 273 13.32 -15.21 13.69
C ASN D 273 14.55 -15.64 12.89
N ARG D 274 15.69 -15.01 13.14
CA ARG D 274 16.95 -15.43 12.53
C ARG D 274 17.33 -16.83 12.97
N GLY D 275 17.22 -17.11 14.26
CA GLY D 275 17.51 -18.44 14.76
C GLY D 275 16.59 -19.51 14.19
N LEU D 276 15.33 -19.15 13.94
CA LEU D 276 14.38 -20.09 13.36
C LEU D 276 14.82 -20.62 12.01
N LYS D 277 15.58 -19.82 11.25
CA LYS D 277 15.94 -20.22 9.90
C LYS D 277 16.84 -21.45 9.88
N THR D 278 17.50 -21.78 10.98
CA THR D 278 18.32 -22.99 11.08
C THR D 278 17.75 -24.02 12.05
N LEU D 279 16.51 -23.85 12.50
CA LEU D 279 15.97 -24.75 13.51
C LEU D 279 16.01 -26.20 13.05
N HIS D 280 15.66 -26.45 11.78
CA HIS D 280 15.61 -27.83 11.29
C HIS D 280 17.01 -28.47 11.29
N VAL D 281 18.01 -27.76 10.78
CA VAL D 281 19.34 -28.36 10.72
C VAL D 281 19.98 -28.42 12.11
N ARG D 282 19.62 -27.49 13.01
CA ARG D 282 20.10 -27.58 14.37
C ARG D 282 19.47 -28.76 15.10
N MET D 283 18.14 -28.85 15.07
CA MET D 283 17.45 -29.91 15.81
C MET D 283 17.86 -31.29 15.30
N GLU D 284 18.05 -31.42 13.99
CA GLU D 284 18.51 -32.69 13.45
C GLU D 284 19.87 -33.05 14.04
N LYS D 285 20.72 -32.05 14.24
CA LYS D 285 22.04 -32.28 14.84
C LYS D 285 21.93 -32.55 16.34
N HIS D 286 21.03 -31.85 17.03
CA HIS D 286 20.78 -32.16 18.44
C HIS D 286 20.32 -33.60 18.60
N PHE D 287 19.48 -34.08 17.67
CA PHE D 287 18.99 -35.46 17.71
C PHE D 287 20.14 -36.44 17.54
N LYS D 288 21.01 -36.21 16.55
CA LYS D 288 22.09 -37.14 16.29
C LYS D 288 23.10 -37.14 17.42
N ASN D 289 23.51 -35.96 17.88
CA ASN D 289 24.43 -35.89 19.01
C ASN D 289 23.79 -36.41 20.29
N GLY D 290 22.53 -36.04 20.54
CA GLY D 290 21.85 -36.50 21.72
C GLY D 290 21.71 -38.01 21.77
N MET D 291 21.37 -38.61 20.63
CA MET D 291 21.27 -40.07 20.57
C MET D 291 22.61 -40.72 20.87
N ALA D 292 23.69 -40.20 20.30
CA ALA D 292 25.02 -40.76 20.54
C ALA D 292 25.43 -40.61 21.99
N VAL D 293 25.21 -39.43 22.58
CA VAL D 293 25.55 -39.21 23.98
C VAL D 293 24.74 -40.12 24.89
N ALA D 294 23.42 -40.18 24.66
CA ALA D 294 22.56 -41.01 25.53
C ALA D 294 22.94 -42.47 25.42
N GLN D 295 23.20 -42.94 24.21
CA GLN D 295 23.58 -44.34 24.02
C GLN D 295 24.94 -44.61 24.65
N PHE D 296 25.88 -43.67 24.52
CA PHE D 296 27.19 -43.82 25.17
C PHE D 296 27.05 -43.88 26.68
N LEU D 297 26.24 -42.99 27.26
CA LEU D 297 26.09 -42.95 28.71
C LEU D 297 25.46 -44.24 29.23
N GLU D 298 24.50 -44.80 28.50
CA GLU D 298 23.79 -45.97 29.00
C GLU D 298 24.70 -47.19 29.09
N SER D 299 25.71 -47.29 28.22
CA SER D 299 26.66 -48.40 28.27
C SER D 299 27.88 -48.07 29.13
N ASN D 300 27.91 -46.92 29.79
CA ASN D 300 29.07 -46.54 30.58
C ASN D 300 29.01 -47.19 31.96
N PRO D 301 30.12 -47.76 32.44
CA PRO D 301 30.06 -48.47 33.72
C PRO D 301 29.81 -47.57 34.91
N TRP D 302 29.94 -46.26 34.76
CA TRP D 302 29.79 -45.33 35.88
C TRP D 302 28.50 -44.53 35.81
N VAL D 303 27.56 -44.92 34.96
CA VAL D 303 26.25 -44.27 34.84
C VAL D 303 25.21 -45.24 35.38
N GLU D 304 24.38 -44.76 36.30
CA GLU D 304 23.39 -45.63 36.93
C GLU D 304 22.17 -45.82 36.04
N LYS D 305 21.77 -44.78 35.33
CA LYS D 305 20.49 -44.74 34.63
C LYS D 305 20.51 -43.59 33.64
N VAL D 306 19.90 -43.80 32.47
CA VAL D 306 19.79 -42.77 31.45
C VAL D 306 18.33 -42.58 31.12
N ILE D 307 17.90 -41.33 31.00
CA ILE D 307 16.55 -40.97 30.61
C ILE D 307 16.68 -40.16 29.33
N TYR D 308 16.39 -40.79 28.20
CA TYR D 308 16.38 -40.10 26.92
C TYR D 308 15.23 -40.63 26.07
N PRO D 309 14.31 -39.76 25.65
CA PRO D 309 13.14 -40.25 24.89
C PRO D 309 13.48 -41.06 23.66
N GLY D 310 14.63 -40.81 23.03
CA GLY D 310 15.02 -41.57 21.85
C GLY D 310 15.52 -42.97 22.12
N LEU D 311 15.83 -43.30 23.38
CA LEU D 311 16.32 -44.64 23.69
C LEU D 311 15.16 -45.60 23.96
N PRO D 312 15.28 -46.86 23.51
CA PRO D 312 14.26 -47.85 23.87
C PRO D 312 14.08 -48.03 25.37
N SER D 313 15.08 -47.69 26.18
CA SER D 313 14.97 -47.83 27.64
C SER D 313 14.04 -46.81 28.28
N HIS D 314 13.66 -45.75 27.56
CA HIS D 314 12.76 -44.76 28.13
C HIS D 314 11.38 -45.38 28.35
N PRO D 315 10.77 -45.20 29.51
CA PRO D 315 9.50 -45.89 29.81
C PRO D 315 8.38 -45.57 28.84
N GLN D 316 8.38 -44.39 28.22
CA GLN D 316 7.35 -44.02 27.26
C GLN D 316 7.90 -43.94 25.84
N HIS D 317 8.93 -44.74 25.54
CA HIS D 317 9.60 -44.64 24.24
C HIS D 317 8.64 -44.88 23.08
N GLU D 318 7.76 -45.87 23.19
CA GLU D 318 6.79 -46.12 22.13
C GLU D 318 5.83 -44.95 21.99
N LEU D 319 5.47 -44.31 23.10
CA LEU D 319 4.62 -43.13 23.04
C LEU D 319 5.35 -41.96 22.40
N VAL D 320 6.64 -41.82 22.69
CA VAL D 320 7.44 -40.77 22.05
C VAL D 320 7.41 -40.93 20.54
N LYS D 321 7.56 -42.18 20.07
CA LYS D 321 7.57 -42.46 18.64
C LYS D 321 6.20 -42.20 18.02
N ARG D 322 5.13 -42.35 18.80
CA ARG D 322 3.79 -42.13 18.28
C ARG D 322 3.44 -40.65 18.13
N GLN D 323 3.98 -39.79 19.01
CA GLN D 323 3.61 -38.38 18.99
C GLN D 323 4.75 -37.42 18.65
N CYS D 324 5.93 -37.94 18.30
CA CYS D 324 7.06 -37.08 17.95
C CYS D 324 7.72 -37.58 16.68
N THR D 325 8.36 -36.66 15.95
CA THR D 325 9.10 -37.00 14.73
C THR D 325 10.57 -37.23 15.01
N GLY D 326 10.99 -37.09 16.26
CA GLY D 326 12.39 -37.21 16.61
C GLY D 326 12.58 -36.75 18.04
N CYS D 327 13.85 -36.58 18.42
CA CYS D 327 14.17 -36.24 19.78
C CYS D 327 15.25 -35.16 19.82
N THR D 328 15.31 -34.46 20.94
CA THR D 328 16.14 -33.29 21.10
C THR D 328 17.51 -33.67 21.69
N GLY D 329 18.30 -32.66 22.07
CA GLY D 329 19.59 -32.89 22.69
C GLY D 329 19.59 -32.98 24.20
N MET D 330 18.43 -32.88 24.85
CA MET D 330 18.36 -32.94 26.30
C MET D 330 18.50 -34.38 26.76
N VAL D 331 19.57 -34.67 27.50
CA VAL D 331 19.83 -36.01 28.02
C VAL D 331 19.93 -35.92 29.53
N THR D 332 19.09 -36.69 30.22
CA THR D 332 19.09 -36.76 31.67
C THR D 332 19.60 -38.13 32.10
N PHE D 333 20.46 -38.14 33.12
CA PHE D 333 20.98 -39.41 33.62
C PHE D 333 21.35 -39.26 35.09
N TYR D 334 21.48 -40.40 35.76
CA TYR D 334 21.95 -40.48 37.13
C TYR D 334 23.34 -41.11 37.15
N ILE D 335 24.28 -40.43 37.79
CA ILE D 335 25.62 -40.98 37.93
C ILE D 335 25.65 -41.94 39.11
N LYS D 336 26.47 -42.98 39.00
CA LYS D 336 26.68 -43.88 40.12
C LYS D 336 27.46 -43.17 41.23
N GLY D 337 27.31 -43.67 42.45
CA GLY D 337 28.03 -43.10 43.56
C GLY D 337 27.24 -42.08 44.34
N THR D 338 27.90 -40.98 44.73
CA THR D 338 27.27 -39.99 45.61
C THR D 338 27.35 -38.60 45.03
N LEU D 339 26.97 -37.60 45.83
CA LEU D 339 27.04 -36.21 45.41
C LEU D 339 28.46 -35.82 45.02
N GLN D 340 29.46 -36.31 45.77
CA GLN D 340 30.84 -35.96 45.47
C GLN D 340 31.26 -36.43 44.09
N HIS D 341 30.82 -37.62 43.68
CA HIS D 341 31.15 -38.11 42.35
C HIS D 341 30.49 -37.26 41.27
N ALA D 342 29.26 -36.80 41.51
CA ALA D 342 28.61 -35.90 40.56
C ALA D 342 29.40 -34.61 40.41
N GLU D 343 29.91 -34.07 41.53
CA GLU D 343 30.69 -32.84 41.46
C GLU D 343 32.02 -33.05 40.75
N ILE D 344 32.72 -34.15 41.04
CA ILE D 344 34.00 -34.43 40.38
C ILE D 344 33.80 -34.56 38.88
N PHE D 345 32.75 -35.28 38.46
CA PHE D 345 32.44 -35.41 37.04
C PHE D 345 32.23 -34.03 36.41
N LEU D 346 31.36 -33.21 37.01
CA LEU D 346 31.05 -31.90 36.43
C LEU D 346 32.29 -31.02 36.39
N LYS D 347 33.13 -31.09 37.43
CA LYS D 347 34.35 -30.31 37.47
C LYS D 347 35.31 -30.68 36.34
N ASN D 348 35.28 -31.94 35.91
CA ASN D 348 36.23 -32.41 34.91
C ASN D 348 35.76 -32.23 33.48
N LEU D 349 34.52 -31.79 33.26
CA LEU D 349 34.05 -31.51 31.92
C LEU D 349 34.83 -30.34 31.32
N LYS D 350 35.40 -30.55 30.14
CA LYS D 350 36.15 -29.52 29.42
C LYS D 350 35.33 -28.86 28.33
N LEU D 351 34.44 -29.60 27.67
CA LEU D 351 33.63 -29.10 26.57
C LEU D 351 32.22 -28.71 27.00
N PHE D 352 31.51 -29.61 27.67
CA PHE D 352 30.27 -29.22 28.36
C PHE D 352 30.56 -28.12 29.38
N THR D 353 29.75 -27.07 29.37
CA THR D 353 29.90 -25.95 30.29
C THR D 353 28.85 -26.04 31.39
N LEU D 354 29.31 -25.87 32.63
CA LEU D 354 28.43 -25.89 33.80
C LEU D 354 27.61 -24.59 33.86
N ALA D 355 26.34 -24.66 33.50
CA ALA D 355 25.47 -23.49 33.45
C ALA D 355 24.02 -23.95 33.33
N VAL D 356 23.10 -23.06 33.70
CA VAL D 356 21.67 -23.35 33.58
C VAL D 356 21.21 -22.99 32.16
N SER D 357 19.92 -23.17 31.89
CA SER D 357 19.29 -22.98 30.58
C SER D 357 19.71 -24.11 29.64
N LEU D 358 19.17 -24.11 28.42
CA LEU D 358 19.39 -25.22 27.49
C LEU D 358 18.94 -24.79 26.10
N GLY D 359 19.13 -25.69 25.13
CA GLY D 359 18.63 -25.48 23.78
C GLY D 359 19.54 -24.72 22.87
N GLY D 360 20.75 -24.35 23.30
CA GLY D 360 21.66 -23.61 22.46
C GLY D 360 22.59 -24.51 21.65
N PHE D 361 23.37 -23.87 20.78
CA PHE D 361 24.33 -24.60 19.97
C PHE D 361 25.45 -25.22 20.79
N GLU D 362 25.68 -24.72 22.01
CA GLU D 362 26.77 -25.19 22.85
C GLU D 362 26.25 -26.19 23.88
N SER D 363 27.09 -27.17 24.20
CA SER D 363 26.71 -28.18 25.18
C SER D 363 26.81 -27.62 26.60
N LEU D 364 25.80 -27.91 27.40
CA LEU D 364 25.73 -27.46 28.78
C LEU D 364 25.48 -28.66 29.69
N ALA D 365 25.92 -28.54 30.94
CA ALA D 365 25.69 -29.55 31.96
C ALA D 365 25.21 -28.87 33.23
N GLU D 366 24.41 -29.59 34.00
CA GLU D 366 23.74 -28.98 35.14
C GLU D 366 23.36 -30.05 36.15
N LEU D 367 23.49 -29.72 37.43
CA LEU D 367 23.04 -30.57 38.52
C LEU D 367 21.84 -29.89 39.15
N PRO D 368 20.62 -30.33 38.84
CA PRO D 368 19.43 -29.58 39.28
C PRO D 368 19.34 -29.36 40.78
N ALA D 369 19.93 -30.23 41.60
CA ALA D 369 19.81 -30.10 43.05
C ALA D 369 20.49 -28.83 43.56
N ILE D 370 21.65 -28.46 42.99
CA ILE D 370 22.37 -27.28 43.47
C ILE D 370 22.10 -26.02 42.65
N MET D 371 21.62 -26.15 41.42
CA MET D 371 21.57 -25.05 40.48
C MET D 371 20.16 -24.52 40.23
N THR D 372 19.20 -25.37 39.91
CA THR D 372 17.85 -24.87 39.68
C THR D 372 16.93 -25.13 40.87
N HIS D 373 16.59 -26.39 41.11
CA HIS D 373 15.67 -26.78 42.18
C HIS D 373 16.31 -26.78 43.57
N ALA D 374 17.03 -25.71 43.93
CA ALA D 374 17.65 -25.66 45.24
C ALA D 374 16.67 -25.26 46.33
N SER D 375 15.67 -24.46 45.99
CA SER D 375 14.63 -24.05 46.95
C SER D 375 13.36 -23.65 46.22
N ASP D 380 12.14 -34.22 50.73
CA ASP D 380 12.45 -32.91 50.17
C ASP D 380 11.86 -32.78 48.77
N ARG D 381 12.70 -33.03 47.75
CA ARG D 381 12.25 -33.03 46.36
C ARG D 381 12.69 -34.31 45.65
N ASP D 382 13.13 -35.33 46.40
CA ASP D 382 13.34 -36.66 45.88
C ASP D 382 12.05 -37.31 45.40
N VAL D 383 10.89 -36.87 45.90
CA VAL D 383 9.63 -37.43 45.45
C VAL D 383 9.48 -37.25 43.94
N LEU D 384 10.04 -36.17 43.39
CA LEU D 384 10.08 -35.97 41.95
C LEU D 384 11.33 -36.55 41.31
N GLY D 385 12.25 -37.09 42.11
CA GLY D 385 13.45 -37.75 41.60
C GLY D 385 14.65 -36.88 41.30
N ILE D 386 14.71 -35.65 41.81
CA ILE D 386 15.90 -34.81 41.65
C ILE D 386 16.84 -35.11 42.82
N SER D 387 17.70 -36.11 42.63
CA SER D 387 18.58 -36.58 43.69
C SER D 387 19.95 -35.92 43.54
N ASP D 388 20.85 -36.26 44.47
CA ASP D 388 22.21 -35.70 44.45
C ASP D 388 23.00 -36.17 43.23
N THR D 389 22.59 -37.27 42.60
CA THR D 389 23.29 -37.82 41.46
C THR D 389 22.61 -37.50 40.13
N LEU D 390 21.54 -36.71 40.14
CA LEU D 390 20.86 -36.33 38.91
C LEU D 390 21.65 -35.26 38.16
N ILE D 391 21.93 -35.52 36.89
CA ILE D 391 22.63 -34.58 36.02
C ILE D 391 21.83 -34.42 34.74
N ARG D 392 21.69 -33.19 34.28
CA ARG D 392 20.99 -32.90 33.03
C ARG D 392 21.97 -32.33 32.02
N LEU D 393 22.02 -32.94 30.83
CA LEU D 393 22.88 -32.49 29.75
C LEU D 393 22.02 -31.85 28.67
N SER D 394 22.49 -30.71 28.15
CA SER D 394 21.94 -30.10 26.94
C SER D 394 23.01 -30.30 25.87
N VAL D 395 22.84 -31.35 25.05
CA VAL D 395 23.84 -31.70 24.06
C VAL D 395 23.75 -30.73 22.89
N GLY D 396 24.85 -30.05 22.61
CA GLY D 396 24.91 -29.03 21.57
C GLY D 396 25.31 -29.57 20.21
N LEU D 397 25.88 -28.68 19.40
CA LEU D 397 26.15 -28.96 17.99
C LEU D 397 27.63 -29.22 17.72
N GLU D 398 28.44 -29.43 18.76
CA GLU D 398 29.86 -29.70 18.55
C GLU D 398 30.04 -31.06 17.88
N ASP D 399 31.27 -31.35 17.49
CA ASP D 399 31.56 -32.65 16.89
C ASP D 399 31.26 -33.76 17.88
N GLU D 400 30.52 -34.77 17.40
CA GLU D 400 30.05 -35.86 18.25
C GLU D 400 31.20 -36.53 19.00
N GLU D 401 32.31 -36.80 18.30
CA GLU D 401 33.41 -37.53 18.92
C GLU D 401 34.06 -36.71 20.03
N ASP D 402 34.13 -35.38 19.86
CA ASP D 402 34.68 -34.54 20.92
C ASP D 402 33.79 -34.56 22.16
N LEU D 403 32.47 -34.56 21.97
CA LEU D 403 31.57 -34.59 23.11
C LEU D 403 31.67 -35.92 23.86
N LEU D 404 31.70 -37.03 23.13
CA LEU D 404 31.81 -38.34 23.76
C LEU D 404 33.11 -38.47 24.55
N GLU D 405 34.22 -37.98 23.98
CA GLU D 405 35.49 -38.03 24.70
C GLU D 405 35.43 -37.19 25.96
N ASP D 406 34.80 -36.02 25.89
CA ASP D 406 34.69 -35.17 27.07
C ASP D 406 33.95 -35.90 28.20
N LEU D 407 32.83 -36.54 27.87
CA LEU D 407 32.09 -37.31 28.86
C LEU D 407 32.91 -38.50 29.36
N ASP D 408 33.64 -39.16 28.45
CA ASP D 408 34.41 -40.34 28.84
C ASP D 408 35.46 -39.99 29.88
N GLN D 409 36.27 -38.96 29.62
CA GLN D 409 37.34 -38.59 30.54
C GLN D 409 36.78 -38.02 31.84
N ALA D 410 35.65 -37.33 31.78
CA ALA D 410 35.07 -36.78 33.01
C ALA D 410 34.49 -37.89 33.88
N LEU D 411 33.88 -38.91 33.25
CA LEU D 411 33.37 -40.04 34.01
C LEU D 411 34.50 -40.87 34.60
N LYS D 412 35.62 -41.00 33.88
CA LYS D 412 36.77 -41.73 34.45
C LYS D 412 37.39 -40.98 35.61
N ALA D 413 37.32 -39.64 35.62
CA ALA D 413 37.84 -38.90 36.76
C ALA D 413 37.04 -39.21 38.01
N ALA D 414 35.72 -39.28 37.90
CA ALA D 414 34.91 -39.78 39.00
C ALA D 414 35.07 -41.29 39.05
N HIS D 415 35.07 -41.85 40.26
CA HIS D 415 35.34 -43.28 40.40
C HIS D 415 36.58 -43.69 39.61
N PRO D 416 37.79 -43.35 40.05
CA PRO D 416 38.98 -43.73 39.27
C PRO D 416 39.49 -45.12 39.63
N GLY E 27 -9.20 -28.28 -41.36
CA GLY E 27 -7.80 -28.21 -41.72
C GLY E 27 -7.21 -26.81 -41.71
N PHE E 28 -7.77 -25.95 -40.85
CA PHE E 28 -7.26 -24.60 -40.67
C PHE E 28 -5.99 -24.60 -39.83
N LEU E 29 -5.33 -23.44 -39.79
CA LEU E 29 -4.22 -23.25 -38.87
C LEU E 29 -4.66 -23.57 -37.45
N PRO E 30 -3.82 -24.20 -36.63
CA PRO E 30 -4.18 -24.44 -35.23
C PRO E 30 -4.49 -23.12 -34.53
N HIS E 31 -5.45 -23.17 -33.61
CA HIS E 31 -5.82 -21.97 -32.87
C HIS E 31 -4.63 -21.44 -32.08
N PHE E 32 -4.54 -20.12 -32.00
CA PHE E 32 -3.41 -19.48 -31.33
C PHE E 32 -3.42 -19.83 -29.84
N GLN E 33 -2.28 -20.30 -29.36
CA GLN E 33 -2.19 -20.75 -27.96
C GLN E 33 -2.34 -19.58 -27.00
N HIS E 34 -2.99 -19.85 -25.87
CA HIS E 34 -3.17 -18.92 -24.76
C HIS E 34 -4.04 -17.71 -25.10
N PHE E 35 -4.74 -17.72 -26.23
CA PHE E 35 -5.51 -16.55 -26.64
C PHE E 35 -6.56 -16.18 -25.59
N ALA E 36 -7.38 -17.16 -25.18
CA ALA E 36 -8.43 -16.88 -24.21
C ALA E 36 -7.86 -16.46 -22.87
N THR E 37 -6.81 -17.15 -22.42
CA THR E 37 -6.16 -16.79 -21.16
C THR E 37 -5.67 -15.35 -21.21
N GLN E 38 -5.03 -14.95 -22.31
CA GLN E 38 -4.48 -13.60 -22.40
C GLN E 38 -5.58 -12.55 -22.57
N ALA E 39 -6.63 -12.88 -23.32
CA ALA E 39 -7.75 -11.95 -23.46
C ALA E 39 -8.39 -11.64 -22.11
N ILE E 40 -8.34 -12.59 -21.19
CA ILE E 40 -8.98 -12.42 -19.89
C ILE E 40 -8.04 -11.81 -18.85
N HIS E 41 -6.72 -12.00 -19.00
CA HIS E 41 -5.78 -11.63 -17.95
C HIS E 41 -4.78 -10.54 -18.32
N VAL E 42 -4.40 -10.40 -19.58
CA VAL E 42 -3.37 -9.42 -19.92
C VAL E 42 -3.92 -8.02 -19.71
N GLY E 43 -3.17 -7.19 -18.98
CA GLY E 43 -3.60 -5.86 -18.60
C GLY E 43 -4.52 -5.80 -17.39
N GLN E 44 -5.00 -6.94 -16.89
CA GLN E 44 -6.02 -6.97 -15.84
C GLN E 44 -5.45 -7.35 -14.48
N ASP E 45 -4.13 -7.31 -14.32
CA ASP E 45 -3.49 -7.73 -13.08
C ASP E 45 -4.03 -6.94 -11.89
N PRO E 46 -4.65 -7.59 -10.90
CA PRO E 46 -5.20 -6.84 -9.75
C PRO E 46 -4.15 -6.08 -8.96
N GLU E 47 -2.89 -6.52 -9.02
CA GLU E 47 -1.81 -5.87 -8.30
C GLU E 47 -1.57 -4.44 -8.76
N GLN E 48 -2.15 -4.04 -9.89
CA GLN E 48 -2.07 -2.66 -10.37
C GLN E 48 -2.81 -1.69 -9.47
N TRP E 49 -3.81 -2.15 -8.72
CA TRP E 49 -4.72 -1.27 -7.99
C TRP E 49 -4.58 -1.50 -6.49
N THR E 50 -4.66 -0.41 -5.73
CA THR E 50 -4.61 -0.51 -4.28
C THR E 50 -5.71 -1.42 -3.74
N SER E 51 -6.85 -1.46 -4.42
CA SER E 51 -7.95 -2.33 -4.02
C SER E 51 -7.72 -3.79 -4.38
N ARG E 52 -6.81 -4.06 -5.32
CA ARG E 52 -6.65 -5.40 -5.89
C ARG E 52 -7.96 -5.89 -6.50
N ALA E 53 -8.70 -4.97 -7.10
CA ALA E 53 -9.91 -5.33 -7.83
C ALA E 53 -9.58 -6.29 -8.96
N VAL E 54 -10.43 -7.30 -9.13
CA VAL E 54 -10.21 -8.31 -10.17
C VAL E 54 -10.51 -7.76 -11.56
N VAL E 55 -11.35 -6.75 -11.65
CA VAL E 55 -11.64 -6.06 -12.91
C VAL E 55 -11.05 -4.65 -12.83
N PRO E 56 -10.29 -4.21 -13.82
CA PRO E 56 -9.69 -2.87 -13.75
C PRO E 56 -10.75 -1.79 -13.59
N PRO E 57 -10.55 -0.86 -12.66
CA PRO E 57 -11.50 0.24 -12.52
C PRO E 57 -11.52 1.13 -13.75
N ILE E 58 -12.63 1.85 -13.91
CA ILE E 58 -12.78 2.82 -14.99
C ILE E 58 -12.32 4.16 -14.45
N SER E 59 -11.18 4.65 -14.94
CA SER E 59 -10.59 5.90 -14.47
C SER E 59 -10.97 7.00 -15.45
N LEU E 60 -11.94 7.84 -15.07
CA LEU E 60 -12.37 8.95 -15.89
C LEU E 60 -11.47 10.18 -15.73
N SER E 61 -10.70 10.26 -14.65
CA SER E 61 -9.97 11.47 -14.31
C SER E 61 -9.14 11.97 -15.49
N THR E 62 -9.30 13.25 -15.81
CA THR E 62 -8.55 13.85 -16.90
C THR E 62 -7.11 14.14 -16.50
N THR E 63 -6.83 14.31 -15.20
CA THR E 63 -5.51 14.71 -14.75
C THR E 63 -5.15 13.93 -13.49
N PHE E 64 -3.89 14.04 -13.10
CA PHE E 64 -3.33 13.20 -12.05
C PHE E 64 -2.38 14.04 -11.20
N LYS E 65 -2.45 13.87 -9.88
CA LYS E 65 -1.56 14.58 -8.98
C LYS E 65 -0.12 14.14 -9.20
N GLN E 66 0.79 15.11 -9.25
CA GLN E 66 2.20 14.83 -9.49
C GLN E 66 2.95 14.86 -8.17
N GLY E 67 3.60 13.74 -7.84
CA GLY E 67 4.35 13.61 -6.60
C GLY E 67 5.61 14.46 -6.58
N GLY E 74 4.23 8.37 -13.37
CA GLY E 74 3.04 7.70 -13.88
C GLY E 74 2.27 8.54 -14.88
N PHE E 75 0.97 8.67 -14.68
CA PHE E 75 0.11 9.38 -15.60
C PHE E 75 0.11 10.87 -15.28
N ASN E 76 -0.08 11.68 -16.32
CA ASN E 76 -0.16 13.12 -16.14
C ASN E 76 -1.41 13.73 -16.77
N TYR E 77 -1.86 13.22 -17.92
CA TYR E 77 -3.04 13.75 -18.58
C TYR E 77 -3.72 12.64 -19.37
N SER E 78 -5.04 12.59 -19.26
CA SER E 78 -5.81 11.45 -19.76
C SER E 78 -5.57 11.19 -21.25
N ARG E 79 -5.52 12.27 -22.05
CA ARG E 79 -5.33 12.10 -23.49
C ARG E 79 -4.00 11.42 -23.80
N SER E 80 -2.95 11.74 -23.03
CA SER E 80 -1.64 11.16 -23.27
C SER E 80 -1.56 9.71 -22.79
N GLY E 81 -2.40 9.34 -21.83
CA GLY E 81 -2.39 8.00 -21.27
C GLY E 81 -3.19 7.95 -20.00
N ASN E 82 -3.92 6.85 -19.79
CA ASN E 82 -4.74 6.68 -18.61
C ASN E 82 -4.85 5.19 -18.33
N PRO E 83 -5.10 4.80 -17.07
CA PRO E 83 -5.02 3.37 -16.71
C PRO E 83 -5.94 2.47 -17.52
N THR E 84 -7.20 2.86 -17.69
CA THR E 84 -8.15 1.97 -18.35
C THR E 84 -7.81 1.77 -19.82
N ARG E 85 -7.38 2.84 -20.50
CA ARG E 85 -6.97 2.69 -21.90
C ARG E 85 -5.70 1.84 -22.00
N ASN E 86 -4.74 2.07 -21.09
CA ASN E 86 -3.49 1.31 -21.14
C ASN E 86 -3.74 -0.17 -20.92
N CYS E 87 -4.68 -0.52 -20.03
CA CYS E 87 -5.02 -1.93 -19.82
C CYS E 87 -5.57 -2.56 -21.10
N LEU E 88 -6.48 -1.86 -21.78
CA LEU E 88 -7.03 -2.36 -23.04
C LEU E 88 -5.93 -2.54 -24.08
N GLU E 89 -5.07 -1.55 -24.23
CA GLU E 89 -4.01 -1.61 -25.24
C GLU E 89 -3.07 -2.78 -25.02
N LYS E 90 -2.70 -3.04 -23.75
CA LYS E 90 -1.83 -4.18 -23.49
C LYS E 90 -2.53 -5.49 -23.85
N ALA E 91 -3.82 -5.60 -23.55
CA ALA E 91 -4.57 -6.81 -23.88
C ALA E 91 -4.64 -7.03 -25.38
N VAL E 92 -5.01 -5.98 -26.14
CA VAL E 92 -5.14 -6.14 -27.58
C VAL E 92 -3.80 -6.49 -28.20
N ALA E 93 -2.71 -5.88 -27.72
CA ALA E 93 -1.39 -6.19 -28.23
C ALA E 93 -1.09 -7.68 -28.09
N ALA E 94 -1.39 -8.26 -26.93
CA ALA E 94 -1.16 -9.68 -26.73
C ALA E 94 -2.01 -10.51 -27.69
N LEU E 95 -3.27 -10.09 -27.91
CA LEU E 95 -4.13 -10.86 -28.80
C LEU E 95 -3.64 -10.83 -30.24
N ASP E 96 -2.96 -9.76 -30.64
CA ASP E 96 -2.37 -9.69 -31.97
C ASP E 96 -0.98 -10.31 -32.02
N GLY E 97 -0.44 -10.77 -30.90
CA GLY E 97 0.95 -11.16 -30.88
C GLY E 97 1.89 -9.99 -31.08
N ALA E 98 1.48 -8.80 -30.65
CA ALA E 98 2.22 -7.57 -30.88
C ALA E 98 2.88 -7.08 -29.60
N LYS E 99 3.88 -6.22 -29.77
CA LYS E 99 4.52 -5.59 -28.61
C LYS E 99 3.71 -4.41 -28.09
N TYR E 100 3.00 -3.70 -28.98
CA TYR E 100 2.31 -2.47 -28.60
C TYR E 100 0.96 -2.41 -29.30
N CYS E 101 0.05 -1.64 -28.70
CA CYS E 101 -1.23 -1.35 -29.32
C CYS E 101 -1.66 0.05 -28.93
N LEU E 102 -2.37 0.73 -29.83
CA LEU E 102 -2.89 2.07 -29.59
C LEU E 102 -4.38 2.08 -29.90
N ALA E 103 -5.17 2.63 -28.98
CA ALA E 103 -6.61 2.74 -29.13
C ALA E 103 -7.01 4.14 -29.59
N PHE E 104 -8.05 4.21 -30.41
CA PHE E 104 -8.50 5.47 -31.01
C PHE E 104 -10.02 5.56 -30.93
N ALA E 105 -10.52 6.76 -31.22
CA ALA E 105 -11.95 7.04 -31.10
C ALA E 105 -12.80 6.28 -32.11
N SER E 106 -12.21 5.78 -33.20
CA SER E 106 -12.96 5.04 -34.19
C SER E 106 -11.98 4.32 -35.11
N GLY E 107 -12.50 3.37 -35.89
CA GLY E 107 -11.69 2.74 -36.92
C GLY E 107 -11.19 3.74 -37.94
N LEU E 108 -12.05 4.66 -38.37
CA LEU E 108 -11.61 5.70 -39.29
C LEU E 108 -10.55 6.59 -38.67
N ALA E 109 -10.74 6.94 -37.38
CA ALA E 109 -9.76 7.77 -36.70
C ALA E 109 -8.39 7.09 -36.64
N ALA E 110 -8.37 5.77 -36.42
CA ALA E 110 -7.12 5.03 -36.49
C ALA E 110 -6.50 5.12 -37.88
N THR E 111 -7.33 5.01 -38.91
CA THR E 111 -6.83 5.12 -40.28
C THR E 111 -6.24 6.50 -40.52
N VAL E 112 -6.93 7.55 -40.07
CA VAL E 112 -6.43 8.90 -40.27
C VAL E 112 -5.13 9.12 -39.53
N THR E 113 -5.03 8.59 -38.31
CA THR E 113 -3.82 8.77 -37.51
C THR E 113 -2.63 8.06 -38.17
N ILE E 114 -2.85 6.86 -38.70
CA ILE E 114 -1.79 6.15 -39.41
C ILE E 114 -1.31 6.96 -40.60
N THR E 115 -2.23 7.61 -41.32
CA THR E 115 -1.86 8.37 -42.50
C THR E 115 -1.01 9.60 -42.14
N HIS E 116 -1.19 10.14 -40.93
CA HIS E 116 -0.37 11.28 -40.51
C HIS E 116 1.09 10.91 -40.28
N LEU E 117 1.44 9.62 -40.36
CA LEU E 117 2.83 9.22 -40.32
C LEU E 117 3.61 9.69 -41.54
N LEU E 118 2.92 10.04 -42.62
CA LEU E 118 3.55 10.29 -43.91
C LEU E 118 3.91 11.77 -44.03
N LYS E 119 4.08 12.24 -45.26
CA LYS E 119 4.45 13.62 -45.53
C LYS E 119 3.94 13.98 -46.92
N ALA E 120 3.90 15.29 -47.20
CA ALA E 120 3.47 15.75 -48.51
C ALA E 120 4.38 15.22 -49.60
N GLY E 121 3.78 14.69 -50.67
CA GLY E 121 4.52 14.07 -51.74
C GLY E 121 4.54 12.55 -51.69
N ASP E 122 4.19 11.94 -50.56
CA ASP E 122 4.12 10.49 -50.50
C ASP E 122 2.88 9.99 -51.22
N GLN E 123 2.94 8.73 -51.65
CA GLN E 123 1.82 8.10 -52.32
C GLN E 123 1.36 6.89 -51.51
N ILE E 124 0.04 6.67 -51.48
CA ILE E 124 -0.58 5.56 -50.77
C ILE E 124 -1.19 4.60 -51.77
N ILE E 125 -0.93 3.31 -51.59
CA ILE E 125 -1.60 2.25 -52.33
C ILE E 125 -2.66 1.64 -51.42
N CYS E 126 -3.90 1.61 -51.89
CA CYS E 126 -5.02 1.07 -51.12
C CYS E 126 -5.67 -0.06 -51.90
N MET E 127 -6.12 -1.09 -51.17
CA MET E 127 -6.84 -2.19 -51.81
C MET E 127 -8.09 -1.65 -52.49
N ASP E 128 -8.41 -2.22 -53.66
CA ASP E 128 -9.50 -1.67 -54.46
C ASP E 128 -10.86 -1.87 -53.80
N ASP E 129 -11.04 -2.98 -53.09
CA ASP E 129 -12.27 -3.25 -52.34
C ASP E 129 -11.96 -3.05 -50.86
N VAL E 130 -12.37 -1.92 -50.31
CA VAL E 130 -12.22 -1.61 -48.89
C VAL E 130 -13.54 -1.05 -48.38
N TYR E 131 -13.63 -0.91 -47.06
CA TYR E 131 -14.77 -0.20 -46.47
C TYR E 131 -14.95 1.16 -47.13
N GLY E 132 -16.21 1.50 -47.40
CA GLY E 132 -16.51 2.72 -48.13
C GLY E 132 -15.90 3.96 -47.51
N GLY E 133 -15.96 4.07 -46.18
CA GLY E 133 -15.40 5.23 -45.52
C GLY E 133 -13.90 5.32 -45.67
N THR E 134 -13.21 4.18 -45.67
CA THR E 134 -11.77 4.17 -45.93
C THR E 134 -11.49 4.70 -47.33
N ASN E 135 -12.24 4.22 -48.32
CA ASN E 135 -12.09 4.69 -49.69
C ASN E 135 -12.28 6.20 -49.78
N LEU E 136 -13.35 6.70 -49.15
CA LEU E 136 -13.66 8.13 -49.23
C LEU E 136 -12.58 8.98 -48.58
N TYR E 137 -12.06 8.55 -47.42
CA TYR E 137 -11.04 9.35 -46.74
C TYR E 137 -9.82 9.54 -47.61
N PHE E 138 -9.31 8.44 -48.18
CA PHE E 138 -8.15 8.54 -49.07
C PHE E 138 -8.46 9.37 -50.30
N ARG E 139 -9.65 9.17 -50.87
CA ARG E 139 -9.95 9.77 -52.17
C ARG E 139 -10.22 11.26 -52.06
N GLN E 140 -11.07 11.67 -51.12
CA GLN E 140 -11.52 13.06 -51.07
C GLN E 140 -10.84 13.90 -49.99
N VAL E 141 -10.20 13.29 -49.00
CA VAL E 141 -9.58 14.04 -47.90
C VAL E 141 -8.06 13.95 -47.96
N ALA E 142 -7.51 12.74 -47.89
CA ALA E 142 -6.05 12.58 -47.88
C ALA E 142 -5.43 13.16 -49.14
N SER E 143 -6.12 13.05 -50.28
CA SER E 143 -5.60 13.58 -51.54
C SER E 143 -5.48 15.10 -51.56
N GLU E 144 -6.18 15.80 -50.65
CA GLU E 144 -6.12 17.25 -50.62
C GLU E 144 -4.86 17.79 -49.97
N PHE E 145 -4.03 16.94 -49.36
CA PHE E 145 -2.85 17.41 -48.62
C PHE E 145 -1.57 16.81 -49.17
N GLY E 146 -1.41 16.82 -50.49
CA GLY E 146 -0.17 16.39 -51.10
C GLY E 146 0.05 14.89 -51.13
N LEU E 147 -0.97 14.10 -50.81
CA LEU E 147 -0.88 12.65 -50.84
C LEU E 147 -1.57 12.12 -52.10
N LYS E 148 -0.88 11.26 -52.84
CA LYS E 148 -1.45 10.61 -54.01
C LYS E 148 -1.99 9.23 -53.63
N ILE E 149 -3.15 8.90 -54.16
CA ILE E 149 -3.88 7.67 -53.80
C ILE E 149 -4.03 6.81 -55.04
N SER E 150 -3.66 5.53 -54.93
CA SER E 150 -3.83 4.56 -56.00
C SER E 150 -4.58 3.35 -55.47
N PHE E 151 -5.68 2.99 -56.14
CA PHE E 151 -6.46 1.82 -55.79
C PHE E 151 -6.04 0.67 -56.69
N VAL E 152 -5.49 -0.40 -56.09
CA VAL E 152 -4.97 -1.54 -56.81
C VAL E 152 -5.54 -2.82 -56.22
N ASP E 153 -5.82 -3.79 -57.09
CA ASP E 153 -6.18 -5.12 -56.65
C ASP E 153 -4.93 -5.82 -56.16
N CYS E 154 -4.65 -5.71 -54.85
CA CYS E 154 -3.42 -6.25 -54.30
C CYS E 154 -3.43 -7.77 -54.20
N SER E 155 -4.48 -8.44 -54.67
CA SER E 155 -4.50 -9.88 -54.76
C SER E 155 -3.71 -10.41 -55.95
N LYS E 156 -3.30 -9.53 -56.88
CA LYS E 156 -2.57 -9.91 -58.07
C LYS E 156 -1.15 -9.35 -57.99
N ILE E 157 -0.15 -10.22 -58.17
CA ILE E 157 1.24 -9.82 -57.98
C ILE E 157 1.66 -8.85 -59.08
N LYS E 158 1.21 -9.08 -60.32
CA LYS E 158 1.51 -8.16 -61.41
C LYS E 158 1.09 -6.74 -61.06
N LEU E 159 -0.13 -6.59 -60.54
CA LEU E 159 -0.73 -5.27 -60.35
C LEU E 159 -0.11 -4.51 -59.20
N LEU E 160 0.37 -5.21 -58.17
CA LEU E 160 0.93 -4.55 -57.00
C LEU E 160 2.29 -3.93 -57.29
N GLU E 161 3.17 -4.66 -57.98
CA GLU E 161 4.53 -4.17 -58.21
C GLU E 161 4.57 -3.03 -59.22
N ALA E 162 3.65 -3.00 -60.18
CA ALA E 162 3.62 -1.89 -61.12
C ALA E 162 3.17 -0.60 -60.45
N ALA E 163 2.36 -0.71 -59.38
CA ALA E 163 1.89 0.47 -58.69
C ALA E 163 2.91 0.99 -57.68
N ILE E 164 3.77 0.12 -57.17
CA ILE E 164 4.77 0.55 -56.20
C ILE E 164 5.81 1.39 -56.92
N THR E 165 6.02 2.61 -56.43
CA THR E 165 7.01 3.53 -56.97
C THR E 165 7.93 3.95 -55.83
N PRO E 166 9.05 4.62 -56.11
CA PRO E 166 9.87 5.15 -55.01
C PRO E 166 9.11 6.05 -54.05
N GLU E 167 8.00 6.65 -54.47
CA GLU E 167 7.22 7.52 -53.60
C GLU E 167 6.33 6.75 -52.63
N THR E 168 6.14 5.45 -52.85
CA THR E 168 5.23 4.66 -52.02
C THR E 168 5.76 4.57 -50.59
N LYS E 169 4.89 4.83 -49.62
CA LYS E 169 5.23 4.70 -48.21
C LYS E 169 4.19 3.97 -47.39
N LEU E 170 3.01 3.70 -47.93
CA LEU E 170 1.94 3.04 -47.19
C LEU E 170 1.11 2.19 -48.13
N VAL E 171 0.87 0.94 -47.74
CA VAL E 171 -0.01 0.04 -48.46
C VAL E 171 -1.11 -0.41 -47.50
N TRP E 172 -2.36 -0.10 -47.83
CA TRP E 172 -3.51 -0.37 -46.97
C TRP E 172 -4.35 -1.47 -47.61
N ILE E 173 -4.45 -2.62 -46.93
CA ILE E 173 -5.22 -3.75 -47.43
C ILE E 173 -6.19 -4.26 -46.37
N GLU E 174 -7.22 -4.96 -46.85
CA GLU E 174 -8.22 -5.64 -46.04
C GLU E 174 -8.31 -7.09 -46.51
N THR E 175 -8.45 -8.02 -45.57
CA THR E 175 -8.68 -9.41 -45.95
C THR E 175 -9.42 -10.20 -44.88
N PRO E 176 -10.61 -10.73 -45.23
CA PRO E 176 -11.29 -10.51 -46.52
C PRO E 176 -11.83 -9.09 -46.66
N THR E 177 -12.03 -8.65 -47.90
CA THR E 177 -12.39 -7.28 -48.18
C THR E 177 -13.87 -7.04 -47.85
N ASN E 178 -14.18 -5.77 -47.58
CA ASN E 178 -15.55 -5.36 -47.30
C ASN E 178 -16.07 -4.62 -48.52
N PRO E 179 -17.09 -5.19 -49.21
CA PRO E 179 -17.90 -6.36 -48.85
C PRO E 179 -17.76 -7.62 -49.71
N THR E 180 -16.97 -7.60 -50.77
CA THR E 180 -16.93 -8.76 -51.66
C THR E 180 -16.04 -9.88 -51.13
N GLN E 181 -15.30 -9.61 -50.05
CA GLN E 181 -14.52 -10.63 -49.33
C GLN E 181 -13.49 -11.29 -50.24
N LYS E 182 -12.75 -10.46 -50.95
CA LYS E 182 -11.54 -10.94 -51.62
C LYS E 182 -10.46 -11.18 -50.58
N VAL E 183 -9.70 -12.26 -50.76
CA VAL E 183 -8.70 -12.69 -49.79
C VAL E 183 -7.31 -12.43 -50.37
N ILE E 184 -6.42 -11.87 -49.56
CA ILE E 184 -5.07 -11.52 -49.99
C ILE E 184 -4.09 -12.38 -49.20
N ASP E 185 -3.11 -12.94 -49.90
CA ASP E 185 -1.97 -13.61 -49.28
C ASP E 185 -1.16 -12.55 -48.54
N ILE E 186 -1.35 -12.45 -47.23
CA ILE E 186 -0.69 -11.40 -46.45
C ILE E 186 0.82 -11.55 -46.52
N GLU E 187 1.31 -12.77 -46.25
CA GLU E 187 2.75 -12.99 -46.26
C GLU E 187 3.34 -12.76 -47.64
N GLY E 188 2.65 -13.21 -48.68
CA GLY E 188 3.09 -12.92 -50.04
C GLY E 188 3.07 -11.44 -50.34
N CYS E 189 2.02 -10.75 -49.89
CA CYS E 189 1.95 -9.30 -50.08
C CYS E 189 3.08 -8.60 -49.33
N ALA E 190 3.31 -9.00 -48.07
CA ALA E 190 4.35 -8.36 -47.27
C ALA E 190 5.73 -8.58 -47.88
N HIS E 191 6.00 -9.78 -48.37
CA HIS E 191 7.30 -10.06 -48.98
C HIS E 191 7.54 -9.14 -50.17
N ILE E 192 6.49 -8.92 -50.99
CA ILE E 192 6.61 -8.04 -52.15
C ILE E 192 6.76 -6.59 -51.71
N VAL E 193 5.96 -6.16 -50.73
CA VAL E 193 5.96 -4.76 -50.31
C VAL E 193 7.30 -4.40 -49.66
N HIS E 194 7.87 -5.32 -48.89
CA HIS E 194 9.06 -5.01 -48.10
C HIS E 194 10.36 -5.12 -48.89
N LYS E 195 10.34 -5.70 -50.09
CA LYS E 195 11.56 -5.73 -50.88
C LYS E 195 11.90 -4.36 -51.45
N HIS E 196 10.97 -3.41 -51.41
CA HIS E 196 11.18 -2.08 -51.97
C HIS E 196 11.57 -1.04 -50.93
N GLY E 197 11.83 -1.45 -49.69
CA GLY E 197 12.41 -0.53 -48.73
C GLY E 197 11.49 -0.04 -47.63
N ASP E 198 11.36 1.29 -47.53
CA ASP E 198 10.71 1.95 -46.40
C ASP E 198 9.22 2.11 -46.70
N ILE E 199 8.50 0.99 -46.63
CA ILE E 199 7.07 0.96 -46.90
C ILE E 199 6.36 0.29 -45.74
N ILE E 200 5.25 0.89 -45.31
CA ILE E 200 4.43 0.35 -44.23
C ILE E 200 3.30 -0.45 -44.84
N LEU E 201 3.12 -1.69 -44.38
CA LEU E 201 2.00 -2.53 -44.80
C LEU E 201 1.02 -2.63 -43.64
N VAL E 202 -0.17 -2.08 -43.83
CA VAL E 202 -1.25 -2.15 -42.85
C VAL E 202 -2.28 -3.17 -43.34
N VAL E 203 -2.70 -4.06 -42.45
CA VAL E 203 -3.79 -4.98 -42.73
C VAL E 203 -4.94 -4.61 -41.82
N ASP E 204 -6.03 -4.14 -42.41
CA ASP E 204 -7.27 -3.92 -41.67
C ASP E 204 -7.87 -5.29 -41.42
N ASN E 205 -7.75 -5.77 -40.18
CA ASN E 205 -8.14 -7.11 -39.79
C ASN E 205 -9.53 -7.13 -39.17
N THR E 206 -10.36 -6.13 -39.50
CA THR E 206 -11.66 -5.97 -38.88
C THR E 206 -12.55 -7.19 -39.11
N PHE E 207 -12.56 -7.72 -40.33
CA PHE E 207 -13.48 -8.82 -40.64
C PHE E 207 -13.13 -10.10 -39.91
N MET E 208 -11.84 -10.34 -39.62
CA MET E 208 -11.41 -11.62 -39.05
C MET E 208 -11.24 -11.60 -37.53
N SER E 209 -10.74 -10.50 -36.95
CA SER E 209 -10.31 -10.37 -35.56
C SER E 209 -9.03 -11.18 -35.34
N PRO E 210 -8.25 -10.88 -34.30
CA PRO E 210 -7.00 -11.63 -34.06
C PRO E 210 -7.23 -13.07 -33.62
N TYR E 211 -8.47 -13.44 -33.28
CA TYR E 211 -8.73 -14.84 -32.95
C TYR E 211 -8.58 -15.73 -34.17
N PHE E 212 -8.85 -15.21 -35.36
CA PHE E 212 -8.81 -15.99 -36.59
C PHE E 212 -7.66 -15.63 -37.52
N GLN E 213 -7.06 -14.45 -37.36
CA GLN E 213 -6.01 -14.02 -38.28
C GLN E 213 -5.09 -13.03 -37.57
N ARG E 214 -3.78 -13.26 -37.70
CA ARG E 214 -2.76 -12.41 -37.09
C ARG E 214 -1.86 -11.84 -38.17
N PRO E 215 -2.21 -10.69 -38.74
CA PRO E 215 -1.39 -10.12 -39.83
C PRO E 215 0.07 -9.88 -39.43
N LEU E 216 0.35 -9.53 -38.18
CA LEU E 216 1.74 -9.28 -37.79
C LEU E 216 2.58 -10.55 -37.82
N ALA E 217 2.00 -11.70 -37.50
CA ALA E 217 2.73 -12.95 -37.62
C ALA E 217 2.98 -13.32 -39.07
N LEU E 218 2.25 -12.69 -40.00
CA LEU E 218 2.38 -12.97 -41.42
C LEU E 218 3.23 -11.94 -42.15
N GLY E 219 3.84 -11.01 -41.42
CA GLY E 219 4.77 -10.06 -42.01
C GLY E 219 4.25 -8.64 -42.13
N ALA E 220 2.99 -8.39 -41.80
CA ALA E 220 2.48 -7.03 -41.84
C ALA E 220 3.15 -6.19 -40.76
N ASP E 221 3.22 -4.88 -41.01
CA ASP E 221 3.80 -3.96 -40.04
C ASP E 221 2.78 -3.45 -39.03
N ILE E 222 1.53 -3.32 -39.42
CA ILE E 222 0.47 -2.82 -38.56
C ILE E 222 -0.75 -3.71 -38.71
N SER E 223 -1.30 -4.15 -37.60
CA SER E 223 -2.60 -4.82 -37.57
C SER E 223 -3.60 -3.84 -36.99
N MET E 224 -4.56 -3.43 -37.82
CA MET E 224 -5.52 -2.40 -37.47
C MET E 224 -6.93 -2.99 -37.45
N TYR E 225 -7.76 -2.46 -36.56
CA TYR E 225 -9.15 -2.89 -36.45
C TYR E 225 -10.06 -1.69 -36.29
N SER E 226 -11.27 -1.83 -36.83
CA SER E 226 -12.41 -1.12 -36.28
C SER E 226 -12.91 -1.98 -35.13
N ALA E 227 -12.52 -1.62 -33.91
CA ALA E 227 -13.00 -2.33 -32.74
C ALA E 227 -14.50 -2.20 -32.56
N THR E 228 -15.12 -1.28 -33.28
CA THR E 228 -16.57 -1.15 -33.30
C THR E 228 -17.26 -2.47 -33.65
N LYS E 229 -16.56 -3.36 -34.34
CA LYS E 229 -17.14 -4.59 -34.84
C LYS E 229 -16.91 -5.74 -33.88
N TYR E 230 -16.10 -6.72 -34.29
CA TYR E 230 -15.97 -7.96 -33.51
C TYR E 230 -15.23 -7.73 -32.19
N MET E 231 -14.20 -6.87 -32.19
CA MET E 231 -13.36 -6.70 -31.02
C MET E 231 -14.19 -6.40 -29.77
N ASN E 232 -14.97 -5.31 -29.82
CA ASN E 232 -15.93 -5.07 -28.74
C ASN E 232 -17.10 -6.04 -28.84
N GLY E 233 -17.66 -6.20 -30.04
CA GLY E 233 -18.64 -7.23 -30.32
C GLY E 233 -20.04 -7.02 -29.80
N HIS E 234 -20.34 -5.86 -29.20
CA HIS E 234 -21.64 -5.65 -28.57
C HIS E 234 -22.37 -4.42 -29.10
N SER E 235 -21.96 -3.91 -30.26
CA SER E 235 -22.72 -2.87 -30.97
C SER E 235 -22.97 -1.64 -30.08
N ASP E 236 -22.02 -1.33 -29.20
CA ASP E 236 -22.24 -0.21 -28.29
C ASP E 236 -20.98 0.60 -28.05
N VAL E 237 -19.95 0.43 -28.88
CA VAL E 237 -18.70 1.18 -28.76
C VAL E 237 -18.16 1.46 -30.15
N VAL E 238 -17.84 2.71 -30.42
CA VAL E 238 -17.10 3.10 -31.61
C VAL E 238 -15.63 3.29 -31.21
N MET E 239 -14.74 2.56 -31.87
CA MET E 239 -13.34 2.53 -31.44
C MET E 239 -12.46 1.96 -32.56
N GLY E 240 -11.21 2.42 -32.59
CA GLY E 240 -10.19 1.85 -33.45
C GLY E 240 -9.02 1.33 -32.65
N LEU E 241 -8.32 0.34 -33.21
CA LEU E 241 -7.16 -0.26 -32.57
C LEU E 241 -6.05 -0.48 -33.58
N VAL E 242 -4.80 -0.25 -33.16
CA VAL E 242 -3.63 -0.34 -34.02
C VAL E 242 -2.53 -1.05 -33.25
N SER E 243 -2.15 -2.25 -33.70
CA SER E 243 -1.09 -3.03 -33.07
C SER E 243 0.15 -3.05 -33.97
N VAL E 244 1.33 -2.98 -33.35
CA VAL E 244 2.57 -2.83 -34.10
C VAL E 244 3.69 -3.45 -33.27
N ASN E 245 4.74 -3.91 -33.94
CA ASN E 245 5.95 -4.42 -33.31
C ASN E 245 7.14 -3.48 -33.41
N CYS E 246 7.29 -2.79 -34.54
CA CYS E 246 8.46 -1.95 -34.77
C CYS E 246 8.54 -0.81 -33.76
N GLU E 247 9.75 -0.61 -33.22
CA GLU E 247 9.94 0.39 -32.16
C GLU E 247 9.74 1.80 -32.69
N SER E 248 10.42 2.16 -33.79
CA SER E 248 10.30 3.52 -34.31
C SER E 248 8.88 3.78 -34.80
N LEU E 249 8.24 2.79 -35.41
CA LEU E 249 6.87 2.96 -35.86
C LEU E 249 5.93 3.17 -34.69
N HIS E 250 6.17 2.49 -33.57
CA HIS E 250 5.32 2.69 -32.39
C HIS E 250 5.50 4.09 -31.81
N ASN E 251 6.75 4.56 -31.71
CA ASN E 251 6.98 5.88 -31.15
C ASN E 251 6.33 6.96 -32.01
N ARG E 252 6.39 6.81 -33.32
CA ARG E 252 5.73 7.75 -34.21
C ARG E 252 4.22 7.68 -34.06
N LEU E 253 3.66 6.47 -33.90
CA LEU E 253 2.23 6.34 -33.71
C LEU E 253 1.78 6.88 -32.36
N ARG E 254 2.55 6.60 -31.30
CA ARG E 254 2.19 7.10 -29.97
C ARG E 254 2.22 8.62 -29.92
N PHE E 255 3.19 9.24 -30.60
CA PHE E 255 3.22 10.69 -30.68
C PHE E 255 1.96 11.25 -31.33
N LEU E 256 1.49 10.62 -32.40
CA LEU E 256 0.31 11.11 -33.10
C LEU E 256 -0.97 10.81 -32.33
N GLN E 257 -0.99 9.73 -31.55
CA GLN E 257 -2.14 9.47 -30.68
C GLN E 257 -2.37 10.64 -29.72
N ASN E 258 -1.30 11.13 -29.10
CA ASN E 258 -1.42 12.25 -28.17
C ASN E 258 -1.56 13.58 -28.90
N SER E 259 -0.84 13.76 -30.00
CA SER E 259 -0.78 15.07 -30.65
C SER E 259 -2.03 15.37 -31.47
N LEU E 260 -2.65 14.35 -32.05
CA LEU E 260 -3.91 14.55 -32.77
C LEU E 260 -5.12 14.36 -31.86
N GLY E 261 -4.97 13.57 -30.79
CA GLY E 261 -5.98 13.48 -29.76
C GLY E 261 -7.25 12.76 -30.14
N ALA E 262 -7.23 11.91 -31.15
CA ALA E 262 -8.41 11.12 -31.51
C ALA E 262 -8.51 9.90 -30.59
N VAL E 263 -8.68 10.18 -29.31
CA VAL E 263 -8.54 9.18 -28.25
C VAL E 263 -9.93 8.68 -27.85
N PRO E 264 -10.06 7.44 -27.39
CA PRO E 264 -11.35 6.92 -26.94
C PRO E 264 -11.63 7.24 -25.48
N SER E 265 -12.91 7.25 -25.15
CA SER E 265 -13.29 7.42 -23.76
C SER E 265 -12.77 6.26 -22.93
N PRO E 266 -12.26 6.51 -21.72
CA PRO E 266 -11.91 5.40 -20.82
C PRO E 266 -13.06 4.47 -20.54
N ILE E 267 -14.31 4.97 -20.58
CA ILE E 267 -15.47 4.10 -20.40
C ILE E 267 -15.61 3.16 -21.58
N ASP E 268 -15.45 3.69 -22.80
CA ASP E 268 -15.48 2.85 -23.99
C ASP E 268 -14.37 1.82 -23.96
N CYS E 269 -13.18 2.21 -23.49
CA CYS E 269 -12.08 1.26 -23.35
C CYS E 269 -12.48 0.12 -22.42
N TYR E 270 -13.12 0.45 -21.30
CA TYR E 270 -13.57 -0.59 -20.38
C TYR E 270 -14.58 -1.52 -21.07
N LEU E 271 -15.55 -0.94 -21.78
CA LEU E 271 -16.56 -1.74 -22.46
C LEU E 271 -15.93 -2.63 -23.52
N CYS E 272 -14.98 -2.08 -24.29
CA CYS E 272 -14.30 -2.89 -25.30
C CYS E 272 -13.46 -3.99 -24.67
N ASN E 273 -12.73 -3.66 -23.60
CA ASN E 273 -11.97 -4.67 -22.89
C ASN E 273 -12.88 -5.75 -22.32
N ARG E 274 -14.06 -5.34 -21.83
CA ARG E 274 -15.06 -6.30 -21.36
C ARG E 274 -15.51 -7.22 -22.49
N GLY E 275 -15.79 -6.65 -23.67
CA GLY E 275 -16.15 -7.46 -24.81
C GLY E 275 -15.05 -8.43 -25.23
N LEU E 276 -13.79 -8.02 -25.08
CA LEU E 276 -12.67 -8.91 -25.42
C LEU E 276 -12.69 -10.19 -24.61
N LYS E 277 -13.24 -10.14 -23.39
CA LYS E 277 -13.21 -11.32 -22.53
C LYS E 277 -14.03 -12.46 -23.11
N THR E 278 -14.95 -12.18 -24.03
CA THR E 278 -15.74 -13.22 -24.70
C THR E 278 -15.41 -13.35 -26.19
N LEU E 279 -14.32 -12.73 -26.66
CA LEU E 279 -14.03 -12.76 -28.09
C LEU E 279 -13.90 -14.18 -28.62
N HIS E 280 -13.23 -15.06 -27.87
CA HIS E 280 -13.00 -16.41 -28.38
C HIS E 280 -14.31 -17.20 -28.52
N VAL E 281 -15.18 -17.13 -27.50
CA VAL E 281 -16.41 -17.90 -27.58
C VAL E 281 -17.40 -17.26 -28.55
N ARG E 282 -17.33 -15.94 -28.73
CA ARG E 282 -18.17 -15.29 -29.73
C ARG E 282 -17.72 -15.65 -31.14
N MET E 283 -16.44 -15.48 -31.44
CA MET E 283 -15.96 -15.77 -32.79
C MET E 283 -16.19 -17.22 -33.17
N GLU E 284 -16.04 -18.14 -32.21
CA GLU E 284 -16.31 -19.53 -32.48
C GLU E 284 -17.77 -19.73 -32.87
N LYS E 285 -18.68 -18.99 -32.23
CA LYS E 285 -20.10 -19.09 -32.55
C LYS E 285 -20.44 -18.40 -33.87
N HIS E 286 -19.79 -17.26 -34.15
CA HIS E 286 -19.94 -16.61 -35.45
C HIS E 286 -19.54 -17.56 -36.57
N PHE E 287 -18.47 -18.33 -36.36
CA PHE E 287 -18.02 -19.30 -37.35
C PHE E 287 -19.06 -20.39 -37.59
N LYS E 288 -19.56 -21.00 -36.51
CA LYS E 288 -20.57 -22.03 -36.64
C LYS E 288 -21.82 -21.49 -37.34
N ASN E 289 -22.36 -20.38 -36.85
CA ASN E 289 -23.54 -19.79 -37.48
C ASN E 289 -23.24 -19.31 -38.89
N GLY E 290 -22.07 -18.70 -39.11
CA GLY E 290 -21.72 -18.24 -40.43
C GLY E 290 -21.64 -19.37 -41.45
N MET E 291 -21.04 -20.50 -41.07
CA MET E 291 -20.96 -21.64 -41.97
C MET E 291 -22.35 -22.13 -42.35
N ALA E 292 -23.23 -22.27 -41.35
CA ALA E 292 -24.58 -22.76 -41.60
C ALA E 292 -25.36 -21.81 -42.51
N VAL E 293 -25.25 -20.49 -42.27
CA VAL E 293 -25.93 -19.53 -43.11
C VAL E 293 -25.41 -19.60 -44.54
N ALA E 294 -24.08 -19.60 -44.69
CA ALA E 294 -23.50 -19.65 -46.03
C ALA E 294 -23.90 -20.93 -46.75
N GLN E 295 -23.91 -22.05 -46.04
CA GLN E 295 -24.31 -23.32 -46.63
C GLN E 295 -25.79 -23.31 -47.00
N PHE E 296 -26.64 -22.76 -46.13
CA PHE E 296 -28.06 -22.67 -46.45
C PHE E 296 -28.29 -21.80 -47.68
N LEU E 297 -27.61 -20.66 -47.75
CA LEU E 297 -27.79 -19.77 -48.89
C LEU E 297 -27.35 -20.44 -50.19
N GLU E 298 -26.25 -21.19 -50.13
CA GLU E 298 -25.68 -21.77 -51.34
C GLU E 298 -26.58 -22.85 -51.94
N SER E 299 -27.35 -23.56 -51.12
CA SER E 299 -28.29 -24.56 -51.64
C SER E 299 -29.69 -24.00 -51.86
N ASN E 300 -29.90 -22.71 -51.64
CA ASN E 300 -31.24 -22.14 -51.78
C ASN E 300 -31.50 -21.82 -53.25
N PRO E 301 -32.67 -22.19 -53.78
CA PRO E 301 -32.93 -21.96 -55.21
C PRO E 301 -33.06 -20.50 -55.62
N TRP E 302 -32.97 -19.55 -54.68
CA TRP E 302 -33.12 -18.14 -55.00
C TRP E 302 -31.85 -17.33 -54.76
N VAL E 303 -30.72 -17.99 -54.51
CA VAL E 303 -29.44 -17.31 -54.30
C VAL E 303 -28.56 -17.57 -55.51
N GLU E 304 -28.08 -16.48 -56.11
CA GLU E 304 -27.24 -16.61 -57.30
C GLU E 304 -25.86 -17.17 -56.94
N LYS E 305 -25.28 -16.64 -55.86
CA LYS E 305 -23.88 -16.86 -55.54
C LYS E 305 -23.65 -16.49 -54.09
N VAL E 306 -22.79 -17.26 -53.41
CA VAL E 306 -22.42 -17.00 -52.03
C VAL E 306 -20.91 -16.85 -51.98
N ILE E 307 -20.45 -15.83 -51.27
CA ILE E 307 -19.02 -15.59 -51.06
C ILE E 307 -18.80 -15.69 -49.55
N TYR E 308 -18.25 -16.81 -49.11
CA TYR E 308 -17.91 -16.99 -47.70
C TYR E 308 -16.58 -17.73 -47.60
N PRO E 309 -15.58 -17.13 -46.95
CA PRO E 309 -14.25 -17.76 -46.89
C PRO E 309 -14.26 -19.18 -46.30
N GLY E 310 -15.22 -19.49 -45.43
CA GLY E 310 -15.31 -20.83 -44.86
C GLY E 310 -15.86 -21.90 -45.78
N LEU E 311 -16.49 -21.52 -46.94
CA LEU E 311 -17.04 -22.50 -47.88
C LEU E 311 -15.97 -22.94 -48.88
N PRO E 312 -15.97 -24.23 -49.24
CA PRO E 312 -15.09 -24.69 -50.33
C PRO E 312 -15.32 -23.97 -51.65
N SER E 313 -16.52 -23.41 -51.86
CA SER E 313 -16.80 -22.70 -53.10
C SER E 313 -16.08 -21.37 -53.19
N HIS E 314 -15.57 -20.83 -52.09
CA HIS E 314 -14.83 -19.59 -52.15
C HIS E 314 -13.53 -19.85 -52.92
N PRO E 315 -13.22 -19.05 -53.95
CA PRO E 315 -12.04 -19.36 -54.78
C PRO E 315 -10.73 -19.34 -54.02
N GLN E 316 -10.63 -18.62 -52.91
CA GLN E 316 -9.41 -18.57 -52.12
C GLN E 316 -9.56 -19.34 -50.81
N HIS E 317 -10.44 -20.34 -50.78
CA HIS E 317 -10.72 -21.08 -49.56
C HIS E 317 -9.46 -21.74 -49.00
N GLU E 318 -8.61 -22.29 -49.87
CA GLU E 318 -7.42 -22.97 -49.37
C GLU E 318 -6.43 -21.99 -48.76
N LEU E 319 -6.26 -20.82 -49.37
CA LEU E 319 -5.39 -19.80 -48.81
C LEU E 319 -5.89 -19.35 -47.44
N VAL E 320 -7.22 -19.23 -47.29
CA VAL E 320 -7.78 -18.86 -45.99
C VAL E 320 -7.40 -19.87 -44.94
N LYS E 321 -7.47 -21.16 -45.27
CA LYS E 321 -7.16 -22.19 -44.27
C LYS E 321 -5.68 -22.15 -43.86
N ARG E 322 -4.82 -21.64 -44.72
CA ARG E 322 -3.38 -21.66 -44.46
C ARG E 322 -2.86 -20.38 -43.81
N GLN E 323 -3.67 -19.34 -43.71
CA GLN E 323 -3.30 -18.15 -42.98
C GLN E 323 -4.31 -17.76 -41.92
N CYS E 324 -5.35 -18.55 -41.71
CA CYS E 324 -6.35 -18.28 -40.69
C CYS E 324 -6.65 -19.54 -39.90
N THR E 325 -7.10 -19.34 -38.66
CA THR E 325 -7.53 -20.44 -37.79
C THR E 325 -9.02 -20.72 -37.91
N GLY E 326 -9.73 -19.95 -38.73
CA GLY E 326 -11.16 -20.10 -38.85
C GLY E 326 -11.71 -18.93 -39.64
N CYS E 327 -13.04 -18.79 -39.58
CA CYS E 327 -13.69 -17.72 -40.31
C CYS E 327 -14.78 -17.09 -39.47
N THR E 328 -15.19 -15.91 -39.90
CA THR E 328 -16.06 -15.00 -39.17
C THR E 328 -17.52 -15.23 -39.56
N GLY E 329 -18.39 -14.34 -39.09
CA GLY E 329 -19.80 -14.37 -39.43
C GLY E 329 -20.20 -13.54 -40.63
N MET E 330 -19.26 -12.87 -41.28
CA MET E 330 -19.60 -12.06 -42.44
C MET E 330 -19.85 -12.96 -43.63
N VAL E 331 -21.07 -12.95 -44.15
CA VAL E 331 -21.48 -13.76 -45.29
C VAL E 331 -22.02 -12.83 -46.38
N THR E 332 -21.43 -12.91 -47.57
CA THR E 332 -21.86 -12.11 -48.72
C THR E 332 -22.50 -13.02 -49.76
N PHE E 333 -23.60 -12.57 -50.36
CA PHE E 333 -24.26 -13.36 -51.39
C PHE E 333 -24.99 -12.45 -52.37
N TYR E 334 -25.29 -13.01 -53.55
CA TYR E 334 -26.11 -12.37 -54.57
C TYR E 334 -27.45 -13.07 -54.63
N ILE E 335 -28.52 -12.29 -54.52
CA ILE E 335 -29.87 -12.83 -54.67
C ILE E 335 -30.19 -12.90 -56.16
N LYS E 336 -31.01 -13.87 -56.53
CA LYS E 336 -31.45 -13.95 -57.92
C LYS E 336 -32.40 -12.80 -58.24
N GLY E 337 -32.43 -12.41 -59.50
CA GLY E 337 -33.30 -11.33 -59.93
C GLY E 337 -32.63 -9.98 -59.97
N THR E 338 -33.33 -8.95 -59.49
CA THR E 338 -32.88 -7.57 -59.60
C THR E 338 -32.89 -6.83 -58.27
N LEU E 339 -32.70 -5.52 -58.33
CA LEU E 339 -32.74 -4.68 -57.14
C LEU E 339 -34.04 -4.85 -56.37
N GLN E 340 -35.16 -5.01 -57.09
CA GLN E 340 -36.45 -5.16 -56.41
C GLN E 340 -36.47 -6.39 -55.53
N HIS E 341 -35.79 -7.47 -55.93
CA HIS E 341 -35.81 -8.68 -55.11
C HIS E 341 -34.93 -8.52 -53.88
N ALA E 342 -33.77 -7.87 -54.02
CA ALA E 342 -32.93 -7.58 -52.87
C ALA E 342 -33.65 -6.69 -51.87
N GLU E 343 -34.41 -5.71 -52.36
CA GLU E 343 -35.15 -4.81 -51.48
C GLU E 343 -36.23 -5.56 -50.72
N ILE E 344 -37.02 -6.38 -51.41
CA ILE E 344 -38.07 -7.15 -50.76
C ILE E 344 -37.47 -8.10 -49.73
N PHE E 345 -36.38 -8.79 -50.09
CA PHE E 345 -35.72 -9.68 -49.16
C PHE E 345 -35.29 -8.94 -47.90
N LEU E 346 -34.58 -7.83 -48.07
CA LEU E 346 -34.05 -7.11 -46.91
C LEU E 346 -35.17 -6.59 -46.02
N LYS E 347 -36.26 -6.10 -46.62
CA LYS E 347 -37.36 -5.53 -45.85
C LYS E 347 -38.23 -6.58 -45.17
N ASN E 348 -38.20 -7.82 -45.63
CA ASN E 348 -38.99 -8.89 -45.03
C ASN E 348 -38.25 -9.65 -43.94
N LEU E 349 -36.97 -9.36 -43.71
CA LEU E 349 -36.24 -10.00 -42.62
C LEU E 349 -36.84 -9.60 -41.27
N LYS E 350 -36.95 -10.59 -40.38
CA LYS E 350 -37.53 -10.40 -39.06
C LYS E 350 -36.53 -10.55 -37.93
N LEU E 351 -35.53 -11.43 -38.09
CA LEU E 351 -34.49 -11.63 -37.09
C LEU E 351 -33.23 -10.86 -37.42
N PHE E 352 -32.70 -11.04 -38.64
CA PHE E 352 -31.70 -10.11 -39.16
C PHE E 352 -32.27 -8.70 -39.17
N THR E 353 -31.49 -7.74 -38.70
CA THR E 353 -31.92 -6.36 -38.68
C THR E 353 -31.28 -5.61 -39.84
N LEU E 354 -32.10 -4.89 -40.60
CA LEU E 354 -31.61 -4.08 -41.71
C LEU E 354 -30.89 -2.87 -41.13
N ALA E 355 -29.56 -2.91 -41.13
CA ALA E 355 -28.76 -1.85 -40.53
C ALA E 355 -27.32 -2.01 -41.00
N VAL E 356 -26.56 -0.92 -40.89
CA VAL E 356 -25.14 -0.96 -41.22
C VAL E 356 -24.36 -1.47 -40.00
N SER E 357 -23.03 -1.52 -40.12
CA SER E 357 -22.11 -2.06 -39.12
C SER E 357 -22.18 -3.58 -39.06
N LEU E 358 -21.32 -4.19 -38.25
CA LEU E 358 -21.20 -5.64 -38.21
C LEU E 358 -20.42 -6.01 -36.96
N GLY E 359 -20.27 -7.32 -36.73
CA GLY E 359 -19.44 -7.83 -35.67
C GLY E 359 -20.10 -7.91 -34.31
N GLY E 360 -21.38 -7.57 -34.21
CA GLY E 360 -22.07 -7.64 -32.94
C GLY E 360 -22.73 -8.99 -32.72
N PHE E 361 -23.29 -9.16 -31.53
CA PHE E 361 -23.98 -10.41 -31.21
C PHE E 361 -25.25 -10.60 -32.04
N GLU E 362 -25.82 -9.52 -32.58
CA GLU E 362 -27.07 -9.56 -33.32
C GLU E 362 -26.80 -9.61 -34.82
N SER E 363 -27.67 -10.34 -35.52
CA SER E 363 -27.52 -10.49 -36.96
C SER E 363 -27.99 -9.24 -37.70
N LEU E 364 -27.19 -8.82 -38.68
CA LEU E 364 -27.48 -7.63 -39.47
C LEU E 364 -27.45 -7.98 -40.96
N ALA E 365 -28.23 -7.23 -41.74
CA ALA E 365 -28.25 -7.36 -43.19
C ALA E 365 -28.24 -5.97 -43.82
N GLU E 366 -27.66 -5.87 -45.02
CA GLU E 366 -27.40 -4.57 -45.60
C GLU E 366 -27.19 -4.70 -47.11
N LEU E 367 -27.56 -3.66 -47.86
CA LEU E 367 -27.29 -3.58 -49.29
C LEU E 367 -26.15 -2.58 -49.53
N PRO E 368 -24.91 -3.05 -49.74
CA PRO E 368 -23.77 -2.12 -49.80
C PRO E 368 -23.85 -1.05 -50.87
N ALA E 369 -24.49 -1.31 -52.01
CA ALA E 369 -24.50 -0.33 -53.09
C ALA E 369 -25.19 0.95 -52.65
N ILE E 370 -26.25 0.82 -51.86
CA ILE E 370 -27.00 1.98 -51.38
C ILE E 370 -26.67 2.41 -49.94
N MET E 371 -26.09 1.54 -49.11
CA MET E 371 -26.00 1.85 -47.68
C MET E 371 -24.59 2.16 -47.18
N THR E 372 -23.63 1.26 -47.32
CA THR E 372 -22.27 1.52 -46.81
C THR E 372 -21.36 2.00 -47.93
N HIS E 373 -21.09 1.15 -48.91
CA HIS E 373 -20.27 1.50 -50.05
C HIS E 373 -21.02 2.38 -51.06
N ALA E 374 -22.08 3.07 -50.63
CA ALA E 374 -22.72 4.07 -51.46
C ALA E 374 -21.82 5.27 -51.72
N SER E 375 -20.84 5.51 -50.84
CA SER E 375 -19.86 6.57 -51.07
C SER E 375 -18.86 6.20 -52.16
N VAL E 376 -18.69 4.91 -52.44
CA VAL E 376 -17.84 4.48 -53.55
C VAL E 376 -18.51 4.84 -54.86
N LEU E 377 -17.73 5.36 -55.80
CA LEU E 377 -18.27 5.71 -57.11
C LEU E 377 -18.86 4.49 -57.79
N LYS E 378 -19.87 4.72 -58.63
CA LYS E 378 -20.61 3.59 -59.22
C LYS E 378 -19.74 2.81 -60.20
N ASN E 379 -18.87 3.49 -60.95
CA ASN E 379 -17.90 2.80 -61.79
C ASN E 379 -17.10 1.79 -60.97
N ASP E 380 -16.58 2.23 -59.83
CA ASP E 380 -15.79 1.33 -58.99
C ASP E 380 -16.65 0.20 -58.43
N ARG E 381 -17.90 0.51 -58.06
CA ARG E 381 -18.78 -0.51 -57.50
C ARG E 381 -19.06 -1.61 -58.51
N ASP E 382 -19.40 -1.23 -59.75
CA ASP E 382 -19.71 -2.24 -60.76
C ASP E 382 -18.48 -3.03 -61.16
N VAL E 383 -17.31 -2.38 -61.21
CA VAL E 383 -16.08 -3.09 -61.51
C VAL E 383 -15.73 -4.07 -60.41
N LEU E 384 -16.10 -3.77 -59.17
CA LEU E 384 -15.82 -4.65 -58.04
C LEU E 384 -16.93 -5.65 -57.78
N GLY E 385 -18.03 -5.59 -58.53
CA GLY E 385 -19.11 -6.52 -58.32
C GLY E 385 -20.03 -6.14 -57.19
N ILE E 386 -19.98 -4.89 -56.74
CA ILE E 386 -20.90 -4.39 -55.70
C ILE E 386 -22.13 -3.89 -56.46
N SER E 387 -22.98 -4.84 -56.82
CA SER E 387 -24.13 -4.59 -57.69
C SER E 387 -25.41 -4.42 -56.88
N ASP E 388 -26.51 -4.21 -57.60
CA ASP E 388 -27.82 -4.04 -56.97
C ASP E 388 -28.31 -5.30 -56.31
N THR E 389 -27.75 -6.47 -56.63
CA THR E 389 -28.19 -7.71 -56.01
C THR E 389 -27.20 -8.23 -54.97
N LEU E 390 -26.10 -7.53 -54.72
CA LEU E 390 -25.16 -7.96 -53.70
C LEU E 390 -25.70 -7.61 -52.32
N ILE E 391 -25.70 -8.59 -51.42
CA ILE E 391 -26.17 -8.42 -50.06
C ILE E 391 -25.08 -8.91 -49.11
N ARG E 392 -24.85 -8.15 -48.03
CA ARG E 392 -23.88 -8.50 -47.02
C ARG E 392 -24.59 -8.82 -45.71
N LEU E 393 -24.30 -9.99 -45.16
CA LEU E 393 -24.83 -10.41 -43.87
C LEU E 393 -23.73 -10.41 -42.82
N SER E 394 -24.06 -9.91 -41.63
CA SER E 394 -23.22 -10.08 -40.44
C SER E 394 -23.98 -11.06 -39.55
N VAL E 395 -23.60 -12.33 -39.60
CA VAL E 395 -24.31 -13.37 -38.88
C VAL E 395 -23.95 -13.30 -37.40
N GLY E 396 -24.95 -13.16 -36.56
CA GLY E 396 -24.77 -13.01 -35.12
C GLY E 396 -24.77 -14.33 -34.39
N LEU E 397 -25.13 -14.26 -33.12
CA LEU E 397 -25.01 -15.38 -32.20
C LEU E 397 -26.36 -16.03 -31.88
N GLU E 398 -27.40 -15.73 -32.64
CA GLU E 398 -28.70 -16.32 -32.40
C GLU E 398 -28.68 -17.81 -32.72
N ASP E 399 -29.78 -18.49 -32.39
CA ASP E 399 -29.90 -19.91 -32.71
C ASP E 399 -29.90 -20.12 -34.21
N GLU E 400 -29.07 -21.08 -34.65
CA GLU E 400 -28.91 -21.36 -36.08
C GLU E 400 -30.24 -21.57 -36.78
N GLU E 401 -31.12 -22.37 -36.16
CA GLU E 401 -32.41 -22.69 -36.78
C GLU E 401 -33.23 -21.44 -37.03
N ASP E 402 -33.21 -20.49 -36.09
CA ASP E 402 -34.00 -19.27 -36.24
C ASP E 402 -33.44 -18.38 -37.34
N LEU E 403 -32.12 -18.32 -37.48
CA LEU E 403 -31.52 -17.51 -38.54
C LEU E 403 -31.85 -18.06 -39.92
N LEU E 404 -31.75 -19.39 -40.10
CA LEU E 404 -32.06 -19.99 -41.39
C LEU E 404 -33.52 -19.78 -41.77
N GLU E 405 -34.43 -19.95 -40.79
CA GLU E 405 -35.85 -19.74 -41.06
C GLU E 405 -36.12 -18.30 -41.49
N ASP E 406 -35.45 -17.34 -40.86
CA ASP E 406 -35.64 -15.93 -41.24
C ASP E 406 -35.20 -15.69 -42.68
N LEU E 407 -34.02 -16.21 -43.04
CA LEU E 407 -33.56 -16.09 -44.42
C LEU E 407 -34.49 -16.82 -45.38
N ASP E 408 -35.01 -17.98 -44.95
CA ASP E 408 -35.89 -18.77 -45.81
C ASP E 408 -37.15 -18.00 -46.18
N GLN E 409 -37.85 -17.47 -45.18
CA GLN E 409 -39.11 -16.77 -45.45
C GLN E 409 -38.87 -15.46 -46.19
N ALA E 410 -37.75 -14.78 -45.89
CA ALA E 410 -37.47 -13.52 -46.56
C ALA E 410 -37.14 -13.73 -48.03
N LEU E 411 -36.42 -14.82 -48.35
CA LEU E 411 -36.17 -15.15 -49.74
C LEU E 411 -37.45 -15.58 -50.44
N LYS E 412 -38.33 -16.29 -49.73
CA LYS E 412 -39.62 -16.66 -50.31
C LYS E 412 -40.50 -15.44 -50.53
N ALA E 413 -40.36 -14.41 -49.69
CA ALA E 413 -41.08 -13.18 -49.92
C ALA E 413 -40.64 -12.53 -51.24
N ALA E 414 -39.33 -12.58 -51.53
CA ALA E 414 -38.85 -12.03 -52.79
C ALA E 414 -39.25 -12.88 -53.98
N HIS E 415 -39.24 -14.21 -53.82
CA HIS E 415 -39.60 -15.14 -54.89
C HIS E 415 -40.60 -16.16 -54.37
N PRO E 416 -41.88 -15.81 -54.34
CA PRO E 416 -42.89 -16.74 -53.82
C PRO E 416 -43.20 -17.83 -54.84
N PRO E 417 -43.67 -19.00 -54.38
CA PRO E 417 -44.16 -20.06 -55.26
C PRO E 417 -45.51 -19.71 -55.89
N GLY F 27 -20.04 48.26 -16.68
CA GLY F 27 -18.88 47.40 -16.50
C GLY F 27 -18.77 46.33 -17.55
N PHE F 28 -19.03 45.08 -17.17
CA PHE F 28 -19.01 43.99 -18.12
C PHE F 28 -20.25 44.02 -19.00
N LEU F 29 -20.21 43.26 -20.08
CA LEU F 29 -21.39 43.04 -20.90
C LEU F 29 -22.50 42.44 -20.03
N PRO F 30 -23.76 42.84 -20.23
CA PRO F 30 -24.85 42.19 -19.50
C PRO F 30 -24.84 40.70 -19.77
N HIS F 31 -25.20 39.92 -18.76
CA HIS F 31 -25.20 38.47 -18.90
C HIS F 31 -26.15 38.05 -20.02
N PHE F 32 -25.74 37.01 -20.76
CA PHE F 32 -26.52 36.54 -21.88
C PHE F 32 -27.85 35.99 -21.39
N GLN F 33 -28.94 36.50 -21.96
CA GLN F 33 -30.27 36.15 -21.50
C GLN F 33 -30.60 34.70 -21.82
N HIS F 34 -31.39 34.09 -20.92
CA HIS F 34 -31.91 32.73 -21.06
C HIS F 34 -30.82 31.66 -21.05
N PHE F 35 -29.61 32.01 -20.62
CA PHE F 35 -28.51 31.06 -20.65
C PHE F 35 -28.82 29.85 -19.78
N ALA F 36 -29.22 30.07 -18.53
CA ALA F 36 -29.49 28.96 -17.63
C ALA F 36 -30.65 28.11 -18.12
N THR F 37 -31.73 28.74 -18.58
CA THR F 37 -32.86 28.00 -19.12
C THR F 37 -32.44 27.13 -20.31
N GLN F 38 -31.63 27.69 -21.20
CA GLN F 38 -31.22 26.95 -22.39
C GLN F 38 -30.25 25.84 -22.05
N ALA F 39 -29.33 26.08 -21.12
CA ALA F 39 -28.40 25.04 -20.70
C ALA F 39 -29.13 23.84 -20.13
N ILE F 40 -30.29 24.07 -19.51
CA ILE F 40 -31.02 22.99 -18.87
C ILE F 40 -32.03 22.32 -19.82
N HIS F 41 -32.54 23.04 -20.82
CA HIS F 41 -33.64 22.53 -21.63
C HIS F 41 -33.32 22.32 -23.11
N VAL F 42 -32.37 23.06 -23.69
CA VAL F 42 -32.12 22.92 -25.12
C VAL F 42 -31.51 21.55 -25.40
N GLY F 43 -32.08 20.85 -26.38
CA GLY F 43 -31.69 19.50 -26.69
C GLY F 43 -32.29 18.45 -25.78
N GLN F 44 -32.92 18.85 -24.68
CA GLN F 44 -33.39 17.94 -23.65
C GLN F 44 -34.91 17.74 -23.70
N ASP F 45 -35.54 18.07 -24.82
CA ASP F 45 -36.99 17.96 -24.96
C ASP F 45 -37.45 16.55 -24.62
N PRO F 46 -38.27 16.36 -23.59
CA PRO F 46 -38.71 15.00 -23.24
C PRO F 46 -39.50 14.31 -24.33
N GLU F 47 -40.17 15.08 -25.21
CA GLU F 47 -40.98 14.51 -26.26
C GLU F 47 -40.16 13.74 -27.31
N GLN F 48 -38.84 13.87 -27.28
CA GLN F 48 -37.98 13.14 -28.20
C GLN F 48 -38.02 11.63 -27.96
N TRP F 49 -38.38 11.20 -26.75
CA TRP F 49 -38.25 9.81 -26.35
C TRP F 49 -39.63 9.21 -26.08
N THR F 50 -39.79 7.93 -26.43
CA THR F 50 -41.04 7.22 -26.20
C THR F 50 -41.45 7.24 -24.74
N SER F 51 -40.46 7.18 -23.83
CA SER F 51 -40.73 7.21 -22.40
C SER F 51 -41.06 8.60 -21.88
N ARG F 52 -40.80 9.64 -22.66
CA ARG F 52 -40.90 11.02 -22.20
C ARG F 52 -39.99 11.27 -20.99
N ALA F 53 -38.79 10.68 -21.04
CA ALA F 53 -37.82 10.87 -19.98
C ALA F 53 -37.40 12.33 -19.89
N VAL F 54 -37.26 12.82 -18.66
CA VAL F 54 -36.88 14.22 -18.45
C VAL F 54 -35.40 14.43 -18.76
N VAL F 55 -34.58 13.40 -18.64
CA VAL F 55 -33.17 13.45 -18.99
C VAL F 55 -32.96 12.55 -20.19
N PRO F 56 -32.31 13.03 -21.26
CA PRO F 56 -32.12 12.19 -22.46
C PRO F 56 -31.34 10.94 -22.12
N PRO F 57 -31.81 9.78 -22.60
CA PRO F 57 -31.09 8.54 -22.35
C PRO F 57 -29.72 8.55 -23.01
N ILE F 58 -28.84 7.67 -22.51
CA ILE F 58 -27.53 7.46 -23.09
C ILE F 58 -27.67 6.35 -24.12
N SER F 59 -27.55 6.70 -25.40
CA SER F 59 -27.70 5.74 -26.50
C SER F 59 -26.31 5.29 -26.94
N LEU F 60 -25.93 4.09 -26.53
CA LEU F 60 -24.64 3.52 -26.93
C LEU F 60 -24.68 2.87 -28.30
N SER F 61 -25.88 2.56 -28.81
CA SER F 61 -26.02 1.75 -30.02
C SER F 61 -25.17 2.31 -31.16
N THR F 62 -24.35 1.45 -31.76
CA THR F 62 -23.53 1.87 -32.90
C THR F 62 -24.36 1.98 -34.18
N THR F 63 -25.46 1.25 -34.28
CA THR F 63 -26.23 1.21 -35.51
C THR F 63 -27.72 1.23 -35.17
N PHE F 64 -28.52 1.46 -36.21
CA PHE F 64 -29.95 1.73 -36.07
C PHE F 64 -30.68 1.05 -37.21
N LYS F 65 -31.85 0.48 -36.91
CA LYS F 65 -32.63 -0.19 -37.93
C LYS F 65 -33.11 0.81 -38.98
N GLN F 66 -32.91 0.46 -40.25
CA GLN F 66 -33.35 1.28 -41.38
C GLN F 66 -34.56 0.64 -42.05
N GLY F 67 -34.99 1.27 -43.14
CA GLY F 67 -36.11 0.75 -43.91
C GLY F 67 -37.46 1.01 -43.29
N ALA F 68 -37.65 2.18 -42.68
CA ALA F 68 -38.92 2.54 -42.06
C ALA F 68 -40.05 2.58 -43.08
N GLY F 74 -33.93 8.97 -40.00
CA GLY F 74 -33.32 9.26 -38.72
C GLY F 74 -31.83 8.95 -38.67
N PHE F 75 -31.43 8.20 -37.64
CA PHE F 75 -30.02 7.89 -37.46
C PHE F 75 -29.63 6.68 -38.29
N ASN F 76 -28.37 6.63 -38.68
CA ASN F 76 -27.87 5.49 -39.44
C ASN F 76 -26.64 4.84 -38.83
N TYR F 77 -25.71 5.63 -38.29
CA TYR F 77 -24.48 5.08 -37.72
C TYR F 77 -23.98 6.04 -36.66
N SER F 78 -23.52 5.49 -35.53
CA SER F 78 -23.20 6.32 -34.37
C SER F 78 -22.17 7.40 -34.71
N ARG F 79 -21.14 7.03 -35.47
CA ARG F 79 -20.10 7.99 -35.82
C ARG F 79 -20.66 9.17 -36.60
N SER F 80 -21.65 8.92 -37.47
CA SER F 80 -22.25 9.98 -38.25
C SER F 80 -23.20 10.85 -37.42
N GLY F 81 -23.77 10.28 -36.36
CA GLY F 81 -24.72 10.97 -35.53
C GLY F 81 -25.46 10.01 -34.62
N ASN F 82 -25.73 10.43 -33.40
CA ASN F 82 -26.43 9.59 -32.44
C ASN F 82 -27.18 10.50 -31.47
N PRO F 83 -28.25 10.00 -30.84
CA PRO F 83 -29.12 10.91 -30.07
C PRO F 83 -28.42 11.68 -28.97
N THR F 84 -27.58 11.01 -28.17
CA THR F 84 -26.98 11.69 -27.03
C THR F 84 -26.01 12.78 -27.48
N ARG F 85 -25.22 12.51 -28.51
CA ARG F 85 -24.32 13.55 -29.02
C ARG F 85 -25.11 14.69 -29.63
N ASN F 86 -26.17 14.38 -30.38
CA ASN F 86 -26.98 15.43 -31.00
C ASN F 86 -27.63 16.34 -29.96
N CYS F 87 -28.10 15.76 -28.85
CA CYS F 87 -28.67 16.58 -27.78
C CYS F 87 -27.63 17.53 -27.21
N LEU F 88 -26.42 17.02 -26.94
CA LEU F 88 -25.34 17.86 -26.45
C LEU F 88 -25.01 18.97 -27.43
N GLU F 89 -24.84 18.62 -28.71
CA GLU F 89 -24.47 19.61 -29.72
C GLU F 89 -25.54 20.69 -29.83
N LYS F 90 -26.81 20.30 -29.74
CA LYS F 90 -27.89 21.29 -29.76
C LYS F 90 -27.81 22.21 -28.54
N ALA F 91 -27.51 21.63 -27.38
CA ALA F 91 -27.37 22.44 -26.16
C ALA F 91 -26.22 23.43 -26.27
N VAL F 92 -25.05 22.95 -26.70
CA VAL F 92 -23.87 23.81 -26.78
C VAL F 92 -24.09 24.92 -27.81
N ALA F 93 -24.69 24.57 -28.95
CA ALA F 93 -24.96 25.58 -29.98
C ALA F 93 -25.77 26.74 -29.43
N ALA F 94 -26.83 26.43 -28.67
CA ALA F 94 -27.62 27.49 -28.06
C ALA F 94 -26.79 28.32 -27.08
N LEU F 95 -25.93 27.66 -26.29
CA LEU F 95 -25.13 28.39 -25.30
C LEU F 95 -24.12 29.30 -25.96
N ASP F 96 -23.65 28.98 -27.16
CA ASP F 96 -22.75 29.83 -27.92
C ASP F 96 -23.47 30.89 -28.74
N GLY F 97 -24.80 30.91 -28.72
CA GLY F 97 -25.53 31.74 -29.67
C GLY F 97 -25.34 31.28 -31.09
N ALA F 98 -25.10 29.99 -31.29
CA ALA F 98 -24.77 29.42 -32.58
C ALA F 98 -25.94 28.62 -33.15
N LYS F 99 -25.90 28.43 -34.47
CA LYS F 99 -26.88 27.58 -35.13
C LYS F 99 -26.51 26.10 -35.01
N TYR F 100 -25.22 25.78 -35.13
CA TYR F 100 -24.76 24.40 -35.13
C TYR F 100 -23.59 24.20 -34.17
N CYS F 101 -23.41 22.97 -33.73
CA CYS F 101 -22.27 22.59 -32.92
C CYS F 101 -21.85 21.16 -33.27
N LEU F 102 -20.54 20.92 -33.19
CA LEU F 102 -19.98 19.59 -33.44
C LEU F 102 -19.11 19.20 -32.25
N ALA F 103 -19.32 17.98 -31.76
CA ALA F 103 -18.54 17.45 -30.65
C ALA F 103 -17.45 16.52 -31.19
N PHE F 104 -16.30 16.51 -30.50
CA PHE F 104 -15.15 15.75 -30.93
C PHE F 104 -14.54 15.03 -29.73
N ALA F 105 -13.64 14.08 -30.03
CA ALA F 105 -13.07 13.24 -29.00
C ALA F 105 -12.16 13.99 -28.04
N SER F 106 -11.69 15.18 -28.41
CA SER F 106 -10.81 15.98 -27.57
C SER F 106 -10.77 17.39 -28.15
N GLY F 107 -10.21 18.31 -27.37
CA GLY F 107 -9.96 19.65 -27.89
C GLY F 107 -8.99 19.63 -29.06
N LEU F 108 -7.90 18.87 -28.94
CA LEU F 108 -6.94 18.77 -30.03
C LEU F 108 -7.55 18.13 -31.27
N ALA F 109 -8.36 17.08 -31.09
CA ALA F 109 -9.02 16.45 -32.23
C ALA F 109 -9.93 17.43 -32.95
N ALA F 110 -10.62 18.29 -32.20
CA ALA F 110 -11.39 19.36 -32.83
C ALA F 110 -10.49 20.29 -33.63
N THR F 111 -9.33 20.63 -33.07
CA THR F 111 -8.38 21.47 -33.79
C THR F 111 -7.91 20.80 -35.08
N VAL F 112 -7.58 19.52 -35.01
CA VAL F 112 -7.11 18.80 -36.20
C VAL F 112 -8.21 18.77 -37.25
N THR F 113 -9.45 18.56 -36.83
CA THR F 113 -10.56 18.49 -37.79
C THR F 113 -10.77 19.82 -38.47
N ILE F 114 -10.67 20.93 -37.72
CA ILE F 114 -10.77 22.25 -38.33
C ILE F 114 -9.67 22.45 -39.36
N THR F 115 -8.45 21.99 -39.06
CA THR F 115 -7.35 22.18 -39.99
C THR F 115 -7.55 21.38 -41.28
N HIS F 116 -8.28 20.26 -41.21
CA HIS F 116 -8.59 19.48 -42.40
C HIS F 116 -9.56 20.18 -43.34
N LEU F 117 -10.12 21.33 -42.96
CA LEU F 117 -10.92 22.11 -43.89
C LEU F 117 -10.09 22.66 -45.04
N LEU F 118 -8.78 22.75 -44.87
CA LEU F 118 -7.90 23.44 -45.82
C LEU F 118 -7.36 22.44 -46.83
N LYS F 119 -6.28 22.78 -47.51
CA LYS F 119 -5.66 21.91 -48.50
C LYS F 119 -4.18 22.27 -48.61
N ALA F 120 -3.43 21.38 -49.26
CA ALA F 120 -2.00 21.59 -49.43
C ALA F 120 -1.72 22.88 -50.19
N GLY F 121 -0.75 23.65 -49.68
CA GLY F 121 -0.42 24.95 -50.22
C GLY F 121 -1.02 26.12 -49.48
N ASP F 122 -2.02 25.88 -48.63
CA ASP F 122 -2.62 26.94 -47.84
C ASP F 122 -1.71 27.32 -46.68
N GLN F 123 -1.91 28.53 -46.18
CA GLN F 123 -1.16 29.04 -45.04
C GLN F 123 -2.10 29.30 -43.88
N ILE F 124 -1.63 28.99 -42.67
CA ILE F 124 -2.39 29.21 -41.44
C ILE F 124 -1.67 30.27 -40.61
N ILE F 125 -2.44 31.22 -40.08
CA ILE F 125 -1.94 32.20 -39.12
C ILE F 125 -2.37 31.74 -37.74
N CYS F 126 -1.40 31.57 -36.84
CA CYS F 126 -1.65 31.12 -35.49
C CYS F 126 -1.17 32.15 -34.48
N MET F 127 -1.90 32.27 -33.39
CA MET F 127 -1.53 33.19 -32.31
C MET F 127 -0.17 32.84 -31.73
N ASP F 128 0.55 33.89 -31.29
CA ASP F 128 1.92 33.78 -30.82
C ASP F 128 2.02 32.98 -29.52
N ASP F 129 0.94 32.91 -28.73
CA ASP F 129 0.98 32.24 -27.43
C ASP F 129 -0.34 31.49 -27.23
N VAL F 130 -0.44 30.31 -27.83
CA VAL F 130 -1.59 29.44 -27.67
C VAL F 130 -1.18 28.25 -26.81
N TYR F 131 -2.18 27.43 -26.46
CA TYR F 131 -1.94 26.17 -25.77
C TYR F 131 -0.84 25.38 -26.48
N GLY F 132 0.05 24.78 -25.69
CA GLY F 132 1.21 24.10 -26.25
C GLY F 132 0.86 23.06 -27.28
N GLY F 133 -0.20 22.28 -27.04
CA GLY F 133 -0.58 21.24 -27.97
C GLY F 133 -1.02 21.79 -29.33
N THR F 134 -1.72 22.92 -29.32
CA THR F 134 -2.05 23.59 -30.57
C THR F 134 -0.79 24.05 -31.29
N ASN F 135 0.12 24.68 -30.54
CA ASN F 135 1.40 25.11 -31.11
C ASN F 135 2.16 23.94 -31.72
N LEU F 136 2.27 22.83 -30.98
CA LEU F 136 3.04 21.69 -31.44
C LEU F 136 2.42 21.05 -32.68
N TYR F 137 1.09 20.94 -32.71
CA TYR F 137 0.43 20.30 -33.84
C TYR F 137 0.71 21.03 -35.14
N PHE F 138 0.56 22.36 -35.15
CA PHE F 138 0.82 23.13 -36.36
C PHE F 138 2.29 23.02 -36.77
N ARG F 139 3.21 23.08 -35.81
CA ARG F 139 4.63 23.11 -36.15
C ARG F 139 5.12 21.77 -36.69
N GLN F 140 4.81 20.66 -36.00
CA GLN F 140 5.46 19.40 -36.31
C GLN F 140 4.63 18.47 -37.19
N VAL F 141 3.32 18.68 -37.27
CA VAL F 141 2.43 17.81 -38.04
C VAL F 141 1.85 18.52 -39.25
N ALA F 142 1.10 19.61 -39.03
CA ALA F 142 0.46 20.30 -40.14
C ALA F 142 1.49 20.78 -41.16
N SER F 143 2.67 21.20 -40.69
CA SER F 143 3.70 21.68 -41.60
C SER F 143 4.25 20.57 -42.50
N GLU F 144 4.06 19.31 -42.13
CA GLU F 144 4.53 18.21 -42.96
C GLU F 144 3.65 17.93 -44.17
N PHE F 145 2.49 18.58 -44.26
CA PHE F 145 1.52 18.29 -45.30
C PHE F 145 1.24 19.51 -46.17
N GLY F 146 2.29 20.22 -46.56
CA GLY F 146 2.13 21.33 -47.49
C GLY F 146 1.49 22.56 -46.92
N LEU F 147 1.34 22.67 -45.61
CA LEU F 147 0.74 23.83 -44.98
C LEU F 147 1.84 24.73 -44.41
N LYS F 148 1.60 26.03 -44.48
CA LYS F 148 2.53 27.03 -43.97
C LYS F 148 1.95 27.64 -42.70
N ILE F 149 2.77 27.69 -41.65
CA ILE F 149 2.34 28.18 -40.35
C ILE F 149 3.16 29.43 -40.02
N SER F 150 2.47 30.51 -39.66
CA SER F 150 3.11 31.74 -39.23
C SER F 150 2.58 32.11 -37.85
N PHE F 151 3.49 32.30 -36.91
CA PHE F 151 3.14 32.68 -35.55
C PHE F 151 3.34 34.17 -35.39
N VAL F 152 2.25 34.88 -35.09
CA VAL F 152 2.24 36.34 -35.04
C VAL F 152 1.62 36.80 -33.73
N ASP F 153 2.15 37.90 -33.19
CA ASP F 153 1.59 38.57 -32.04
C ASP F 153 0.32 39.32 -32.44
N CYS F 154 -0.83 38.65 -32.33
CA CYS F 154 -2.10 39.26 -32.74
C CYS F 154 -2.62 40.29 -31.75
N SER F 155 -1.87 40.58 -30.67
CA SER F 155 -2.22 41.68 -29.78
C SER F 155 -1.88 43.03 -30.38
N LYS F 156 -0.99 43.06 -31.38
CA LYS F 156 -0.63 44.28 -32.09
C LYS F 156 -0.91 44.07 -33.56
N ILE F 157 -1.90 44.80 -34.08
CA ILE F 157 -2.38 44.59 -35.45
C ILE F 157 -1.30 44.89 -36.49
N LYS F 158 -0.26 45.64 -36.12
CA LYS F 158 0.83 45.92 -37.04
C LYS F 158 1.40 44.63 -37.63
N LEU F 159 1.67 43.64 -36.77
CA LEU F 159 2.22 42.38 -37.24
C LEU F 159 1.16 41.48 -37.88
N LEU F 160 -0.10 41.59 -37.46
CA LEU F 160 -1.12 40.72 -38.03
C LEU F 160 -1.45 41.12 -39.46
N GLU F 161 -1.59 42.42 -39.75
CA GLU F 161 -1.89 42.81 -41.12
C GLU F 161 -0.71 42.57 -42.05
N ALA F 162 0.52 42.67 -41.53
CA ALA F 162 1.68 42.35 -42.34
C ALA F 162 1.78 40.86 -42.60
N ALA F 163 1.24 40.05 -41.68
CA ALA F 163 1.31 38.60 -41.84
C ALA F 163 0.22 38.05 -42.75
N ILE F 164 -0.91 38.74 -42.86
CA ILE F 164 -1.99 38.24 -43.70
C ILE F 164 -1.55 38.35 -45.16
N THR F 165 -1.59 37.22 -45.86
CA THR F 165 -1.22 37.14 -47.27
C THR F 165 -2.39 36.55 -48.06
N PRO F 166 -2.34 36.58 -49.39
CA PRO F 166 -3.39 35.90 -50.17
C PRO F 166 -3.54 34.43 -49.81
N GLU F 167 -2.50 33.83 -49.22
CA GLU F 167 -2.52 32.43 -48.85
C GLU F 167 -3.32 32.14 -47.58
N THR F 168 -3.65 33.16 -46.80
CA THR F 168 -4.33 32.94 -45.52
C THR F 168 -5.72 32.37 -45.73
N LYS F 169 -5.96 31.18 -45.18
CA LYS F 169 -7.28 30.57 -45.14
C LYS F 169 -7.81 30.35 -43.73
N LEU F 170 -6.94 30.38 -42.72
CA LEU F 170 -7.32 30.11 -41.35
C LEU F 170 -6.52 30.99 -40.40
N VAL F 171 -7.22 31.63 -39.46
CA VAL F 171 -6.60 32.39 -38.38
C VAL F 171 -7.09 31.81 -37.06
N TRP F 172 -6.16 31.30 -36.26
CA TRP F 172 -6.45 30.64 -34.99
C TRP F 172 -5.98 31.53 -33.85
N ILE F 173 -6.92 32.00 -33.02
CA ILE F 173 -6.61 32.85 -31.90
C ILE F 173 -7.19 32.25 -30.62
N GLU F 174 -6.59 32.62 -29.49
CA GLU F 174 -7.06 32.21 -28.18
C GLU F 174 -7.13 33.43 -27.29
N THR F 175 -8.21 33.55 -26.52
CA THR F 175 -8.34 34.68 -25.59
C THR F 175 -9.27 34.41 -24.40
N PRO F 176 -8.74 34.54 -23.17
CA PRO F 176 -7.32 34.81 -22.87
C PRO F 176 -6.45 33.58 -23.13
N THR F 177 -5.17 33.81 -23.37
CA THR F 177 -4.24 32.78 -23.80
C THR F 177 -3.82 31.88 -22.63
N ASN F 178 -3.42 30.65 -22.98
CA ASN F 178 -2.92 29.67 -22.02
C ASN F 178 -1.40 29.53 -22.16
N PRO F 179 -0.64 29.92 -21.12
CA PRO F 179 -1.08 30.30 -19.78
C PRO F 179 -0.90 31.76 -19.38
N THR F 180 -0.34 32.61 -20.25
CA THR F 180 -0.04 33.99 -19.87
C THR F 180 -1.24 34.92 -19.95
N GLN F 181 -2.36 34.45 -20.51
CA GLN F 181 -3.65 35.18 -20.51
C GLN F 181 -3.53 36.56 -21.14
N LYS F 182 -3.00 36.59 -22.36
CA LYS F 182 -3.11 37.79 -23.17
C LYS F 182 -4.52 37.88 -23.75
N VAL F 183 -5.10 39.07 -23.75
CA VAL F 183 -6.48 39.28 -24.18
C VAL F 183 -6.46 39.98 -25.53
N ILE F 184 -7.27 39.46 -26.46
CA ILE F 184 -7.33 39.97 -27.82
C ILE F 184 -8.72 40.51 -28.10
N ASP F 185 -8.78 41.67 -28.75
CA ASP F 185 -10.03 42.23 -29.25
C ASP F 185 -10.59 41.33 -30.35
N ILE F 186 -11.58 40.50 -30.00
CA ILE F 186 -12.11 39.54 -30.97
C ILE F 186 -12.78 40.28 -32.14
N GLU F 187 -13.62 41.25 -31.82
CA GLU F 187 -14.34 41.97 -32.87
C GLU F 187 -13.37 42.69 -33.80
N GLY F 188 -12.29 43.26 -33.23
CA GLY F 188 -11.27 43.86 -34.06
C GLY F 188 -10.60 42.85 -34.99
N CYS F 189 -10.29 41.66 -34.46
CA CYS F 189 -9.70 40.62 -35.30
C CYS F 189 -10.67 40.19 -36.40
N ALA F 190 -11.95 39.99 -36.06
CA ALA F 190 -12.91 39.53 -37.07
C ALA F 190 -13.09 40.55 -38.18
N HIS F 191 -13.18 41.84 -37.83
CA HIS F 191 -13.30 42.87 -38.86
C HIS F 191 -12.08 42.89 -39.78
N ILE F 192 -10.90 42.75 -39.20
CA ILE F 192 -9.67 42.77 -39.99
C ILE F 192 -9.55 41.50 -40.84
N VAL F 193 -9.85 40.34 -40.26
CA VAL F 193 -9.71 39.09 -40.99
C VAL F 193 -10.72 39.01 -42.12
N HIS F 194 -11.96 39.45 -41.89
CA HIS F 194 -13.02 39.26 -42.85
C HIS F 194 -13.06 40.32 -43.95
N LYS F 195 -12.27 41.39 -43.86
CA LYS F 195 -12.21 42.32 -44.97
C LYS F 195 -11.22 41.88 -46.04
N HIS F 196 -10.43 40.85 -45.77
CA HIS F 196 -9.49 40.30 -46.75
C HIS F 196 -10.09 39.15 -47.56
N GLY F 197 -11.38 38.87 -47.38
CA GLY F 197 -12.06 37.88 -48.19
C GLY F 197 -12.40 36.57 -47.49
N ASP F 198 -11.97 35.45 -48.09
CA ASP F 198 -12.42 34.12 -47.69
C ASP F 198 -11.43 33.52 -46.68
N ILE F 199 -11.50 34.01 -45.44
CA ILE F 199 -10.62 33.57 -44.36
C ILE F 199 -11.46 33.13 -43.18
N ILE F 200 -11.07 32.01 -42.55
CA ILE F 200 -11.76 31.48 -41.39
C ILE F 200 -11.08 31.99 -40.12
N LEU F 201 -11.86 32.57 -39.21
CA LEU F 201 -11.38 33.00 -37.92
C LEU F 201 -11.94 32.08 -36.84
N VAL F 202 -11.06 31.34 -36.17
CA VAL F 202 -11.42 30.46 -35.07
C VAL F 202 -11.01 31.11 -33.75
N VAL F 203 -11.90 31.10 -32.77
CA VAL F 203 -11.59 31.52 -31.41
C VAL F 203 -11.72 30.31 -30.48
N ASP F 204 -10.60 29.91 -29.89
CA ASP F 204 -10.62 28.91 -28.81
C ASP F 204 -11.11 29.59 -27.54
N ASN F 205 -12.34 29.31 -27.14
CA ASN F 205 -12.98 29.96 -26.01
C ASN F 205 -12.90 29.12 -24.73
N THR F 206 -11.87 28.27 -24.65
CA THR F 206 -11.75 27.33 -23.54
C THR F 206 -11.68 28.04 -22.19
N PHE F 207 -10.89 29.12 -22.10
CA PHE F 207 -10.67 29.73 -20.80
C PHE F 207 -11.92 30.41 -20.26
N MET F 208 -12.77 30.94 -21.14
CA MET F 208 -13.89 31.76 -20.69
C MET F 208 -15.20 31.00 -20.57
N SER F 209 -15.44 30.01 -21.44
CA SER F 209 -16.73 29.32 -21.61
C SER F 209 -17.73 30.27 -22.26
N PRO F 210 -18.80 29.78 -22.89
CA PRO F 210 -19.77 30.69 -23.51
C PRO F 210 -20.58 31.48 -22.52
N TYR F 211 -20.52 31.14 -21.22
CA TYR F 211 -21.20 31.94 -20.22
C TYR F 211 -20.56 33.32 -20.08
N PHE F 212 -19.25 33.42 -20.31
CA PHE F 212 -18.54 34.67 -20.13
C PHE F 212 -18.09 35.34 -21.43
N GLN F 213 -18.04 34.60 -22.54
CA GLN F 213 -17.57 35.17 -23.80
C GLN F 213 -18.18 34.41 -24.95
N ARG F 214 -18.73 35.15 -25.93
CA ARG F 214 -19.36 34.57 -27.12
C ARG F 214 -18.63 35.04 -28.37
N PRO F 215 -17.60 34.32 -28.80
CA PRO F 215 -16.83 34.75 -29.99
C PRO F 215 -17.68 34.91 -31.24
N LEU F 216 -18.71 34.07 -31.41
CA LEU F 216 -19.55 34.18 -32.60
C LEU F 216 -20.36 35.46 -32.59
N ALA F 217 -20.77 35.93 -31.40
CA ALA F 217 -21.44 37.22 -31.31
C ALA F 217 -20.49 38.37 -31.60
N LEU F 218 -19.18 38.13 -31.52
CA LEU F 218 -18.18 39.16 -31.73
C LEU F 218 -17.57 39.12 -33.13
N GLY F 219 -18.09 38.26 -34.01
CA GLY F 219 -17.64 38.22 -35.39
C GLY F 219 -16.80 37.01 -35.77
N ALA F 220 -16.47 36.13 -34.82
CA ALA F 220 -15.71 34.94 -35.14
C ALA F 220 -16.53 33.99 -36.00
N ASP F 221 -15.82 33.18 -36.79
CA ASP F 221 -16.48 32.15 -37.61
C ASP F 221 -16.68 30.85 -36.86
N ILE F 222 -15.78 30.52 -35.93
CA ILE F 222 -15.85 29.27 -35.17
C ILE F 222 -15.58 29.58 -33.72
N SER F 223 -16.44 29.10 -32.83
CA SER F 223 -16.19 29.10 -31.40
C SER F 223 -15.82 27.68 -31.00
N MET F 224 -14.58 27.49 -30.56
CA MET F 224 -14.04 26.18 -30.26
C MET F 224 -13.71 26.10 -28.78
N TYR F 225 -13.88 24.89 -28.22
CA TYR F 225 -13.58 24.65 -26.81
C TYR F 225 -12.86 23.33 -26.65
N SER F 226 -11.97 23.29 -25.66
CA SER F 226 -11.63 22.05 -24.98
C SER F 226 -12.68 21.87 -23.90
N ALA F 227 -13.70 21.06 -24.19
CA ALA F 227 -14.73 20.77 -23.20
C ALA F 227 -14.17 20.00 -22.02
N THR F 228 -12.96 19.48 -22.13
CA THR F 228 -12.25 18.84 -21.03
C THR F 228 -12.15 19.74 -19.82
N TYR F 230 -13.72 23.77 -18.64
CA TYR F 230 -14.90 24.36 -18.01
C TYR F 230 -16.26 23.81 -18.47
N MET F 231 -16.39 23.52 -19.78
CA MET F 231 -17.66 23.10 -20.34
C MET F 231 -18.22 21.89 -19.59
N ASN F 232 -17.45 20.81 -19.52
CA ASN F 232 -17.83 19.68 -18.68
C ASN F 232 -17.65 20.02 -17.20
N GLY F 233 -16.52 20.61 -16.85
CA GLY F 233 -16.31 21.15 -15.52
C GLY F 233 -16.10 20.13 -14.42
N HIS F 234 -16.01 18.83 -14.72
CA HIS F 234 -15.90 17.84 -13.65
C HIS F 234 -14.70 16.92 -13.80
N SER F 235 -13.70 17.30 -14.61
CA SER F 235 -12.40 16.63 -14.65
C SER F 235 -12.52 15.15 -14.96
N ASP F 236 -13.52 14.76 -15.76
CA ASP F 236 -13.72 13.34 -16.03
C ASP F 236 -14.17 13.07 -17.47
N VAL F 237 -14.01 14.04 -18.36
CA VAL F 237 -14.37 13.89 -19.77
C VAL F 237 -13.34 14.64 -20.60
N VAL F 238 -12.76 13.95 -21.58
CA VAL F 238 -11.93 14.59 -22.61
C VAL F 238 -12.80 14.77 -23.84
N MET F 239 -12.94 16.01 -24.31
CA MET F 239 -13.88 16.31 -25.38
C MET F 239 -13.56 17.67 -25.99
N GLY F 240 -13.88 17.80 -27.28
CA GLY F 240 -13.80 19.08 -27.95
C GLY F 240 -15.16 19.48 -28.49
N LEU F 241 -15.37 20.79 -28.61
CA LEU F 241 -16.63 21.34 -29.12
C LEU F 241 -16.33 22.44 -30.12
N VAL F 242 -17.12 22.50 -31.18
CA VAL F 242 -16.93 23.46 -32.26
C VAL F 242 -18.30 24.01 -32.65
N SER F 243 -18.53 25.29 -32.40
CA SER F 243 -19.78 25.96 -32.75
C SER F 243 -19.54 26.89 -33.92
N VAL F 244 -20.50 26.94 -34.85
CA VAL F 244 -20.34 27.68 -36.09
C VAL F 244 -21.73 28.13 -36.54
N ASN F 245 -21.77 29.22 -37.30
CA ASN F 245 -23.00 29.72 -37.89
C ASN F 245 -23.07 29.50 -39.39
N CYS F 246 -21.96 29.66 -40.11
CA CYS F 246 -21.99 29.52 -41.56
C CYS F 246 -22.39 28.10 -41.96
N GLU F 247 -23.35 28.02 -42.89
CA GLU F 247 -23.88 26.71 -43.29
C GLU F 247 -22.84 25.92 -44.07
N SER F 248 -22.20 26.55 -45.06
CA SER F 248 -21.19 25.83 -45.84
C SER F 248 -20.03 25.42 -44.96
N LEU F 249 -19.64 26.28 -44.02
CA LEU F 249 -18.58 25.94 -43.08
C LEU F 249 -19.02 24.78 -42.19
N HIS F 250 -20.30 24.76 -41.79
CA HIS F 250 -20.80 23.66 -40.99
C HIS F 250 -20.86 22.36 -41.79
N ASN F 251 -21.29 22.43 -43.05
CA ASN F 251 -21.37 21.22 -43.87
C ASN F 251 -19.99 20.61 -44.09
N ARG F 252 -18.99 21.46 -44.29
CA ARG F 252 -17.62 20.97 -44.42
C ARG F 252 -17.13 20.34 -43.11
N LEU F 253 -17.49 20.95 -41.98
CA LEU F 253 -17.10 20.39 -40.68
C LEU F 253 -17.87 19.12 -40.37
N ARG F 254 -19.18 19.09 -40.67
CA ARG F 254 -19.96 17.89 -40.40
C ARG F 254 -19.45 16.71 -41.21
N PHE F 255 -19.05 16.97 -42.46
CA PHE F 255 -18.45 15.93 -43.28
C PHE F 255 -17.18 15.37 -42.65
N LEU F 256 -16.32 16.24 -42.12
CA LEU F 256 -15.06 15.78 -41.56
C LEU F 256 -15.25 15.10 -40.21
N GLN F 257 -16.29 15.48 -39.46
CA GLN F 257 -16.59 14.77 -38.22
C GLN F 257 -16.86 13.29 -38.49
N ASN F 258 -17.64 13.00 -39.55
CA ASN F 258 -17.94 11.61 -39.88
C ASN F 258 -16.79 10.93 -40.61
N SER F 259 -16.11 11.64 -41.52
CA SER F 259 -15.11 11.01 -42.37
C SER F 259 -13.78 10.80 -41.66
N LEU F 260 -13.42 11.67 -40.72
CA LEU F 260 -12.23 11.46 -39.91
C LEU F 260 -12.50 10.69 -38.63
N GLY F 261 -13.74 10.71 -38.15
CA GLY F 261 -14.14 9.83 -37.07
C GLY F 261 -13.56 10.12 -35.71
N ALA F 262 -13.11 11.35 -35.46
CA ALA F 262 -12.61 11.73 -34.14
C ALA F 262 -13.78 12.13 -33.22
N VAL F 263 -14.66 11.16 -32.99
CA VAL F 263 -15.94 11.44 -32.35
C VAL F 263 -15.89 11.07 -30.87
N PRO F 264 -16.66 11.72 -30.02
CA PRO F 264 -16.68 11.38 -28.60
C PRO F 264 -17.66 10.26 -28.30
N SER F 265 -17.41 9.58 -27.20
CA SER F 265 -18.32 8.55 -26.72
C SER F 265 -19.67 9.18 -26.38
N PRO F 266 -20.78 8.48 -26.67
CA PRO F 266 -22.08 8.97 -26.20
C PRO F 266 -22.16 9.10 -24.68
N ILE F 267 -21.42 8.28 -23.93
CA ILE F 267 -21.40 8.43 -22.49
C ILE F 267 -20.72 9.72 -22.10
N ASP F 268 -19.56 10.01 -22.72
CA ASP F 268 -18.90 11.28 -22.47
C ASP F 268 -19.79 12.45 -22.84
N CYS F 269 -20.53 12.32 -23.94
CA CYS F 269 -21.50 13.34 -24.32
C CYS F 269 -22.56 13.52 -23.23
N TYR F 270 -23.06 12.41 -22.70
CA TYR F 270 -24.02 12.51 -21.60
C TYR F 270 -23.41 13.21 -20.39
N LEU F 271 -22.20 12.81 -20.01
CA LEU F 271 -21.55 13.41 -18.86
C LEU F 271 -21.30 14.89 -19.07
N CYS F 272 -20.86 15.27 -20.27
CA CYS F 272 -20.62 16.68 -20.56
C CYS F 272 -21.94 17.46 -20.55
N ASN F 273 -23.00 16.92 -21.16
CA ASN F 273 -24.28 17.59 -21.14
C ASN F 273 -24.79 17.76 -19.71
N ARG F 274 -24.56 16.76 -18.86
CA ARG F 274 -24.89 16.88 -17.45
C ARG F 274 -24.12 18.02 -16.81
N GLY F 275 -22.81 18.09 -17.09
CA GLY F 275 -21.99 19.18 -16.58
C GLY F 275 -22.45 20.55 -17.03
N LEU F 276 -22.99 20.66 -18.26
CA LEU F 276 -23.50 21.94 -18.74
C LEU F 276 -24.63 22.46 -17.88
N LYS F 277 -25.39 21.58 -17.24
CA LYS F 277 -26.57 22.02 -16.49
C LYS F 277 -26.20 22.90 -15.30
N THR F 278 -24.95 22.85 -14.84
CA THR F 278 -24.48 23.70 -13.77
C THR F 278 -23.44 24.71 -14.23
N LEU F 279 -23.24 24.87 -15.55
CA LEU F 279 -22.19 25.76 -16.02
C LEU F 279 -22.37 27.18 -15.50
N HIS F 280 -23.60 27.69 -15.48
CA HIS F 280 -23.83 29.07 -15.06
C HIS F 280 -23.48 29.26 -13.58
N VAL F 281 -23.93 28.35 -12.72
CA VAL F 281 -23.65 28.53 -11.30
C VAL F 281 -22.20 28.19 -10.98
N ARG F 282 -21.57 27.31 -11.76
CA ARG F 282 -20.15 27.05 -11.58
C ARG F 282 -19.31 28.26 -11.99
N MET F 283 -19.54 28.79 -13.20
CA MET F 283 -18.72 29.89 -13.69
C MET F 283 -18.82 31.11 -12.80
N GLU F 284 -20.03 31.38 -12.26
CA GLU F 284 -20.18 32.50 -11.33
C GLU F 284 -19.33 32.28 -10.08
N LYS F 285 -19.22 31.03 -9.63
CA LYS F 285 -18.41 30.76 -8.44
C LYS F 285 -16.92 30.81 -8.79
N HIS F 286 -16.55 30.33 -9.98
CA HIS F 286 -15.18 30.51 -10.47
C HIS F 286 -14.80 31.98 -10.53
N PHE F 287 -15.74 32.83 -10.96
CA PHE F 287 -15.50 34.27 -11.03
C PHE F 287 -15.22 34.84 -9.64
N LYS F 288 -16.13 34.61 -8.70
CA LYS F 288 -15.98 35.19 -7.37
C LYS F 288 -14.73 34.66 -6.68
N ASN F 289 -14.49 33.34 -6.74
CA ASN F 289 -13.28 32.78 -6.14
C ASN F 289 -12.03 33.26 -6.88
N GLY F 290 -12.08 33.27 -8.21
CA GLY F 290 -10.93 33.71 -8.98
C GLY F 290 -10.54 35.15 -8.69
N MET F 291 -11.54 36.03 -8.58
CA MET F 291 -11.27 37.43 -8.25
C MET F 291 -10.60 37.55 -6.89
N ALA F 292 -11.12 36.82 -5.89
CA ALA F 292 -10.55 36.90 -4.55
C ALA F 292 -9.11 36.42 -4.53
N VAL F 293 -8.83 35.32 -5.23
CA VAL F 293 -7.46 34.80 -5.30
C VAL F 293 -6.56 35.84 -5.98
N ALA F 294 -7.01 36.41 -7.10
CA ALA F 294 -6.19 37.37 -7.81
C ALA F 294 -5.91 38.61 -6.96
N GLN F 295 -6.93 39.13 -6.25
CA GLN F 295 -6.72 40.30 -5.40
C GLN F 295 -5.81 39.97 -4.21
N PHE F 296 -5.98 38.78 -3.62
CA PHE F 296 -5.10 38.37 -2.54
C PHE F 296 -3.65 38.28 -3.00
N LEU F 297 -3.43 37.65 -4.16
CA LEU F 297 -2.07 37.46 -4.65
C LEU F 297 -1.39 38.79 -4.96
N GLU F 298 -2.12 39.75 -5.53
CA GLU F 298 -1.49 40.99 -5.96
C GLU F 298 -1.03 41.82 -4.77
N SER F 299 -1.74 41.74 -3.64
CA SER F 299 -1.31 42.45 -2.43
C SER F 299 -0.42 41.63 -1.53
N ASN F 300 -0.05 40.43 -1.93
CA ASN F 300 0.79 39.59 -1.10
C ASN F 300 2.26 39.98 -1.26
N PRO F 301 3.01 40.12 -0.17
CA PRO F 301 4.39 40.63 -0.28
C PRO F 301 5.34 39.69 -1.00
N TRP F 302 4.92 38.46 -1.32
CA TRP F 302 5.80 37.48 -1.94
C TRP F 302 5.46 37.24 -3.41
N VAL F 303 4.52 38.00 -3.98
CA VAL F 303 4.11 37.83 -5.36
C VAL F 303 4.68 38.98 -6.18
N GLU F 304 5.37 38.64 -7.27
CA GLU F 304 5.97 39.67 -8.13
C GLU F 304 4.93 40.35 -9.01
N LYS F 305 3.99 39.59 -9.58
CA LYS F 305 3.02 40.19 -10.49
C LYS F 305 1.90 39.18 -10.71
N VAL F 306 0.68 39.69 -10.86
CA VAL F 306 -0.51 38.86 -11.09
C VAL F 306 -1.14 39.23 -12.42
N ILE F 307 -1.54 38.21 -13.17
CA ILE F 307 -2.21 38.37 -14.45
C ILE F 307 -3.60 37.75 -14.31
N TYR F 308 -4.62 38.60 -14.17
CA TYR F 308 -5.99 38.14 -14.12
C TYR F 308 -6.90 39.14 -14.84
N PRO F 309 -7.64 38.68 -15.86
CA PRO F 309 -8.49 39.62 -16.64
C PRO F 309 -9.48 40.41 -15.79
N GLY F 310 -9.91 39.87 -14.65
CA GLY F 310 -10.82 40.61 -13.79
C GLY F 310 -10.19 41.73 -12.99
N LEU F 311 -8.83 41.78 -12.91
CA LEU F 311 -8.17 42.84 -12.15
C LEU F 311 -7.97 44.08 -13.01
N PRO F 312 -8.16 45.27 -12.44
CA PRO F 312 -7.81 46.50 -13.18
C PRO F 312 -6.35 46.57 -13.58
N SER F 313 -5.46 45.84 -12.88
CA SER F 313 -4.04 45.84 -13.22
C SER F 313 -3.75 45.07 -14.51
N HIS F 314 -4.69 44.27 -15.00
CA HIS F 314 -4.47 43.56 -16.25
C HIS F 314 -4.42 44.58 -17.39
N PRO F 315 -3.40 44.54 -18.24
CA PRO F 315 -3.24 45.60 -19.26
C PRO F 315 -4.42 45.74 -20.21
N GLN F 316 -5.17 44.67 -20.44
CA GLN F 316 -6.33 44.70 -21.32
C GLN F 316 -7.65 44.59 -20.56
N HIS F 317 -7.65 45.04 -19.29
CA HIS F 317 -8.83 44.87 -18.44
C HIS F 317 -10.06 45.56 -19.04
N GLU F 318 -9.89 46.77 -19.57
CA GLU F 318 -11.01 47.47 -20.19
C GLU F 318 -11.53 46.72 -21.40
N LEU F 319 -10.64 46.14 -22.20
CA LEU F 319 -11.06 45.34 -23.33
C LEU F 319 -11.84 44.11 -22.87
N VAL F 320 -11.44 43.52 -21.75
CA VAL F 320 -12.15 42.37 -21.20
C VAL F 320 -13.61 42.71 -20.92
N LYS F 321 -13.83 43.87 -20.30
CA LYS F 321 -15.21 44.27 -20.01
C LYS F 321 -15.99 44.60 -21.27
N ARG F 322 -15.29 44.96 -22.35
CA ARG F 322 -15.97 45.29 -23.60
C ARG F 322 -16.58 44.05 -24.25
N GLN F 323 -15.95 42.89 -24.09
CA GLN F 323 -16.30 41.71 -24.86
C GLN F 323 -16.64 40.49 -24.00
N CYS F 324 -16.70 40.64 -22.68
CA CYS F 324 -17.02 39.54 -21.79
C CYS F 324 -18.05 40.00 -20.76
N THR F 325 -18.82 39.04 -20.25
CA THR F 325 -19.80 39.29 -19.19
C THR F 325 -19.24 39.03 -17.80
N GLY F 326 -17.98 38.59 -17.74
CA GLY F 326 -17.36 38.21 -16.49
C GLY F 326 -16.02 37.56 -16.79
N CYS F 327 -15.46 36.94 -15.75
CA CYS F 327 -14.14 36.34 -15.85
C CYS F 327 -14.14 35.00 -15.14
N THR F 328 -13.15 34.19 -15.49
CA THR F 328 -13.10 32.81 -15.06
C THR F 328 -12.23 32.64 -13.81
N GLY F 329 -11.97 31.38 -13.46
CA GLY F 329 -11.12 31.05 -12.32
C GLY F 329 -9.66 30.89 -12.64
N MET F 330 -9.25 31.11 -13.88
CA MET F 330 -7.83 30.98 -14.23
C MET F 330 -7.06 32.21 -13.76
N VAL F 331 -6.12 32.00 -12.84
CA VAL F 331 -5.28 33.06 -12.29
C VAL F 331 -3.83 32.71 -12.57
N THR F 332 -3.12 33.61 -13.24
CA THR F 332 -1.71 33.46 -13.54
C THR F 332 -0.92 34.48 -12.73
N PHE F 333 0.20 34.07 -12.16
CA PHE F 333 1.01 35.01 -11.38
C PHE F 333 2.47 34.57 -11.40
N TYR F 334 3.33 35.52 -11.06
CA TYR F 334 4.76 35.31 -10.87
C TYR F 334 5.08 35.42 -9.39
N ILE F 335 5.75 34.40 -8.85
CA ILE F 335 6.21 34.45 -7.47
C ILE F 335 7.54 35.18 -7.41
N LYS F 336 7.78 35.87 -6.29
CA LYS F 336 9.06 36.52 -6.07
C LYS F 336 10.15 35.48 -5.82
N GLY F 337 11.40 35.86 -6.11
CA GLY F 337 12.51 34.97 -5.89
C GLY F 337 12.96 34.20 -7.12
N THR F 338 13.25 32.91 -6.95
CA THR F 338 13.82 32.10 -8.01
C THR F 338 13.00 30.84 -8.27
N LEU F 339 13.54 29.95 -9.10
CA LEU F 339 12.85 28.69 -9.39
C LEU F 339 12.57 27.89 -8.14
N GLN F 340 13.53 27.81 -7.22
CA GLN F 340 13.34 27.00 -6.03
C GLN F 340 12.35 27.61 -5.06
N HIS F 341 12.05 28.91 -5.18
CA HIS F 341 10.94 29.47 -4.42
C HIS F 341 9.61 29.02 -5.02
N ALA F 342 9.53 28.97 -6.35
CA ALA F 342 8.32 28.45 -6.99
C ALA F 342 8.09 27.00 -6.62
N GLU F 343 9.17 26.21 -6.53
CA GLU F 343 9.05 24.80 -6.15
C GLU F 343 8.57 24.66 -4.70
N ILE F 344 9.16 25.42 -3.79
CA ILE F 344 8.75 25.33 -2.38
C ILE F 344 7.28 25.70 -2.22
N PHE F 345 6.84 26.77 -2.89
CA PHE F 345 5.44 27.17 -2.84
C PHE F 345 4.53 26.04 -3.30
N LEU F 346 4.81 25.47 -4.47
CA LEU F 346 3.94 24.45 -5.04
C LEU F 346 3.89 23.21 -4.16
N LYS F 347 5.02 22.83 -3.57
CA LYS F 347 5.09 21.62 -2.76
C LYS F 347 4.40 21.80 -1.41
N ASN F 348 4.15 23.03 -0.99
CA ASN F 348 3.49 23.28 0.29
C ASN F 348 1.99 23.47 0.18
N LEU F 349 1.45 23.57 -1.04
CA LEU F 349 0.01 23.67 -1.20
C LEU F 349 -0.67 22.40 -0.73
N LYS F 350 -1.64 22.55 0.17
CA LYS F 350 -2.38 21.42 0.71
C LYS F 350 -3.78 21.28 0.13
N LEU F 351 -4.31 22.34 -0.50
CA LEU F 351 -5.65 22.32 -1.04
C LEU F 351 -5.65 22.41 -2.56
N PHE F 352 -4.96 23.39 -3.13
CA PHE F 352 -4.63 23.35 -4.55
C PHE F 352 -3.83 22.08 -4.83
N THR F 353 -4.20 21.38 -5.91
CA THR F 353 -3.53 20.14 -6.29
C THR F 353 -2.57 20.42 -7.43
N LEU F 354 -1.34 19.95 -7.29
CA LEU F 354 -0.31 20.08 -8.32
C LEU F 354 -0.61 19.09 -9.44
N ALA F 355 -1.16 19.58 -10.55
CA ALA F 355 -1.56 18.74 -11.68
C ALA F 355 -1.84 19.66 -12.86
N VAL F 356 -1.81 19.09 -14.06
CA VAL F 356 -2.12 19.84 -15.27
C VAL F 356 -3.63 19.85 -15.48
N SER F 357 -4.07 20.45 -16.59
CA SER F 357 -5.48 20.66 -16.93
C SER F 357 -6.08 21.75 -16.06
N LEU F 358 -7.34 22.12 -16.30
CA LEU F 358 -7.97 23.23 -15.61
C LEU F 358 -9.47 23.16 -15.84
N GLY F 359 -10.19 24.09 -15.20
CA GLY F 359 -11.61 24.28 -15.42
C GLY F 359 -12.54 23.39 -14.64
N GLY F 360 -12.02 22.54 -13.76
CA GLY F 360 -12.86 21.68 -12.96
C GLY F 360 -13.25 22.33 -11.64
N PHE F 361 -14.08 21.61 -10.88
CA PHE F 361 -14.52 22.12 -9.58
C PHE F 361 -13.38 22.22 -8.58
N GLU F 362 -12.29 21.48 -8.80
CA GLU F 362 -11.19 21.44 -7.85
C GLU F 362 -10.10 22.41 -8.28
N SER F 363 -9.45 23.02 -7.29
CA SER F 363 -8.38 23.97 -7.55
C SER F 363 -7.10 23.24 -7.93
N LEU F 364 -6.43 23.73 -8.97
CA LEU F 364 -5.21 23.14 -9.46
C LEU F 364 -4.10 24.19 -9.53
N ALA F 365 -2.86 23.74 -9.39
CA ALA F 365 -1.69 24.59 -9.53
C ALA F 365 -0.64 23.89 -10.38
N GLU F 366 0.15 24.68 -11.09
CA GLU F 366 1.08 24.12 -12.06
C GLU F 366 2.18 25.13 -12.35
N LEU F 367 3.38 24.62 -12.64
CA LEU F 367 4.49 25.42 -13.12
C LEU F 367 4.69 25.10 -14.59
N PRO F 368 4.21 25.96 -15.50
CA PRO F 368 4.20 25.59 -16.93
C PRO F 368 5.57 25.22 -17.49
N ALA F 369 6.66 25.75 -16.94
CA ALA F 369 7.98 25.47 -17.50
C ALA F 369 8.33 23.99 -17.39
N ILE F 370 7.95 23.34 -16.29
CA ILE F 370 8.28 21.92 -16.10
C ILE F 370 7.15 20.98 -16.49
N MET F 371 5.91 21.46 -16.57
CA MET F 371 4.74 20.59 -16.68
C MET F 371 4.11 20.62 -18.07
N THR F 372 3.79 21.80 -18.60
CA THR F 372 3.18 21.86 -19.92
C THR F 372 4.20 22.20 -21.01
N HIS F 373 4.69 23.44 -20.99
CA HIS F 373 5.67 23.91 -21.98
C HIS F 373 7.09 23.41 -21.74
N ALA F 374 7.26 22.17 -21.31
CA ALA F 374 8.59 21.61 -21.13
C ALA F 374 9.09 20.99 -22.43
N ASN F 379 13.84 26.51 -25.31
CA ASN F 379 13.65 27.59 -24.34
C ASN F 379 13.22 28.87 -25.06
N ASP F 380 12.34 28.70 -26.06
CA ASP F 380 11.70 29.83 -26.72
C ASP F 380 10.56 30.41 -25.89
N ARG F 381 10.47 30.04 -24.61
CA ARG F 381 9.39 30.46 -23.73
C ARG F 381 9.74 31.66 -22.87
N ASP F 382 11.02 31.99 -22.73
CA ASP F 382 11.39 33.22 -22.04
C ASP F 382 10.88 34.45 -22.76
N VAL F 383 10.85 34.40 -24.10
CA VAL F 383 10.31 35.51 -24.88
C VAL F 383 8.81 35.70 -24.61
N LEU F 384 8.11 34.61 -24.32
CA LEU F 384 6.67 34.62 -24.05
C LEU F 384 6.35 34.81 -22.56
N GLY F 385 7.37 34.87 -21.71
CA GLY F 385 7.16 35.09 -20.29
C GLY F 385 6.89 33.86 -19.46
N ILE F 386 7.18 32.66 -19.97
CA ILE F 386 7.08 31.44 -19.14
C ILE F 386 8.44 31.26 -18.48
N SER F 387 8.58 31.92 -17.32
CA SER F 387 9.85 31.93 -16.59
C SER F 387 9.80 30.87 -15.50
N ASP F 388 10.89 30.75 -14.76
CA ASP F 388 10.94 29.77 -13.68
C ASP F 388 9.98 30.09 -12.55
N THR F 389 9.52 31.34 -12.46
CA THR F 389 8.63 31.77 -11.39
C THR F 389 7.18 31.89 -11.85
N LEU F 390 6.87 31.54 -13.09
CA LEU F 390 5.50 31.59 -13.57
C LEU F 390 4.69 30.45 -12.98
N ILE F 391 3.54 30.79 -12.38
CA ILE F 391 2.63 29.80 -11.80
C ILE F 391 1.24 30.07 -12.33
N ARG F 392 0.54 29.02 -12.73
CA ARG F 392 -0.83 29.13 -13.23
C ARG F 392 -1.76 28.42 -12.25
N LEU F 393 -2.79 29.14 -11.81
CA LEU F 393 -3.79 28.59 -10.91
C LEU F 393 -5.11 28.41 -11.67
N SER F 394 -5.75 27.27 -11.43
CA SER F 394 -7.12 27.03 -11.84
C SER F 394 -7.95 27.05 -10.56
N VAL F 395 -8.58 28.17 -10.26
CA VAL F 395 -9.30 28.33 -9.01
C VAL F 395 -10.63 27.60 -9.11
N GLY F 396 -10.86 26.67 -8.19
CA GLY F 396 -12.04 25.83 -8.20
C GLY F 396 -13.18 26.43 -7.39
N LEU F 397 -14.07 25.55 -6.93
CA LEU F 397 -15.31 25.95 -6.29
C LEU F 397 -15.28 25.77 -4.78
N GLU F 398 -14.10 25.57 -4.20
CA GLU F 398 -13.99 25.42 -2.75
C GLU F 398 -14.32 26.75 -2.06
N ASP F 399 -14.39 26.69 -0.73
CA ASP F 399 -14.63 27.90 0.04
C ASP F 399 -13.48 28.88 -0.17
N GLU F 400 -13.84 30.12 -0.49
CA GLU F 400 -12.85 31.16 -0.79
C GLU F 400 -11.81 31.29 0.31
N GLU F 401 -12.25 31.25 1.57
CA GLU F 401 -11.33 31.47 2.69
C GLU F 401 -10.35 30.31 2.84
N ASP F 402 -10.78 29.08 2.55
CA ASP F 402 -9.85 27.96 2.57
C ASP F 402 -8.80 28.09 1.46
N LEU F 403 -9.22 28.55 0.28
CA LEU F 403 -8.29 28.71 -0.83
C LEU F 403 -7.26 29.81 -0.55
N LEU F 404 -7.72 30.97 -0.05
CA LEU F 404 -6.80 32.05 0.25
C LEU F 404 -5.80 31.65 1.32
N GLU F 405 -6.25 30.87 2.31
CA GLU F 405 -5.38 30.46 3.40
C GLU F 405 -4.35 29.43 2.94
N ASP F 406 -4.73 28.54 2.04
CA ASP F 406 -3.76 27.61 1.46
C ASP F 406 -2.66 28.36 0.72
N LEU F 407 -3.04 29.35 -0.10
CA LEU F 407 -2.03 30.14 -0.79
C LEU F 407 -1.17 30.92 0.18
N ASP F 408 -1.77 31.44 1.25
CA ASP F 408 -1.04 32.25 2.21
C ASP F 408 0.07 31.43 2.87
N GLN F 409 -0.26 30.24 3.38
CA GLN F 409 0.73 29.44 4.09
C GLN F 409 1.82 28.91 3.14
N ALA F 410 1.46 28.60 1.90
CA ALA F 410 2.45 28.09 0.96
C ALA F 410 3.43 29.18 0.56
N LEU F 411 2.94 30.42 0.42
CA LEU F 411 3.82 31.54 0.15
C LEU F 411 4.72 31.84 1.34
N LYS F 412 4.22 31.64 2.56
CA LYS F 412 5.06 31.86 3.73
C LYS F 412 6.17 30.83 3.80
N ALA F 413 5.92 29.61 3.32
CA ALA F 413 6.95 28.58 3.28
C ALA F 413 8.09 28.95 2.33
N ALA F 414 7.75 29.55 1.19
CA ALA F 414 8.80 29.88 0.21
C ALA F 414 9.71 31.00 0.68
N HIS F 415 9.25 31.85 1.60
CA HIS F 415 10.08 32.90 2.16
C HIS F 415 9.88 32.97 3.66
N PRO F 416 10.52 32.06 4.42
CA PRO F 416 10.43 32.08 5.88
C PRO F 416 11.30 33.17 6.49
CA GLY G 27 -31.32 36.02 9.98
C GLY G 27 -31.29 34.52 10.22
N PHE G 28 -30.89 33.79 9.17
CA PHE G 28 -30.74 32.34 9.25
C PHE G 28 -29.48 31.95 10.01
N LEU G 29 -29.40 30.66 10.31
CA LEU G 29 -28.16 30.09 10.85
C LEU G 29 -27.01 30.39 9.91
N PRO G 30 -25.83 30.74 10.44
CA PRO G 30 -24.67 30.93 9.57
C PRO G 30 -24.39 29.68 8.76
N HIS G 31 -23.96 29.88 7.51
CA HIS G 31 -23.67 28.75 6.64
C HIS G 31 -22.56 27.88 7.24
N PHE G 32 -22.70 26.57 7.04
CA PHE G 32 -21.74 25.61 7.59
C PHE G 32 -20.36 25.80 6.98
N GLN G 33 -19.36 25.93 7.84
CA GLN G 33 -18.00 26.18 7.40
C GLN G 33 -17.41 24.99 6.65
N HIS G 34 -16.57 25.29 5.65
CA HIS G 34 -15.82 24.31 4.88
C HIS G 34 -16.70 23.38 4.04
N PHE G 35 -17.98 23.69 3.88
CA PHE G 35 -18.90 22.76 3.20
C PHE G 35 -18.45 22.52 1.77
N ALA G 36 -18.22 23.58 1.00
CA ALA G 36 -17.83 23.43 -0.39
C ALA G 36 -16.49 22.72 -0.51
N THR G 37 -15.52 23.11 0.32
CA THR G 37 -14.21 22.45 0.31
C THR G 37 -14.32 20.96 0.59
N GLN G 38 -15.14 20.58 1.58
CA GLN G 38 -15.26 19.17 1.92
C GLN G 38 -16.05 18.39 0.87
N ALA G 39 -17.07 19.03 0.29
CA ALA G 39 -17.82 18.37 -0.77
C ALA G 39 -16.91 18.03 -1.95
N ILE G 40 -15.86 18.82 -2.17
CA ILE G 40 -14.98 18.61 -3.32
C ILE G 40 -13.80 17.70 -2.97
N HIS G 41 -13.37 17.65 -1.72
CA HIS G 41 -12.13 16.98 -1.37
C HIS G 41 -12.26 15.76 -0.47
N VAL G 42 -13.28 15.69 0.39
CA VAL G 42 -13.37 14.57 1.31
C VAL G 42 -13.67 13.29 0.55
N GLY G 43 -12.87 12.26 0.79
CA GLY G 43 -12.98 11.00 0.08
C GLY G 43 -12.31 10.97 -1.28
N GLN G 44 -11.84 12.11 -1.79
CA GLN G 44 -11.33 12.21 -3.16
C GLN G 44 -9.81 12.28 -3.21
N ASP G 45 -9.15 11.93 -2.10
CA ASP G 45 -7.71 12.02 -1.99
C ASP G 45 -6.99 11.22 -3.08
N PRO G 46 -6.19 11.85 -3.93
CA PRO G 46 -5.51 11.11 -5.02
C PRO G 46 -4.56 10.03 -4.54
N GLU G 47 -4.01 10.16 -3.32
CA GLU G 47 -3.08 9.14 -2.82
C GLU G 47 -3.74 7.79 -2.62
N GLN G 48 -5.07 7.70 -2.69
CA GLN G 48 -5.74 6.42 -2.60
C GLN G 48 -5.43 5.51 -3.79
N TRP G 49 -5.05 6.08 -4.93
CA TRP G 49 -4.93 5.33 -6.18
C TRP G 49 -3.48 5.35 -6.64
N THR G 50 -3.05 4.22 -7.21
CA THR G 50 -1.69 4.15 -7.76
C THR G 50 -1.47 5.21 -8.83
N SER G 51 -2.52 5.56 -9.58
CA SER G 51 -2.41 6.58 -10.63
C SER G 51 -2.38 8.01 -10.09
N ARG G 52 -2.72 8.22 -8.81
CA ARG G 52 -2.85 9.57 -8.24
C ARG G 52 -3.91 10.38 -8.98
N ALA G 53 -4.98 9.71 -9.40
CA ALA G 53 -6.05 10.39 -10.13
C ALA G 53 -6.74 11.43 -9.24
N VAL G 54 -7.02 12.59 -9.82
CA VAL G 54 -7.66 13.66 -9.05
C VAL G 54 -9.13 13.34 -8.81
N VAL G 55 -9.74 12.56 -9.68
CA VAL G 55 -11.12 12.10 -9.52
C VAL G 55 -11.07 10.60 -9.25
N PRO G 56 -11.76 10.11 -8.22
CA PRO G 56 -11.73 8.67 -7.91
C PRO G 56 -12.25 7.83 -9.07
N PRO G 57 -11.54 6.76 -9.41
CA PRO G 57 -12.02 5.87 -10.48
C PRO G 57 -13.32 5.18 -10.09
N ILE G 58 -14.05 4.72 -11.10
CA ILE G 58 -15.26 3.93 -10.90
C ILE G 58 -14.86 2.47 -10.87
N SER G 59 -14.92 1.85 -9.69
CA SER G 59 -14.53 0.45 -9.51
C SER G 59 -15.80 -0.41 -9.56
N LEU G 60 -16.02 -1.07 -10.71
CA LEU G 60 -17.18 -1.95 -10.85
C LEU G 60 -16.94 -3.34 -10.28
N SER G 61 -15.68 -3.72 -10.08
CA SER G 61 -15.33 -5.09 -9.74
C SER G 61 -16.14 -5.60 -8.55
N THR G 62 -16.77 -6.76 -8.74
CA THR G 62 -17.55 -7.35 -7.65
C THR G 62 -16.66 -7.97 -6.59
N THR G 63 -15.45 -8.39 -6.95
CA THR G 63 -14.60 -9.12 -6.04
C THR G 63 -13.16 -8.64 -6.18
N PHE G 64 -12.33 -9.07 -5.24
CA PHE G 64 -10.98 -8.53 -5.08
C PHE G 64 -10.03 -9.65 -4.69
N LYS G 65 -8.82 -9.62 -5.25
CA LYS G 65 -7.81 -10.61 -4.90
C LYS G 65 -7.43 -10.50 -3.44
N GLN G 66 -7.40 -11.64 -2.75
CA GLN G 66 -7.01 -11.73 -1.35
C GLN G 66 -5.68 -12.45 -1.21
N GLY G 67 -5.08 -12.32 -0.03
CA GLY G 67 -3.99 -13.18 0.39
C GLY G 67 -2.71 -13.07 -0.40
N ALA G 68 -2.52 -11.96 -1.12
CA ALA G 68 -1.29 -11.77 -1.87
C ALA G 68 -0.13 -11.54 -0.91
N PRO G 69 1.11 -11.66 -1.40
CA PRO G 69 2.25 -11.22 -0.59
C PRO G 69 2.13 -9.75 -0.23
N GLY G 70 2.29 -9.45 1.05
CA GLY G 70 2.18 -8.08 1.53
C GLY G 70 0.75 -7.60 1.72
N SER G 73 -5.15 -5.88 2.70
CA SER G 73 -6.21 -6.45 3.51
C SER G 73 -7.44 -5.54 3.49
N GLY G 74 -7.83 -5.12 2.30
CA GLY G 74 -8.90 -4.15 2.15
C GLY G 74 -10.25 -4.74 1.82
N PHE G 75 -10.64 -4.63 0.55
CA PHE G 75 -11.97 -5.03 0.12
C PHE G 75 -12.03 -6.52 -0.17
N ASN G 76 -13.21 -7.10 0.01
CA ASN G 76 -13.36 -8.50 -0.34
C ASN G 76 -14.53 -8.74 -1.29
N TYR G 77 -15.62 -7.99 -1.15
CA TYR G 77 -16.79 -8.16 -2.00
C TYR G 77 -17.53 -6.83 -2.08
N SER G 78 -17.97 -6.49 -3.30
CA SER G 78 -18.49 -5.15 -3.58
C SER G 78 -19.66 -4.77 -2.68
N ARG G 79 -20.59 -5.70 -2.45
CA ARG G 79 -21.76 -5.40 -1.65
C ARG G 79 -21.38 -4.99 -0.23
N SER G 80 -20.32 -5.61 0.31
CA SER G 80 -19.85 -5.30 1.65
C SER G 80 -19.11 -3.98 1.70
N GLY G 81 -18.52 -3.56 0.58
CA GLY G 81 -17.73 -2.35 0.51
C GLY G 81 -16.92 -2.31 -0.77
N ASN G 82 -16.79 -1.13 -1.37
CA ASN G 82 -16.05 -0.97 -2.61
C ASN G 82 -15.53 0.46 -2.64
N PRO G 83 -14.44 0.71 -3.38
CA PRO G 83 -13.79 2.03 -3.29
C PRO G 83 -14.69 3.21 -3.62
N THR G 84 -15.45 3.13 -4.71
CA THR G 84 -16.24 4.29 -5.15
C THR G 84 -17.36 4.60 -4.17
N ARG G 85 -18.02 3.58 -3.63
CA ARG G 85 -19.05 3.84 -2.63
C ARG G 85 -18.44 4.40 -1.35
N ASN G 86 -17.31 3.84 -0.91
CA ASN G 86 -16.68 4.32 0.32
C ASN G 86 -16.27 5.79 0.19
N CYS G 87 -15.77 6.19 -0.99
CA CYS G 87 -15.44 7.60 -1.21
C CYS G 87 -16.66 8.49 -1.08
N LEU G 88 -17.78 8.08 -1.69
CA LEU G 88 -19.02 8.84 -1.58
C LEU G 88 -19.47 8.95 -0.13
N GLU G 89 -19.49 7.81 0.57
CA GLU G 89 -19.97 7.79 1.95
C GLU G 89 -19.14 8.70 2.84
N LYS G 90 -17.82 8.72 2.63
CA LYS G 90 -16.97 9.61 3.42
C LYS G 90 -17.32 11.07 3.15
N ALA G 91 -17.57 11.42 1.89
CA ALA G 91 -17.94 12.79 1.54
C ALA G 91 -19.27 13.19 2.19
N VAL G 92 -20.29 12.34 2.06
CA VAL G 92 -21.61 12.67 2.61
C VAL G 92 -21.54 12.81 4.12
N ALA G 93 -20.80 11.93 4.78
CA ALA G 93 -20.65 12.02 6.23
C ALA G 93 -20.11 13.39 6.65
N ALA G 94 -19.09 13.87 5.96
CA ALA G 94 -18.54 15.19 6.29
C ALA G 94 -19.56 16.29 6.06
N LEU G 95 -20.33 16.20 4.97
CA LEU G 95 -21.31 17.23 4.68
C LEU G 95 -22.45 17.24 5.69
N ASP G 96 -22.75 16.09 6.27
CA ASP G 96 -23.76 16.00 7.32
C ASP G 96 -23.21 16.32 8.71
N GLY G 97 -21.91 16.59 8.82
CA GLY G 97 -21.29 16.71 10.13
C GLY G 97 -21.27 15.41 10.89
N ALA G 98 -21.25 14.28 10.18
CA ALA G 98 -21.33 12.96 10.78
C ALA G 98 -19.98 12.26 10.72
N LYS G 99 -19.80 11.28 11.61
CA LYS G 99 -18.63 10.42 11.53
C LYS G 99 -18.77 9.36 10.45
N TYR G 100 -20.00 8.88 10.18
CA TYR G 100 -20.21 7.76 9.29
C TYR G 100 -21.39 8.03 8.37
N CYS G 101 -21.38 7.37 7.20
CA CYS G 101 -22.50 7.41 6.27
C CYS G 101 -22.59 6.08 5.53
N LEU G 102 -23.83 5.69 5.22
CA LEU G 102 -24.11 4.47 4.47
C LEU G 102 -24.99 4.80 3.27
N ALA G 103 -24.60 4.33 2.09
CA ALA G 103 -25.35 4.56 0.87
C ALA G 103 -26.19 3.34 0.51
N PHE G 104 -27.36 3.60 -0.09
CA PHE G 104 -28.34 2.57 -0.39
C PHE G 104 -28.92 2.76 -1.78
N ALA G 105 -29.64 1.74 -2.26
CA ALA G 105 -30.19 1.75 -3.61
C ALA G 105 -31.28 2.80 -3.83
N SER G 106 -31.90 3.29 -2.77
CA SER G 106 -32.95 4.30 -2.88
C SER G 106 -33.23 4.85 -1.50
N GLY G 107 -33.97 5.96 -1.46
CA GLY G 107 -34.43 6.49 -0.19
C GLY G 107 -35.29 5.49 0.56
N LEU G 108 -36.20 4.81 -0.16
CA LEU G 108 -37.02 3.79 0.49
C LEU G 108 -36.19 2.66 1.03
N ALA G 109 -35.18 2.22 0.27
CA ALA G 109 -34.30 1.14 0.75
C ALA G 109 -33.58 1.55 2.02
N ALA G 110 -33.15 2.82 2.11
CA ALA G 110 -32.56 3.31 3.35
C ALA G 110 -33.57 3.27 4.49
N THR G 111 -34.81 3.65 4.22
CA THR G 111 -35.85 3.61 5.24
C THR G 111 -36.10 2.17 5.70
N VAL G 112 -36.20 1.24 4.75
CA VAL G 112 -36.44 -0.15 5.09
C VAL G 112 -35.27 -0.72 5.89
N THR G 113 -34.05 -0.36 5.51
CA THR G 113 -32.88 -0.86 6.23
C THR G 113 -32.85 -0.33 7.66
N ILE G 114 -33.19 0.94 7.85
CA ILE G 114 -33.26 1.50 9.20
C ILE G 114 -34.28 0.75 10.05
N THR G 115 -35.42 0.40 9.46
CA THR G 115 -36.47 -0.27 10.22
C THR G 115 -36.04 -1.67 10.63
N HIS G 116 -35.14 -2.31 9.87
CA HIS G 116 -34.65 -3.63 10.26
C HIS G 116 -33.76 -3.59 11.49
N LEU G 117 -33.44 -2.40 12.02
CA LEU G 117 -32.74 -2.32 13.29
C LEU G 117 -33.57 -2.86 14.45
N LEU G 118 -34.87 -2.93 14.29
CA LEU G 118 -35.76 -3.23 15.41
C LEU G 118 -36.01 -4.74 15.45
N LYS G 119 -37.08 -5.14 16.14
CA LYS G 119 -37.46 -6.54 16.25
C LYS G 119 -38.96 -6.59 16.52
N ALA G 120 -39.52 -7.80 16.40
CA ALA G 120 -40.94 -7.97 16.65
C ALA G 120 -41.28 -7.54 18.07
N GLY G 121 -42.37 -6.80 18.21
CA GLY G 121 -42.79 -6.24 19.48
C GLY G 121 -42.46 -4.78 19.66
N ASP G 122 -41.54 -4.24 18.86
CA ASP G 122 -41.24 -2.83 18.92
C ASP G 122 -42.35 -2.02 18.26
N GLN G 123 -42.48 -0.76 18.67
CA GLN G 123 -43.45 0.14 18.06
C GLN G 123 -42.70 1.33 17.48
N ILE G 124 -43.19 1.83 16.34
CA ILE G 124 -42.60 2.97 15.64
C ILE G 124 -43.58 4.14 15.67
N ILE G 125 -43.06 5.32 15.99
CA ILE G 125 -43.81 6.57 15.87
C ILE G 125 -43.36 7.30 14.61
N CYS G 126 -44.30 7.60 13.72
CA CYS G 126 -44.02 8.27 12.47
C CYS G 126 -44.82 9.56 12.36
N MET G 127 -44.20 10.57 11.72
CA MET G 127 -44.87 11.84 11.48
C MET G 127 -46.11 11.63 10.61
N ASP G 128 -47.17 12.39 10.89
CA ASP G 128 -48.45 12.17 10.20
C ASP G 128 -48.36 12.53 8.72
N ASP G 129 -47.73 13.66 8.40
CA ASP G 129 -47.53 14.06 7.01
C ASP G 129 -46.11 13.65 6.61
N VAL G 130 -46.00 12.54 5.90
CA VAL G 130 -44.73 12.02 5.44
C VAL G 130 -44.87 11.71 3.97
N TYR G 131 -43.73 11.48 3.30
CA TYR G 131 -43.76 11.02 1.92
C TYR G 131 -44.65 9.79 1.82
N GLY G 132 -45.46 9.73 0.76
CA GLY G 132 -46.44 8.66 0.63
C GLY G 132 -45.83 7.28 0.74
N GLY G 133 -44.67 7.07 0.13
CA GLY G 133 -44.04 5.76 0.20
C GLY G 133 -43.59 5.40 1.60
N THR G 134 -43.11 6.39 2.36
CA THR G 134 -42.76 6.14 3.76
C THR G 134 -44.00 5.73 4.55
N ASN G 135 -45.11 6.45 4.34
CA ASN G 135 -46.38 6.11 4.97
C ASN G 135 -46.81 4.70 4.60
N LEU G 136 -46.74 4.36 3.31
CA LEU G 136 -47.21 3.06 2.85
C LEU G 136 -46.37 1.92 3.43
N TYR G 137 -45.04 2.09 3.48
CA TYR G 137 -44.17 1.02 3.97
C TYR G 137 -44.48 0.68 5.41
N PHE G 138 -44.53 1.70 6.28
CA PHE G 138 -44.83 1.46 7.68
C PHE G 138 -46.23 0.87 7.85
N ARG G 139 -47.22 1.47 7.18
CA ARG G 139 -48.61 1.10 7.43
C ARG G 139 -48.93 -0.28 6.86
N GLN G 140 -48.49 -0.57 5.64
CA GLN G 140 -48.93 -1.77 4.96
C GLN G 140 -47.91 -2.90 4.96
N VAL G 141 -46.63 -2.61 5.18
CA VAL G 141 -45.57 -3.62 5.12
C VAL G 141 -44.97 -3.88 6.50
N ALA G 142 -44.38 -2.86 7.11
CA ALA G 142 -43.70 -3.05 8.40
C ALA G 142 -44.67 -3.55 9.47
N SER G 143 -45.92 -3.11 9.42
CA SER G 143 -46.91 -3.53 10.41
C SER G 143 -47.22 -5.02 10.34
N GLU G 144 -46.86 -5.67 9.24
CA GLU G 144 -47.11 -7.11 9.09
C GLU G 144 -46.13 -7.96 9.88
N PHE G 145 -45.07 -7.38 10.44
CA PHE G 145 -44.04 -8.18 11.07
C PHE G 145 -43.84 -7.80 12.54
N GLY G 146 -44.93 -7.65 13.27
CA GLY G 146 -44.89 -7.40 14.70
C GLY G 146 -44.49 -6.00 15.12
N LEU G 147 -44.42 -5.06 14.19
CA LEU G 147 -44.12 -3.66 14.51
C LEU G 147 -45.41 -2.86 14.50
N LYS G 148 -45.79 -2.32 15.65
CA LYS G 148 -46.95 -1.42 15.70
C LYS G 148 -46.52 -0.02 15.27
N ILE G 149 -47.35 0.62 14.47
CA ILE G 149 -47.05 1.93 13.89
C ILE G 149 -48.04 2.93 14.42
N SER G 150 -47.55 4.07 14.90
CA SER G 150 -48.38 5.16 15.39
C SER G 150 -48.02 6.41 14.59
N PHE G 151 -49.03 7.02 13.97
CA PHE G 151 -48.86 8.26 13.24
C PHE G 151 -49.29 9.42 14.13
N VAL G 152 -48.35 10.31 14.43
CA VAL G 152 -48.57 11.43 15.34
C VAL G 152 -48.13 12.72 14.67
N ASP G 153 -48.86 13.79 14.93
CA ASP G 153 -48.47 15.14 14.52
C ASP G 153 -47.37 15.59 15.46
N CYS G 154 -46.12 15.33 15.07
CA CYS G 154 -44.97 15.65 15.91
C CYS G 154 -44.66 17.14 15.95
N SER G 155 -45.48 17.98 15.31
CA SER G 155 -45.32 19.42 15.41
C SER G 155 -45.80 19.99 16.74
N LYS G 156 -46.66 19.26 17.46
CA LYS G 156 -47.17 19.70 18.75
C LYS G 156 -46.50 18.89 19.86
N ILE G 157 -46.15 19.58 20.96
CA ILE G 157 -45.26 19.00 21.96
C ILE G 157 -45.96 17.85 22.69
N LYS G 158 -47.15 18.09 23.21
CA LYS G 158 -47.80 17.10 24.07
C LYS G 158 -48.24 15.86 23.30
N LEU G 159 -48.57 16.02 22.01
CA LEU G 159 -49.05 14.87 21.25
C LEU G 159 -47.95 13.86 21.02
N LEU G 160 -46.70 14.32 20.90
CA LEU G 160 -45.58 13.41 20.74
C LEU G 160 -45.25 12.72 22.06
N GLU G 161 -45.30 13.46 23.16
CA GLU G 161 -44.94 12.91 24.46
C GLU G 161 -45.97 11.89 24.95
N ALA G 162 -47.23 12.08 24.58
CA ALA G 162 -48.25 11.10 24.95
C ALA G 162 -48.09 9.79 24.18
N ALA G 163 -47.53 9.85 22.98
CA ALA G 163 -47.40 8.64 22.17
C ALA G 163 -46.19 7.81 22.54
N ILE G 164 -45.16 8.43 23.12
CA ILE G 164 -43.94 7.69 23.46
C ILE G 164 -44.26 6.75 24.62
N THR G 165 -43.98 5.47 24.42
CA THR G 165 -44.16 4.43 25.43
C THR G 165 -42.85 3.69 25.62
N PRO G 166 -42.74 2.86 26.67
CA PRO G 166 -41.52 2.04 26.83
C PRO G 166 -41.24 1.12 25.66
N GLU G 167 -42.25 0.74 24.87
CA GLU G 167 -42.02 -0.13 23.71
C GLU G 167 -41.49 0.64 22.50
N THR G 168 -41.56 1.97 22.53
CA THR G 168 -41.11 2.77 21.39
C THR G 168 -39.60 2.64 21.21
N LYS G 169 -39.17 2.34 19.98
CA LYS G 169 -37.75 2.26 19.66
C LYS G 169 -37.32 3.19 18.53
N LEU G 170 -38.26 3.77 17.78
CA LEU G 170 -37.91 4.56 16.61
C LEU G 170 -38.92 5.71 16.46
N VAL G 171 -38.40 6.90 16.23
CA VAL G 171 -39.20 8.08 15.92
C VAL G 171 -38.74 8.60 14.57
N TRP G 172 -39.65 8.60 13.59
CA TRP G 172 -39.35 9.00 12.22
C TRP G 172 -40.05 10.33 11.92
N ILE G 173 -39.27 11.37 11.66
CA ILE G 173 -39.83 12.68 11.33
C ILE G 173 -39.21 13.17 10.03
N GLU G 174 -39.94 14.07 9.37
CA GLU G 174 -39.49 14.76 8.17
C GLU G 174 -39.74 16.24 8.32
N THR G 175 -38.78 17.05 7.90
CA THR G 175 -38.95 18.49 7.96
C THR G 175 -38.09 19.25 6.92
N PRO G 176 -38.75 20.03 6.06
CA PRO G 176 -40.22 20.18 5.93
C PRO G 176 -40.89 18.95 5.33
N THR G 177 -42.17 18.76 5.63
CA THR G 177 -42.86 17.54 5.21
C THR G 177 -43.21 17.59 3.72
N ASN G 178 -43.35 16.40 3.16
CA ASN G 178 -43.71 16.25 1.75
C ASN G 178 -45.18 15.81 1.67
N PRO G 179 -46.04 16.68 1.09
CA PRO G 179 -45.72 17.93 0.40
C PRO G 179 -46.18 19.23 1.08
N THR G 180 -46.83 19.16 2.24
CA THR G 180 -47.38 20.37 2.84
C THR G 180 -46.34 21.19 3.61
N GLN G 181 -45.14 20.67 3.77
CA GLN G 181 -44.01 21.40 4.36
C GLN G 181 -44.32 21.89 5.76
N LYS G 182 -44.88 21.00 6.58
CA LYS G 182 -44.95 21.25 8.02
C LYS G 182 -43.56 21.11 8.61
N VAL G 183 -43.16 22.07 9.44
CA VAL G 183 -41.80 22.15 9.96
C VAL G 183 -41.79 21.75 11.43
N ILE G 184 -40.84 20.90 11.80
CA ILE G 184 -40.72 20.36 13.15
C ILE G 184 -39.45 20.87 13.79
N ASP G 185 -39.56 21.32 15.05
CA ASP G 185 -38.43 21.69 15.89
C ASP G 185 -37.61 20.44 16.16
N ILE G 186 -36.53 20.26 15.40
CA ILE G 186 -35.74 19.03 15.50
C ILE G 186 -35.11 18.91 16.89
N GLU G 187 -34.46 19.98 17.35
CA GLU G 187 -33.80 19.93 18.65
C GLU G 187 -34.81 19.75 19.79
N GLY G 188 -35.94 20.44 19.71
CA GLY G 188 -37.00 20.22 20.69
C GLY G 188 -37.53 18.80 20.65
N CYS G 189 -37.70 18.26 19.44
CA CYS G 189 -38.11 16.87 19.28
C CYS G 189 -37.10 15.91 19.89
N ALA G 190 -35.81 16.14 19.64
CA ALA G 190 -34.77 15.24 20.13
C ALA G 190 -34.72 15.21 21.66
N HIS G 191 -34.85 16.37 22.29
CA HIS G 191 -34.81 16.42 23.76
C HIS G 191 -35.92 15.57 24.36
N ILE G 192 -37.11 15.62 23.75
CA ILE G 192 -38.23 14.83 24.24
C ILE G 192 -38.00 13.35 24.02
N VAL G 193 -37.52 12.97 22.85
CA VAL G 193 -37.37 11.55 22.51
C VAL G 193 -36.28 10.91 23.36
N HIS G 194 -35.19 11.62 23.62
CA HIS G 194 -34.01 11.04 24.25
C HIS G 194 -34.09 10.95 25.77
N LYS G 195 -35.20 11.35 26.40
CA LYS G 195 -35.34 11.15 27.83
C LYS G 195 -35.97 9.81 28.17
N HIS G 196 -36.74 9.22 27.26
CA HIS G 196 -37.37 7.92 27.47
C HIS G 196 -36.41 6.77 27.22
N GLY G 197 -35.11 7.06 27.05
CA GLY G 197 -34.12 6.02 26.97
C GLY G 197 -33.61 5.74 25.57
N ASP G 198 -33.64 4.46 25.18
CA ASP G 198 -32.94 4.02 23.98
C ASP G 198 -33.90 4.07 22.80
N ILE G 199 -34.14 5.29 22.30
CA ILE G 199 -35.02 5.51 21.16
C ILE G 199 -34.23 6.26 20.09
N ILE G 200 -34.39 5.83 18.85
CA ILE G 200 -33.68 6.41 17.71
C ILE G 200 -34.56 7.48 17.07
N LEU G 201 -34.00 8.66 16.86
CA LEU G 201 -34.68 9.74 16.15
C LEU G 201 -34.06 9.88 14.77
N VAL G 202 -34.86 9.62 13.74
CA VAL G 202 -34.44 9.75 12.35
C VAL G 202 -35.08 11.01 11.79
N VAL G 203 -34.28 11.83 11.10
CA VAL G 203 -34.81 12.96 10.34
C VAL G 203 -34.53 12.70 8.87
N ASP G 204 -35.59 12.56 8.09
CA ASP G 204 -35.48 12.56 6.63
C ASP G 204 -35.27 14.00 6.18
N ASN G 205 -34.03 14.31 5.79
CA ASN G 205 -33.60 15.65 5.43
C ASN G 205 -33.62 15.87 3.92
N THR G 206 -34.44 15.13 3.20
CA THR G 206 -34.45 15.17 1.74
C THR G 206 -34.78 16.57 1.22
N PHE G 207 -35.77 17.22 1.84
CA PHE G 207 -36.23 18.50 1.30
C PHE G 207 -35.19 19.60 1.46
N MET G 208 -34.36 19.55 2.50
CA MET G 208 -33.43 20.65 2.78
C MET G 208 -32.02 20.44 2.22
N SER G 209 -31.53 19.20 2.20
CA SER G 209 -30.14 18.84 1.91
C SER G 209 -29.26 19.27 3.08
N PRO G 210 -28.07 18.68 3.26
CA PRO G 210 -27.21 19.06 4.38
C PRO G 210 -26.63 20.47 4.24
N TYR G 211 -26.74 21.09 3.08
CA TYR G 211 -26.28 22.47 2.94
C TYR G 211 -27.15 23.43 3.74
N PHE G 212 -28.43 23.11 3.93
CA PHE G 212 -29.35 24.01 4.60
C PHE G 212 -29.82 23.55 5.97
N GLN G 213 -29.64 22.27 6.31
CA GLN G 213 -30.12 21.73 7.58
C GLN G 213 -29.27 20.53 7.97
N ARG G 214 -28.81 20.51 9.22
CA ARG G 214 -27.98 19.42 9.76
C ARG G 214 -28.70 18.80 10.95
N PRO G 215 -29.53 17.78 10.73
CA PRO G 215 -30.26 17.16 11.86
C PRO G 215 -29.35 16.61 12.94
N LEU G 216 -28.19 16.08 12.59
CA LEU G 216 -27.29 15.52 13.60
C LEU G 216 -26.73 16.62 14.50
N ALA G 217 -26.51 17.82 13.98
CA ALA G 217 -26.11 18.93 14.83
C ALA G 217 -27.25 19.38 15.74
N LEU G 218 -28.49 19.01 15.42
CA LEU G 218 -29.66 19.42 16.16
C LEU G 218 -30.16 18.32 17.11
N GLY G 219 -29.45 17.21 17.23
CA GLY G 219 -29.81 16.16 18.17
C GLY G 219 -30.37 14.90 17.56
N ALA G 220 -30.59 14.86 16.25
CA ALA G 220 -31.08 13.63 15.64
C ALA G 220 -30.00 12.55 15.72
N ASP G 221 -30.45 11.30 15.74
CA ASP G 221 -29.53 10.16 15.73
C ASP G 221 -29.17 9.75 14.32
N ILE G 222 -30.07 9.96 13.36
CA ILE G 222 -29.86 9.59 11.97
C ILE G 222 -30.33 10.74 11.11
N SER G 223 -29.48 11.15 10.16
CA SER G 223 -29.87 12.06 9.10
C SER G 223 -29.98 11.23 7.82
N MET G 224 -31.20 11.13 7.28
CA MET G 224 -31.49 10.27 6.14
C MET G 224 -31.91 11.11 4.95
N TYR G 225 -31.54 10.66 3.75
CA TYR G 225 -31.90 11.36 2.53
C TYR G 225 -32.37 10.38 1.46
N SER G 226 -33.29 10.86 0.63
CA SER G 226 -33.40 10.36 -0.73
C SER G 226 -32.39 11.16 -1.54
N ALA G 227 -31.21 10.56 -1.80
CA ALA G 227 -30.22 11.22 -2.65
C ALA G 227 -30.72 11.39 -4.09
N THR G 228 -31.80 10.72 -4.45
CA THR G 228 -32.46 10.88 -5.74
C THR G 228 -32.83 12.33 -6.02
N TYR G 230 -32.13 16.24 -4.09
CA TYR G 230 -31.11 17.30 -4.10
C TYR G 230 -29.65 16.82 -4.07
N MET G 231 -29.35 15.78 -3.29
CA MET G 231 -27.97 15.33 -3.11
C MET G 231 -27.28 15.09 -4.44
N ASN G 232 -27.85 14.19 -5.26
CA ASN G 232 -27.34 14.02 -6.61
C ASN G 232 -27.71 15.23 -7.48
N GLY G 233 -28.97 15.64 -7.41
CA GLY G 233 -29.43 16.88 -8.02
C GLY G 233 -29.54 16.90 -9.52
N HIS G 234 -29.31 15.77 -10.21
CA HIS G 234 -29.30 15.78 -11.67
C HIS G 234 -30.30 14.79 -12.27
N SER G 235 -31.28 14.35 -11.49
CA SER G 235 -32.44 13.60 -12.00
C SER G 235 -32.03 12.35 -12.75
N ASP G 236 -30.94 11.71 -12.33
CA ASP G 236 -30.45 10.55 -13.06
C ASP G 236 -29.89 9.47 -12.15
N VAL G 237 -30.17 9.54 -10.84
CA VAL G 237 -29.70 8.56 -9.88
C VAL G 237 -30.79 8.36 -8.82
N VAL G 238 -31.15 7.11 -8.58
CA VAL G 238 -31.99 6.72 -7.45
C VAL G 238 -31.06 6.17 -6.36
N MET G 239 -31.11 6.76 -5.18
CA MET G 239 -30.15 6.42 -4.13
C MET G 239 -30.66 6.92 -2.77
N GLY G 240 -30.27 6.21 -1.72
CA GLY G 240 -30.52 6.65 -0.36
C GLY G 240 -29.21 6.83 0.40
N LEU G 241 -29.25 7.72 1.41
CA LEU G 241 -28.08 8.00 2.23
C LEU G 241 -28.50 8.06 3.70
N VAL G 242 -27.63 7.54 4.57
CA VAL G 242 -27.90 7.47 6.01
C VAL G 242 -26.63 7.85 6.75
N SER G 243 -26.66 8.99 7.44
CA SER G 243 -25.52 9.50 8.20
C SER G 243 -25.79 9.36 9.69
N VAL G 244 -24.74 9.00 10.45
CA VAL G 244 -24.89 8.68 11.85
C VAL G 244 -23.58 9.01 12.57
N ASN G 245 -23.69 9.30 13.87
CA ASN G 245 -22.53 9.50 14.74
C ASN G 245 -22.31 8.37 15.71
N CYS G 246 -23.38 7.79 16.27
CA CYS G 246 -23.21 6.74 17.26
C CYS G 246 -22.53 5.53 16.66
N GLU G 247 -21.51 5.03 17.35
CA GLU G 247 -20.71 3.94 16.80
C GLU G 247 -21.52 2.64 16.73
N SER G 248 -22.19 2.27 17.81
CA SER G 248 -22.96 1.03 17.81
C SER G 248 -24.09 1.09 16.80
N LEU G 249 -24.72 2.25 16.65
CA LEU G 249 -25.76 2.40 15.64
C LEU G 249 -25.18 2.25 14.24
N HIS G 250 -23.96 2.75 14.03
CA HIS G 250 -23.31 2.58 12.73
C HIS G 250 -23.01 1.11 12.44
N ASN G 251 -22.51 0.39 13.46
CA ASN G 251 -22.19 -1.03 13.26
C ASN G 251 -23.44 -1.84 12.95
N ARG G 252 -24.55 -1.52 13.61
CA ARG G 252 -25.82 -2.20 13.32
C ARG G 252 -26.30 -1.87 11.91
N LEU G 253 -26.13 -0.63 11.48
CA LEU G 253 -26.54 -0.25 10.13
C LEU G 253 -25.62 -0.87 9.07
N ARG G 254 -24.31 -0.88 9.33
CA ARG G 254 -23.37 -1.46 8.37
C ARG G 254 -23.65 -2.95 8.16
N PHE G 255 -24.00 -3.65 9.24
CA PHE G 255 -24.39 -5.06 9.13
C PHE G 255 -25.60 -5.22 8.22
N LEU G 256 -26.60 -4.35 8.37
CA LEU G 256 -27.81 -4.47 7.57
C LEU G 256 -27.60 -4.01 6.13
N GLN G 257 -26.67 -3.07 5.91
CA GLN G 257 -26.32 -2.69 4.55
C GLN G 257 -25.78 -3.90 3.80
N ASN G 258 -24.92 -4.69 4.44
CA ASN G 258 -24.35 -5.87 3.80
C ASN G 258 -25.32 -7.05 3.80
N SER G 259 -26.06 -7.24 4.90
CA SER G 259 -26.85 -8.45 5.05
C SER G 259 -28.16 -8.40 4.27
N LEU G 260 -28.74 -7.21 4.11
CA LEU G 260 -29.93 -7.06 3.29
C LEU G 260 -29.59 -6.72 1.84
N GLY G 261 -28.42 -6.14 1.59
CA GLY G 261 -27.91 -5.97 0.24
C GLY G 261 -28.63 -4.95 -0.61
N ALA G 262 -29.33 -3.99 -0.01
CA ALA G 262 -29.97 -2.93 -0.77
C ALA G 262 -28.95 -1.83 -1.08
N VAL G 263 -27.92 -2.21 -1.83
CA VAL G 263 -26.74 -1.38 -2.03
C VAL G 263 -26.82 -0.66 -3.37
N PRO G 264 -26.20 0.51 -3.50
CA PRO G 264 -26.22 1.23 -4.77
C PRO G 264 -25.11 0.76 -5.71
N SER G 265 -25.34 0.98 -7.00
CA SER G 265 -24.30 0.68 -7.98
C SER G 265 -23.10 1.60 -7.75
N PRO G 266 -21.88 1.10 -7.90
CA PRO G 266 -20.71 2.00 -7.84
C PRO G 266 -20.72 3.10 -8.89
N ILE G 267 -21.34 2.87 -10.05
CA ILE G 267 -21.44 3.95 -11.04
C ILE G 267 -22.37 5.04 -10.54
N ASP G 268 -23.51 4.66 -9.97
CA ASP G 268 -24.41 5.64 -9.36
C ASP G 268 -23.72 6.37 -8.23
N CYS G 269 -22.91 5.67 -7.44
CA CYS G 269 -22.14 6.33 -6.39
C CYS G 269 -21.21 7.38 -6.99
N TYR G 270 -20.55 7.05 -8.10
CA TYR G 270 -19.71 8.04 -8.76
C TYR G 270 -20.52 9.24 -9.20
N LEU G 271 -21.66 9.00 -9.84
CA LEU G 271 -22.49 10.10 -10.34
C LEU G 271 -23.00 10.97 -9.21
N CYS G 272 -23.43 10.36 -8.09
CA CYS G 272 -23.91 11.14 -6.96
C CYS G 272 -22.79 11.96 -6.33
N ASN G 273 -21.60 11.37 -6.18
CA ASN G 273 -20.46 12.11 -5.65
C ASN G 273 -20.09 13.26 -6.58
N ARG G 274 -20.19 13.04 -7.89
CA ARG G 274 -19.98 14.10 -8.87
C ARG G 274 -21.00 15.23 -8.66
N GLY G 275 -22.27 14.87 -8.51
CA GLY G 275 -23.30 15.87 -8.24
C GLY G 275 -23.06 16.65 -6.97
N LEU G 276 -22.48 16.00 -5.94
CA LEU G 276 -22.19 16.68 -4.69
C LEU G 276 -21.26 17.86 -4.86
N LYS G 277 -20.39 17.82 -5.87
CA LYS G 277 -19.38 18.87 -6.04
C LYS G 277 -19.99 20.22 -6.35
N THR G 278 -21.24 20.26 -6.81
CA THR G 278 -21.94 21.52 -7.07
C THR G 278 -23.12 21.72 -6.13
N LEU G 279 -23.23 20.92 -5.06
CA LEU G 279 -24.38 21.03 -4.18
C LEU G 279 -24.52 22.44 -3.62
N HIS G 280 -23.41 23.07 -3.23
CA HIS G 280 -23.49 24.39 -2.64
C HIS G 280 -23.98 25.43 -3.65
N VAL G 281 -23.44 25.42 -4.87
CA VAL G 281 -23.86 26.42 -5.85
C VAL G 281 -25.25 26.11 -6.38
N ARG G 282 -25.64 24.83 -6.39
CA ARG G 282 -27.00 24.48 -6.77
C ARG G 282 -28.01 24.93 -5.73
N MET G 283 -27.77 24.57 -4.46
CA MET G 283 -28.73 24.89 -3.40
C MET G 283 -28.93 26.39 -3.24
N GLU G 284 -27.85 27.17 -3.40
CA GLU G 284 -27.99 28.62 -3.30
C GLU G 284 -28.91 29.14 -4.40
N LYS G 285 -28.81 28.57 -5.61
CA LYS G 285 -29.68 28.99 -6.70
C LYS G 285 -31.10 28.47 -6.50
N HIS G 286 -31.25 27.25 -5.97
CA HIS G 286 -32.58 26.76 -5.59
C HIS G 286 -33.23 27.71 -4.58
N PHE G 287 -32.44 28.25 -3.64
CA PHE G 287 -32.97 29.18 -2.67
C PHE G 287 -33.48 30.45 -3.33
N LYS G 288 -32.65 31.09 -4.16
CA LYS G 288 -33.04 32.34 -4.80
C LYS G 288 -34.26 32.14 -5.69
N ASN G 289 -34.24 31.09 -6.52
CA ASN G 289 -35.37 30.82 -7.40
C ASN G 289 -36.61 30.44 -6.60
N GLY G 290 -36.45 29.60 -5.58
CA GLY G 290 -37.60 29.19 -4.78
C GLY G 290 -38.27 30.36 -4.07
N MET G 291 -37.48 31.25 -3.47
CA MET G 291 -38.03 32.41 -2.80
C MET G 291 -38.76 33.32 -3.79
N ALA G 292 -38.16 33.56 -4.95
CA ALA G 292 -38.78 34.42 -5.96
C ALA G 292 -40.09 33.83 -6.46
N VAL G 293 -40.11 32.51 -6.70
CA VAL G 293 -41.35 31.83 -7.09
C VAL G 293 -42.39 31.93 -5.97
N ALA G 294 -41.97 31.67 -4.74
CA ALA G 294 -42.91 31.69 -3.62
C ALA G 294 -43.54 33.08 -3.44
N GLN G 295 -42.72 34.14 -3.55
CA GLN G 295 -43.28 35.48 -3.42
C GLN G 295 -44.21 35.81 -4.57
N PHE G 296 -43.86 35.41 -5.79
CA PHE G 296 -44.75 35.68 -6.92
C PHE G 296 -46.10 35.02 -6.73
N LEU G 297 -46.10 33.75 -6.32
CA LEU G 297 -47.36 33.03 -6.14
C LEU G 297 -48.21 33.66 -5.04
N GLU G 298 -47.59 34.09 -3.94
CA GLU G 298 -48.37 34.61 -2.83
C GLU G 298 -49.05 35.92 -3.17
N SER G 299 -48.44 36.74 -4.03
CA SER G 299 -49.05 37.98 -4.46
C SER G 299 -49.90 37.81 -5.71
N ASN G 300 -50.03 36.59 -6.21
CA ASN G 300 -50.79 36.36 -7.43
C ASN G 300 -52.27 36.24 -7.08
N PRO G 301 -53.16 36.93 -7.80
CA PRO G 301 -54.58 36.93 -7.41
C PRO G 301 -55.27 35.60 -7.62
N TRP G 302 -54.67 34.68 -8.39
CA TRP G 302 -55.27 33.36 -8.64
C TRP G 302 -54.75 32.30 -7.68
N VAL G 303 -54.03 32.67 -6.63
CA VAL G 303 -53.44 31.72 -5.69
C VAL G 303 -54.03 31.97 -4.31
N GLU G 304 -54.54 30.90 -3.70
CA GLU G 304 -55.21 31.02 -2.40
C GLU G 304 -54.20 31.10 -1.25
N LYS G 305 -53.19 30.22 -1.26
CA LYS G 305 -52.27 30.12 -0.14
C LYS G 305 -50.97 29.52 -0.63
N VAL G 306 -49.85 30.01 -0.09
CA VAL G 306 -48.52 29.51 -0.41
C VAL G 306 -47.86 29.02 0.87
N ILE G 307 -47.20 27.86 0.78
CA ILE G 307 -46.46 27.29 1.89
C ILE G 307 -45.01 27.18 1.44
N TYR G 308 -44.16 28.08 1.94
CA TYR G 308 -42.72 28.04 1.69
C TYR G 308 -41.97 28.44 2.95
N PRO G 309 -41.07 27.58 3.45
CA PRO G 309 -40.37 27.91 4.72
C PRO G 309 -39.64 29.24 4.68
N GLY G 310 -39.20 29.70 3.52
CA GLY G 310 -38.54 30.99 3.43
C GLY G 310 -39.45 32.19 3.50
N LEU G 311 -40.79 31.98 3.37
CA LEU G 311 -41.70 33.12 3.45
C LEU G 311 -42.07 33.40 4.90
N PRO G 312 -42.16 34.67 5.28
CA PRO G 312 -42.64 35.01 6.63
C PRO G 312 -44.04 34.48 6.92
N SER G 313 -44.85 34.23 5.89
CA SER G 313 -46.20 33.72 6.11
C SER G 313 -46.21 32.27 6.56
N HIS G 314 -45.11 31.55 6.41
CA HIS G 314 -45.07 30.16 6.84
C HIS G 314 -45.21 30.09 8.36
N PRO G 315 -46.11 29.26 8.88
CA PRO G 315 -46.38 29.27 10.33
C PRO G 315 -45.16 28.97 11.18
N GLN G 316 -44.17 28.25 10.64
CA GLN G 316 -42.95 27.94 11.38
C GLN G 316 -41.74 28.68 10.82
N HIS G 317 -41.96 29.85 10.20
CA HIS G 317 -40.86 30.57 9.55
C HIS G 317 -39.75 30.91 10.53
N GLU G 318 -40.12 31.38 11.73
CA GLU G 318 -39.11 31.72 12.73
C GLU G 318 -38.33 30.49 13.16
N LEU G 319 -39.03 29.35 13.31
CA LEU G 319 -38.34 28.10 13.63
C LEU G 319 -37.41 27.68 12.49
N VAL G 320 -37.84 27.91 11.25
CA VAL G 320 -37.00 27.59 10.10
C VAL G 320 -35.68 28.35 10.18
N LYS G 321 -35.74 29.64 10.53
CA LYS G 321 -34.52 30.43 10.63
C LYS G 321 -33.64 29.99 11.79
N ARG G 322 -34.22 29.37 12.82
CA ARG G 322 -33.42 28.96 13.97
C ARG G 322 -32.67 27.65 13.74
N GLN G 323 -33.17 26.79 12.85
CA GLN G 323 -32.55 25.48 12.63
C GLN G 323 -32.07 25.27 11.21
N CYS G 324 -32.14 26.28 10.34
CA CYS G 324 -31.69 26.13 8.97
C CYS G 324 -30.82 27.31 8.58
N THR G 325 -29.95 27.08 7.59
CA THR G 325 -29.09 28.12 7.04
C THR G 325 -29.68 28.78 5.81
N GLY G 326 -30.84 28.30 5.37
CA GLY G 326 -31.46 28.79 4.15
C GLY G 326 -32.60 27.87 3.78
N CYS G 327 -33.08 28.02 2.55
CA CYS G 327 -34.23 27.23 2.11
C CYS G 327 -34.02 26.72 0.70
N THR G 328 -34.80 25.71 0.39
CA THR G 328 -34.70 24.91 -0.82
C THR G 328 -35.63 25.43 -1.90
N GLY G 329 -35.76 24.66 -2.99
CA GLY G 329 -36.66 24.99 -4.07
C GLY G 329 -38.06 24.42 -3.99
N MET G 330 -38.40 23.67 -2.95
CA MET G 330 -39.76 23.14 -2.82
C MET G 330 -40.72 24.24 -2.43
N VAL G 331 -41.66 24.55 -3.32
CA VAL G 331 -42.67 25.56 -3.07
C VAL G 331 -44.03 24.89 -3.24
N THR G 332 -44.84 24.92 -2.20
CA THR G 332 -46.17 24.36 -2.19
C THR G 332 -47.20 25.48 -2.13
N PHE G 333 -48.26 25.36 -2.93
CA PHE G 333 -49.31 26.38 -2.91
C PHE G 333 -50.63 25.75 -3.30
N TYR G 334 -51.70 26.47 -2.95
CA TYR G 334 -53.06 26.12 -3.31
C TYR G 334 -53.58 27.11 -4.35
N ILE G 335 -54.08 26.59 -5.45
CA ILE G 335 -54.73 27.44 -6.45
C ILE G 335 -56.17 27.68 -6.02
N LYS G 336 -56.70 28.86 -6.36
CA LYS G 336 -58.12 29.11 -6.10
C LYS G 336 -58.98 28.26 -7.02
N GLY G 337 -60.21 27.99 -6.57
CA GLY G 337 -61.14 27.22 -7.37
C GLY G 337 -61.19 25.74 -7.05
N THR G 338 -61.24 24.91 -8.10
CA THR G 338 -61.45 23.47 -7.92
C THR G 338 -60.38 22.67 -8.66
N LEU G 339 -60.59 21.35 -8.73
CA LEU G 339 -59.66 20.46 -9.41
C LEU G 339 -59.44 20.86 -10.87
N GLN G 340 -60.47 21.40 -11.53
CA GLN G 340 -60.33 21.75 -12.94
C GLN G 340 -59.41 22.94 -13.14
N HIS G 341 -59.39 23.89 -12.20
CA HIS G 341 -58.48 25.02 -12.32
C HIS G 341 -57.03 24.59 -12.14
N ALA G 342 -56.79 23.65 -11.22
CA ALA G 342 -55.44 23.10 -11.06
C ALA G 342 -55.01 22.37 -12.32
N GLU G 343 -55.93 21.65 -12.97
CA GLU G 343 -55.61 20.90 -14.18
C GLU G 343 -55.25 21.84 -15.32
N ILE G 344 -56.04 22.89 -15.54
CA ILE G 344 -55.73 23.83 -16.61
C ILE G 344 -54.36 24.46 -16.39
N PHE G 345 -54.08 24.86 -15.15
CA PHE G 345 -52.77 25.43 -14.82
C PHE G 345 -51.64 24.46 -15.14
N LEU G 346 -51.74 23.22 -14.64
CA LEU G 346 -50.63 22.27 -14.81
C LEU G 346 -50.39 21.94 -16.27
N LYS G 347 -51.43 21.88 -17.08
CA LYS G 347 -51.29 21.51 -18.48
C LYS G 347 -50.95 22.69 -19.38
N ASN G 348 -50.87 23.90 -18.83
CA ASN G 348 -50.47 25.08 -19.60
C ASN G 348 -49.03 25.48 -19.36
N LEU G 349 -48.33 24.85 -18.43
CA LEU G 349 -46.93 25.16 -18.20
C LEU G 349 -46.07 24.77 -19.40
N LYS G 350 -45.24 25.72 -19.85
CA LYS G 350 -44.30 25.48 -20.94
C LYS G 350 -42.91 25.12 -20.47
N LEU G 351 -42.51 25.56 -19.28
CA LEU G 351 -41.15 25.38 -18.77
C LEU G 351 -41.08 24.41 -17.60
N PHE G 352 -41.89 24.63 -16.56
CA PHE G 352 -42.11 23.58 -15.58
C PHE G 352 -42.66 22.35 -16.28
N THR G 353 -42.11 21.19 -15.94
CA THR G 353 -42.54 19.92 -16.53
C THR G 353 -43.43 19.19 -15.54
N LEU G 354 -44.58 18.73 -16.02
CA LEU G 354 -45.51 17.96 -15.20
C LEU G 354 -44.94 16.56 -15.00
N ALA G 355 -44.40 16.30 -13.81
CA ALA G 355 -43.74 15.04 -13.49
C ALA G 355 -43.57 14.97 -11.97
N VAL G 356 -43.40 13.75 -11.47
CA VAL G 356 -43.13 13.54 -10.06
C VAL G 356 -41.64 13.69 -9.79
N SER G 357 -41.24 13.46 -8.52
CA SER G 357 -39.87 13.62 -8.03
C SER G 357 -39.50 15.10 -7.94
N LEU G 358 -38.32 15.40 -7.44
CA LEU G 358 -37.91 16.77 -7.16
C LEU G 358 -36.40 16.80 -6.93
N GLY G 359 -35.88 18.00 -6.72
CA GLY G 359 -34.49 18.20 -6.35
C GLY G 359 -33.50 18.25 -7.49
N GLY G 360 -33.97 18.20 -8.74
CA GLY G 360 -33.10 18.27 -9.88
C GLY G 360 -32.86 19.69 -10.36
N PHE G 361 -32.00 19.81 -11.37
CA PHE G 361 -31.72 21.12 -11.96
C PHE G 361 -32.93 21.69 -12.72
N GLU G 362 -33.88 20.85 -13.12
CA GLU G 362 -35.02 21.29 -13.92
C GLU G 362 -36.25 21.49 -13.05
N SER G 363 -37.06 22.49 -13.40
CA SER G 363 -38.26 22.80 -12.64
C SER G 363 -39.37 21.81 -12.94
N LEU G 364 -40.04 21.34 -11.89
CA LEU G 364 -41.11 20.36 -11.99
C LEU G 364 -42.35 20.86 -11.28
N ALA G 365 -43.51 20.39 -11.74
CA ALA G 365 -44.79 20.69 -11.11
C ALA G 365 -45.59 19.40 -11.01
N GLU G 366 -46.43 19.32 -9.97
CA GLU G 366 -47.09 18.07 -9.65
C GLU G 366 -48.33 18.33 -8.80
N LEU G 367 -49.36 17.49 -8.99
CA LEU G 367 -50.57 17.55 -8.17
C LEU G 367 -50.59 16.34 -7.24
N PRO G 368 -50.23 16.51 -5.97
CA PRO G 368 -50.07 15.34 -5.08
C PRO G 368 -51.31 14.47 -4.93
N ALA G 369 -52.52 15.01 -5.06
CA ALA G 369 -53.71 14.20 -4.82
C ALA G 369 -53.84 13.07 -5.83
N ILE G 370 -53.54 13.34 -7.11
CA ILE G 370 -53.65 12.33 -8.15
C ILE G 370 -52.33 11.65 -8.50
N MET G 371 -51.19 12.25 -8.14
CA MET G 371 -49.90 11.77 -8.60
C MET G 371 -49.13 11.07 -7.49
N THR G 372 -48.94 11.71 -6.36
CA THR G 372 -48.35 11.06 -5.20
C THR G 372 -49.47 10.75 -4.21
N HIS G 373 -49.10 10.56 -2.94
CA HIS G 373 -50.00 10.35 -1.80
C HIS G 373 -51.40 9.81 -2.11
N LEU G 377 -54.65 7.39 2.31
CA LEU G 377 -56.09 7.32 2.54
C LEU G 377 -56.75 8.64 2.14
N LYS G 378 -57.99 8.56 1.63
CA LYS G 378 -58.66 9.77 1.16
C LYS G 378 -59.06 10.67 2.32
N ASN G 379 -59.43 10.10 3.47
CA ASN G 379 -59.74 10.95 4.62
C ASN G 379 -58.47 11.53 5.23
N ASP G 380 -57.41 10.73 5.36
CA ASP G 380 -56.11 11.25 5.74
C ASP G 380 -55.54 12.17 4.67
N ARG G 381 -56.08 12.14 3.45
CA ARG G 381 -55.70 13.10 2.43
C ARG G 381 -56.21 14.50 2.78
N ASP G 382 -57.46 14.59 3.26
CA ASP G 382 -58.06 15.87 3.59
C ASP G 382 -57.63 16.37 4.96
N VAL G 383 -57.38 15.46 5.91
CA VAL G 383 -56.95 15.88 7.24
C VAL G 383 -55.61 16.59 7.17
N LEU G 384 -54.72 16.18 6.26
CA LEU G 384 -53.42 16.81 6.11
C LEU G 384 -53.39 17.90 5.05
N GLY G 385 -54.51 18.14 4.36
CA GLY G 385 -54.57 19.22 3.39
C GLY G 385 -54.12 18.91 1.98
N ILE G 386 -54.05 17.64 1.57
CA ILE G 386 -53.71 17.30 0.17
C ILE G 386 -55.04 17.33 -0.60
N SER G 387 -55.44 18.53 -1.02
CA SER G 387 -56.73 18.72 -1.65
C SER G 387 -56.59 18.72 -3.17
N ASP G 388 -57.73 18.88 -3.84
CA ASP G 388 -57.75 18.93 -5.30
C ASP G 388 -57.04 20.15 -5.85
N THR G 389 -56.86 21.19 -5.03
CA THR G 389 -56.20 22.41 -5.45
C THR G 389 -54.76 22.50 -4.94
N LEU G 390 -54.27 21.46 -4.28
CA LEU G 390 -52.90 21.45 -3.80
C LEU G 390 -51.94 21.21 -4.96
N ILE G 391 -50.94 22.08 -5.09
CA ILE G 391 -49.92 21.96 -6.12
C ILE G 391 -48.55 22.06 -5.47
N ARG G 392 -47.64 21.16 -5.86
CA ARG G 392 -46.27 21.15 -5.37
C ARG G 392 -45.32 21.46 -6.52
N LEU G 393 -44.47 22.45 -6.34
CA LEU G 393 -43.47 22.83 -7.33
C LEU G 393 -42.08 22.46 -6.84
N SER G 394 -41.26 21.95 -7.76
CA SER G 394 -39.83 21.80 -7.54
C SER G 394 -39.14 22.85 -8.41
N VAL G 395 -38.78 23.98 -7.82
CA VAL G 395 -38.21 25.08 -8.57
C VAL G 395 -36.74 24.76 -8.86
N GLY G 396 -36.39 24.77 -10.14
CA GLY G 396 -35.06 24.40 -10.59
C GLY G 396 -34.09 25.56 -10.68
N LEU G 397 -33.10 25.40 -11.57
CA LEU G 397 -31.99 26.33 -11.68
C LEU G 397 -32.07 27.20 -12.91
N GLU G 398 -33.21 27.23 -13.60
CA GLU G 398 -33.38 28.06 -14.79
C GLU G 398 -33.39 29.55 -14.42
N ASP G 399 -33.38 30.39 -15.44
CA ASP G 399 -33.45 31.83 -15.22
C ASP G 399 -34.75 32.20 -14.53
N GLU G 400 -34.63 33.00 -13.47
CA GLU G 400 -35.78 33.36 -12.64
C GLU G 400 -36.93 33.93 -13.46
N GLU G 401 -36.64 34.90 -14.35
CA GLU G 401 -37.71 35.55 -15.10
C GLU G 401 -38.46 34.56 -15.97
N ASP G 402 -37.79 33.54 -16.51
CA ASP G 402 -38.47 32.55 -17.33
C ASP G 402 -39.43 31.71 -16.49
N LEU G 403 -39.02 31.36 -15.26
CA LEU G 403 -39.88 30.57 -14.39
C LEU G 403 -41.13 31.36 -13.98
N LEU G 404 -40.94 32.62 -13.58
CA LEU G 404 -42.10 33.43 -13.17
C LEU G 404 -43.06 33.65 -14.34
N GLU G 405 -42.54 33.89 -15.54
CA GLU G 405 -43.40 34.08 -16.70
C GLU G 405 -44.18 32.82 -17.03
N ASP G 406 -43.55 31.65 -16.84
CA ASP G 406 -44.27 30.40 -17.11
C ASP G 406 -45.42 30.22 -16.14
N LEU G 407 -45.18 30.47 -14.84
CA LEU G 407 -46.26 30.41 -13.85
C LEU G 407 -47.32 31.48 -14.12
N ASP G 408 -46.89 32.66 -14.56
CA ASP G 408 -47.81 33.76 -14.81
C ASP G 408 -48.84 33.38 -15.87
N GLN G 409 -48.36 32.91 -17.03
CA GLN G 409 -49.28 32.60 -18.12
C GLN G 409 -50.15 31.38 -17.81
N ALA G 410 -49.60 30.40 -17.07
CA ALA G 410 -50.39 29.22 -16.76
C ALA G 410 -51.50 29.53 -15.76
N LEU G 411 -51.23 30.41 -14.80
CA LEU G 411 -52.29 30.83 -13.88
C LEU G 411 -53.35 31.67 -14.58
N LYS G 412 -52.93 32.50 -15.55
CA LYS G 412 -53.90 33.28 -16.31
C LYS G 412 -54.77 32.38 -17.18
N ALA G 413 -54.22 31.26 -17.65
CA ALA G 413 -55.04 30.30 -18.40
C ALA G 413 -56.11 29.68 -17.53
N ALA G 414 -55.77 29.37 -16.26
CA ALA G 414 -56.76 28.79 -15.35
C ALA G 414 -57.79 29.82 -14.90
N HIS G 415 -57.35 31.06 -14.65
CA HIS G 415 -58.10 32.21 -14.14
C HIS G 415 -59.26 31.86 -13.20
N PRO G 416 -59.00 31.27 -12.04
CA PRO G 416 -60.08 31.02 -11.07
C PRO G 416 -60.52 32.33 -10.40
N PRO G 417 -61.48 32.29 -9.47
CA PRO G 417 -61.84 33.54 -8.79
C PRO G 417 -60.68 34.21 -8.07
N GLY H 27 -28.05 -39.13 -21.18
CA GLY H 27 -27.85 -37.77 -21.65
C GLY H 27 -28.60 -36.73 -20.83
N PHE H 28 -28.21 -35.47 -21.00
CA PHE H 28 -28.87 -34.36 -20.35
C PHE H 28 -30.20 -34.02 -21.03
N LEU H 29 -30.98 -33.17 -20.38
CA LEU H 29 -32.17 -32.61 -21.00
C LEU H 29 -31.77 -31.89 -22.30
N PRO H 30 -32.59 -31.99 -23.34
CA PRO H 30 -32.31 -31.23 -24.56
C PRO H 30 -32.23 -29.74 -24.27
N HIS H 31 -31.35 -29.05 -24.98
CA HIS H 31 -31.19 -27.63 -24.78
C HIS H 31 -32.49 -26.88 -25.06
N PHE H 32 -32.73 -25.83 -24.27
CA PHE H 32 -33.95 -25.05 -24.39
C PHE H 32 -33.98 -24.33 -25.73
N GLN H 33 -35.05 -24.53 -26.49
CA GLN H 33 -35.14 -23.97 -27.83
C GLN H 33 -35.26 -22.46 -27.78
N HIS H 34 -34.66 -21.80 -28.76
CA HIS H 34 -34.69 -20.35 -28.98
C HIS H 34 -34.01 -19.57 -27.86
N PHE H 35 -33.21 -20.22 -27.02
CA PHE H 35 -32.60 -19.54 -25.89
C PHE H 35 -31.70 -18.40 -26.36
N ALA H 36 -30.78 -18.70 -27.29
CA ALA H 36 -29.85 -17.69 -27.76
C ALA H 36 -30.57 -16.56 -28.48
N THR H 37 -31.53 -16.91 -29.35
CA THR H 37 -32.29 -15.89 -30.06
C THR H 37 -33.00 -14.96 -29.07
N GLN H 38 -33.61 -15.53 -28.02
CA GLN H 38 -34.36 -14.72 -27.07
C GLN H 38 -33.42 -13.90 -26.18
N ALA H 39 -32.29 -14.48 -25.78
CA ALA H 39 -31.32 -13.73 -24.96
C ALA H 39 -30.83 -12.49 -25.69
N ILE H 40 -30.79 -12.53 -27.03
CA ILE H 40 -30.28 -11.41 -27.80
C ILE H 40 -31.39 -10.43 -28.20
N HIS H 41 -32.64 -10.89 -28.34
CA HIS H 41 -33.68 -10.04 -28.92
C HIS H 41 -34.83 -9.67 -27.99
N VAL H 42 -35.16 -10.50 -27.00
CA VAL H 42 -36.33 -10.19 -26.18
C VAL H 42 -36.07 -8.94 -25.36
N GLY H 43 -37.00 -7.99 -25.43
CA GLY H 43 -36.83 -6.70 -24.80
C GLY H 43 -36.00 -5.71 -25.59
N GLN H 44 -35.36 -6.15 -26.66
CA GLN H 44 -34.40 -5.35 -27.41
C GLN H 44 -34.97 -4.81 -28.72
N ASP H 45 -36.29 -4.85 -28.88
CA ASP H 45 -36.97 -4.44 -30.10
C ASP H 45 -36.61 -3.01 -30.47
N PRO H 46 -35.98 -2.76 -31.61
CA PRO H 46 -35.61 -1.37 -31.97
C PRO H 46 -36.80 -0.42 -32.09
N GLU H 47 -37.99 -0.91 -32.45
CA GLU H 47 -39.16 -0.03 -32.57
C GLU H 47 -39.58 0.58 -31.24
N GLN H 48 -39.03 0.13 -30.11
CA GLN H 48 -39.34 0.76 -28.83
C GLN H 48 -38.85 2.19 -28.75
N TRP H 49 -37.84 2.55 -29.55
CA TRP H 49 -37.14 3.81 -29.43
C TRP H 49 -37.35 4.63 -30.70
N THR H 50 -37.49 5.95 -30.53
CA THR H 50 -37.66 6.83 -31.68
C THR H 50 -36.48 6.73 -32.63
N SER H 51 -35.29 6.48 -32.11
CA SER H 51 -34.10 6.33 -32.94
C SER H 51 -34.03 4.99 -33.66
N ARG H 52 -34.84 4.02 -33.22
CA ARG H 52 -34.77 2.64 -33.72
C ARG H 52 -33.38 2.04 -33.49
N ALA H 53 -32.79 2.37 -32.35
CA ALA H 53 -31.48 1.87 -31.99
C ALA H 53 -31.51 0.36 -31.82
N VAL H 54 -30.46 -0.31 -32.30
CA VAL H 54 -30.40 -1.77 -32.24
C VAL H 54 -30.15 -2.24 -30.81
N VAL H 55 -29.47 -1.43 -30.02
CA VAL H 55 -29.22 -1.73 -28.61
C VAL H 55 -30.01 -0.74 -27.76
N PRO H 56 -30.78 -1.21 -26.78
CA PRO H 56 -31.60 -0.30 -25.98
C PRO H 56 -30.77 0.75 -25.28
N PRO H 57 -31.18 2.02 -25.33
CA PRO H 57 -30.45 3.07 -24.61
C PRO H 57 -30.49 2.85 -23.11
N ILE H 58 -29.54 3.48 -22.42
CA ILE H 58 -29.50 3.49 -20.96
C ILE H 58 -30.26 4.72 -20.50
N SER H 59 -31.42 4.51 -19.88
CA SER H 59 -32.26 5.61 -19.41
C SER H 59 -31.99 5.82 -17.93
N LEU H 60 -31.22 6.86 -17.61
CA LEU H 60 -30.93 7.19 -16.21
C LEU H 60 -32.03 8.00 -15.56
N SER H 61 -32.90 8.64 -16.37
CA SER H 61 -33.85 9.62 -15.86
C SER H 61 -34.66 9.07 -14.70
N THR H 62 -34.69 9.83 -13.60
CA THR H 62 -35.46 9.42 -12.43
C THR H 62 -36.95 9.65 -12.63
N THR H 63 -37.34 10.58 -13.50
CA THR H 63 -38.73 10.95 -13.64
C THR H 63 -39.07 11.13 -15.12
N PHE H 64 -40.37 11.21 -15.40
CA PHE H 64 -40.88 11.19 -16.76
C PHE H 64 -42.04 12.17 -16.87
N LYS H 65 -42.07 12.89 -18.00
CA LYS H 65 -43.14 13.83 -18.25
C LYS H 65 -44.46 13.10 -18.43
N GLN H 66 -45.52 13.61 -17.79
CA GLN H 66 -46.85 13.03 -17.91
C GLN H 66 -47.70 13.88 -18.85
N SER H 73 -50.30 4.89 -19.56
CA SER H 73 -49.69 5.55 -18.41
C SER H 73 -48.18 5.71 -18.59
N GLY H 74 -47.56 4.67 -19.15
CA GLY H 74 -46.12 4.56 -19.33
C GLY H 74 -45.36 4.71 -18.03
N PHE H 75 -44.16 5.29 -18.12
CA PHE H 75 -43.30 5.43 -16.95
C PHE H 75 -43.62 6.71 -16.20
N ASN H 76 -43.47 6.66 -14.89
CA ASN H 76 -43.64 7.86 -14.08
C ASN H 76 -42.47 8.11 -13.14
N TYR H 77 -41.87 7.05 -12.59
CA TYR H 77 -40.77 7.19 -11.64
C TYR H 77 -39.85 5.99 -11.78
N SER H 78 -38.53 6.26 -11.78
CA SER H 78 -37.55 5.23 -12.12
C SER H 78 -37.64 4.02 -11.18
N ARG H 79 -37.81 4.26 -9.88
CA ARG H 79 -37.86 3.16 -8.92
C ARG H 79 -39.01 2.20 -9.22
N SER H 80 -40.15 2.74 -9.66
CA SER H 80 -41.30 1.92 -10.00
C SER H 80 -41.15 1.21 -11.33
N GLY H 81 -40.33 1.75 -12.23
CA GLY H 81 -40.15 1.19 -13.55
C GLY H 81 -39.42 2.16 -14.44
N ASN H 82 -38.54 1.64 -15.30
CA ASN H 82 -37.77 2.47 -16.20
C ASN H 82 -37.41 1.63 -17.42
N PRO H 83 -37.17 2.27 -18.57
CA PRO H 83 -37.03 1.48 -19.82
C PRO H 83 -35.93 0.44 -19.75
N THR H 84 -34.74 0.80 -19.26
CA THR H 84 -33.63 -0.13 -19.29
C THR H 84 -33.86 -1.32 -18.36
N ARG H 85 -34.43 -1.08 -17.18
CA ARG H 85 -34.74 -2.19 -16.29
C ARG H 85 -35.84 -3.07 -16.86
N ASN H 86 -36.88 -2.46 -17.43
CA ASN H 86 -37.98 -3.24 -17.99
C ASN H 86 -37.50 -4.12 -19.14
N CYS H 87 -36.59 -3.61 -19.97
CA CYS H 87 -36.04 -4.42 -21.05
C CYS H 87 -35.31 -5.64 -20.50
N LEU H 88 -34.50 -5.43 -19.46
CA LEU H 88 -33.78 -6.54 -18.86
C LEU H 88 -34.74 -7.56 -18.26
N GLU H 89 -35.76 -7.10 -17.53
CA GLU H 89 -36.70 -8.01 -16.89
C GLU H 89 -37.42 -8.89 -17.90
N LYS H 90 -37.82 -8.30 -19.03
CA LYS H 90 -38.50 -9.09 -20.08
C LYS H 90 -37.56 -10.14 -20.66
N ALA H 91 -36.29 -9.77 -20.88
CA ALA H 91 -35.31 -10.73 -21.41
C ALA H 91 -35.10 -11.88 -20.44
N VAL H 92 -34.86 -11.58 -19.16
CA VAL H 92 -34.60 -12.63 -18.19
C VAL H 92 -35.83 -13.52 -18.03
N ALA H 93 -37.01 -12.91 -18.02
CA ALA H 93 -38.25 -13.69 -17.92
C ALA H 93 -38.34 -14.72 -19.04
N ALA H 94 -38.02 -14.31 -20.27
CA ALA H 94 -38.04 -15.24 -21.38
C ALA H 94 -37.02 -16.36 -21.18
N LEU H 95 -35.83 -16.03 -20.68
CA LEU H 95 -34.80 -17.05 -20.49
C LEU H 95 -35.19 -18.03 -19.40
N ASP H 96 -35.98 -17.61 -18.43
CA ASP H 96 -36.48 -18.52 -17.41
C ASP H 96 -37.73 -19.28 -17.85
N GLY H 97 -38.24 -19.02 -19.05
CA GLY H 97 -39.54 -19.55 -19.41
C GLY H 97 -40.67 -18.98 -18.58
N ALA H 98 -40.49 -17.75 -18.10
CA ALA H 98 -41.42 -17.10 -17.18
C ALA H 98 -42.22 -16.02 -17.89
N LYS H 99 -43.35 -15.66 -17.28
CA LYS H 99 -44.09 -14.50 -17.76
C LYS H 99 -43.51 -13.20 -17.22
N TYR H 100 -42.97 -13.22 -16.01
CA TYR H 100 -42.51 -11.99 -15.36
C TYR H 100 -41.13 -12.19 -14.75
N CYS H 101 -40.42 -11.08 -14.61
CA CYS H 101 -39.16 -11.05 -13.88
C CYS H 101 -39.03 -9.70 -13.20
N LEU H 102 -38.40 -9.70 -12.02
CA LEU H 102 -38.14 -8.49 -11.26
C LEU H 102 -36.67 -8.43 -10.94
N ALA H 103 -36.05 -7.28 -11.20
CA ALA H 103 -34.63 -7.06 -10.92
C ALA H 103 -34.46 -6.29 -9.61
N PHE H 104 -33.39 -6.60 -8.89
CA PHE H 104 -33.13 -6.02 -7.59
C PHE H 104 -31.67 -5.64 -7.50
N ALA H 105 -31.35 -4.86 -6.45
CA ALA H 105 -30.00 -4.32 -6.27
C ALA H 105 -28.95 -5.39 -5.98
N SER H 106 -29.38 -6.58 -5.55
CA SER H 106 -28.45 -7.68 -5.25
C SER H 106 -29.26 -8.95 -5.10
N GLY H 107 -28.55 -10.08 -5.09
CA GLY H 107 -29.19 -11.35 -4.78
C GLY H 107 -29.79 -11.37 -3.39
N LEU H 108 -29.07 -10.84 -2.40
CA LEU H 108 -29.61 -10.79 -1.05
C LEU H 108 -30.86 -9.91 -0.99
N ALA H 109 -30.83 -8.77 -1.68
CA ALA H 109 -32.00 -7.89 -1.70
C ALA H 109 -33.21 -8.58 -2.31
N ALA H 110 -32.98 -9.39 -3.37
CA ALA H 110 -34.08 -10.19 -3.91
C ALA H 110 -34.60 -11.17 -2.87
N THR H 111 -33.70 -11.78 -2.11
CA THR H 111 -34.11 -12.71 -1.04
C THR H 111 -34.92 -11.98 0.02
N VAL H 112 -34.46 -10.80 0.43
CA VAL H 112 -35.17 -10.04 1.46
C VAL H 112 -36.55 -9.62 0.96
N THR H 113 -36.64 -9.20 -0.30
CA THR H 113 -37.92 -8.75 -0.84
C THR H 113 -38.92 -9.90 -0.92
N ILE H 114 -38.48 -11.09 -1.34
CA ILE H 114 -39.36 -12.25 -1.37
C ILE H 114 -39.88 -12.56 0.02
N THR H 115 -39.03 -12.44 1.03
CA THR H 115 -39.44 -12.75 2.40
C THR H 115 -40.48 -11.75 2.91
N HIS H 116 -40.47 -10.52 2.39
CA HIS H 116 -41.49 -9.55 2.76
C HIS H 116 -42.87 -9.90 2.23
N LEU H 117 -42.99 -10.94 1.40
CA LEU H 117 -44.30 -11.44 1.01
C LEU H 117 -45.07 -12.03 2.18
N LEU H 118 -44.38 -12.37 3.27
CA LEU H 118 -44.96 -13.13 4.35
C LEU H 118 -45.50 -12.18 5.43
N LYS H 119 -45.69 -12.70 6.64
CA LYS H 119 -46.16 -11.93 7.78
C LYS H 119 -45.67 -12.62 9.05
N ALA H 120 -45.77 -11.91 10.16
CA ALA H 120 -45.38 -12.49 11.44
C ALA H 120 -46.23 -13.72 11.74
N GLY H 121 -45.58 -14.79 12.19
CA GLY H 121 -46.23 -16.05 12.45
C GLY H 121 -46.07 -17.08 11.34
N ASP H 122 -45.64 -16.66 10.15
CA ASP H 122 -45.38 -17.60 9.07
C ASP H 122 -44.08 -18.35 9.31
N GLN H 123 -43.94 -19.50 8.67
CA GLN H 123 -42.75 -20.32 8.77
C GLN H 123 -42.03 -20.40 7.43
N ILE H 124 -40.70 -20.36 7.49
CA ILE H 124 -39.84 -20.52 6.33
C ILE H 124 -39.05 -21.81 6.52
N ILE H 125 -39.05 -22.65 5.49
CA ILE H 125 -38.19 -23.83 5.44
C ILE H 125 -37.07 -23.53 4.47
N CYS H 126 -35.82 -23.65 4.94
CA CYS H 126 -34.65 -23.35 4.12
C CYS H 126 -33.73 -24.55 4.02
N MET H 127 -33.09 -24.69 2.87
CA MET H 127 -32.11 -25.74 2.64
C MET H 127 -30.96 -25.62 3.65
N ASP H 128 -30.45 -26.76 4.10
CA ASP H 128 -29.45 -26.73 5.17
C ASP H 128 -28.12 -26.14 4.70
N ASP H 129 -27.75 -26.38 3.45
CA ASP H 129 -26.49 -25.85 2.89
C ASP H 129 -26.87 -24.80 1.84
N VAL H 130 -26.94 -23.54 2.27
CA VAL H 130 -27.22 -22.43 1.39
C VAL H 130 -26.04 -21.49 1.40
N TYR H 131 -26.07 -20.51 0.50
CA TYR H 131 -25.11 -19.42 0.54
C TYR H 131 -25.08 -18.82 1.94
N GLY H 132 -23.87 -18.49 2.40
CA GLY H 132 -23.73 -18.01 3.76
C GLY H 132 -24.61 -16.83 4.08
N GLY H 133 -24.74 -15.89 3.14
CA GLY H 133 -25.58 -14.72 3.36
C GLY H 133 -27.05 -15.06 3.48
N THR H 134 -27.51 -16.05 2.69
CA THR H 134 -28.88 -16.52 2.84
C THR H 134 -29.10 -17.12 4.22
N ASN H 135 -28.17 -17.96 4.65
CA ASN H 135 -28.22 -18.57 5.98
C ASN H 135 -28.26 -17.48 7.06
N LEU H 136 -27.38 -16.48 6.95
CA LEU H 136 -27.28 -15.45 7.97
C LEU H 136 -28.55 -14.60 8.05
N TYR H 137 -29.12 -14.23 6.89
CA TYR H 137 -30.29 -13.36 6.90
C TYR H 137 -31.48 -14.02 7.60
N PHE H 138 -31.77 -15.27 7.26
CA PHE H 138 -32.90 -15.98 7.89
C PHE H 138 -32.70 -16.12 9.39
N ARG H 139 -31.49 -16.48 9.83
CA ARG H 139 -31.29 -16.82 11.24
C ARG H 139 -31.14 -15.59 12.12
N GLN H 140 -30.47 -14.55 11.62
CA GLN H 140 -30.10 -13.42 12.46
C GLN H 140 -31.00 -12.20 12.27
N VAL H 141 -31.69 -12.09 11.14
CA VAL H 141 -32.54 -10.95 10.83
C VAL H 141 -34.01 -11.34 10.78
N ALA H 142 -34.37 -12.24 9.85
CA ALA H 142 -35.77 -12.60 9.65
C ALA H 142 -36.40 -13.18 10.91
N SER H 143 -35.62 -13.92 11.70
CA SER H 143 -36.16 -14.51 12.93
C SER H 143 -36.55 -13.46 13.97
N GLU H 144 -36.05 -12.23 13.85
CA GLU H 144 -36.39 -11.19 14.81
C GLU H 144 -37.75 -10.57 14.57
N PHE H 145 -38.43 -10.90 13.46
CA PHE H 145 -39.67 -10.23 13.12
C PHE H 145 -40.82 -11.21 13.02
N GLY H 146 -40.93 -12.13 13.98
CA GLY H 146 -42.05 -13.06 14.05
C GLY H 146 -42.03 -14.18 13.06
N LEU H 147 -40.92 -14.40 12.36
CA LEU H 147 -40.77 -15.49 11.42
C LEU H 147 -39.95 -16.60 12.05
N LYS H 148 -40.45 -17.83 11.99
CA LYS H 148 -39.70 -18.99 12.45
C LYS H 148 -39.03 -19.67 11.26
N ILE H 149 -37.77 -20.07 11.46
CA ILE H 149 -36.92 -20.58 10.39
C ILE H 149 -36.49 -22.00 10.74
N SER H 150 -36.67 -22.92 9.78
CA SER H 150 -36.27 -24.31 9.95
C SER H 150 -35.36 -24.71 8.80
N PHE H 151 -34.17 -25.21 9.13
CA PHE H 151 -33.21 -25.68 8.14
C PHE H 151 -33.32 -27.20 8.02
N VAL H 152 -33.65 -27.67 6.82
CA VAL H 152 -33.90 -29.09 6.57
C VAL H 152 -33.08 -29.52 5.37
N ASP H 153 -32.56 -30.75 5.43
CA ASP H 153 -31.88 -31.36 4.29
C ASP H 153 -32.90 -31.83 3.26
N CYS H 154 -33.23 -30.95 2.31
CA CYS H 154 -34.24 -31.25 1.29
C CYS H 154 -33.73 -32.24 0.23
N SER H 155 -32.51 -32.74 0.36
CA SER H 155 -32.03 -33.77 -0.56
C SER H 155 -32.67 -35.12 -0.27
N LYS H 156 -33.19 -35.32 0.94
CA LYS H 156 -33.96 -36.50 1.28
C LYS H 156 -35.41 -36.07 1.45
N ILE H 157 -36.30 -36.69 0.67
CA ILE H 157 -37.66 -36.20 0.51
C ILE H 157 -38.43 -36.33 1.83
N LYS H 158 -38.23 -37.42 2.56
CA LYS H 158 -38.94 -37.62 3.81
C LYS H 158 -38.49 -36.67 4.92
N LEU H 159 -37.35 -35.97 4.72
CA LEU H 159 -36.92 -34.96 5.67
C LEU H 159 -37.70 -33.66 5.51
N LEU H 160 -38.13 -33.34 4.29
CA LEU H 160 -38.89 -32.12 4.07
C LEU H 160 -40.32 -32.23 4.55
N GLU H 161 -40.97 -33.39 4.32
CA GLU H 161 -42.39 -33.51 4.60
C GLU H 161 -42.71 -33.46 6.09
N ALA H 162 -41.79 -33.92 6.95
CA ALA H 162 -42.02 -33.85 8.38
C ALA H 162 -41.97 -32.42 8.90
N ALA H 163 -41.22 -31.54 8.22
CA ALA H 163 -41.08 -30.16 8.64
C ALA H 163 -42.23 -29.27 8.19
N ILE H 164 -42.93 -29.63 7.12
CA ILE H 164 -43.99 -28.78 6.62
C ILE H 164 -45.16 -28.75 7.60
N THR H 165 -45.57 -27.55 8.00
CA THR H 165 -46.69 -27.33 8.88
C THR H 165 -47.68 -26.37 8.21
N PRO H 166 -48.90 -26.21 8.74
CA PRO H 166 -49.81 -25.19 8.17
C PRO H 166 -49.25 -23.78 8.15
N GLU H 167 -48.25 -23.46 8.99
CA GLU H 167 -47.69 -22.12 9.00
C GLU H 167 -46.71 -21.88 7.86
N THR H 168 -46.28 -22.92 7.16
CA THR H 168 -45.30 -22.78 6.09
C THR H 168 -45.90 -22.01 4.93
N LYS H 169 -45.28 -20.87 4.59
CA LYS H 169 -45.64 -20.13 3.39
C LYS H 169 -44.50 -19.99 2.40
N LEU H 170 -43.25 -20.22 2.81
CA LEU H 170 -42.10 -20.10 1.93
C LEU H 170 -41.17 -21.29 2.13
N VAL H 171 -40.75 -21.90 1.03
CA VAL H 171 -39.73 -22.94 1.04
C VAL H 171 -38.59 -22.46 0.14
N TRP H 172 -37.40 -22.30 0.73
CA TRP H 172 -36.25 -21.76 0.02
C TRP H 172 -35.23 -22.87 -0.20
N ILE H 173 -34.97 -23.21 -1.46
CA ILE H 173 -34.01 -24.24 -1.80
C ILE H 173 -33.03 -23.70 -2.83
N GLU H 174 -31.85 -24.31 -2.82
CA GLU H 174 -30.78 -24.04 -3.77
C GLU H 174 -30.27 -25.34 -4.37
N THR H 175 -30.03 -25.35 -5.68
CA THR H 175 -29.48 -26.53 -6.31
C THR H 175 -28.71 -26.24 -7.60
N PRO H 176 -27.42 -26.64 -7.64
CA PRO H 176 -26.65 -27.24 -6.54
C PRO H 176 -26.32 -26.24 -5.44
N THR H 177 -26.08 -26.74 -4.23
CA THR H 177 -25.89 -25.87 -3.08
C THR H 177 -24.51 -25.22 -3.10
N ASN H 178 -24.42 -24.08 -2.43
CA ASN H 178 -23.16 -23.35 -2.31
C ASN H 178 -22.63 -23.55 -0.88
N PRO H 179 -21.46 -24.19 -0.73
CA PRO H 179 -20.53 -24.61 -1.79
C PRO H 179 -20.40 -26.12 -2.03
N THR H 180 -21.09 -26.96 -1.25
CA THR H 180 -20.90 -28.40 -1.36
C THR H 180 -21.67 -29.02 -2.52
N GLN H 181 -22.53 -28.25 -3.18
CA GLN H 181 -23.22 -28.67 -4.41
C GLN H 181 -24.05 -29.93 -4.20
N LYS H 182 -24.77 -29.99 -3.09
CA LYS H 182 -25.85 -30.96 -2.98
C LYS H 182 -26.93 -30.61 -3.99
N VAL H 183 -27.51 -31.63 -4.61
CA VAL H 183 -28.49 -31.44 -5.68
C VAL H 183 -29.87 -31.81 -5.16
N ILE H 184 -30.86 -30.98 -5.47
CA ILE H 184 -32.22 -31.13 -4.98
C ILE H 184 -33.13 -31.48 -6.15
N ASP H 185 -33.96 -32.50 -5.96
CA ASP H 185 -35.02 -32.85 -6.91
C ASP H 185 -36.07 -31.75 -6.90
N ILE H 186 -36.00 -30.84 -7.87
CA ILE H 186 -36.89 -29.69 -7.88
C ILE H 186 -38.34 -30.12 -8.07
N GLU H 187 -38.59 -30.96 -9.08
CA GLU H 187 -39.96 -31.39 -9.36
C GLU H 187 -40.53 -32.20 -8.20
N GLY H 188 -39.70 -33.04 -7.58
CA GLY H 188 -40.16 -33.76 -6.40
C GLY H 188 -40.50 -32.83 -5.25
N CYS H 189 -39.66 -31.83 -5.01
CA CYS H 189 -39.96 -30.85 -3.96
C CYS H 189 -41.22 -30.06 -4.26
N ALA H 190 -41.37 -29.60 -5.51
CA ALA H 190 -42.54 -28.78 -5.86
C ALA H 190 -43.83 -29.57 -5.70
N HIS H 191 -43.84 -30.83 -6.13
CA HIS H 191 -45.04 -31.65 -6.02
C HIS H 191 -45.44 -31.82 -4.56
N ILE H 192 -44.45 -32.03 -3.68
CA ILE H 192 -44.72 -32.21 -2.26
C ILE H 192 -45.20 -30.89 -1.63
N VAL H 193 -44.56 -29.78 -1.99
CA VAL H 193 -44.87 -28.50 -1.37
C VAL H 193 -46.28 -28.05 -1.75
N HIS H 194 -46.68 -28.28 -3.00
CA HIS H 194 -47.93 -27.73 -3.50
C HIS H 194 -49.16 -28.55 -3.12
N LYS H 195 -48.98 -29.71 -2.49
CA LYS H 195 -50.12 -30.47 -1.99
C LYS H 195 -50.65 -29.92 -0.67
N HIS H 196 -49.86 -29.10 0.02
CA HIS H 196 -50.22 -28.61 1.34
C HIS H 196 -50.82 -27.20 1.31
N GLY H 197 -51.09 -26.67 0.12
CA GLY H 197 -51.82 -25.41 0.05
C GLY H 197 -51.00 -24.19 -0.34
N ASP H 198 -51.04 -23.17 0.52
CA ASP H 198 -50.55 -21.83 0.20
C ASP H 198 -49.08 -21.71 0.61
N ILE H 199 -48.21 -22.34 -0.18
CA ILE H 199 -46.77 -22.34 0.07
C ILE H 199 -46.03 -21.93 -1.21
N ILE H 200 -45.04 -21.05 -1.04
CA ILE H 200 -44.19 -20.58 -2.14
C ILE H 200 -42.91 -21.40 -2.15
N LEU H 201 -42.55 -21.94 -3.31
CA LEU H 201 -41.27 -22.63 -3.49
C LEU H 201 -40.35 -21.77 -4.36
N VAL H 202 -39.24 -21.32 -3.77
CA VAL H 202 -38.23 -20.55 -4.48
C VAL H 202 -37.02 -21.45 -4.72
N VAL H 203 -36.50 -21.42 -5.94
CA VAL H 203 -35.24 -22.07 -6.28
C VAL H 203 -34.23 -20.98 -6.64
N ASP H 204 -33.19 -20.84 -5.83
CA ASP H 204 -32.04 -20.01 -6.17
C ASP H 204 -31.22 -20.77 -7.20
N ASN H 205 -31.29 -20.32 -8.45
CA ASN H 205 -30.69 -20.96 -9.62
C ASN H 205 -29.36 -20.33 -10.00
N THR H 206 -28.67 -19.74 -9.02
CA THR H 206 -27.46 -18.97 -9.30
C THR H 206 -26.38 -19.83 -9.92
N PHE H 207 -26.18 -21.04 -9.40
CA PHE H 207 -25.05 -21.86 -9.84
C PHE H 207 -25.23 -22.38 -11.26
N MET H 208 -26.47 -22.61 -11.70
CA MET H 208 -26.72 -23.24 -12.99
C MET H 208 -27.00 -22.24 -14.12
N SER H 209 -27.68 -21.12 -13.83
CA SER H 209 -28.23 -20.16 -14.78
C SER H 209 -29.41 -20.79 -15.53
N PRO H 210 -30.30 -20.00 -16.12
CA PRO H 210 -31.44 -20.59 -16.83
C PRO H 210 -31.06 -21.32 -18.09
N TYR H 211 -29.82 -21.18 -18.55
CA TYR H 211 -29.38 -21.94 -19.71
C TYR H 211 -29.29 -23.44 -19.39
N PHE H 212 -29.00 -23.78 -18.13
CA PHE H 212 -28.81 -25.17 -17.75
C PHE H 212 -29.93 -25.71 -16.88
N GLN H 213 -30.73 -24.85 -16.25
CA GLN H 213 -31.77 -25.31 -15.35
C GLN H 213 -32.88 -24.28 -15.32
N ARG H 214 -34.12 -24.74 -15.48
CA ARG H 214 -35.31 -23.89 -15.48
C ARG H 214 -36.23 -24.33 -14.34
N PRO H 215 -36.05 -23.75 -13.15
CA PRO H 215 -36.88 -24.18 -12.00
C PRO H 215 -38.38 -24.03 -12.22
N LEU H 216 -38.83 -23.03 -12.96
CA LEU H 216 -40.26 -22.85 -13.18
C LEU H 216 -40.86 -23.97 -14.03
N ALA H 217 -40.10 -24.49 -15.00
CA ALA H 217 -40.58 -25.62 -15.80
C ALA H 217 -40.64 -26.90 -14.98
N LEU H 218 -39.96 -26.94 -13.83
CA LEU H 218 -39.93 -28.11 -12.98
C LEU H 218 -40.89 -28.00 -11.80
N GLY H 219 -41.70 -26.93 -11.76
CA GLY H 219 -42.73 -26.77 -10.75
C GLY H 219 -42.47 -25.72 -9.70
N ALA H 220 -41.30 -25.08 -9.71
CA ALA H 220 -41.04 -24.03 -8.74
C ALA H 220 -41.94 -22.83 -9.00
N ASP H 221 -42.20 -22.07 -7.93
CA ASP H 221 -42.99 -20.84 -8.04
C ASP H 221 -42.14 -19.64 -8.39
N ILE H 222 -40.87 -19.62 -7.95
CA ILE H 222 -39.96 -18.51 -8.19
C ILE H 222 -38.61 -19.08 -8.62
N SER H 223 -38.06 -18.55 -9.70
CA SER H 223 -36.67 -18.78 -10.07
C SER H 223 -35.89 -17.52 -9.74
N MET H 224 -34.96 -17.64 -8.80
CA MET H 224 -34.24 -16.50 -8.27
C MET H 224 -32.75 -16.63 -8.59
N TYR H 225 -32.10 -15.48 -8.80
CA TYR H 225 -30.69 -15.45 -9.09
C TYR H 225 -29.99 -14.35 -8.32
N SER H 226 -28.74 -14.62 -7.96
CA SER H 226 -27.75 -13.55 -7.82
C SER H 226 -27.19 -13.32 -9.21
N ALA H 227 -27.72 -12.29 -9.89
CA ALA H 227 -27.21 -11.93 -11.21
C ALA H 227 -25.76 -11.49 -11.16
N THR H 228 -25.24 -11.21 -9.96
CA THR H 228 -23.85 -10.90 -9.72
C THR H 228 -22.92 -11.99 -10.26
N TYR H 230 -23.27 -15.74 -12.74
CA TYR H 230 -23.28 -16.12 -14.16
C TYR H 230 -24.12 -15.23 -15.08
N MET H 231 -25.27 -14.77 -14.59
CA MET H 231 -26.21 -14.02 -15.41
C MET H 231 -25.52 -12.83 -16.09
N ASN H 232 -24.94 -11.94 -15.28
CA ASN H 232 -24.12 -10.87 -15.83
C ASN H 232 -22.80 -11.42 -16.35
N GLY H 233 -22.13 -12.25 -15.55
CA GLY H 233 -20.98 -13.00 -15.99
C GLY H 233 -19.70 -12.22 -16.18
N HIS H 234 -19.65 -10.93 -15.85
CA HIS H 234 -18.45 -10.13 -16.09
C HIS H 234 -17.91 -9.48 -14.82
N SER H 235 -18.34 -9.96 -13.65
CA SER H 235 -17.72 -9.58 -12.37
C SER H 235 -17.71 -8.08 -12.15
N ASP H 236 -18.73 -7.38 -12.68
CA ASP H 236 -18.75 -5.93 -12.58
C ASP H 236 -20.15 -5.39 -12.31
N VAL H 237 -21.07 -6.26 -11.88
CA VAL H 237 -22.43 -5.86 -11.56
C VAL H 237 -22.89 -6.69 -10.36
N VAL H 238 -23.40 -6.03 -9.34
CA VAL H 238 -24.11 -6.67 -8.23
C VAL H 238 -25.61 -6.51 -8.51
N MET H 239 -26.33 -7.63 -8.57
CA MET H 239 -27.74 -7.57 -8.97
C MET H 239 -28.45 -8.87 -8.62
N GLY H 240 -29.75 -8.76 -8.35
CA GLY H 240 -30.60 -9.91 -8.15
C GLY H 240 -31.72 -9.95 -9.18
N LEU H 241 -32.20 -11.16 -9.48
CA LEU H 241 -33.28 -11.37 -10.44
C LEU H 241 -34.28 -12.37 -9.89
N VAL H 242 -35.56 -12.14 -10.13
CA VAL H 242 -36.64 -12.98 -9.61
C VAL H 242 -37.68 -13.17 -10.71
N SER H 243 -37.82 -14.41 -11.21
CA SER H 243 -38.78 -14.73 -12.25
C SER H 243 -39.91 -15.58 -11.69
N VAL H 244 -41.13 -15.31 -12.15
CA VAL H 244 -42.33 -15.94 -11.59
C VAL H 244 -43.40 -16.00 -12.68
N ASN H 245 -44.31 -16.96 -12.55
CA ASN H 245 -45.46 -17.07 -13.44
C ASN H 245 -46.79 -16.71 -12.77
N CYS H 246 -46.97 -17.05 -11.50
CA CYS H 246 -48.26 -16.82 -10.83
C CYS H 246 -48.61 -15.34 -10.80
N GLU H 247 -49.86 -15.02 -11.14
CA GLU H 247 -50.28 -13.63 -11.28
C GLU H 247 -50.28 -12.89 -9.94
N SER H 248 -50.94 -13.45 -8.93
CA SER H 248 -51.01 -12.77 -7.64
C SER H 248 -49.63 -12.66 -7.02
N LEU H 249 -48.80 -13.70 -7.19
CA LEU H 249 -47.45 -13.65 -6.66
C LEU H 249 -46.62 -12.56 -7.32
N HIS H 250 -46.83 -12.34 -8.63
CA HIS H 250 -46.11 -11.28 -9.32
C HIS H 250 -46.53 -9.90 -8.84
N ASN H 251 -47.84 -9.68 -8.69
CA ASN H 251 -48.31 -8.37 -8.25
C ASN H 251 -47.82 -8.05 -6.85
N ARG H 252 -47.78 -9.06 -5.98
CA ARG H 252 -47.24 -8.88 -4.64
C ARG H 252 -45.75 -8.57 -4.68
N LEU H 253 -45.00 -9.24 -5.56
CA LEU H 253 -43.57 -8.95 -5.69
C LEU H 253 -43.33 -7.60 -6.34
N ARG H 254 -44.13 -7.25 -7.37
CA ARG H 254 -43.99 -5.96 -8.01
C ARG H 254 -44.27 -4.83 -7.03
N PHE H 255 -45.25 -5.03 -6.15
CA PHE H 255 -45.53 -4.05 -5.10
C PHE H 255 -44.32 -3.89 -4.18
N LEU H 256 -43.68 -5.00 -3.80
CA LEU H 256 -42.56 -4.91 -2.87
C LEU H 256 -41.30 -4.39 -3.54
N GLN H 257 -41.14 -4.63 -4.85
CA GLN H 257 -40.04 -4.00 -5.57
C GLN H 257 -40.13 -2.47 -5.50
N ASN H 258 -41.33 -1.93 -5.67
CA ASN H 258 -41.50 -0.48 -5.62
C ASN H 258 -41.49 0.05 -4.19
N SER H 259 -42.10 -0.69 -3.26
CA SER H 259 -42.30 -0.18 -1.91
C SER H 259 -41.06 -0.30 -1.04
N LEU H 260 -40.22 -1.32 -1.26
CA LEU H 260 -38.96 -1.45 -0.53
C LEU H 260 -37.79 -0.80 -1.26
N GLY H 261 -37.89 -0.63 -2.58
CA GLY H 261 -36.93 0.16 -3.31
C GLY H 261 -35.53 -0.41 -3.44
N ALA H 262 -35.38 -1.72 -3.27
CA ALA H 262 -34.07 -2.35 -3.45
C ALA H 262 -33.82 -2.59 -4.94
N VAL H 263 -33.80 -1.48 -5.68
CA VAL H 263 -33.81 -1.52 -7.14
C VAL H 263 -32.41 -1.32 -7.69
N PRO H 264 -32.09 -1.89 -8.84
CA PRO H 264 -30.76 -1.71 -9.42
C PRO H 264 -30.67 -0.45 -10.28
N SER H 265 -29.44 0.02 -10.42
CA SER H 265 -29.18 1.13 -11.33
C SER H 265 -29.55 0.74 -12.76
N PRO H 266 -30.12 1.65 -13.54
CA PRO H 266 -30.34 1.36 -14.96
C PRO H 266 -29.05 1.06 -15.71
N ILE H 267 -27.92 1.61 -15.28
CA ILE H 267 -26.65 1.27 -15.92
C ILE H 267 -26.30 -0.19 -15.65
N ASP H 268 -26.46 -0.63 -14.39
CA ASP H 268 -26.23 -2.03 -14.06
C ASP H 268 -27.17 -2.93 -14.85
N CYS H 269 -28.43 -2.52 -15.03
CA CYS H 269 -29.35 -3.28 -15.85
C CYS H 269 -28.83 -3.40 -17.28
N TYR H 270 -28.34 -2.29 -17.84
CA TYR H 270 -27.75 -2.36 -19.17
C TYR H 270 -26.58 -3.33 -19.21
N LEU H 271 -25.67 -3.22 -18.23
CA LEU H 271 -24.50 -4.09 -18.24
C LEU H 271 -24.90 -5.55 -18.10
N CYS H 272 -25.86 -5.85 -17.23
CA CYS H 272 -26.31 -7.23 -17.08
C CYS H 272 -27.00 -7.73 -18.34
N ASN H 273 -27.85 -6.90 -18.95
CA ASN H 273 -28.49 -7.29 -20.21
C ASN H 273 -27.44 -7.51 -21.29
N ARG H 274 -26.39 -6.70 -21.30
CA ARG H 274 -25.28 -6.91 -22.24
C ARG H 274 -24.63 -8.27 -22.00
N GLY H 275 -24.34 -8.58 -20.73
CA GLY H 275 -23.75 -9.87 -20.40
C GLY H 275 -24.63 -11.04 -20.79
N LEU H 276 -25.95 -10.87 -20.71
CA LEU H 276 -26.87 -11.93 -21.09
C LEU H 276 -26.69 -12.31 -22.55
N LYS H 277 -26.26 -11.37 -23.39
CA LYS H 277 -26.15 -11.64 -24.83
C LYS H 277 -25.13 -12.73 -25.14
N THR H 278 -24.20 -13.00 -24.23
CA THR H 278 -23.24 -14.08 -24.40
C THR H 278 -23.43 -15.21 -23.40
N LEU H 279 -24.56 -15.25 -22.70
CA LEU H 279 -24.76 -16.27 -21.67
C LEU H 279 -24.63 -17.67 -22.23
N HIS H 280 -25.20 -17.93 -23.41
CA HIS H 280 -25.17 -19.28 -23.96
C HIS H 280 -23.75 -19.70 -24.31
N VAL H 281 -22.99 -18.84 -24.98
CA VAL H 281 -21.64 -19.23 -25.37
C VAL H 281 -20.70 -19.23 -24.17
N ARG H 282 -20.98 -18.41 -23.15
CA ARG H 282 -20.20 -18.46 -21.93
C ARG H 282 -20.45 -19.75 -21.15
N MET H 283 -21.73 -20.07 -20.90
CA MET H 283 -22.06 -21.23 -20.09
C MET H 283 -21.55 -22.52 -20.73
N GLU H 284 -21.61 -22.62 -22.07
CA GLU H 284 -21.09 -23.80 -22.74
C GLU H 284 -19.60 -23.96 -22.48
N LYS H 285 -18.85 -22.86 -22.45
CA LYS H 285 -17.42 -22.94 -22.17
C LYS H 285 -17.17 -23.25 -20.70
N HIS H 286 -17.99 -22.69 -19.81
CA HIS H 286 -17.91 -23.06 -18.40
C HIS H 286 -18.11 -24.56 -18.22
N PHE H 287 -19.05 -25.14 -18.98
CA PHE H 287 -19.31 -26.57 -18.93
C PHE H 287 -18.10 -27.35 -19.41
N LYS H 288 -17.55 -26.97 -20.56
CA LYS H 288 -16.39 -27.66 -21.12
C LYS H 288 -15.18 -27.56 -20.19
N ASN H 289 -14.86 -26.33 -19.75
CA ASN H 289 -13.73 -26.15 -18.85
C ASN H 289 -13.99 -26.81 -17.49
N GLY H 290 -15.20 -26.63 -16.95
CA GLY H 290 -15.51 -27.23 -15.66
C GLY H 290 -15.40 -28.75 -15.67
N MET H 291 -15.93 -29.39 -16.71
CA MET H 291 -15.80 -30.85 -16.82
C MET H 291 -14.34 -31.27 -16.87
N ALA H 292 -13.54 -30.56 -17.67
CA ALA H 292 -12.12 -30.90 -17.77
C ALA H 292 -11.42 -30.71 -16.44
N VAL H 293 -11.72 -29.62 -15.73
CA VAL H 293 -11.12 -29.39 -14.42
C VAL H 293 -11.54 -30.49 -13.44
N ALA H 294 -12.84 -30.82 -13.42
CA ALA H 294 -13.33 -31.83 -12.49
C ALA H 294 -12.69 -33.19 -12.76
N GLN H 295 -12.60 -33.58 -14.03
CA GLN H 295 -11.98 -34.86 -14.37
C GLN H 295 -10.49 -34.87 -14.04
N PHE H 296 -9.79 -33.77 -14.29
CA PHE H 296 -8.38 -33.70 -13.93
C PHE H 296 -8.20 -33.83 -12.42
N LEU H 297 -9.02 -33.13 -11.64
CA LEU H 297 -8.90 -33.20 -10.19
C LEU H 297 -9.21 -34.60 -9.67
N GLU H 298 -10.22 -35.26 -10.26
CA GLU H 298 -10.64 -36.56 -9.73
C GLU H 298 -9.58 -37.64 -9.93
N SER H 299 -8.81 -37.56 -11.00
CA SER H 299 -7.73 -38.52 -11.23
C SER H 299 -6.39 -38.04 -10.68
N ASN H 300 -6.38 -36.91 -9.99
CA ASN H 300 -5.16 -36.35 -9.41
C ASN H 300 -4.87 -36.99 -8.06
N PRO H 301 -3.62 -37.40 -7.79
CA PRO H 301 -3.33 -38.12 -6.54
C PRO H 301 -3.46 -37.26 -5.28
N TRP H 302 -3.56 -35.94 -5.40
CA TRP H 302 -3.58 -35.08 -4.22
C TRP H 302 -4.96 -34.49 -3.98
N VAL H 303 -5.98 -35.07 -4.58
CA VAL H 303 -7.37 -34.68 -4.36
C VAL H 303 -8.06 -35.86 -3.70
N GLU H 304 -8.65 -35.63 -2.53
CA GLU H 304 -9.39 -36.70 -1.87
C GLU H 304 -10.70 -36.97 -2.58
N LYS H 305 -11.42 -35.92 -2.95
CA LYS H 305 -12.76 -36.07 -3.50
C LYS H 305 -13.12 -34.84 -4.31
N VAL H 306 -13.86 -35.04 -5.40
CA VAL H 306 -14.35 -33.97 -6.25
C VAL H 306 -15.87 -34.03 -6.25
N ILE H 307 -16.50 -32.87 -6.15
CA ILE H 307 -17.95 -32.74 -6.20
C ILE H 307 -18.27 -31.89 -7.42
N TYR H 308 -18.72 -32.53 -8.49
CA TYR H 308 -19.14 -31.80 -9.67
C TYR H 308 -20.36 -32.48 -10.27
N PRO H 309 -21.47 -31.74 -10.42
CA PRO H 309 -22.71 -32.37 -10.92
C PRO H 309 -22.53 -33.07 -12.27
N GLY H 310 -21.60 -32.63 -13.10
CA GLY H 310 -21.35 -33.28 -14.37
C GLY H 310 -20.60 -34.59 -14.29
N LEU H 311 -19.97 -34.92 -13.11
CA LEU H 311 -19.24 -36.17 -13.01
C LEU H 311 -20.17 -37.30 -12.60
N PRO H 312 -19.98 -38.50 -13.18
CA PRO H 312 -20.74 -39.67 -12.71
C PRO H 312 -20.55 -39.98 -11.24
N SER H 313 -19.43 -39.53 -10.64
CA SER H 313 -19.20 -39.75 -9.21
C SER H 313 -20.08 -38.90 -8.32
N HIS H 314 -20.74 -37.87 -8.86
CA HIS H 314 -21.64 -37.05 -8.06
C HIS H 314 -22.85 -37.87 -7.61
N PRO H 315 -23.21 -37.82 -6.33
CA PRO H 315 -24.28 -38.72 -5.83
C PRO H 315 -25.62 -38.52 -6.52
N GLN H 316 -25.90 -37.32 -7.04
CA GLN H 316 -27.15 -37.04 -7.73
C GLN H 316 -26.94 -36.82 -9.22
N HIS H 317 -25.90 -37.44 -9.79
CA HIS H 317 -25.57 -37.21 -11.19
C HIS H 317 -26.72 -37.57 -12.11
N GLU H 318 -27.39 -38.69 -11.84
CA GLU H 318 -28.53 -39.07 -12.68
C GLU H 318 -29.67 -38.09 -12.55
N LEU H 319 -29.91 -37.57 -11.34
CA LEU H 319 -30.93 -36.54 -11.17
C LEU H 319 -30.54 -35.27 -11.92
N VAL H 320 -29.24 -34.94 -11.94
CA VAL H 320 -28.77 -33.76 -12.67
C VAL H 320 -29.12 -33.88 -14.15
N LYS H 321 -28.91 -35.05 -14.73
CA LYS H 321 -29.17 -35.22 -16.16
C LYS H 321 -30.67 -35.12 -16.46
N ARG H 322 -31.52 -35.65 -15.58
CA ARG H 322 -32.95 -35.55 -15.78
C ARG H 322 -33.48 -34.13 -15.58
N GLN H 323 -32.72 -33.28 -14.91
CA GLN H 323 -33.21 -31.99 -14.43
C GLN H 323 -32.44 -30.81 -15.00
N CYS H 324 -31.37 -31.07 -15.76
CA CYS H 324 -30.54 -30.02 -16.33
C CYS H 324 -30.17 -30.37 -17.76
N THR H 325 -29.82 -29.34 -18.53
CA THR H 325 -29.31 -29.50 -19.89
C THR H 325 -27.80 -29.53 -19.92
N GLY H 326 -27.16 -29.37 -18.78
CA GLY H 326 -25.71 -29.29 -18.70
C GLY H 326 -25.33 -28.84 -17.29
N CYS H 327 -24.07 -28.48 -17.14
CA CYS H 327 -23.57 -28.10 -15.82
C CYS H 327 -22.67 -26.88 -15.92
N THR H 328 -22.42 -26.30 -14.74
CA THR H 328 -21.76 -25.03 -14.60
C THR H 328 -20.24 -25.21 -14.54
N GLY H 329 -19.55 -24.10 -14.28
CA GLY H 329 -18.12 -24.10 -14.06
C GLY H 329 -17.74 -24.22 -12.61
N MET H 330 -18.72 -24.33 -11.72
CA MET H 330 -18.45 -24.44 -10.29
C MET H 330 -17.96 -25.85 -9.98
N VAL H 331 -16.74 -25.96 -9.51
CA VAL H 331 -16.13 -27.24 -9.15
C VAL H 331 -15.69 -27.17 -7.70
N THR H 332 -16.20 -28.09 -6.89
CA THR H 332 -15.85 -28.18 -5.48
C THR H 332 -15.04 -29.45 -5.26
N PHE H 333 -13.97 -29.33 -4.47
CA PHE H 333 -13.17 -30.53 -4.18
C PHE H 333 -12.50 -30.38 -2.82
N TYR H 334 -12.07 -31.52 -2.29
CA TYR H 334 -11.29 -31.58 -1.06
C TYR H 334 -9.85 -31.95 -1.41
N ILE H 335 -8.91 -31.14 -0.96
CA ILE H 335 -7.50 -31.44 -1.15
C ILE H 335 -7.04 -32.43 -0.08
N LYS H 336 -6.09 -33.29 -0.43
CA LYS H 336 -5.51 -34.16 0.57
C LYS H 336 -4.64 -33.37 1.55
N GLY H 337 -4.50 -33.91 2.74
CA GLY H 337 -3.69 -33.28 3.77
C GLY H 337 -4.51 -32.44 4.73
N THR H 338 -3.99 -31.26 5.07
CA THR H 338 -4.60 -30.42 6.10
C THR H 338 -4.82 -29.00 5.60
N LEU H 339 -5.19 -28.10 6.51
CA LEU H 339 -5.36 -26.69 6.17
C LEU H 339 -4.09 -26.11 5.57
N GLN H 340 -2.93 -26.59 6.03
CA GLN H 340 -1.66 -26.12 5.46
C GLN H 340 -1.62 -26.35 3.95
N HIS H 341 -2.03 -27.54 3.50
CA HIS H 341 -1.97 -27.85 2.08
C HIS H 341 -2.97 -27.02 1.29
N ALA H 342 -4.16 -26.78 1.86
CA ALA H 342 -5.13 -25.92 1.18
C ALA H 342 -4.57 -24.51 1.01
N GLU H 343 -3.90 -23.98 2.03
CA GLU H 343 -3.33 -22.64 1.93
C GLU H 343 -2.21 -22.59 0.90
N ILE H 344 -1.29 -23.57 0.93
CA ILE H 344 -0.20 -23.59 -0.03
C ILE H 344 -0.73 -23.68 -1.46
N PHE H 345 -1.70 -24.58 -1.68
CA PHE H 345 -2.32 -24.70 -2.99
C PHE H 345 -2.90 -23.36 -3.45
N LEU H 346 -3.71 -22.74 -2.59
CA LEU H 346 -4.38 -21.49 -2.96
C LEU H 346 -3.38 -20.37 -3.22
N LYS H 347 -2.35 -20.27 -2.38
CA LYS H 347 -1.36 -19.20 -2.55
C LYS H 347 -0.45 -19.42 -3.75
N ASN H 348 -0.41 -20.62 -4.33
CA ASN H 348 0.47 -20.89 -5.44
C ASN H 348 -0.22 -20.84 -6.80
N LEU H 349 -1.54 -20.71 -6.82
CA LEU H 349 -2.25 -20.56 -8.08
C LEU H 349 -1.78 -19.27 -8.76
N LYS H 350 -1.52 -19.37 -10.06
CA LYS H 350 -1.05 -18.23 -10.84
C LYS H 350 -2.09 -17.71 -11.83
N LEU H 351 -3.13 -18.50 -12.11
CA LEU H 351 -4.17 -18.12 -13.05
C LEU H 351 -5.53 -17.99 -12.38
N PHE H 352 -5.95 -19.04 -11.66
CA PHE H 352 -7.05 -18.89 -10.71
C PHE H 352 -6.69 -17.81 -9.72
N THR H 353 -7.63 -16.91 -9.45
CA THR H 353 -7.41 -15.82 -8.51
C THR H 353 -8.09 -16.16 -7.19
N LEU H 354 -7.36 -16.00 -6.09
CA LEU H 354 -7.91 -16.21 -4.75
C LEU H 354 -8.82 -15.04 -4.43
N ALA H 355 -10.13 -15.27 -4.50
CA ALA H 355 -11.14 -14.24 -4.27
C ALA H 355 -12.49 -14.92 -4.11
N VAL H 356 -13.42 -14.21 -3.50
CA VAL H 356 -14.78 -14.72 -3.35
C VAL H 356 -15.55 -14.40 -4.62
N SER H 357 -16.84 -14.73 -4.65
CA SER H 357 -17.74 -14.60 -5.79
C SER H 357 -17.43 -15.64 -6.85
N LEU H 358 -18.22 -15.67 -7.92
CA LEU H 358 -18.11 -16.73 -8.93
C LEU H 358 -18.90 -16.31 -10.17
N GLY H 359 -18.82 -17.16 -11.21
CA GLY H 359 -19.64 -16.97 -12.38
C GLY H 359 -19.12 -15.99 -13.41
N GLY H 360 -17.92 -15.44 -13.22
CA GLY H 360 -17.35 -14.53 -14.18
C GLY H 360 -16.50 -15.25 -15.21
N PHE H 361 -16.02 -14.48 -16.19
CA PHE H 361 -15.17 -15.06 -17.22
C PHE H 361 -13.83 -15.53 -16.66
N GLU H 362 -13.40 -15.02 -15.51
CA GLU H 362 -12.11 -15.34 -14.95
C GLU H 362 -12.24 -16.43 -13.90
N SER H 363 -11.24 -17.30 -13.83
CA SER H 363 -11.26 -18.40 -12.88
C SER H 363 -10.93 -17.90 -11.48
N LEU H 364 -11.71 -18.36 -10.49
CA LEU H 364 -11.54 -17.97 -9.11
C LEU H 364 -11.41 -19.20 -8.23
N ALA H 365 -10.70 -19.06 -7.12
CA ALA H 365 -10.54 -20.12 -6.14
C ALA H 365 -10.75 -19.54 -4.74
N GLU H 366 -11.24 -20.36 -3.82
CA GLU H 366 -11.66 -19.84 -2.53
C GLU H 366 -11.68 -20.96 -1.50
N LEU H 367 -11.43 -20.60 -0.23
CA LEU H 367 -11.55 -21.54 0.88
C LEU H 367 -12.80 -21.20 1.69
N PRO H 368 -13.91 -21.92 1.48
CA PRO H 368 -15.19 -21.50 2.09
C PRO H 368 -15.17 -21.42 3.61
N ALA H 369 -14.38 -22.25 4.29
CA ALA H 369 -14.43 -22.27 5.75
C ALA H 369 -14.00 -20.92 6.31
N ILE H 370 -12.99 -20.30 5.70
CA ILE H 370 -12.52 -19.00 6.16
C ILE H 370 -13.04 -17.82 5.34
N MET H 371 -13.55 -18.05 4.12
CA MET H 371 -13.85 -16.92 3.23
C MET H 371 -15.33 -16.68 2.98
N THR H 372 -16.09 -17.64 2.42
CA THR H 372 -17.51 -17.37 2.13
C THR H 372 -18.47 -17.99 3.13
N HIS H 373 -18.06 -18.99 3.89
CA HIS H 373 -18.92 -19.58 4.90
C HIS H 373 -18.27 -19.53 6.28
N ALA H 374 -17.49 -18.47 6.53
CA ALA H 374 -17.03 -18.20 7.88
C ALA H 374 -18.16 -17.65 8.76
N SER H 375 -19.27 -17.21 8.14
CA SER H 375 -20.45 -16.79 8.89
C SER H 375 -21.31 -17.97 9.32
N VAL H 376 -21.10 -19.15 8.75
CA VAL H 376 -21.80 -20.36 9.18
C VAL H 376 -21.12 -20.90 10.43
N LEU H 377 -21.94 -21.37 11.39
CA LEU H 377 -21.39 -21.87 12.65
C LEU H 377 -20.50 -23.09 12.41
N LYS H 378 -19.57 -23.30 13.34
CA LYS H 378 -18.51 -24.28 13.14
C LYS H 378 -19.05 -25.69 12.97
N ASN H 379 -19.85 -26.16 13.94
CA ASN H 379 -20.36 -27.52 13.83
C ASN H 379 -21.41 -27.64 12.74
N ASP H 380 -22.07 -26.54 12.36
CA ASP H 380 -22.86 -26.55 11.13
C ASP H 380 -21.96 -26.76 9.92
N ARG H 381 -20.73 -26.24 9.97
CA ARG H 381 -19.79 -26.46 8.87
C ARG H 381 -19.34 -27.91 8.81
N ASP H 382 -19.15 -28.56 9.97
CA ASP H 382 -18.63 -29.92 9.96
C ASP H 382 -19.70 -30.92 9.53
N VAL H 383 -20.95 -30.71 9.94
CA VAL H 383 -22.03 -31.58 9.48
C VAL H 383 -22.25 -31.40 7.99
N LEU H 384 -22.02 -30.19 7.47
CA LEU H 384 -22.22 -29.91 6.06
C LEU H 384 -20.98 -30.17 5.22
N GLY H 385 -19.86 -30.52 5.83
CA GLY H 385 -18.65 -30.81 5.09
C GLY H 385 -17.82 -29.62 4.68
N ILE H 386 -18.02 -28.47 5.30
CA ILE H 386 -17.20 -27.27 5.01
C ILE H 386 -16.00 -27.35 5.94
N SER H 387 -15.01 -28.16 5.53
CA SER H 387 -13.84 -28.44 6.35
C SER H 387 -12.65 -27.56 5.92
N ASP H 388 -11.54 -27.73 6.62
CA ASP H 388 -10.33 -26.98 6.30
C ASP H 388 -9.75 -27.33 4.94
N THR H 389 -10.11 -28.48 4.37
CA THR H 389 -9.59 -28.90 3.09
C THR H 389 -10.59 -28.68 1.96
N LEU H 390 -11.75 -28.08 2.25
CA LEU H 390 -12.74 -27.79 1.22
C LEU H 390 -12.30 -26.59 0.39
N ILE H 391 -12.28 -26.75 -0.93
CA ILE H 391 -11.93 -25.69 -1.86
C ILE H 391 -13.02 -25.59 -2.91
N ARG H 392 -13.43 -24.37 -3.23
CA ARG H 392 -14.43 -24.12 -4.26
C ARG H 392 -13.77 -23.39 -5.42
N LEU H 393 -13.93 -23.92 -6.61
CA LEU H 393 -13.41 -23.30 -7.83
C LEU H 393 -14.56 -22.77 -8.65
N SER H 394 -14.38 -21.58 -9.20
CA SER H 394 -15.24 -21.02 -10.23
C SER H 394 -14.40 -21.07 -11.51
N VAL H 395 -14.61 -22.09 -12.32
CA VAL H 395 -13.80 -22.28 -13.52
C VAL H 395 -14.26 -21.29 -14.58
N GLY H 396 -13.33 -20.48 -15.08
CA GLY H 396 -13.63 -19.44 -16.03
C GLY H 396 -13.48 -19.90 -17.47
N LEU H 397 -13.23 -18.93 -18.35
CA LEU H 397 -13.24 -19.16 -19.79
C LEU H 397 -11.85 -19.19 -20.41
N GLU H 398 -10.81 -19.27 -19.59
CA GLU H 398 -9.45 -19.33 -20.10
C GLU H 398 -9.22 -20.65 -20.85
N ASP H 399 -8.07 -20.75 -21.51
CA ASP H 399 -7.75 -21.97 -22.23
C ASP H 399 -7.63 -23.13 -21.26
N GLU H 400 -8.30 -24.24 -21.59
CA GLU H 400 -8.38 -25.39 -20.71
C GLU H 400 -7.01 -25.84 -20.21
N GLU H 401 -6.05 -25.98 -21.12
CA GLU H 401 -4.75 -26.52 -20.74
C GLU H 401 -3.99 -25.57 -19.81
N ASP H 402 -4.21 -24.25 -19.92
CA ASP H 402 -3.62 -23.32 -18.96
C ASP H 402 -4.23 -23.50 -17.59
N LEU H 403 -5.54 -23.74 -17.52
CA LEU H 403 -6.17 -23.97 -16.21
C LEU H 403 -5.68 -25.27 -15.60
N LEU H 404 -5.57 -26.33 -16.40
CA LEU H 404 -5.11 -27.61 -15.89
C LEU H 404 -3.67 -27.50 -15.38
N GLU H 405 -2.82 -26.81 -16.14
CA GLU H 405 -1.43 -26.66 -15.71
C GLU H 405 -1.32 -25.81 -14.45
N ASP H 406 -2.20 -24.82 -14.28
CA ASP H 406 -2.18 -24.04 -13.05
C ASP H 406 -2.57 -24.88 -11.85
N LEU H 407 -3.63 -25.68 -11.97
CA LEU H 407 -4.04 -26.56 -10.89
C LEU H 407 -2.97 -27.61 -10.60
N ASP H 408 -2.34 -28.14 -11.66
CA ASP H 408 -1.33 -29.17 -11.50
C ASP H 408 -0.14 -28.68 -10.68
N GLN H 409 0.44 -27.54 -11.05
CA GLN H 409 1.62 -27.06 -10.35
C GLN H 409 1.29 -26.61 -8.93
N ALA H 410 0.10 -26.06 -8.71
CA ALA H 410 -0.27 -25.59 -7.37
C ALA H 410 -0.50 -26.76 -6.43
N LEU H 411 -1.08 -27.86 -6.94
CA LEU H 411 -1.21 -29.06 -6.12
C LEU H 411 0.15 -29.67 -5.85
N LYS H 412 1.07 -29.62 -6.82
CA LYS H 412 2.42 -30.10 -6.59
C LYS H 412 3.17 -29.19 -5.63
N ALA H 413 2.84 -27.90 -5.59
CA ALA H 413 3.46 -27.05 -4.58
C ALA H 413 3.07 -27.50 -3.18
N ALA H 414 1.80 -27.87 -2.99
CA ALA H 414 1.36 -28.37 -1.69
C ALA H 414 1.89 -29.78 -1.45
N HIS H 415 2.00 -30.59 -2.50
CA HIS H 415 2.40 -31.98 -2.40
C HIS H 415 3.46 -32.28 -3.46
N PRO H 416 4.72 -31.92 -3.18
CA PRO H 416 5.74 -32.07 -4.21
C PRO H 416 6.10 -33.53 -4.42
N PRO H 417 6.59 -33.89 -5.60
CA PRO H 417 7.10 -35.26 -5.81
C PRO H 417 8.31 -35.53 -4.93
N SER H 418 8.30 -36.67 -4.26
CA SER H 418 9.39 -37.06 -3.37
C SER H 418 10.55 -37.66 -4.15
#